data_1WWY
#
_entry.id   1WWY
#
_entity_poly.entity_id   1
_entity_poly.type   'polypeptide(L)'
_entity_poly.pdbx_seq_one_letter_code
;GSSGSSGGYMDLMPFINKAGCECLNESDEHGFDNCLRKDTTFLESDCDEQLLITVAFNQPVKLYSMKFQGPDNGQGPKYV
KIFINLPRSMDFEEAERSEPTQALELTEDDIKEDGIVPLRYVKFQNVNSVTIFVQSNQGEEETTRISYFTFIGTPVQATN
MNDFKSGPSSG
;
_entity_poly.pdbx_strand_id   A
#
# COMPACT_ATOMS: atom_id res chain seq x y z
N GLY A 1 10.85 23.00 16.53
CA GLY A 1 11.81 22.25 17.33
C GLY A 1 13.00 21.77 16.52
N SER A 2 13.96 22.66 16.30
CA SER A 2 15.15 22.31 15.53
C SER A 2 14.77 21.89 14.11
N SER A 3 15.78 21.52 13.32
CA SER A 3 15.55 21.11 11.94
C SER A 3 16.71 20.24 11.45
N GLY A 4 16.46 19.48 10.39
CA GLY A 4 17.49 18.62 9.83
C GLY A 4 17.08 18.03 8.50
N SER A 5 18.08 17.65 7.69
CA SER A 5 17.81 17.06 6.38
C SER A 5 18.35 15.63 6.31
N SER A 6 17.47 14.69 5.97
CA SER A 6 17.85 13.29 5.87
C SER A 6 16.76 12.48 5.18
N GLY A 7 17.10 11.25 4.81
CA GLY A 7 16.14 10.39 4.14
C GLY A 7 15.16 9.75 5.11
N GLY A 8 13.98 10.35 5.23
CA GLY A 8 12.98 9.82 6.13
C GLY A 8 11.56 10.08 5.65
N TYR A 9 11.04 9.15 4.85
CA TYR A 9 9.69 9.28 4.31
C TYR A 9 8.65 8.95 5.36
N MET A 10 7.38 8.96 4.96
CA MET A 10 6.28 8.66 5.88
C MET A 10 5.32 7.65 5.26
N ASP A 11 4.71 6.83 6.11
CA ASP A 11 3.78 5.81 5.65
C ASP A 11 2.48 6.44 5.16
N LEU A 12 2.32 7.74 5.43
CA LEU A 12 1.12 8.47 5.01
C LEU A 12 -0.13 7.82 5.59
N MET A 13 0.04 7.07 6.67
CA MET A 13 -1.08 6.41 7.33
C MET A 13 -2.14 7.42 7.75
N PRO A 14 -1.72 8.44 8.50
CA PRO A 14 -2.62 9.50 8.97
C PRO A 14 -3.11 10.40 7.84
N PHE A 15 -2.59 10.17 6.65
CA PHE A 15 -2.98 10.96 5.48
C PHE A 15 -4.01 10.22 4.64
N ILE A 16 -4.29 8.98 5.02
CA ILE A 16 -5.25 8.16 4.30
C ILE A 16 -6.66 8.34 4.86
N ASN A 17 -7.64 8.43 3.97
CA ASN A 17 -9.03 8.61 4.38
C ASN A 17 -9.75 7.26 4.46
N LYS A 18 -9.72 6.66 5.65
CA LYS A 18 -10.37 5.36 5.86
C LYS A 18 -11.87 5.47 5.65
N ALA A 19 -12.41 6.67 5.84
CA ALA A 19 -13.84 6.90 5.65
C ALA A 19 -14.21 6.90 4.17
N GLY A 20 -13.22 7.18 3.31
CA GLY A 20 -13.47 7.20 1.88
C GLY A 20 -12.85 6.02 1.18
N CYS A 21 -12.22 5.13 1.94
CA CYS A 21 -11.58 3.95 1.36
C CYS A 21 -12.62 2.95 0.89
N GLU A 22 -12.23 2.10 -0.05
CA GLU A 22 -13.13 1.09 -0.59
C GLU A 22 -12.41 -0.23 -0.80
N CYS A 23 -13.07 -1.33 -0.43
CA CYS A 23 -12.48 -2.66 -0.57
C CYS A 23 -13.39 -3.56 -1.40
N LEU A 24 -12.78 -4.40 -2.23
CA LEU A 24 -13.51 -5.32 -3.08
C LEU A 24 -13.31 -6.77 -2.63
N ASN A 25 -14.40 -7.52 -2.58
CA ASN A 25 -14.34 -8.92 -2.17
C ASN A 25 -13.81 -9.05 -0.76
N GLU A 26 -14.13 -8.08 0.10
CA GLU A 26 -13.68 -8.08 1.48
C GLU A 26 -14.42 -9.15 2.29
N SER A 27 -13.67 -9.94 3.04
CA SER A 27 -14.25 -11.00 3.86
C SER A 27 -15.25 -10.43 4.85
N ASP A 28 -16.16 -11.29 5.32
CA ASP A 28 -17.17 -10.86 6.27
C ASP A 28 -16.61 -10.82 7.69
N GLU A 29 -15.84 -11.85 8.04
CA GLU A 29 -15.24 -11.93 9.36
C GLU A 29 -14.01 -11.03 9.46
N HIS A 30 -13.25 -10.95 8.37
CA HIS A 30 -12.04 -10.13 8.32
C HIS A 30 -12.28 -8.87 7.50
N GLY A 31 -11.66 -7.77 7.92
CA GLY A 31 -11.82 -6.51 7.22
C GLY A 31 -10.56 -6.09 6.48
N PHE A 32 -10.72 -5.33 5.41
CA PHE A 32 -9.59 -4.87 4.61
C PHE A 32 -8.92 -3.67 5.28
N ASP A 33 -9.48 -3.22 6.40
CA ASP A 33 -8.94 -2.08 7.12
C ASP A 33 -8.03 -2.54 8.26
N ASN A 34 -8.23 -3.77 8.70
CA ASN A 34 -7.43 -4.33 9.79
C ASN A 34 -6.02 -4.66 9.31
N CYS A 35 -5.85 -4.72 8.00
CA CYS A 35 -4.55 -5.02 7.40
C CYS A 35 -3.78 -3.75 7.09
N LEU A 36 -4.21 -2.64 7.70
CA LEU A 36 -3.55 -1.36 7.48
C LEU A 36 -2.57 -1.05 8.60
N ARG A 37 -2.88 -1.53 9.80
CA ARG A 37 -2.01 -1.30 10.95
C ARG A 37 -1.28 -2.58 11.33
N LYS A 38 -0.09 -2.42 11.91
CA LYS A 38 0.72 -3.56 12.33
C LYS A 38 0.07 -4.29 13.50
N ASP A 39 -0.67 -3.55 14.31
CA ASP A 39 -1.35 -4.13 15.46
C ASP A 39 -2.84 -4.28 15.20
N THR A 40 -3.21 -5.39 14.56
CA THR A 40 -4.60 -5.66 14.24
C THR A 40 -4.77 -7.02 13.56
N THR A 41 -6.01 -7.38 13.26
CA THR A 41 -6.29 -8.66 12.61
C THR A 41 -5.77 -8.68 11.18
N PHE A 42 -5.92 -9.81 10.51
CA PHE A 42 -5.45 -9.96 9.13
C PHE A 42 -6.64 -10.05 8.17
N LEU A 43 -6.38 -9.76 6.90
CA LEU A 43 -7.43 -9.80 5.87
C LEU A 43 -7.30 -11.06 5.02
N GLU A 44 -8.20 -12.01 5.24
CA GLU A 44 -8.18 -13.26 4.48
C GLU A 44 -9.23 -13.23 3.37
N SER A 45 -8.82 -13.68 2.18
CA SER A 45 -9.73 -13.70 1.04
C SER A 45 -10.63 -14.93 1.09
N ASP A 46 -11.93 -14.70 0.87
CA ASP A 46 -12.91 -15.77 0.90
C ASP A 46 -13.18 -16.29 -0.51
N CYS A 47 -12.24 -16.04 -1.42
CA CYS A 47 -12.38 -16.48 -2.80
C CYS A 47 -11.02 -16.84 -3.40
N ASP A 48 -10.15 -15.86 -3.52
CA ASP A 48 -8.82 -16.07 -4.08
C ASP A 48 -8.02 -14.77 -4.09
N GLU A 49 -6.87 -14.79 -4.76
CA GLU A 49 -6.02 -13.61 -4.85
C GLU A 49 -6.54 -12.65 -5.91
N GLN A 50 -7.79 -12.24 -5.76
CA GLN A 50 -8.41 -11.30 -6.70
C GLN A 50 -9.12 -10.18 -5.96
N LEU A 51 -8.53 -9.73 -4.86
CA LEU A 51 -9.12 -8.65 -4.07
C LEU A 51 -8.50 -7.30 -4.42
N LEU A 52 -9.29 -6.25 -4.31
CA LEU A 52 -8.82 -4.90 -4.62
C LEU A 52 -8.80 -4.02 -3.37
N ILE A 53 -7.94 -3.03 -3.36
CA ILE A 53 -7.82 -2.11 -2.23
C ILE A 53 -7.76 -0.66 -2.69
N THR A 54 -8.80 0.10 -2.35
CA THR A 54 -8.87 1.51 -2.73
C THR A 54 -8.40 2.41 -1.60
N VAL A 55 -7.75 3.52 -1.96
CA VAL A 55 -7.26 4.46 -0.97
C VAL A 55 -7.54 5.90 -1.38
N ALA A 56 -8.28 6.62 -0.56
CA ALA A 56 -8.62 8.01 -0.84
C ALA A 56 -7.78 8.97 0.01
N PHE A 57 -6.91 9.72 -0.66
CA PHE A 57 -6.04 10.67 0.02
C PHE A 57 -6.64 12.07 -0.01
N ASN A 58 -6.88 12.64 1.18
CA ASN A 58 -7.46 13.97 1.29
C ASN A 58 -6.54 15.02 0.67
N GLN A 59 -5.25 14.68 0.59
CA GLN A 59 -4.25 15.59 0.03
C GLN A 59 -3.36 14.86 -0.96
N PRO A 60 -2.97 15.57 -2.03
CA PRO A 60 -2.09 15.01 -3.07
C PRO A 60 -0.67 14.79 -2.59
N VAL A 61 -0.29 13.53 -2.41
CA VAL A 61 1.05 13.19 -1.95
C VAL A 61 1.85 12.51 -3.04
N LYS A 62 3.03 12.00 -2.67
CA LYS A 62 3.89 11.32 -3.63
C LYS A 62 4.22 9.90 -3.15
N LEU A 63 3.86 8.92 -3.97
CA LEU A 63 4.11 7.52 -3.63
C LEU A 63 5.52 7.11 -4.05
N TYR A 64 6.47 7.26 -3.14
CA TYR A 64 7.86 6.91 -3.42
C TYR A 64 8.08 5.40 -3.25
N SER A 65 7.32 4.80 -2.34
CA SER A 65 7.44 3.37 -2.08
C SER A 65 6.14 2.82 -1.49
N MET A 66 6.06 1.50 -1.39
CA MET A 66 4.87 0.85 -0.84
C MET A 66 5.26 -0.38 -0.02
N LYS A 67 4.68 -0.49 1.17
CA LYS A 67 4.96 -1.62 2.06
C LYS A 67 3.82 -2.63 2.02
N PHE A 68 3.97 -3.64 1.17
CA PHE A 68 2.95 -4.69 1.04
C PHE A 68 3.48 -6.03 1.52
N GLN A 69 2.81 -6.62 2.50
CA GLN A 69 3.23 -7.91 3.05
C GLN A 69 2.02 -8.68 3.58
N GLY A 70 2.29 -9.78 4.28
CA GLY A 70 1.22 -10.59 4.83
C GLY A 70 1.56 -11.13 6.20
N PRO A 71 0.81 -12.17 6.63
CA PRO A 71 1.02 -12.80 7.93
C PRO A 71 2.31 -13.60 7.99
N ASP A 72 2.49 -14.36 9.07
CA ASP A 72 3.70 -15.16 9.24
C ASP A 72 3.40 -16.64 8.98
N ASN A 73 2.50 -16.90 8.03
CA ASN A 73 2.14 -18.26 7.67
C ASN A 73 2.77 -18.67 6.34
N GLY A 74 2.89 -17.71 5.44
CA GLY A 74 3.48 -17.98 4.14
C GLY A 74 2.56 -17.61 2.99
N GLN A 75 1.72 -16.60 3.21
CA GLN A 75 0.78 -16.15 2.19
C GLN A 75 0.88 -14.64 1.98
N GLY A 76 1.61 -14.24 0.94
CA GLY A 76 1.77 -12.83 0.67
C GLY A 76 1.57 -12.50 -0.80
N PRO A 77 1.13 -11.27 -1.09
CA PRO A 77 0.89 -10.81 -2.46
C PRO A 77 2.18 -10.65 -3.25
N LYS A 78 2.14 -11.02 -4.52
CA LYS A 78 3.31 -10.91 -5.39
C LYS A 78 3.06 -9.91 -6.51
N TYR A 79 2.30 -10.34 -7.52
CA TYR A 79 1.99 -9.48 -8.65
C TYR A 79 0.75 -8.62 -8.36
N VAL A 80 1.00 -7.36 -7.99
CA VAL A 80 -0.09 -6.43 -7.70
C VAL A 80 -0.09 -5.25 -8.66
N LYS A 81 -1.28 -4.91 -9.16
CA LYS A 81 -1.41 -3.81 -10.10
C LYS A 81 -1.79 -2.52 -9.37
N ILE A 82 -0.95 -1.50 -9.50
CA ILE A 82 -1.19 -0.21 -8.85
C ILE A 82 -1.89 0.75 -9.80
N PHE A 83 -2.89 1.46 -9.29
CA PHE A 83 -3.63 2.43 -10.09
C PHE A 83 -3.76 3.75 -9.36
N ILE A 84 -3.75 4.85 -10.12
CA ILE A 84 -3.86 6.18 -9.54
C ILE A 84 -4.69 7.10 -10.44
N ASN A 85 -5.04 8.27 -9.91
CA ASN A 85 -5.83 9.23 -10.67
C ASN A 85 -7.08 8.59 -11.25
N LEU A 86 -7.65 7.63 -10.51
CA LEU A 86 -8.84 6.93 -10.95
C LEU A 86 -10.05 7.86 -10.94
N PRO A 87 -11.08 7.52 -11.74
CA PRO A 87 -12.30 8.32 -11.84
C PRO A 87 -13.14 8.23 -10.58
N ARG A 88 -12.92 7.19 -9.79
CA ARG A 88 -13.67 7.00 -8.55
C ARG A 88 -13.21 5.73 -7.83
N SER A 89 -12.93 4.68 -8.61
CA SER A 89 -12.49 3.42 -8.05
C SER A 89 -12.10 2.44 -9.15
N MET A 90 -11.62 1.26 -8.76
CA MET A 90 -11.21 0.25 -9.71
C MET A 90 -11.98 -1.05 -9.48
N ASP A 91 -12.52 -1.61 -10.56
CA ASP A 91 -13.27 -2.85 -10.48
C ASP A 91 -12.43 -4.04 -10.96
N PHE A 92 -13.09 -5.19 -11.14
CA PHE A 92 -12.40 -6.38 -11.60
C PHE A 92 -12.15 -6.34 -13.10
N GLU A 93 -13.12 -5.78 -13.84
CA GLU A 93 -13.00 -5.67 -15.29
C GLU A 93 -12.15 -4.47 -15.67
N GLU A 94 -12.29 -3.38 -14.90
CA GLU A 94 -11.53 -2.16 -15.17
C GLU A 94 -10.05 -2.35 -14.82
N ALA A 95 -9.78 -3.28 -13.92
CA ALA A 95 -8.42 -3.56 -13.50
C ALA A 95 -7.72 -4.51 -14.47
N GLU A 96 -8.49 -5.07 -15.40
CA GLU A 96 -7.95 -5.99 -16.38
C GLU A 96 -7.78 -5.30 -17.74
N ARG A 97 -8.83 -4.60 -18.18
CA ARG A 97 -8.80 -3.89 -19.45
C ARG A 97 -7.77 -2.77 -19.42
N SER A 98 -7.77 -2.00 -18.33
CA SER A 98 -6.84 -0.89 -18.19
C SER A 98 -5.58 -1.32 -17.46
N GLU A 99 -4.43 -0.86 -17.94
CA GLU A 99 -3.15 -1.20 -17.34
C GLU A 99 -2.85 -0.28 -16.16
N PRO A 100 -2.13 -0.81 -15.16
CA PRO A 100 -1.74 -0.06 -13.97
C PRO A 100 -0.71 1.02 -14.27
N THR A 101 -0.45 1.87 -13.28
CA THR A 101 0.52 2.95 -13.43
C THR A 101 1.95 2.45 -13.20
N GLN A 102 2.07 1.38 -12.42
CA GLN A 102 3.38 0.80 -12.13
C GLN A 102 3.34 -0.72 -12.23
N ALA A 103 2.75 -1.36 -11.23
CA ALA A 103 2.65 -2.82 -11.21
C ALA A 103 4.03 -3.47 -11.13
N LEU A 104 4.29 -4.15 -10.02
CA LEU A 104 5.58 -4.82 -9.82
C LEU A 104 5.38 -6.20 -9.21
N GLU A 105 6.37 -7.07 -9.38
CA GLU A 105 6.31 -8.42 -8.84
C GLU A 105 7.01 -8.49 -7.48
N LEU A 106 6.25 -8.26 -6.42
CA LEU A 106 6.80 -8.30 -5.06
C LEU A 106 7.49 -9.64 -4.80
N THR A 107 8.62 -9.59 -4.10
CA THR A 107 9.38 -10.79 -3.77
C THR A 107 9.34 -11.07 -2.27
N GLU A 108 9.92 -12.20 -1.87
CA GLU A 108 9.96 -12.58 -0.46
C GLU A 108 10.66 -11.51 0.37
N ASP A 109 11.54 -10.75 -0.27
CA ASP A 109 12.28 -9.70 0.41
C ASP A 109 11.47 -8.41 0.47
N ASP A 110 10.41 -8.36 -0.34
CA ASP A 110 9.54 -7.18 -0.38
C ASP A 110 8.32 -7.39 0.51
N ILE A 111 8.07 -8.63 0.89
CA ILE A 111 6.93 -8.96 1.74
C ILE A 111 7.37 -9.58 3.06
N LYS A 112 8.60 -9.27 3.45
CA LYS A 112 9.16 -9.79 4.69
C LYS A 112 8.89 -8.83 5.86
N GLU A 113 9.50 -9.11 7.01
CA GLU A 113 9.31 -8.28 8.19
C GLU A 113 9.54 -6.81 7.85
N ASP A 114 10.53 -6.54 7.00
CA ASP A 114 10.84 -5.17 6.60
C ASP A 114 10.80 -5.03 5.08
N GLY A 115 9.87 -5.74 4.46
CA GLY A 115 9.74 -5.68 3.01
C GLY A 115 9.41 -4.29 2.51
N ILE A 116 10.00 -3.89 1.40
CA ILE A 116 9.76 -2.57 0.83
C ILE A 116 9.63 -2.65 -0.69
N VAL A 117 8.68 -1.90 -1.24
CA VAL A 117 8.44 -1.87 -2.68
C VAL A 117 8.69 -0.48 -3.25
N PRO A 118 9.89 -0.30 -3.84
CA PRO A 118 10.28 0.99 -4.43
C PRO A 118 9.50 1.29 -5.71
N LEU A 119 8.58 2.24 -5.63
CA LEU A 119 7.77 2.63 -6.78
C LEU A 119 8.44 3.73 -7.58
N ARG A 120 7.70 4.31 -8.52
CA ARG A 120 8.24 5.38 -9.36
C ARG A 120 7.48 6.68 -9.09
N TYR A 121 8.03 7.50 -8.19
CA TYR A 121 7.42 8.78 -7.85
C TYR A 121 7.21 9.64 -9.09
N VAL A 122 8.01 9.37 -10.13
CA VAL A 122 7.92 10.12 -11.38
C VAL A 122 6.51 10.05 -11.95
N LYS A 123 5.77 9.02 -11.56
CA LYS A 123 4.40 8.83 -12.04
C LYS A 123 3.39 9.28 -10.99
N PHE A 124 3.77 9.12 -9.71
CA PHE A 124 2.90 9.51 -8.61
C PHE A 124 3.29 10.86 -8.05
N GLN A 125 3.79 11.73 -8.92
CA GLN A 125 4.21 13.07 -8.51
C GLN A 125 3.11 13.77 -7.72
N ASN A 126 1.86 13.43 -8.03
CA ASN A 126 0.71 14.03 -7.36
C ASN A 126 -0.54 13.18 -7.54
N VAL A 127 -0.81 12.31 -6.57
CA VAL A 127 -1.97 11.43 -6.62
C VAL A 127 -2.92 11.71 -5.46
N ASN A 128 -4.21 11.64 -5.73
CA ASN A 128 -5.23 11.88 -4.70
C ASN A 128 -6.00 10.60 -4.39
N SER A 129 -5.87 9.62 -5.27
CA SER A 129 -6.56 8.34 -5.09
C SER A 129 -5.76 7.20 -5.73
N VAL A 130 -5.36 6.24 -4.89
CA VAL A 130 -4.60 5.09 -5.36
C VAL A 130 -5.31 3.78 -5.04
N THR A 131 -5.23 2.83 -5.96
CA THR A 131 -5.86 1.53 -5.77
C THR A 131 -4.91 0.40 -6.12
N ILE A 132 -5.01 -0.70 -5.37
CA ILE A 132 -4.15 -1.86 -5.60
C ILE A 132 -4.98 -3.12 -5.80
N PHE A 133 -4.79 -3.78 -6.94
CA PHE A 133 -5.52 -5.00 -7.25
C PHE A 133 -4.61 -6.21 -7.14
N VAL A 134 -5.01 -7.17 -6.30
CA VAL A 134 -4.23 -8.38 -6.10
C VAL A 134 -4.48 -9.39 -7.21
N GLN A 135 -3.41 -9.82 -7.87
CA GLN A 135 -3.51 -10.78 -8.97
C GLN A 135 -2.98 -12.14 -8.53
N SER A 136 -1.69 -12.20 -8.23
CA SER A 136 -1.05 -13.43 -7.82
C SER A 136 -0.32 -13.26 -6.50
N ASN A 137 0.15 -14.37 -5.93
CA ASN A 137 0.87 -14.33 -4.65
C ASN A 137 2.31 -14.79 -4.83
N GLN A 138 3.02 -14.91 -3.72
CA GLN A 138 4.42 -15.33 -3.75
C GLN A 138 4.55 -16.76 -4.27
N GLY A 139 3.88 -17.68 -3.57
CA GLY A 139 3.94 -19.08 -3.97
C GLY A 139 2.67 -19.53 -4.66
N GLU A 140 2.07 -18.63 -5.44
CA GLU A 140 0.83 -18.94 -6.16
C GLU A 140 -0.22 -19.53 -5.22
N GLU A 141 -0.18 -19.10 -3.96
CA GLU A 141 -1.12 -19.58 -2.96
C GLU A 141 -2.57 -19.44 -3.46
N GLU A 142 -3.50 -20.03 -2.73
CA GLU A 142 -4.91 -19.98 -3.10
C GLU A 142 -5.53 -18.64 -2.70
N THR A 143 -4.98 -18.02 -1.67
CA THR A 143 -5.47 -16.74 -1.19
C THR A 143 -4.34 -15.90 -0.59
N THR A 144 -4.49 -14.58 -0.66
CA THR A 144 -3.48 -13.67 -0.14
C THR A 144 -3.96 -13.01 1.15
N ARG A 145 -3.19 -13.19 2.21
CA ARG A 145 -3.53 -12.62 3.52
C ARG A 145 -2.79 -11.30 3.74
N ILE A 146 -3.55 -10.22 3.90
CA ILE A 146 -2.96 -8.90 4.12
C ILE A 146 -2.89 -8.58 5.61
N SER A 147 -1.72 -8.12 6.06
CA SER A 147 -1.52 -7.79 7.46
C SER A 147 -1.07 -6.34 7.60
N TYR A 148 -0.12 -5.93 6.76
CA TYR A 148 0.41 -4.57 6.79
C TYR A 148 0.37 -3.94 5.41
N PHE A 149 -0.26 -2.77 5.31
CA PHE A 149 -0.36 -2.06 4.04
C PHE A 149 -0.28 -0.56 4.25
N THR A 150 0.58 0.10 3.48
CA THR A 150 0.74 1.55 3.59
C THR A 150 1.52 2.10 2.39
N PHE A 151 1.59 3.43 2.30
CA PHE A 151 2.30 4.07 1.21
C PHE A 151 3.42 4.95 1.74
N ILE A 152 4.66 4.60 1.39
CA ILE A 152 5.83 5.36 1.83
C ILE A 152 6.11 6.52 0.88
N GLY A 153 6.30 7.71 1.45
CA GLY A 153 6.60 8.88 0.63
C GLY A 153 6.47 10.17 1.42
N THR A 154 5.92 11.19 0.77
CA THR A 154 5.75 12.50 1.42
C THR A 154 4.78 13.37 0.63
N PRO A 155 4.18 14.35 1.32
CA PRO A 155 3.22 15.28 0.71
C PRO A 155 3.88 16.24 -0.27
N VAL A 156 3.23 16.45 -1.41
CA VAL A 156 3.77 17.36 -2.43
C VAL A 156 4.14 18.71 -1.82
N GLN A 157 3.39 19.12 -0.80
CA GLN A 157 3.64 20.40 -0.15
C GLN A 157 2.91 20.47 1.19
N ALA A 158 3.68 20.51 2.27
CA ALA A 158 3.10 20.59 3.61
C ALA A 158 3.78 21.67 4.44
N THR A 159 3.47 21.69 5.74
CA THR A 159 4.05 22.68 6.64
C THR A 159 5.34 22.17 7.27
N ASN A 160 5.89 22.95 8.19
CA ASN A 160 7.12 22.56 8.87
C ASN A 160 6.83 21.82 10.16
N MET A 161 6.29 20.61 10.03
CA MET A 161 5.96 19.79 11.19
C MET A 161 7.13 18.89 11.57
N ASN A 162 6.91 18.03 12.56
CA ASN A 162 7.95 17.11 13.02
C ASN A 162 7.34 15.87 13.66
N ASP A 163 8.01 14.73 13.50
CA ASP A 163 7.54 13.48 14.06
C ASP A 163 8.52 12.35 13.75
N PHE A 164 8.11 11.12 14.07
CA PHE A 164 8.95 9.95 13.85
C PHE A 164 10.24 10.04 14.65
N LYS A 165 10.31 9.27 15.74
CA LYS A 165 11.48 9.25 16.59
C LYS A 165 11.76 7.85 17.12
N SER A 166 12.98 7.61 17.58
CA SER A 166 13.37 6.31 18.10
C SER A 166 13.23 5.22 17.05
N GLY A 167 13.67 4.01 17.37
CA GLY A 167 13.59 2.91 16.43
C GLY A 167 14.70 1.90 16.64
N PRO A 168 14.54 0.72 16.03
CA PRO A 168 15.52 -0.36 16.12
C PRO A 168 16.82 -0.05 15.38
N SER A 169 17.88 -0.77 15.70
CA SER A 169 19.17 -0.57 15.07
C SER A 169 20.03 -1.82 15.17
N SER A 170 20.71 -2.17 14.07
CA SER A 170 21.56 -3.34 14.05
C SER A 170 22.99 -2.97 13.63
N GLY A 171 23.90 -3.93 13.74
CA GLY A 171 25.28 -3.68 13.38
C GLY A 171 25.55 -3.93 11.91
N GLY A 1 -0.54 17.14 14.58
CA GLY A 1 0.45 16.19 15.05
C GLY A 1 1.33 15.69 13.92
N SER A 2 2.53 15.22 14.27
CA SER A 2 3.47 14.71 13.28
C SER A 2 4.31 13.58 13.87
N SER A 3 4.08 12.37 13.40
CA SER A 3 4.81 11.20 13.87
C SER A 3 5.33 10.37 12.70
N GLY A 4 6.40 9.62 12.95
CA GLY A 4 6.98 8.80 11.90
C GLY A 4 8.10 7.92 12.42
N SER A 5 8.64 7.07 11.54
CA SER A 5 9.72 6.16 11.92
C SER A 5 10.93 6.34 11.00
N SER A 6 11.94 5.51 11.21
CA SER A 6 13.15 5.58 10.40
C SER A 6 12.83 5.49 8.92
N GLY A 7 13.77 5.91 8.08
CA GLY A 7 13.57 5.87 6.65
C GLY A 7 13.40 7.26 6.04
N GLY A 8 13.05 8.23 6.88
CA GLY A 8 12.88 9.59 6.41
C GLY A 8 11.47 9.85 5.93
N TYR A 9 11.05 9.12 4.91
CA TYR A 9 9.71 9.27 4.35
C TYR A 9 8.64 8.99 5.40
N MET A 10 7.38 8.94 4.96
CA MET A 10 6.27 8.68 5.87
C MET A 10 5.32 7.65 5.26
N ASP A 11 4.71 6.84 6.11
CA ASP A 11 3.77 5.81 5.65
C ASP A 11 2.48 6.44 5.16
N LEU A 12 2.32 7.74 5.42
CA LEU A 12 1.12 8.46 4.99
C LEU A 12 -0.14 7.83 5.57
N MET A 13 0.04 7.08 6.66
CA MET A 13 -1.08 6.41 7.31
C MET A 13 -2.14 7.43 7.74
N PRO A 14 -1.72 8.46 8.49
CA PRO A 14 -2.61 9.51 8.97
C PRO A 14 -3.10 10.42 7.85
N PHE A 15 -2.57 10.19 6.64
CA PHE A 15 -2.96 10.99 5.49
C PHE A 15 -3.99 10.25 4.64
N ILE A 16 -4.28 9.01 5.01
CA ILE A 16 -5.25 8.20 4.29
C ILE A 16 -6.65 8.40 4.85
N ASN A 17 -7.64 8.44 3.95
CA ASN A 17 -9.03 8.63 4.36
C ASN A 17 -9.77 7.29 4.38
N LYS A 18 -9.95 6.72 5.56
CA LYS A 18 -10.64 5.45 5.72
C LYS A 18 -12.11 5.59 5.33
N ALA A 19 -12.64 6.80 5.44
CA ALA A 19 -14.03 7.06 5.09
C ALA A 19 -14.25 7.00 3.58
N GLY A 20 -13.17 7.21 2.83
CA GLY A 20 -13.26 7.18 1.38
C GLY A 20 -12.65 5.92 0.79
N CYS A 21 -12.13 5.06 1.65
CA CYS A 21 -11.52 3.81 1.21
C CYS A 21 -12.57 2.82 0.72
N GLU A 22 -12.16 1.92 -0.16
CA GLU A 22 -13.08 0.92 -0.70
C GLU A 22 -12.36 -0.42 -0.92
N CYS A 23 -13.01 -1.51 -0.51
CA CYS A 23 -12.43 -2.83 -0.65
C CYS A 23 -13.33 -3.73 -1.50
N LEU A 24 -12.73 -4.58 -2.31
CA LEU A 24 -13.48 -5.49 -3.17
C LEU A 24 -13.29 -6.94 -2.73
N ASN A 25 -14.40 -7.65 -2.59
CA ASN A 25 -14.35 -9.06 -2.17
C ASN A 25 -13.78 -9.19 -0.76
N GLU A 26 -14.05 -8.19 0.07
CA GLU A 26 -13.56 -8.19 1.45
C GLU A 26 -14.28 -9.25 2.27
N SER A 27 -13.50 -10.05 3.01
CA SER A 27 -14.07 -11.11 3.84
C SER A 27 -15.03 -10.53 4.88
N ASP A 28 -15.93 -11.37 5.38
CA ASP A 28 -16.91 -10.94 6.36
C ASP A 28 -16.29 -10.95 7.77
N GLU A 29 -15.61 -12.04 8.09
CA GLU A 29 -14.97 -12.18 9.41
C GLU A 29 -13.75 -11.27 9.52
N HIS A 30 -13.01 -11.15 8.41
CA HIS A 30 -11.81 -10.31 8.38
C HIS A 30 -12.07 -9.01 7.63
N GLY A 31 -11.41 -7.94 8.07
CA GLY A 31 -11.60 -6.65 7.42
C GLY A 31 -10.36 -6.21 6.67
N PHE A 32 -10.56 -5.42 5.62
CA PHE A 32 -9.45 -4.92 4.81
C PHE A 32 -8.80 -3.71 5.47
N ASP A 33 -9.33 -3.31 6.62
CA ASP A 33 -8.79 -2.16 7.34
C ASP A 33 -7.83 -2.62 8.44
N ASN A 34 -7.97 -3.87 8.87
CA ASN A 34 -7.12 -4.43 9.91
C ASN A 34 -5.73 -4.73 9.37
N CYS A 35 -5.64 -4.94 8.05
CA CYS A 35 -4.37 -5.23 7.40
C CYS A 35 -3.56 -3.96 7.20
N LEU A 36 -4.18 -2.82 7.43
CA LEU A 36 -3.52 -1.53 7.27
C LEU A 36 -2.57 -1.25 8.44
N ARG A 37 -3.07 -1.43 9.65
CA ARG A 37 -2.29 -1.20 10.85
C ARG A 37 -1.21 -2.27 11.00
N LYS A 38 -0.35 -2.10 12.00
CA LYS A 38 0.73 -3.05 12.26
C LYS A 38 0.32 -4.04 13.35
N ASP A 39 -0.61 -3.64 14.20
CA ASP A 39 -1.09 -4.48 15.29
C ASP A 39 -2.58 -4.75 15.16
N THR A 40 -2.93 -5.83 14.48
CA THR A 40 -4.33 -6.19 14.28
C THR A 40 -4.46 -7.50 13.50
N THR A 41 -5.70 -7.94 13.28
CA THR A 41 -5.96 -9.16 12.55
C THR A 41 -5.48 -9.06 11.11
N PHE A 42 -5.62 -10.15 10.36
CA PHE A 42 -5.20 -10.18 8.96
C PHE A 42 -6.41 -10.24 8.04
N LEU A 43 -6.20 -9.89 6.78
CA LEU A 43 -7.28 -9.91 5.78
C LEU A 43 -7.17 -11.14 4.89
N GLU A 44 -8.06 -12.10 5.10
CA GLU A 44 -8.07 -13.33 4.31
C GLU A 44 -9.06 -13.21 3.15
N SER A 45 -8.60 -13.52 1.95
CA SER A 45 -9.44 -13.45 0.76
C SER A 45 -10.70 -14.31 0.94
N ASP A 46 -11.81 -13.83 0.39
CA ASP A 46 -13.07 -14.55 0.48
C ASP A 46 -13.20 -15.58 -0.64
N CYS A 47 -12.17 -15.67 -1.48
CA CYS A 47 -12.17 -16.61 -2.59
C CYS A 47 -10.75 -16.93 -3.03
N ASP A 48 -10.06 -15.94 -3.59
CA ASP A 48 -8.70 -16.12 -4.05
C ASP A 48 -7.95 -14.79 -4.06
N GLU A 49 -6.77 -14.78 -4.66
CA GLU A 49 -5.94 -13.58 -4.72
C GLU A 49 -6.47 -12.62 -5.80
N GLN A 50 -7.73 -12.22 -5.65
CA GLN A 50 -8.35 -11.31 -6.61
C GLN A 50 -9.08 -10.18 -5.88
N LEU A 51 -8.50 -9.70 -4.80
CA LEU A 51 -9.09 -8.62 -4.01
C LEU A 51 -8.47 -7.29 -4.38
N LEU A 52 -9.27 -6.22 -4.28
CA LEU A 52 -8.79 -4.87 -4.60
C LEU A 52 -8.78 -4.00 -3.36
N ILE A 53 -7.89 -3.00 -3.36
CA ILE A 53 -7.78 -2.08 -2.23
C ILE A 53 -7.72 -0.64 -2.70
N THR A 54 -8.75 0.14 -2.35
CA THR A 54 -8.81 1.54 -2.73
C THR A 54 -8.39 2.45 -1.59
N VAL A 55 -7.72 3.56 -1.93
CA VAL A 55 -7.26 4.50 -0.92
C VAL A 55 -7.55 5.94 -1.36
N ALA A 56 -8.24 6.68 -0.50
CA ALA A 56 -8.58 8.07 -0.80
C ALA A 56 -7.74 9.03 0.03
N PHE A 57 -6.87 9.77 -0.64
CA PHE A 57 -5.99 10.72 0.04
C PHE A 57 -6.60 12.13 0.00
N ASN A 58 -6.86 12.68 1.18
CA ASN A 58 -7.43 14.01 1.29
C ASN A 58 -6.50 15.06 0.68
N GLN A 59 -5.22 14.72 0.60
CA GLN A 59 -4.23 15.62 0.04
C GLN A 59 -3.32 14.91 -0.96
N PRO A 60 -2.93 15.60 -2.03
CA PRO A 60 -2.07 15.05 -3.07
C PRO A 60 -0.64 14.83 -2.57
N VAL A 61 -0.26 13.56 -2.43
CA VAL A 61 1.08 13.22 -1.96
C VAL A 61 1.88 12.52 -3.06
N LYS A 62 3.04 12.01 -2.69
CA LYS A 62 3.91 11.32 -3.65
C LYS A 62 4.23 9.91 -3.16
N LEU A 63 3.88 8.92 -3.98
CA LEU A 63 4.12 7.52 -3.64
C LEU A 63 5.53 7.11 -4.05
N TYR A 64 6.48 7.27 -3.14
CA TYR A 64 7.87 6.92 -3.41
C TYR A 64 8.09 5.41 -3.24
N SER A 65 7.28 4.79 -2.40
CA SER A 65 7.38 3.36 -2.15
C SER A 65 6.08 2.81 -1.55
N MET A 66 6.01 1.50 -1.41
CA MET A 66 4.83 0.86 -0.85
C MET A 66 5.22 -0.36 -0.01
N LYS A 67 4.60 -0.49 1.16
CA LYS A 67 4.89 -1.60 2.06
C LYS A 67 3.76 -2.64 2.01
N PHE A 68 3.93 -3.65 1.17
CA PHE A 68 2.93 -4.70 1.03
C PHE A 68 3.48 -6.04 1.50
N GLN A 69 2.81 -6.63 2.48
CA GLN A 69 3.23 -7.92 3.03
C GLN A 69 2.05 -8.70 3.57
N GLY A 70 2.33 -9.82 4.23
CA GLY A 70 1.27 -10.64 4.80
C GLY A 70 1.63 -11.19 6.17
N PRO A 71 0.89 -12.20 6.61
CA PRO A 71 1.12 -12.84 7.92
C PRO A 71 2.41 -13.64 7.95
N ASP A 72 2.60 -14.40 9.03
CA ASP A 72 3.81 -15.21 9.18
C ASP A 72 3.50 -16.68 8.91
N ASN A 73 2.59 -16.92 7.97
CA ASN A 73 2.21 -18.29 7.60
C ASN A 73 2.84 -18.69 6.28
N GLY A 74 3.02 -17.71 5.39
CA GLY A 74 3.61 -17.99 4.09
C GLY A 74 2.70 -17.62 2.96
N GLN A 75 1.76 -16.71 3.22
CA GLN A 75 0.82 -16.27 2.20
C GLN A 75 0.89 -14.76 2.01
N GLY A 76 1.61 -14.33 0.97
CA GLY A 76 1.74 -12.91 0.71
C GLY A 76 1.56 -12.58 -0.76
N PRO A 77 1.13 -11.34 -1.05
CA PRO A 77 0.90 -10.88 -2.42
C PRO A 77 2.20 -10.71 -3.18
N LYS A 78 2.16 -11.00 -4.48
CA LYS A 78 3.34 -10.88 -5.33
C LYS A 78 3.08 -9.89 -6.47
N TYR A 79 2.31 -10.33 -7.47
CA TYR A 79 2.00 -9.47 -8.61
C TYR A 79 0.75 -8.64 -8.34
N VAL A 80 0.97 -7.37 -8.00
CA VAL A 80 -0.14 -6.46 -7.72
C VAL A 80 -0.13 -5.27 -8.68
N LYS A 81 -1.31 -4.92 -9.17
CA LYS A 81 -1.44 -3.80 -10.09
C LYS A 81 -1.80 -2.51 -9.35
N ILE A 82 -0.96 -1.49 -9.51
CA ILE A 82 -1.19 -0.21 -8.86
C ILE A 82 -1.87 0.78 -9.80
N PHE A 83 -2.84 1.51 -9.28
CA PHE A 83 -3.57 2.49 -10.08
C PHE A 83 -3.69 3.82 -9.33
N ILE A 84 -3.66 4.91 -10.08
CA ILE A 84 -3.76 6.25 -9.50
C ILE A 84 -4.53 7.20 -10.41
N ASN A 85 -4.93 8.33 -9.86
CA ASN A 85 -5.68 9.33 -10.63
C ASN A 85 -6.87 8.70 -11.34
N LEU A 86 -7.53 7.76 -10.65
CA LEU A 86 -8.69 7.07 -11.21
C LEU A 86 -9.90 7.99 -11.23
N PRO A 87 -10.85 7.70 -12.14
CA PRO A 87 -12.07 8.49 -12.29
C PRO A 87 -13.02 8.33 -11.09
N ARG A 88 -12.86 7.23 -10.37
CA ARG A 88 -13.69 6.96 -9.21
C ARG A 88 -13.17 5.75 -8.44
N SER A 89 -13.37 4.56 -8.99
CA SER A 89 -12.92 3.33 -8.35
C SER A 89 -12.44 2.32 -9.39
N MET A 90 -11.93 1.19 -8.92
CA MET A 90 -11.44 0.15 -9.80
C MET A 90 -12.15 -1.17 -9.54
N ASP A 91 -12.70 -1.77 -10.60
CA ASP A 91 -13.41 -3.04 -10.48
C ASP A 91 -12.54 -4.20 -10.97
N PHE A 92 -13.16 -5.37 -11.11
CA PHE A 92 -12.45 -6.55 -11.59
C PHE A 92 -12.19 -6.48 -13.08
N GLU A 93 -13.16 -5.94 -13.82
CA GLU A 93 -13.04 -5.81 -15.26
C GLU A 93 -12.21 -4.58 -15.64
N GLU A 94 -12.39 -3.50 -14.87
CA GLU A 94 -11.66 -2.27 -15.12
C GLU A 94 -10.19 -2.41 -14.74
N ALA A 95 -9.91 -3.35 -13.85
CA ALA A 95 -8.54 -3.61 -13.40
C ALA A 95 -7.80 -4.51 -14.38
N GLU A 96 -8.53 -5.08 -15.33
CA GLU A 96 -7.94 -5.98 -16.32
C GLU A 96 -7.76 -5.26 -17.66
N ARG A 97 -8.82 -4.59 -18.11
CA ARG A 97 -8.78 -3.87 -19.37
C ARG A 97 -7.79 -2.72 -19.32
N SER A 98 -7.81 -1.97 -18.21
CA SER A 98 -6.90 -0.84 -18.03
C SER A 98 -5.63 -1.27 -17.33
N GLU A 99 -4.50 -0.84 -17.86
CA GLU A 99 -3.20 -1.19 -17.28
C GLU A 99 -2.87 -0.27 -16.10
N PRO A 100 -2.13 -0.81 -15.13
CA PRO A 100 -1.73 -0.06 -13.93
C PRO A 100 -0.69 1.02 -14.25
N THR A 101 -0.43 1.89 -13.27
CA THR A 101 0.54 2.97 -13.45
C THR A 101 1.96 2.47 -13.24
N GLN A 102 2.10 1.38 -12.47
CA GLN A 102 3.41 0.81 -12.19
C GLN A 102 3.37 -0.71 -12.28
N ALA A 103 2.78 -1.33 -11.26
CA ALA A 103 2.68 -2.79 -11.22
C ALA A 103 4.05 -3.44 -11.13
N LEU A 104 4.30 -4.16 -10.04
CA LEU A 104 5.57 -4.83 -9.82
C LEU A 104 5.36 -6.21 -9.21
N GLU A 105 6.35 -7.09 -9.38
CA GLU A 105 6.27 -8.43 -8.83
C GLU A 105 6.99 -8.52 -7.49
N LEU A 106 6.27 -8.24 -6.42
CA LEU A 106 6.83 -8.30 -5.08
C LEU A 106 7.50 -9.63 -4.82
N THR A 107 8.57 -9.62 -4.01
CA THR A 107 9.30 -10.83 -3.69
C THR A 107 9.28 -11.09 -2.19
N GLU A 108 9.84 -12.23 -1.78
CA GLU A 108 9.89 -12.60 -0.37
C GLU A 108 10.61 -11.54 0.45
N ASP A 109 11.49 -10.79 -0.21
CA ASP A 109 12.25 -9.74 0.45
C ASP A 109 11.44 -8.45 0.52
N ASP A 110 10.37 -8.38 -0.27
CA ASP A 110 9.53 -7.20 -0.31
C ASP A 110 8.31 -7.37 0.60
N ILE A 111 8.04 -8.62 0.97
CA ILE A 111 6.90 -8.92 1.84
C ILE A 111 7.37 -9.50 3.16
N LYS A 112 8.61 -9.20 3.53
CA LYS A 112 9.19 -9.69 4.78
C LYS A 112 8.81 -8.77 5.94
N GLU A 113 9.44 -9.00 7.10
CA GLU A 113 9.18 -8.18 8.27
C GLU A 113 9.29 -6.70 7.95
N ASP A 114 10.33 -6.34 7.20
CA ASP A 114 10.54 -4.94 6.81
C ASP A 114 10.58 -4.81 5.29
N GLY A 115 9.76 -5.59 4.60
CA GLY A 115 9.73 -5.54 3.15
C GLY A 115 9.36 -4.16 2.63
N ILE A 116 9.96 -3.77 1.51
CA ILE A 116 9.69 -2.47 0.92
C ILE A 116 9.59 -2.58 -0.60
N VAL A 117 8.64 -1.85 -1.17
CA VAL A 117 8.44 -1.85 -2.62
C VAL A 117 8.67 -0.47 -3.21
N PRO A 118 9.87 -0.26 -3.78
CA PRO A 118 10.25 1.01 -4.40
C PRO A 118 9.48 1.28 -5.69
N LEU A 119 8.59 2.26 -5.65
CA LEU A 119 7.80 2.61 -6.82
C LEU A 119 8.45 3.74 -7.61
N ARG A 120 7.72 4.29 -8.57
CA ARG A 120 8.24 5.37 -9.39
C ARG A 120 7.48 6.68 -9.12
N TYR A 121 8.02 7.48 -8.21
CA TYR A 121 7.40 8.75 -7.86
C TYR A 121 7.20 9.63 -9.09
N VAL A 122 8.00 9.37 -10.12
CA VAL A 122 7.91 10.14 -11.36
C VAL A 122 6.51 10.07 -11.95
N LYS A 123 5.76 9.04 -11.57
CA LYS A 123 4.40 8.85 -12.06
C LYS A 123 3.38 9.28 -11.00
N PHE A 124 3.74 9.12 -9.73
CA PHE A 124 2.87 9.47 -8.63
C PHE A 124 3.26 10.84 -8.05
N GLN A 125 3.76 11.72 -8.92
CA GLN A 125 4.17 13.05 -8.48
C GLN A 125 3.06 13.74 -7.72
N ASN A 126 1.81 13.48 -8.12
CA ASN A 126 0.66 14.08 -7.47
C ASN A 126 -0.57 13.20 -7.63
N VAL A 127 -0.86 12.38 -6.63
CA VAL A 127 -2.02 11.49 -6.67
C VAL A 127 -2.95 11.75 -5.49
N ASN A 128 -4.24 11.68 -5.75
CA ASN A 128 -5.24 11.91 -4.71
C ASN A 128 -6.00 10.62 -4.38
N SER A 129 -5.86 9.63 -5.26
CA SER A 129 -6.53 8.35 -5.06
C SER A 129 -5.73 7.22 -5.69
N VAL A 130 -5.36 6.23 -4.87
CA VAL A 130 -4.59 5.09 -5.34
C VAL A 130 -5.30 3.78 -5.05
N THR A 131 -5.20 2.84 -5.98
CA THR A 131 -5.84 1.54 -5.82
C THR A 131 -4.88 0.40 -6.15
N ILE A 132 -5.01 -0.70 -5.42
CA ILE A 132 -4.14 -1.86 -5.63
C ILE A 132 -4.97 -3.13 -5.81
N PHE A 133 -4.79 -3.79 -6.95
CA PHE A 133 -5.51 -5.01 -7.25
C PHE A 133 -4.61 -6.23 -7.12
N VAL A 134 -5.00 -7.18 -6.28
CA VAL A 134 -4.22 -8.39 -6.07
C VAL A 134 -4.45 -9.40 -7.18
N GLN A 135 -3.38 -9.84 -7.82
CA GLN A 135 -3.47 -10.80 -8.90
C GLN A 135 -2.90 -12.16 -8.48
N SER A 136 -1.60 -12.17 -8.16
CA SER A 136 -0.94 -13.40 -7.74
C SER A 136 -0.19 -13.18 -6.42
N ASN A 137 0.20 -14.29 -5.80
CA ASN A 137 0.93 -14.23 -4.53
C ASN A 137 2.37 -14.70 -4.71
N GLN A 138 3.10 -14.80 -3.60
CA GLN A 138 4.48 -15.25 -3.63
C GLN A 138 4.57 -16.68 -4.16
N GLY A 139 3.94 -17.62 -3.45
CA GLY A 139 3.96 -19.01 -3.85
C GLY A 139 2.73 -19.40 -4.64
N GLU A 140 2.15 -18.44 -5.34
CA GLU A 140 0.95 -18.69 -6.15
C GLU A 140 -0.12 -19.39 -5.32
N GLU A 141 -0.14 -19.10 -4.02
CA GLU A 141 -1.12 -19.70 -3.11
C GLU A 141 -2.54 -19.51 -3.65
N GLU A 142 -3.50 -20.16 -2.99
CA GLU A 142 -4.89 -20.06 -3.40
C GLU A 142 -5.49 -18.72 -2.98
N THR A 143 -4.97 -18.17 -1.89
CA THR A 143 -5.46 -16.88 -1.38
C THR A 143 -4.32 -16.08 -0.77
N THR A 144 -4.49 -14.76 -0.74
CA THR A 144 -3.47 -13.87 -0.18
C THR A 144 -3.95 -13.25 1.12
N ARG A 145 -3.09 -13.28 2.15
CA ARG A 145 -3.43 -12.72 3.44
C ARG A 145 -2.68 -11.40 3.68
N ILE A 146 -3.43 -10.32 3.86
CA ILE A 146 -2.84 -9.01 4.08
C ILE A 146 -2.70 -8.72 5.58
N SER A 147 -1.54 -8.23 5.97
CA SER A 147 -1.29 -7.91 7.38
C SER A 147 -0.87 -6.44 7.54
N TYR A 148 0.01 -5.99 6.65
CA TYR A 148 0.48 -4.61 6.71
C TYR A 148 0.41 -3.97 5.32
N PHE A 149 -0.27 -2.84 5.24
CA PHE A 149 -0.41 -2.12 3.97
C PHE A 149 -0.37 -0.61 4.19
N THR A 150 0.43 0.08 3.37
CA THR A 150 0.57 1.53 3.47
C THR A 150 1.28 2.10 2.26
N PHE A 151 1.64 3.38 2.33
CA PHE A 151 2.32 4.04 1.23
C PHE A 151 3.44 4.93 1.76
N ILE A 152 4.67 4.59 1.40
CA ILE A 152 5.83 5.36 1.84
C ILE A 152 6.12 6.52 0.89
N GLY A 153 6.30 7.70 1.45
CA GLY A 153 6.58 8.87 0.64
C GLY A 153 6.45 10.17 1.42
N THR A 154 5.92 11.20 0.77
CA THR A 154 5.73 12.50 1.41
C THR A 154 4.78 13.38 0.63
N PRO A 155 4.18 14.36 1.30
CA PRO A 155 3.23 15.29 0.69
C PRO A 155 3.91 16.25 -0.29
N VAL A 156 3.28 16.48 -1.43
CA VAL A 156 3.82 17.37 -2.45
C VAL A 156 4.20 18.72 -1.84
N GLN A 157 3.46 19.14 -0.82
CA GLN A 157 3.72 20.41 -0.16
C GLN A 157 3.00 20.48 1.18
N ALA A 158 3.78 20.50 2.26
CA ALA A 158 3.21 20.57 3.60
C ALA A 158 3.98 21.56 4.48
N THR A 159 5.17 21.15 4.93
CA THR A 159 6.00 22.00 5.77
C THR A 159 7.38 21.39 5.97
N ASN A 160 8.21 22.06 6.75
CA ASN A 160 9.56 21.58 7.03
C ASN A 160 9.83 21.52 8.53
N MET A 161 9.16 20.59 9.21
CA MET A 161 9.33 20.43 10.64
C MET A 161 10.04 19.12 10.96
N ASN A 162 10.37 18.92 12.24
CA ASN A 162 11.05 17.71 12.68
C ASN A 162 10.69 17.38 14.13
N ASP A 163 11.39 16.40 14.68
CA ASP A 163 11.14 15.97 16.06
C ASP A 163 12.34 15.23 16.62
N PHE A 164 12.22 14.78 17.87
CA PHE A 164 13.30 14.05 18.52
C PHE A 164 13.43 12.64 17.94
N LYS A 165 12.32 11.90 17.94
CA LYS A 165 12.31 10.54 17.41
C LYS A 165 13.23 9.63 18.22
N SER A 166 12.63 8.80 19.06
CA SER A 166 13.39 7.88 19.89
C SER A 166 14.37 8.63 20.78
N GLY A 167 15.18 7.88 21.53
CA GLY A 167 16.16 8.50 22.42
C GLY A 167 17.17 7.52 22.94
N PRO A 168 16.76 6.66 23.88
CA PRO A 168 17.63 5.65 24.48
C PRO A 168 17.98 4.54 23.50
N SER A 169 18.70 3.53 23.99
CA SER A 169 19.11 2.40 23.16
C SER A 169 19.01 1.09 23.93
N SER A 170 19.35 0.00 23.27
CA SER A 170 19.30 -1.32 23.89
C SER A 170 20.55 -1.57 24.73
N GLY A 171 21.68 -1.77 24.05
CA GLY A 171 22.93 -2.02 24.75
C GLY A 171 23.30 -0.89 25.68
N GLY A 1 14.65 22.18 -10.45
CA GLY A 1 14.63 21.81 -9.05
C GLY A 1 15.75 20.84 -8.70
N SER A 2 15.47 19.55 -8.82
CA SER A 2 16.46 18.52 -8.50
C SER A 2 16.93 18.66 -7.05
N SER A 3 16.08 18.23 -6.12
CA SER A 3 16.40 18.29 -4.70
C SER A 3 16.35 16.91 -4.07
N GLY A 4 17.43 16.53 -3.38
CA GLY A 4 17.48 15.24 -2.73
C GLY A 4 18.29 15.27 -1.45
N SER A 5 17.89 16.13 -0.52
CA SER A 5 18.58 16.26 0.76
C SER A 5 17.67 15.87 1.91
N SER A 6 18.23 15.15 2.88
CA SER A 6 17.47 14.70 4.04
C SER A 6 16.34 13.76 3.63
N GLY A 7 16.55 12.46 3.86
CA GLY A 7 15.55 11.48 3.51
C GLY A 7 14.47 11.34 4.56
N GLY A 8 14.12 10.11 4.90
CA GLY A 8 13.09 9.87 5.90
C GLY A 8 11.69 10.15 5.37
N TYR A 9 11.06 9.12 4.83
CA TYR A 9 9.71 9.26 4.28
C TYR A 9 8.66 8.93 5.34
N MET A 10 7.39 8.93 4.92
CA MET A 10 6.29 8.64 5.84
C MET A 10 5.33 7.63 5.20
N ASP A 11 4.73 6.80 6.06
CA ASP A 11 3.79 5.79 5.58
C ASP A 11 2.48 6.44 5.10
N LEU A 12 2.34 7.73 5.38
CA LEU A 12 1.14 8.46 4.98
C LEU A 12 -0.11 7.82 5.57
N MET A 13 0.07 7.06 6.64
CA MET A 13 -1.05 6.40 7.30
C MET A 13 -2.11 7.42 7.73
N PRO A 14 -1.68 8.44 8.47
CA PRO A 14 -2.58 9.50 8.96
C PRO A 14 -3.08 10.39 7.83
N PHE A 15 -2.55 10.18 6.63
CA PHE A 15 -2.94 10.97 5.46
C PHE A 15 -3.97 10.22 4.62
N ILE A 16 -4.25 8.98 5.00
CA ILE A 16 -5.22 8.17 4.28
C ILE A 16 -6.62 8.34 4.84
N ASN A 17 -7.61 8.35 3.96
CA ASN A 17 -9.01 8.51 4.37
C ASN A 17 -9.73 7.17 4.39
N LYS A 18 -9.83 6.57 5.57
CA LYS A 18 -10.50 5.29 5.73
C LYS A 18 -11.99 5.42 5.44
N ALA A 19 -12.53 6.63 5.62
CA ALA A 19 -13.94 6.87 5.38
C ALA A 19 -14.26 6.86 3.89
N GLY A 20 -13.23 7.06 3.07
CA GLY A 20 -13.43 7.06 1.63
C GLY A 20 -12.82 5.85 0.97
N CYS A 21 -12.17 5.00 1.76
CA CYS A 21 -11.54 3.80 1.24
C CYS A 21 -12.59 2.79 0.75
N GLU A 22 -12.18 1.91 -0.16
CA GLU A 22 -13.09 0.90 -0.70
C GLU A 22 -12.37 -0.41 -0.92
N CYS A 23 -13.01 -1.51 -0.51
CA CYS A 23 -12.42 -2.83 -0.66
C CYS A 23 -13.33 -3.74 -1.48
N LEU A 24 -12.72 -4.59 -2.31
CA LEU A 24 -13.47 -5.51 -3.15
C LEU A 24 -13.26 -6.96 -2.71
N ASN A 25 -14.36 -7.71 -2.62
CA ASN A 25 -14.29 -9.09 -2.21
C ASN A 25 -13.74 -9.23 -0.79
N GLU A 26 -13.97 -8.20 0.02
CA GLU A 26 -13.50 -8.20 1.40
C GLU A 26 -14.20 -9.29 2.22
N SER A 27 -13.40 -10.05 2.97
CA SER A 27 -13.94 -11.13 3.79
C SER A 27 -14.96 -10.58 4.79
N ASP A 28 -15.85 -11.47 5.25
CA ASP A 28 -16.87 -11.09 6.21
C ASP A 28 -16.32 -11.07 7.63
N GLU A 29 -15.53 -12.10 7.96
CA GLU A 29 -14.93 -12.21 9.29
C GLU A 29 -13.71 -11.30 9.42
N HIS A 30 -12.97 -11.15 8.31
CA HIS A 30 -11.78 -10.32 8.31
C HIS A 30 -12.04 -9.01 7.54
N GLY A 31 -11.42 -7.94 8.01
CA GLY A 31 -11.60 -6.64 7.37
C GLY A 31 -10.36 -6.18 6.64
N PHE A 32 -10.55 -5.41 5.57
CA PHE A 32 -9.44 -4.91 4.78
C PHE A 32 -8.79 -3.70 5.46
N ASP A 33 -9.37 -3.28 6.59
CA ASP A 33 -8.85 -2.14 7.33
C ASP A 33 -7.92 -2.60 8.45
N ASN A 34 -8.09 -3.84 8.89
CA ASN A 34 -7.26 -4.40 9.95
C ASN A 34 -5.87 -4.74 9.44
N CYS A 35 -5.73 -4.81 8.12
CA CYS A 35 -4.45 -5.12 7.50
C CYS A 35 -3.68 -3.85 7.15
N LEU A 36 -4.09 -2.74 7.75
CA LEU A 36 -3.46 -1.45 7.50
C LEU A 36 -2.41 -1.15 8.57
N ARG A 37 -2.68 -1.59 9.80
CA ARG A 37 -1.76 -1.36 10.91
C ARG A 37 -0.91 -2.60 11.17
N LYS A 38 0.08 -2.46 12.05
CA LYS A 38 0.96 -3.57 12.39
C LYS A 38 0.40 -4.38 13.55
N ASP A 39 -0.37 -3.72 14.41
CA ASP A 39 -0.97 -4.38 15.56
C ASP A 39 -2.49 -4.51 15.38
N THR A 40 -2.90 -5.57 14.69
CA THR A 40 -4.32 -5.81 14.45
C THR A 40 -4.53 -7.10 13.66
N THR A 41 -5.78 -7.44 13.41
CA THR A 41 -6.13 -8.65 12.67
C THR A 41 -5.60 -8.59 11.24
N PHE A 42 -5.78 -9.67 10.50
CA PHE A 42 -5.33 -9.74 9.11
C PHE A 42 -6.51 -9.78 8.16
N LEU A 43 -6.21 -9.83 6.86
CA LEU A 43 -7.25 -9.86 5.83
C LEU A 43 -7.09 -11.08 4.93
N GLU A 44 -7.96 -12.07 5.11
CA GLU A 44 -7.92 -13.28 4.30
C GLU A 44 -8.94 -13.23 3.17
N SER A 45 -8.50 -13.56 1.96
CA SER A 45 -9.37 -13.55 0.79
C SER A 45 -10.55 -14.50 0.99
N ASP A 46 -11.73 -14.05 0.61
CA ASP A 46 -12.94 -14.86 0.74
C ASP A 46 -13.04 -15.86 -0.42
N CYS A 47 -12.18 -15.71 -1.40
CA CYS A 47 -12.17 -16.59 -2.56
C CYS A 47 -10.75 -16.92 -3.00
N ASP A 48 -10.06 -15.93 -3.56
CA ASP A 48 -8.69 -16.10 -4.03
C ASP A 48 -7.94 -14.78 -4.04
N GLU A 49 -6.76 -14.78 -4.64
CA GLU A 49 -5.94 -13.58 -4.72
C GLU A 49 -6.48 -12.62 -5.79
N GLN A 50 -7.73 -12.21 -5.64
CA GLN A 50 -8.36 -11.31 -6.60
C GLN A 50 -9.08 -10.18 -5.88
N LEU A 51 -8.50 -9.70 -4.80
CA LEU A 51 -9.09 -8.62 -4.01
C LEU A 51 -8.47 -7.27 -4.38
N LEU A 52 -9.27 -6.22 -4.28
CA LEU A 52 -8.79 -4.87 -4.60
C LEU A 52 -8.78 -4.00 -3.36
N ILE A 53 -7.89 -3.00 -3.36
CA ILE A 53 -7.78 -2.08 -2.23
C ILE A 53 -7.73 -0.63 -2.71
N THR A 54 -8.75 0.13 -2.36
CA THR A 54 -8.82 1.54 -2.75
C THR A 54 -8.40 2.45 -1.60
N VAL A 55 -7.73 3.54 -1.94
CA VAL A 55 -7.26 4.49 -0.94
C VAL A 55 -7.54 5.93 -1.37
N ALA A 56 -8.24 6.67 -0.51
CA ALA A 56 -8.57 8.06 -0.81
C ALA A 56 -7.73 9.02 0.03
N PHE A 57 -6.85 9.76 -0.64
CA PHE A 57 -5.99 10.72 0.04
C PHE A 57 -6.59 12.12 0.00
N ASN A 58 -6.85 12.67 1.18
CA ASN A 58 -7.42 14.01 1.30
C ASN A 58 -6.50 15.06 0.68
N GLN A 59 -5.21 14.72 0.62
CA GLN A 59 -4.22 15.63 0.05
C GLN A 59 -3.32 14.91 -0.94
N PRO A 60 -2.93 15.62 -2.01
CA PRO A 60 -2.06 15.07 -3.06
C PRO A 60 -0.64 14.84 -2.57
N VAL A 61 -0.25 13.58 -2.42
CA VAL A 61 1.08 13.24 -1.96
C VAL A 61 1.90 12.56 -3.06
N LYS A 62 3.06 12.05 -2.71
CA LYS A 62 3.92 11.36 -3.66
C LYS A 62 4.25 9.95 -3.19
N LEU A 63 3.90 8.96 -4.01
CA LEU A 63 4.16 7.57 -3.68
C LEU A 63 5.57 7.16 -4.09
N TYR A 64 6.50 7.22 -3.16
CA TYR A 64 7.88 6.86 -3.42
C TYR A 64 8.11 5.35 -3.23
N SER A 65 7.28 4.75 -2.39
CA SER A 65 7.38 3.32 -2.10
C SER A 65 6.08 2.80 -1.50
N MET A 66 5.99 1.47 -1.39
CA MET A 66 4.81 0.83 -0.82
C MET A 66 5.19 -0.38 0.01
N LYS A 67 4.59 -0.48 1.20
CA LYS A 67 4.87 -1.60 2.09
C LYS A 67 3.75 -2.63 2.04
N PHE A 68 3.91 -3.64 1.20
CA PHE A 68 2.91 -4.69 1.06
C PHE A 68 3.46 -6.04 1.53
N GLN A 69 2.78 -6.63 2.51
CA GLN A 69 3.20 -7.93 3.05
C GLN A 69 2.01 -8.70 3.59
N GLY A 70 2.28 -9.82 4.25
CA GLY A 70 1.23 -10.64 4.81
C GLY A 70 1.57 -11.18 6.18
N PRO A 71 0.82 -12.21 6.62
CA PRO A 71 1.04 -12.85 7.92
C PRO A 71 2.33 -13.64 7.98
N ASP A 72 2.51 -14.40 9.05
CA ASP A 72 3.72 -15.20 9.23
C ASP A 72 3.42 -16.67 8.95
N ASN A 73 2.52 -16.92 7.99
CA ASN A 73 2.16 -18.28 7.62
C ASN A 73 2.81 -18.68 6.30
N GLY A 74 3.00 -17.70 5.42
CA GLY A 74 3.60 -17.97 4.12
C GLY A 74 2.69 -17.59 2.97
N GLN A 75 1.75 -16.69 3.22
CA GLN A 75 0.82 -16.25 2.20
C GLN A 75 0.89 -14.73 2.01
N GLY A 76 1.62 -14.31 0.98
CA GLY A 76 1.76 -12.89 0.71
C GLY A 76 1.57 -12.56 -0.76
N PRO A 77 1.13 -11.32 -1.05
CA PRO A 77 0.90 -10.87 -2.42
C PRO A 77 2.20 -10.69 -3.19
N LYS A 78 2.16 -10.98 -4.49
CA LYS A 78 3.34 -10.86 -5.34
C LYS A 78 3.08 -9.87 -6.48
N TYR A 79 2.32 -10.32 -7.47
CA TYR A 79 1.99 -9.46 -8.61
C TYR A 79 0.75 -8.63 -8.34
N VAL A 80 0.96 -7.36 -8.01
CA VAL A 80 -0.15 -6.45 -7.72
C VAL A 80 -0.14 -5.27 -8.69
N LYS A 81 -1.33 -4.92 -9.18
CA LYS A 81 -1.46 -3.80 -10.11
C LYS A 81 -1.82 -2.52 -9.37
N ILE A 82 -0.97 -1.50 -9.51
CA ILE A 82 -1.21 -0.22 -8.86
C ILE A 82 -1.89 0.77 -9.81
N PHE A 83 -2.86 1.51 -9.29
CA PHE A 83 -3.59 2.48 -10.08
C PHE A 83 -3.70 3.82 -9.34
N ILE A 84 -3.69 4.91 -10.09
CA ILE A 84 -3.79 6.24 -9.51
C ILE A 84 -4.56 7.19 -10.42
N ASN A 85 -4.97 8.32 -9.89
CA ASN A 85 -5.72 9.31 -10.65
C ASN A 85 -6.92 8.68 -11.34
N LEU A 86 -7.57 7.75 -10.65
CA LEU A 86 -8.73 7.05 -11.19
C LEU A 86 -9.95 7.97 -11.21
N PRO A 87 -10.91 7.68 -12.10
CA PRO A 87 -12.13 8.46 -12.24
C PRO A 87 -13.07 8.30 -11.04
N ARG A 88 -12.90 7.19 -10.32
CA ARG A 88 -13.72 6.91 -9.15
C ARG A 88 -13.19 5.71 -8.38
N SER A 89 -13.38 4.52 -8.95
CA SER A 89 -12.93 3.29 -8.31
C SER A 89 -12.45 2.29 -9.37
N MET A 90 -11.93 1.16 -8.90
CA MET A 90 -11.44 0.12 -9.79
C MET A 90 -12.16 -1.21 -9.54
N ASP A 91 -12.70 -1.80 -10.60
CA ASP A 91 -13.42 -3.06 -10.49
C ASP A 91 -12.55 -4.21 -10.98
N PHE A 92 -13.15 -5.39 -11.13
CA PHE A 92 -12.44 -6.57 -11.61
C PHE A 92 -12.19 -6.49 -13.10
N GLU A 93 -13.16 -5.96 -13.84
CA GLU A 93 -13.03 -5.83 -15.29
C GLU A 93 -12.21 -4.60 -15.65
N GLU A 94 -12.40 -3.53 -14.90
CA GLU A 94 -11.67 -2.28 -15.15
C GLU A 94 -10.20 -2.42 -14.76
N ALA A 95 -9.93 -3.37 -13.87
CA ALA A 95 -8.56 -3.61 -13.42
C ALA A 95 -7.81 -4.52 -14.39
N GLU A 96 -8.54 -5.09 -15.34
CA GLU A 96 -7.94 -5.98 -16.34
C GLU A 96 -7.76 -5.26 -17.67
N ARG A 97 -8.82 -4.61 -18.13
CA ARG A 97 -8.79 -3.89 -19.39
C ARG A 97 -7.79 -2.73 -19.33
N SER A 98 -7.82 -1.99 -18.24
CA SER A 98 -6.92 -0.85 -18.07
C SER A 98 -5.63 -1.28 -17.36
N GLU A 99 -4.50 -0.85 -17.89
CA GLU A 99 -3.20 -1.19 -17.31
C GLU A 99 -2.88 -0.27 -16.13
N PRO A 100 -2.14 -0.81 -15.14
CA PRO A 100 -1.75 -0.06 -13.94
C PRO A 100 -0.73 1.03 -14.26
N THR A 101 -0.47 1.89 -13.28
CA THR A 101 0.49 2.98 -13.44
C THR A 101 1.91 2.49 -13.24
N GLN A 102 2.06 1.39 -12.51
CA GLN A 102 3.37 0.82 -12.23
C GLN A 102 3.33 -0.70 -12.30
N ALA A 103 2.76 -1.32 -11.28
CA ALA A 103 2.65 -2.77 -11.22
C ALA A 103 4.03 -3.42 -11.12
N LEU A 104 4.28 -4.13 -10.03
CA LEU A 104 5.56 -4.80 -9.82
C LEU A 104 5.35 -6.18 -9.20
N GLU A 105 6.33 -7.06 -9.37
CA GLU A 105 6.27 -8.41 -8.83
C GLU A 105 6.98 -8.49 -7.48
N LEU A 106 6.24 -8.21 -6.41
CA LEU A 106 6.80 -8.25 -5.07
C LEU A 106 7.49 -9.59 -4.80
N THR A 107 8.49 -9.58 -3.93
CA THR A 107 9.22 -10.79 -3.58
C THR A 107 9.23 -11.02 -2.08
N GLU A 108 9.79 -12.15 -1.65
CA GLU A 108 9.86 -12.49 -0.24
C GLU A 108 10.58 -11.40 0.54
N ASP A 109 11.45 -10.67 -0.13
CA ASP A 109 12.21 -9.59 0.51
C ASP A 109 11.38 -8.31 0.57
N ASP A 110 10.32 -8.26 -0.22
CA ASP A 110 9.45 -7.10 -0.25
C ASP A 110 8.22 -7.31 0.62
N ILE A 111 7.99 -8.56 1.02
CA ILE A 111 6.86 -8.90 1.87
C ILE A 111 7.32 -9.48 3.20
N LYS A 112 8.55 -9.16 3.60
CA LYS A 112 9.11 -9.65 4.85
C LYS A 112 8.81 -8.69 5.99
N GLU A 113 9.44 -8.94 7.14
CA GLU A 113 9.24 -8.10 8.31
C GLU A 113 9.45 -6.63 7.96
N ASP A 114 10.43 -6.36 7.11
CA ASP A 114 10.74 -5.00 6.68
C ASP A 114 10.69 -4.87 5.16
N GLY A 115 9.75 -5.59 4.55
CA GLY A 115 9.62 -5.55 3.11
C GLY A 115 9.28 -4.15 2.60
N ILE A 116 9.90 -3.77 1.49
CA ILE A 116 9.66 -2.45 0.91
C ILE A 116 9.56 -2.54 -0.62
N VAL A 117 8.61 -1.81 -1.18
CA VAL A 117 8.41 -1.80 -2.62
C VAL A 117 8.67 -0.42 -3.21
N PRO A 118 9.88 -0.21 -3.74
CA PRO A 118 10.29 1.06 -4.34
C PRO A 118 9.55 1.34 -5.65
N LEU A 119 8.61 2.28 -5.60
CA LEU A 119 7.84 2.65 -6.79
C LEU A 119 8.51 3.78 -7.55
N ARG A 120 7.79 4.34 -8.52
CA ARG A 120 8.32 5.44 -9.32
C ARG A 120 7.54 6.73 -9.06
N TYR A 121 8.06 7.56 -8.17
CA TYR A 121 7.41 8.83 -7.84
C TYR A 121 7.20 9.68 -9.08
N VAL A 122 8.00 9.42 -10.11
CA VAL A 122 7.89 10.16 -11.36
C VAL A 122 6.49 10.07 -11.95
N LYS A 123 5.76 9.04 -11.54
CA LYS A 123 4.40 8.83 -12.02
C LYS A 123 3.38 9.26 -10.98
N PHE A 124 3.77 9.16 -9.71
CA PHE A 124 2.88 9.53 -8.61
C PHE A 124 3.26 10.91 -8.06
N GLN A 125 3.77 11.77 -8.93
CA GLN A 125 4.16 13.11 -8.53
C GLN A 125 3.03 13.81 -7.78
N ASN A 126 1.79 13.50 -8.15
CA ASN A 126 0.63 14.10 -7.52
C ASN A 126 -0.59 13.20 -7.68
N VAL A 127 -0.88 12.41 -6.65
CA VAL A 127 -2.03 11.51 -6.67
C VAL A 127 -2.96 11.77 -5.49
N ASN A 128 -4.26 11.68 -5.75
CA ASN A 128 -5.25 11.90 -4.70
C ASN A 128 -6.00 10.61 -4.38
N SER A 129 -5.87 9.62 -5.25
CA SER A 129 -6.54 8.34 -5.06
C SER A 129 -5.72 7.21 -5.69
N VAL A 130 -5.36 6.22 -4.86
CA VAL A 130 -4.58 5.08 -5.34
C VAL A 130 -5.30 3.77 -5.04
N THR A 131 -5.21 2.83 -5.98
CA THR A 131 -5.85 1.53 -5.81
C THR A 131 -4.89 0.40 -6.14
N ILE A 132 -5.02 -0.71 -5.42
CA ILE A 132 -4.16 -1.87 -5.63
C ILE A 132 -4.98 -3.14 -5.81
N PHE A 133 -4.80 -3.80 -6.95
CA PHE A 133 -5.53 -5.03 -7.25
C PHE A 133 -4.60 -6.24 -7.12
N VAL A 134 -5.00 -7.19 -6.28
CA VAL A 134 -4.22 -8.39 -6.07
C VAL A 134 -4.46 -9.41 -7.18
N GLN A 135 -3.38 -9.84 -7.82
CA GLN A 135 -3.47 -10.82 -8.91
C GLN A 135 -2.90 -12.16 -8.48
N SER A 136 -1.60 -12.17 -8.16
CA SER A 136 -0.93 -13.40 -7.75
C SER A 136 -0.18 -13.18 -6.43
N ASN A 137 0.22 -14.28 -5.81
CA ASN A 137 0.94 -14.22 -4.54
C ASN A 137 2.38 -14.70 -4.71
N GLN A 138 3.10 -14.79 -3.60
CA GLN A 138 4.49 -15.23 -3.62
C GLN A 138 4.60 -16.67 -4.15
N GLY A 139 3.97 -17.60 -3.44
CA GLY A 139 4.00 -18.98 -3.85
C GLY A 139 2.77 -19.39 -4.65
N GLU A 140 2.19 -18.43 -5.35
CA GLU A 140 0.99 -18.69 -6.15
C GLU A 140 -0.08 -19.39 -5.32
N GLU A 141 -0.09 -19.10 -4.03
CA GLU A 141 -1.07 -19.70 -3.12
C GLU A 141 -2.49 -19.52 -3.65
N GLU A 142 -3.45 -20.19 -3.01
CA GLU A 142 -4.84 -20.09 -3.42
C GLU A 142 -5.45 -18.76 -3.01
N THR A 143 -4.92 -18.19 -1.93
CA THR A 143 -5.41 -16.91 -1.43
C THR A 143 -4.28 -16.09 -0.81
N THR A 144 -4.46 -14.78 -0.78
CA THR A 144 -3.45 -13.88 -0.21
C THR A 144 -3.94 -13.27 1.09
N ARG A 145 -3.08 -13.29 2.10
CA ARG A 145 -3.42 -12.73 3.41
C ARG A 145 -2.68 -11.42 3.65
N ILE A 146 -3.43 -10.34 3.84
CA ILE A 146 -2.85 -9.04 4.09
C ILE A 146 -2.71 -8.75 5.58
N SER A 147 -1.56 -8.23 5.98
CA SER A 147 -1.31 -7.92 7.38
C SER A 147 -0.92 -6.46 7.55
N TYR A 148 -0.04 -5.98 6.68
CA TYR A 148 0.41 -4.59 6.73
C TYR A 148 0.37 -3.94 5.35
N PHE A 149 -0.32 -2.82 5.25
CA PHE A 149 -0.45 -2.10 3.99
C PHE A 149 -0.38 -0.59 4.20
N THR A 150 0.43 0.08 3.40
CA THR A 150 0.59 1.52 3.51
C THR A 150 1.29 2.09 2.29
N PHE A 151 1.65 3.38 2.35
CA PHE A 151 2.33 4.04 1.24
C PHE A 151 3.45 4.93 1.76
N ILE A 152 4.69 4.58 1.40
CA ILE A 152 5.85 5.34 1.83
C ILE A 152 6.12 6.51 0.87
N GLY A 153 6.30 7.69 1.43
CA GLY A 153 6.57 8.87 0.62
C GLY A 153 6.46 10.16 1.41
N THR A 154 5.91 11.20 0.76
CA THR A 154 5.75 12.49 1.41
C THR A 154 4.79 13.38 0.64
N PRO A 155 4.19 14.35 1.32
CA PRO A 155 3.24 15.29 0.72
C PRO A 155 3.91 16.26 -0.25
N VAL A 156 3.28 16.49 -1.40
CA VAL A 156 3.82 17.38 -2.41
C VAL A 156 4.18 18.73 -1.80
N GLN A 157 3.46 19.12 -0.76
CA GLN A 157 3.71 20.39 -0.10
C GLN A 157 3.50 20.26 1.41
N ALA A 158 4.24 21.07 2.17
CA ALA A 158 4.14 21.04 3.63
C ALA A 158 4.93 22.18 4.26
N THR A 159 5.01 22.19 5.58
CA THR A 159 5.74 23.23 6.30
C THR A 159 6.35 22.67 7.59
N ASN A 160 7.11 23.51 8.28
CA ASN A 160 7.76 23.10 9.52
C ASN A 160 7.25 23.94 10.69
N MET A 161 6.25 23.41 11.39
CA MET A 161 5.67 24.11 12.53
C MET A 161 5.67 23.21 13.77
N ASN A 162 6.85 22.72 14.14
CA ASN A 162 6.99 21.85 15.30
C ASN A 162 8.46 21.60 15.62
N ASP A 163 8.75 21.32 16.89
CA ASP A 163 10.11 21.06 17.33
C ASP A 163 10.19 19.76 18.12
N PHE A 164 11.36 19.49 18.68
CA PHE A 164 11.57 18.27 19.46
C PHE A 164 12.95 18.28 20.13
N LYS A 165 13.23 17.24 20.90
CA LYS A 165 14.51 17.13 21.59
C LYS A 165 14.70 18.29 22.56
N SER A 166 14.44 18.05 23.84
CA SER A 166 14.59 19.07 24.86
C SER A 166 14.52 18.46 26.26
N GLY A 167 14.80 19.28 27.26
CA GLY A 167 14.77 18.80 28.64
C GLY A 167 14.52 19.92 29.63
N PRO A 168 14.32 19.55 30.91
CA PRO A 168 14.08 20.52 31.98
C PRO A 168 15.30 21.35 32.30
N SER A 169 15.09 22.66 32.48
CA SER A 169 16.18 23.57 32.80
C SER A 169 17.25 23.54 31.70
N SER A 170 17.14 24.47 30.75
CA SER A 170 18.08 24.55 29.65
C SER A 170 18.20 25.98 29.14
N GLY A 171 19.38 26.57 29.31
CA GLY A 171 19.60 27.93 28.87
C GLY A 171 21.08 28.25 28.72
N GLY A 1 12.73 20.04 20.49
CA GLY A 1 12.92 21.05 19.47
C GLY A 1 13.57 20.49 18.21
N SER A 2 13.97 21.39 17.31
CA SER A 2 14.61 20.98 16.06
C SER A 2 13.69 20.05 15.27
N SER A 3 14.19 19.56 14.14
CA SER A 3 13.43 18.66 13.29
C SER A 3 14.28 18.14 12.14
N GLY A 4 14.66 16.88 12.22
CA GLY A 4 15.48 16.28 11.19
C GLY A 4 14.69 15.32 10.31
N SER A 5 15.40 14.63 9.42
CA SER A 5 14.76 13.68 8.51
C SER A 5 15.78 12.71 7.92
N SER A 6 16.66 13.24 7.06
CA SER A 6 17.68 12.43 6.42
C SER A 6 17.05 11.35 5.55
N GLY A 7 16.28 11.77 4.57
CA GLY A 7 15.63 10.83 3.67
C GLY A 7 14.64 9.94 4.39
N GLY A 8 13.95 10.51 5.38
CA GLY A 8 12.97 9.75 6.13
C GLY A 8 11.55 10.00 5.65
N TYR A 9 11.05 9.11 4.80
CA TYR A 9 9.71 9.25 4.27
C TYR A 9 8.66 8.89 5.33
N MET A 10 7.39 8.91 4.92
CA MET A 10 6.30 8.60 5.84
C MET A 10 5.35 7.59 5.22
N ASP A 11 4.73 6.76 6.05
CA ASP A 11 3.79 5.75 5.58
C ASP A 11 2.49 6.41 5.11
N LEU A 12 2.35 7.69 5.40
CA LEU A 12 1.15 8.43 5.00
C LEU A 12 -0.11 7.79 5.59
N MET A 13 0.08 7.01 6.66
CA MET A 13 -1.04 6.34 7.31
C MET A 13 -2.11 7.35 7.75
N PRO A 14 -1.68 8.37 8.50
CA PRO A 14 -2.58 9.42 8.99
C PRO A 14 -3.07 10.33 7.87
N PHE A 15 -2.55 10.12 6.67
CA PHE A 15 -2.94 10.92 5.51
C PHE A 15 -3.98 10.18 4.67
N ILE A 16 -4.25 8.93 5.04
CA ILE A 16 -5.22 8.13 4.31
C ILE A 16 -6.62 8.30 4.88
N ASN A 17 -7.61 8.36 4.01
CA ASN A 17 -9.00 8.52 4.42
C ASN A 17 -9.71 7.18 4.50
N LYS A 18 -9.67 6.56 5.67
CA LYS A 18 -10.31 5.27 5.87
C LYS A 18 -11.82 5.36 5.64
N ALA A 19 -12.37 6.56 5.85
CA ALA A 19 -13.80 6.79 5.66
C ALA A 19 -14.16 6.80 4.17
N GLY A 20 -13.17 7.11 3.33
CA GLY A 20 -13.41 7.15 1.90
C GLY A 20 -12.79 5.97 1.17
N CYS A 21 -12.19 5.07 1.93
CA CYS A 21 -11.55 3.89 1.35
C CYS A 21 -12.59 2.88 0.88
N GLU A 22 -12.21 2.05 -0.08
CA GLU A 22 -13.12 1.04 -0.62
C GLU A 22 -12.39 -0.29 -0.82
N CYS A 23 -13.05 -1.38 -0.44
CA CYS A 23 -12.47 -2.70 -0.58
C CYS A 23 -13.38 -3.61 -1.40
N LEU A 24 -12.77 -4.43 -2.26
CA LEU A 24 -13.52 -5.34 -3.11
C LEU A 24 -13.33 -6.79 -2.66
N ASN A 25 -14.44 -7.52 -2.57
CA ASN A 25 -14.40 -8.92 -2.16
C ASN A 25 -13.85 -9.05 -0.74
N GLU A 26 -14.12 -8.04 0.09
CA GLU A 26 -13.65 -8.04 1.47
C GLU A 26 -14.37 -9.10 2.29
N SER A 27 -13.60 -9.89 3.04
CA SER A 27 -14.17 -10.95 3.86
C SER A 27 -15.19 -10.38 4.85
N ASP A 28 -16.09 -11.24 5.31
CA ASP A 28 -17.13 -10.82 6.25
C ASP A 28 -16.58 -10.81 7.68
N GLU A 29 -15.82 -11.84 8.04
CA GLU A 29 -15.23 -11.94 9.36
C GLU A 29 -13.98 -11.08 9.47
N HIS A 30 -13.26 -10.93 8.37
CA HIS A 30 -12.05 -10.14 8.34
C HIS A 30 -12.28 -8.82 7.61
N GLY A 31 -11.59 -7.77 8.07
CA GLY A 31 -11.74 -6.47 7.45
C GLY A 31 -10.50 -6.05 6.68
N PHE A 32 -10.71 -5.33 5.58
CA PHE A 32 -9.60 -4.87 4.75
C PHE A 32 -8.92 -3.65 5.36
N ASP A 33 -9.47 -3.18 6.48
CA ASP A 33 -8.93 -2.01 7.17
C ASP A 33 -8.01 -2.44 8.31
N ASN A 34 -8.22 -3.65 8.81
CA ASN A 34 -7.41 -4.18 9.90
C ASN A 34 -6.00 -4.53 9.41
N CYS A 35 -5.85 -4.64 8.09
CA CYS A 35 -4.56 -4.98 7.50
C CYS A 35 -3.79 -3.72 7.13
N LEU A 36 -4.20 -2.59 7.70
CA LEU A 36 -3.55 -1.31 7.42
C LEU A 36 -2.53 -0.97 8.50
N ARG A 37 -2.85 -1.35 9.74
CA ARG A 37 -1.96 -1.09 10.87
C ARG A 37 -0.98 -2.24 11.06
N LYS A 38 0.06 -1.99 11.87
CA LYS A 38 1.07 -3.01 12.14
C LYS A 38 0.55 -4.03 13.14
N ASP A 39 -0.31 -3.59 14.04
CA ASP A 39 -0.89 -4.48 15.05
C ASP A 39 -2.40 -4.57 14.90
N THR A 40 -2.86 -5.65 14.27
CA THR A 40 -4.28 -5.86 14.07
C THR A 40 -4.54 -7.22 13.41
N THR A 41 -5.82 -7.52 13.19
CA THR A 41 -6.20 -8.79 12.56
C THR A 41 -5.68 -8.87 11.13
N PHE A 42 -5.92 -10.01 10.49
CA PHE A 42 -5.48 -10.21 9.11
C PHE A 42 -6.67 -10.23 8.15
N LEU A 43 -6.42 -9.92 6.89
CA LEU A 43 -7.47 -9.89 5.87
C LEU A 43 -7.37 -11.11 4.97
N GLU A 44 -8.29 -12.04 5.14
CA GLU A 44 -8.32 -13.27 4.34
C GLU A 44 -9.31 -13.13 3.17
N SER A 45 -8.82 -13.40 1.97
CA SER A 45 -9.66 -13.32 0.78
C SER A 45 -10.93 -14.15 0.94
N ASP A 46 -12.00 -13.71 0.30
CA ASP A 46 -13.27 -14.42 0.36
C ASP A 46 -13.41 -15.40 -0.81
N CYS A 47 -12.30 -15.66 -1.49
CA CYS A 47 -12.30 -16.57 -2.63
C CYS A 47 -10.88 -16.91 -3.05
N ASP A 48 -10.18 -15.92 -3.61
CA ASP A 48 -8.81 -16.12 -4.06
C ASP A 48 -8.05 -14.80 -4.05
N GLU A 49 -6.86 -14.81 -4.65
CA GLU A 49 -6.03 -13.60 -4.72
C GLU A 49 -6.54 -12.65 -5.80
N GLN A 50 -7.80 -12.24 -5.68
CA GLN A 50 -8.40 -11.33 -6.65
C GLN A 50 -9.14 -10.20 -5.93
N LEU A 51 -8.56 -9.72 -4.84
CA LEU A 51 -9.16 -8.64 -4.07
C LEU A 51 -8.53 -7.30 -4.43
N LEU A 52 -9.31 -6.23 -4.31
CA LEU A 52 -8.83 -4.89 -4.63
C LEU A 52 -8.82 -4.01 -3.38
N ILE A 53 -7.95 -3.01 -3.37
CA ILE A 53 -7.84 -2.10 -2.24
C ILE A 53 -7.77 -0.65 -2.71
N THR A 54 -8.77 0.13 -2.34
CA THR A 54 -8.84 1.54 -2.72
C THR A 54 -8.38 2.44 -1.58
N VAL A 55 -7.71 3.53 -1.92
CA VAL A 55 -7.22 4.48 -0.92
C VAL A 55 -7.52 5.91 -1.34
N ALA A 56 -8.25 6.63 -0.48
CA ALA A 56 -8.59 8.02 -0.75
C ALA A 56 -7.74 8.97 0.08
N PHE A 57 -6.89 9.74 -0.60
CA PHE A 57 -6.01 10.69 0.07
C PHE A 57 -6.62 12.08 0.05
N ASN A 58 -6.86 12.64 1.23
CA ASN A 58 -7.44 13.97 1.35
C ASN A 58 -6.51 15.02 0.75
N GLN A 59 -5.23 14.69 0.66
CA GLN A 59 -4.25 15.61 0.11
C GLN A 59 -3.34 14.90 -0.89
N PRO A 60 -2.96 15.60 -1.96
CA PRO A 60 -2.09 15.05 -3.00
C PRO A 60 -0.66 14.85 -2.51
N VAL A 61 -0.28 13.59 -2.36
CA VAL A 61 1.07 13.25 -1.90
C VAL A 61 1.88 12.57 -3.01
N LYS A 62 3.05 12.07 -2.66
CA LYS A 62 3.92 11.39 -3.61
C LYS A 62 4.24 9.98 -3.15
N LEU A 63 3.89 8.99 -3.98
CA LEU A 63 4.14 7.60 -3.67
C LEU A 63 5.54 7.19 -4.08
N TYR A 64 6.50 7.31 -3.17
CA TYR A 64 7.88 6.96 -3.44
C TYR A 64 8.11 5.46 -3.26
N SER A 65 7.28 4.84 -2.42
CA SER A 65 7.39 3.41 -2.16
C SER A 65 6.11 2.88 -1.54
N MET A 66 6.01 1.55 -1.43
CA MET A 66 4.84 0.90 -0.86
C MET A 66 5.23 -0.32 -0.04
N LYS A 67 4.63 -0.44 1.15
CA LYS A 67 4.92 -1.56 2.02
C LYS A 67 3.78 -2.58 2.00
N PHE A 68 3.91 -3.60 1.15
CA PHE A 68 2.90 -4.64 1.03
C PHE A 68 3.44 -5.98 1.50
N GLN A 69 2.78 -6.57 2.49
CA GLN A 69 3.20 -7.86 3.02
C GLN A 69 2.00 -8.63 3.59
N GLY A 70 2.27 -9.74 4.25
CA GLY A 70 1.21 -10.55 4.82
C GLY A 70 1.57 -11.11 6.18
N PRO A 71 0.83 -12.14 6.62
CA PRO A 71 1.06 -12.78 7.92
C PRO A 71 2.36 -13.58 7.95
N ASP A 72 2.55 -14.35 9.01
CA ASP A 72 3.76 -15.16 9.17
C ASP A 72 3.48 -16.61 8.79
N ASN A 73 2.36 -16.84 8.13
CA ASN A 73 1.97 -18.19 7.72
C ASN A 73 2.66 -18.57 6.41
N GLY A 74 2.84 -17.59 5.53
CA GLY A 74 3.49 -17.85 4.26
C GLY A 74 2.62 -17.49 3.07
N GLN A 75 1.68 -16.58 3.29
CA GLN A 75 0.77 -16.15 2.23
C GLN A 75 0.85 -14.65 2.03
N GLY A 76 1.60 -14.23 1.01
CA GLY A 76 1.74 -12.81 0.72
C GLY A 76 1.55 -12.50 -0.75
N PRO A 77 1.10 -11.27 -1.05
CA PRO A 77 0.87 -10.83 -2.42
C PRO A 77 2.17 -10.65 -3.20
N LYS A 78 2.14 -10.98 -4.48
CA LYS A 78 3.32 -10.86 -5.33
C LYS A 78 3.06 -9.86 -6.46
N TYR A 79 2.31 -10.31 -7.48
CA TYR A 79 2.00 -9.45 -8.61
C TYR A 79 0.76 -8.60 -8.34
N VAL A 80 0.99 -7.34 -7.96
CA VAL A 80 -0.10 -6.42 -7.67
C VAL A 80 -0.09 -5.24 -8.64
N LYS A 81 -1.29 -4.90 -9.15
CA LYS A 81 -1.42 -3.79 -10.08
C LYS A 81 -1.80 -2.51 -9.35
N ILE A 82 -0.96 -1.49 -9.49
CA ILE A 82 -1.21 -0.20 -8.85
C ILE A 82 -1.89 0.77 -9.81
N PHE A 83 -2.89 1.49 -9.30
CA PHE A 83 -3.62 2.46 -10.11
C PHE A 83 -3.74 3.79 -9.38
N ILE A 84 -3.70 4.88 -10.14
CA ILE A 84 -3.80 6.22 -9.56
C ILE A 84 -4.64 7.13 -10.46
N ASN A 85 -5.09 8.24 -9.89
CA ASN A 85 -5.90 9.20 -10.64
C ASN A 85 -7.12 8.53 -11.25
N LEU A 86 -7.70 7.58 -10.52
CA LEU A 86 -8.87 6.86 -10.98
C LEU A 86 -10.10 7.78 -11.02
N PRO A 87 -11.08 7.42 -11.86
CA PRO A 87 -12.31 8.19 -12.02
C PRO A 87 -13.20 8.12 -10.78
N ARG A 88 -13.00 7.09 -9.97
CA ARG A 88 -13.78 6.90 -8.76
C ARG A 88 -13.34 5.65 -8.01
N SER A 89 -13.01 4.60 -8.76
CA SER A 89 -12.58 3.34 -8.18
C SER A 89 -12.18 2.34 -9.26
N MET A 90 -11.65 1.21 -8.84
CA MET A 90 -11.22 0.17 -9.77
C MET A 90 -11.98 -1.13 -9.53
N ASP A 91 -12.53 -1.70 -10.60
CA ASP A 91 -13.29 -2.94 -10.51
C ASP A 91 -12.45 -4.12 -10.99
N PHE A 92 -13.10 -5.27 -11.15
CA PHE A 92 -12.41 -6.48 -11.60
C PHE A 92 -12.16 -6.44 -13.10
N GLU A 93 -13.12 -5.90 -13.84
CA GLU A 93 -13.01 -5.79 -15.29
C GLU A 93 -12.16 -4.59 -15.69
N GLU A 94 -12.30 -3.50 -14.93
CA GLU A 94 -11.55 -2.28 -15.20
C GLU A 94 -10.08 -2.44 -14.83
N ALA A 95 -9.81 -3.38 -13.93
CA ALA A 95 -8.44 -3.63 -13.50
C ALA A 95 -7.73 -4.57 -14.46
N GLU A 96 -8.49 -5.16 -15.39
CA GLU A 96 -7.93 -6.07 -16.37
C GLU A 96 -7.75 -5.38 -17.72
N ARG A 97 -8.80 -4.70 -18.17
CA ARG A 97 -8.77 -4.00 -19.44
C ARG A 97 -7.75 -2.86 -19.41
N SER A 98 -7.76 -2.09 -18.33
CA SER A 98 -6.85 -0.96 -18.17
C SER A 98 -5.58 -1.40 -17.44
N GLU A 99 -4.44 -0.91 -17.92
CA GLU A 99 -3.16 -1.24 -17.32
C GLU A 99 -2.85 -0.30 -16.16
N PRO A 100 -2.12 -0.83 -15.15
CA PRO A 100 -1.74 -0.06 -13.97
C PRO A 100 -0.72 1.01 -14.28
N THR A 101 -0.43 1.86 -13.29
CA THR A 101 0.53 2.94 -13.46
C THR A 101 1.97 2.44 -13.24
N GLN A 102 2.09 1.34 -12.50
CA GLN A 102 3.40 0.77 -12.21
C GLN A 102 3.35 -0.76 -12.28
N ALA A 103 2.77 -1.37 -11.26
CA ALA A 103 2.66 -2.83 -11.20
C ALA A 103 4.03 -3.48 -11.12
N LEU A 104 4.29 -4.16 -10.01
CA LEU A 104 5.57 -4.84 -9.80
C LEU A 104 5.37 -6.21 -9.18
N GLU A 105 6.37 -7.07 -9.33
CA GLU A 105 6.29 -8.42 -8.79
C GLU A 105 6.99 -8.51 -7.44
N LEU A 106 6.23 -8.24 -6.38
CA LEU A 106 6.78 -8.28 -5.03
C LEU A 106 7.43 -9.64 -4.74
N THR A 107 8.60 -9.60 -4.10
CA THR A 107 9.33 -10.82 -3.77
C THR A 107 9.30 -11.08 -2.26
N GLU A 108 9.87 -12.22 -1.86
CA GLU A 108 9.91 -12.59 -0.45
C GLU A 108 10.61 -11.51 0.38
N ASP A 109 11.51 -10.77 -0.27
CA ASP A 109 12.25 -9.72 0.41
C ASP A 109 11.44 -8.43 0.45
N ASP A 110 10.39 -8.37 -0.36
CA ASP A 110 9.52 -7.19 -0.40
C ASP A 110 8.31 -7.37 0.52
N ILE A 111 8.01 -8.63 0.85
CA ILE A 111 6.88 -8.93 1.71
C ILE A 111 7.34 -9.52 3.04
N LYS A 112 8.59 -9.22 3.41
CA LYS A 112 9.15 -9.72 4.65
C LYS A 112 8.78 -8.81 5.82
N GLU A 113 9.41 -9.04 6.98
CA GLU A 113 9.14 -8.24 8.16
C GLU A 113 9.26 -6.75 7.85
N ASP A 114 10.31 -6.37 7.13
CA ASP A 114 10.53 -4.98 6.77
C ASP A 114 10.59 -4.82 5.25
N GLY A 115 9.80 -5.60 4.55
CA GLY A 115 9.78 -5.54 3.09
C GLY A 115 9.39 -4.16 2.58
N ILE A 116 9.99 -3.76 1.47
CA ILE A 116 9.70 -2.47 0.88
C ILE A 116 9.59 -2.56 -0.64
N VAL A 117 8.62 -1.85 -1.21
CA VAL A 117 8.41 -1.86 -2.65
C VAL A 117 8.66 -0.48 -3.25
N PRO A 118 9.86 -0.29 -3.83
CA PRO A 118 10.25 0.98 -4.44
C PRO A 118 9.47 1.26 -5.73
N LEU A 119 8.57 2.24 -5.67
CA LEU A 119 7.77 2.61 -6.83
C LEU A 119 8.43 3.72 -7.63
N ARG A 120 7.70 4.28 -8.58
CA ARG A 120 8.22 5.36 -9.41
C ARG A 120 7.48 6.66 -9.14
N TYR A 121 8.03 7.48 -8.25
CA TYR A 121 7.42 8.75 -7.90
C TYR A 121 7.22 9.62 -9.14
N VAL A 122 8.00 9.35 -10.18
CA VAL A 122 7.90 10.11 -11.42
C VAL A 122 6.49 10.05 -11.99
N LYS A 123 5.75 9.02 -11.60
CA LYS A 123 4.38 8.85 -12.07
C LYS A 123 3.38 9.30 -11.01
N PHE A 124 3.78 9.18 -9.75
CA PHE A 124 2.92 9.57 -8.64
C PHE A 124 3.35 10.92 -8.06
N GLN A 125 3.78 11.82 -8.94
CA GLN A 125 4.24 13.14 -8.51
C GLN A 125 3.14 13.86 -7.73
N ASN A 126 1.89 13.48 -7.97
CA ASN A 126 0.76 14.08 -7.29
C ASN A 126 -0.51 13.27 -7.51
N VAL A 127 -0.77 12.33 -6.62
CA VAL A 127 -1.95 11.48 -6.72
C VAL A 127 -2.94 11.78 -5.59
N ASN A 128 -4.22 11.68 -5.89
CA ASN A 128 -5.27 11.94 -4.91
C ASN A 128 -5.93 10.63 -4.46
N SER A 129 -5.92 9.63 -5.34
CA SER A 129 -6.52 8.35 -5.03
C SER A 129 -5.74 7.21 -5.68
N VAL A 130 -5.36 6.23 -4.88
CA VAL A 130 -4.60 5.08 -5.37
C VAL A 130 -5.32 3.77 -5.06
N THR A 131 -5.23 2.83 -5.99
CA THR A 131 -5.87 1.53 -5.83
C THR A 131 -4.91 0.39 -6.15
N ILE A 132 -5.03 -0.71 -5.42
CA ILE A 132 -4.17 -1.87 -5.64
C ILE A 132 -4.99 -3.14 -5.82
N PHE A 133 -4.81 -3.79 -6.96
CA PHE A 133 -5.54 -5.02 -7.26
C PHE A 133 -4.62 -6.24 -7.12
N VAL A 134 -5.03 -7.19 -6.28
CA VAL A 134 -4.25 -8.40 -6.06
C VAL A 134 -4.49 -9.41 -7.17
N GLN A 135 -3.40 -9.84 -7.82
CA GLN A 135 -3.49 -10.81 -8.90
C GLN A 135 -2.95 -12.17 -8.47
N SER A 136 -1.66 -12.22 -8.19
CA SER A 136 -1.01 -13.45 -7.77
C SER A 136 -0.25 -13.26 -6.46
N ASN A 137 0.18 -14.36 -5.86
CA ASN A 137 0.92 -14.30 -4.60
C ASN A 137 2.37 -14.74 -4.80
N GLN A 138 3.10 -14.87 -3.69
CA GLN A 138 4.50 -15.29 -3.75
C GLN A 138 4.62 -16.70 -4.30
N GLY A 139 4.04 -17.67 -3.59
CA GLY A 139 4.11 -19.05 -4.03
C GLY A 139 2.85 -19.49 -4.74
N GLU A 140 2.12 -18.53 -5.30
CA GLU A 140 0.88 -18.83 -6.01
C GLU A 140 -0.16 -19.42 -5.07
N GLU A 141 -0.12 -18.98 -3.82
CA GLU A 141 -1.06 -19.47 -2.80
C GLU A 141 -2.50 -19.35 -3.31
N GLU A 142 -3.39 -20.15 -2.72
CA GLU A 142 -4.80 -20.13 -3.12
C GLU A 142 -5.45 -18.81 -2.73
N THR A 143 -4.89 -18.15 -1.72
CA THR A 143 -5.43 -16.87 -1.27
C THR A 143 -4.33 -16.01 -0.64
N THR A 144 -4.47 -14.70 -0.78
CA THR A 144 -3.49 -13.76 -0.23
C THR A 144 -4.01 -13.11 1.05
N ARG A 145 -3.22 -13.20 2.12
CA ARG A 145 -3.59 -12.61 3.40
C ARG A 145 -2.81 -11.33 3.66
N ILE A 146 -3.54 -10.23 3.81
CA ILE A 146 -2.91 -8.93 4.07
C ILE A 146 -2.75 -8.69 5.57
N SER A 147 -1.61 -8.15 5.96
CA SER A 147 -1.33 -7.87 7.36
C SER A 147 -0.91 -6.41 7.55
N TYR A 148 -0.05 -5.93 6.65
CA TYR A 148 0.44 -4.55 6.72
C TYR A 148 0.41 -3.90 5.35
N PHE A 149 -0.36 -2.83 5.23
CA PHE A 149 -0.48 -2.10 3.97
C PHE A 149 -0.41 -0.59 4.19
N THR A 150 0.44 0.07 3.41
CA THR A 150 0.61 1.52 3.53
C THR A 150 1.30 2.09 2.30
N PHE A 151 1.66 3.37 2.36
CA PHE A 151 2.33 4.03 1.25
C PHE A 151 3.47 4.92 1.76
N ILE A 152 4.69 4.56 1.38
CA ILE A 152 5.86 5.33 1.79
C ILE A 152 6.12 6.50 0.84
N GLY A 153 6.33 7.68 1.41
CA GLY A 153 6.59 8.86 0.60
C GLY A 153 6.48 10.15 1.39
N THR A 154 5.94 11.19 0.77
CA THR A 154 5.77 12.48 1.43
C THR A 154 4.80 13.36 0.66
N PRO A 155 4.21 14.34 1.36
CA PRO A 155 3.26 15.27 0.77
C PRO A 155 3.92 16.25 -0.21
N VAL A 156 3.27 16.49 -1.34
CA VAL A 156 3.80 17.40 -2.35
C VAL A 156 4.18 18.73 -1.73
N GLN A 157 3.44 19.15 -0.71
CA GLN A 157 3.70 20.41 -0.03
C GLN A 157 3.01 20.46 1.32
N ALA A 158 3.80 20.49 2.39
CA ALA A 158 3.25 20.54 3.75
C ALA A 158 3.99 21.56 4.59
N THR A 159 3.72 21.55 5.89
CA THR A 159 4.36 22.48 6.82
C THR A 159 5.64 21.89 7.40
N ASN A 160 6.23 22.59 8.36
CA ASN A 160 7.46 22.13 9.00
C ASN A 160 7.16 21.08 10.05
N MET A 161 6.58 19.96 9.63
CA MET A 161 6.25 18.87 10.54
C MET A 161 7.44 17.94 10.74
N ASN A 162 7.22 16.85 11.47
CA ASN A 162 8.27 15.88 11.73
C ASN A 162 7.96 14.55 11.03
N ASP A 163 8.86 13.59 11.20
CA ASP A 163 8.68 12.27 10.59
C ASP A 163 9.53 11.22 11.32
N PHE A 164 9.47 9.99 10.83
CA PHE A 164 10.21 8.90 11.44
C PHE A 164 11.39 8.48 10.56
N LYS A 165 12.03 7.37 10.91
CA LYS A 165 13.18 6.87 10.14
C LYS A 165 14.33 7.86 10.19
N SER A 166 15.34 7.53 10.98
CA SER A 166 16.52 8.39 11.12
C SER A 166 17.75 7.74 10.50
N GLY A 167 18.11 6.57 11.00
CA GLY A 167 19.27 5.86 10.47
C GLY A 167 18.91 4.89 9.36
N PRO A 168 19.92 4.43 8.63
CA PRO A 168 19.73 3.49 7.52
C PRO A 168 19.31 2.10 8.01
N SER A 169 19.29 1.14 7.08
CA SER A 169 18.91 -0.22 7.41
C SER A 169 20.14 -1.10 7.64
N SER A 170 21.12 -0.98 6.75
CA SER A 170 22.34 -1.76 6.86
C SER A 170 23.05 -1.48 8.18
N GLY A 171 23.61 -2.53 8.77
CA GLY A 171 24.32 -2.38 10.03
C GLY A 171 25.71 -1.80 9.86
N GLY A 1 4.01 -0.78 19.64
CA GLY A 1 3.58 0.27 18.74
C GLY A 1 4.72 1.12 18.26
N SER A 2 5.56 1.57 19.18
CA SER A 2 6.71 2.40 18.84
C SER A 2 7.92 1.55 18.47
N SER A 3 8.61 1.95 17.40
CA SER A 3 9.78 1.21 16.94
C SER A 3 10.89 2.18 16.53
N GLY A 4 12.11 1.65 16.39
CA GLY A 4 13.24 2.47 16.02
C GLY A 4 13.26 2.79 14.53
N SER A 5 14.44 3.01 13.98
CA SER A 5 14.58 3.32 12.57
C SER A 5 13.85 4.62 12.23
N SER A 6 13.84 4.97 10.95
CA SER A 6 13.18 6.18 10.48
C SER A 6 12.85 6.10 9.01
N GLY A 7 13.88 6.20 8.17
CA GLY A 7 13.68 6.13 6.73
C GLY A 7 13.48 7.50 6.10
N GLY A 8 13.13 8.48 6.93
CA GLY A 8 12.91 9.82 6.43
C GLY A 8 11.49 10.04 5.95
N TYR A 9 11.09 9.27 4.95
CA TYR A 9 9.75 9.39 4.39
C TYR A 9 8.68 9.11 5.45
N MET A 10 7.44 9.04 5.02
CA MET A 10 6.32 8.77 5.94
C MET A 10 5.40 7.70 5.37
N ASP A 11 4.79 6.93 6.27
CA ASP A 11 3.87 5.87 5.86
C ASP A 11 2.57 6.45 5.31
N LEU A 12 2.39 7.76 5.49
CA LEU A 12 1.18 8.44 5.02
C LEU A 12 -0.07 7.79 5.60
N MET A 13 0.09 7.10 6.73
CA MET A 13 -1.03 6.45 7.39
C MET A 13 -2.09 7.46 7.79
N PRO A 14 -1.67 8.50 8.55
CA PRO A 14 -2.57 9.55 9.01
C PRO A 14 -3.06 10.44 7.87
N PHE A 15 -2.55 10.20 6.67
CA PHE A 15 -2.93 10.99 5.51
C PHE A 15 -3.95 10.24 4.66
N ILE A 16 -4.25 9.00 5.06
CA ILE A 16 -5.21 8.17 4.34
C ILE A 16 -6.62 8.35 4.90
N ASN A 17 -7.60 8.39 4.01
CA ASN A 17 -8.99 8.55 4.41
C ASN A 17 -9.72 7.21 4.43
N LYS A 18 -9.78 6.60 5.62
CA LYS A 18 -10.44 5.31 5.78
C LYS A 18 -11.94 5.43 5.47
N ALA A 19 -12.49 6.60 5.70
CA ALA A 19 -13.91 6.85 5.45
C ALA A 19 -14.20 6.86 3.96
N GLY A 20 -13.18 7.13 3.15
CA GLY A 20 -13.34 7.18 1.71
C GLY A 20 -12.73 5.98 1.02
N CYS A 21 -12.13 5.08 1.81
CA CYS A 21 -11.50 3.89 1.26
C CYS A 21 -12.55 2.89 0.77
N GLU A 22 -12.16 2.04 -0.17
CA GLU A 22 -13.06 1.04 -0.72
C GLU A 22 -12.36 -0.30 -0.92
N CYS A 23 -13.01 -1.37 -0.52
CA CYS A 23 -12.44 -2.71 -0.66
C CYS A 23 -13.35 -3.60 -1.49
N LEU A 24 -12.74 -4.49 -2.28
CA LEU A 24 -13.50 -5.40 -3.13
C LEU A 24 -13.29 -6.85 -2.68
N ASN A 25 -14.39 -7.59 -2.56
CA ASN A 25 -14.33 -8.99 -2.15
C ASN A 25 -13.78 -9.11 -0.74
N GLU A 26 -14.06 -8.12 0.09
CA GLU A 26 -13.59 -8.12 1.47
C GLU A 26 -14.29 -9.19 2.28
N SER A 27 -13.50 -10.00 3.00
CA SER A 27 -14.04 -11.08 3.81
C SER A 27 -15.04 -10.54 4.83
N ASP A 28 -16.22 -11.15 4.87
CA ASP A 28 -17.26 -10.73 5.80
C ASP A 28 -16.80 -10.87 7.24
N GLU A 29 -15.84 -11.77 7.47
CA GLU A 29 -15.32 -12.00 8.81
C GLU A 29 -14.05 -11.18 9.03
N HIS A 30 -13.27 -10.99 7.98
CA HIS A 30 -12.04 -10.23 8.05
C HIS A 30 -12.11 -8.98 7.18
N GLY A 31 -12.03 -7.81 7.80
CA GLY A 31 -12.08 -6.57 7.05
C GLY A 31 -10.77 -6.25 6.36
N PHE A 32 -10.80 -5.31 5.42
CA PHE A 32 -9.62 -4.91 4.68
C PHE A 32 -8.89 -3.78 5.40
N ASP A 33 -9.39 -3.41 6.56
CA ASP A 33 -8.79 -2.34 7.35
C ASP A 33 -7.84 -2.91 8.40
N ASN A 34 -8.04 -4.17 8.76
CA ASN A 34 -7.20 -4.83 9.74
C ASN A 34 -5.80 -5.08 9.20
N CYS A 35 -5.66 -4.96 7.88
CA CYS A 35 -4.37 -5.18 7.23
C CYS A 35 -3.65 -3.86 6.99
N LEU A 36 -4.05 -2.82 7.73
CA LEU A 36 -3.45 -1.51 7.60
C LEU A 36 -2.43 -1.26 8.72
N ARG A 37 -2.72 -1.77 9.89
CA ARG A 37 -1.84 -1.60 11.05
C ARG A 37 -1.14 -2.91 11.39
N LYS A 38 -0.04 -2.81 12.13
CA LYS A 38 0.73 -3.98 12.53
C LYS A 38 0.02 -4.74 13.64
N ASP A 39 -0.54 -4.00 14.59
CA ASP A 39 -1.24 -4.60 15.72
C ASP A 39 -2.74 -4.71 15.43
N THR A 40 -3.12 -5.78 14.74
CA THR A 40 -4.52 -6.01 14.39
C THR A 40 -4.68 -7.27 13.55
N THR A 41 -5.91 -7.76 13.44
CA THR A 41 -6.20 -8.95 12.67
C THR A 41 -5.68 -8.81 11.24
N PHE A 42 -5.86 -9.87 10.45
CA PHE A 42 -5.41 -9.86 9.06
C PHE A 42 -6.60 -9.94 8.11
N LEU A 43 -6.33 -9.81 6.81
CA LEU A 43 -7.37 -9.87 5.79
C LEU A 43 -7.21 -11.10 4.91
N GLU A 44 -8.12 -12.05 5.08
CA GLU A 44 -8.08 -13.29 4.30
C GLU A 44 -9.09 -13.24 3.15
N SER A 45 -8.61 -13.54 1.94
CA SER A 45 -9.47 -13.52 0.77
C SER A 45 -10.65 -14.47 0.94
N ASP A 46 -11.83 -14.00 0.54
CA ASP A 46 -13.04 -14.81 0.65
C ASP A 46 -13.15 -15.80 -0.51
N CYS A 47 -12.22 -15.69 -1.45
CA CYS A 47 -12.22 -16.57 -2.62
C CYS A 47 -10.78 -16.90 -3.04
N ASP A 48 -10.09 -15.92 -3.60
CA ASP A 48 -8.72 -16.10 -4.05
C ASP A 48 -7.97 -14.77 -4.05
N GLU A 49 -6.79 -14.78 -4.66
CA GLU A 49 -5.96 -13.58 -4.74
C GLU A 49 -6.49 -12.62 -5.81
N GLN A 50 -7.75 -12.22 -5.65
CA GLN A 50 -8.37 -11.31 -6.61
C GLN A 50 -9.09 -10.17 -5.89
N LEU A 51 -8.51 -9.71 -4.80
CA LEU A 51 -9.10 -8.62 -4.02
C LEU A 51 -8.48 -7.28 -4.38
N LEU A 52 -9.27 -6.22 -4.27
CA LEU A 52 -8.79 -4.88 -4.59
C LEU A 52 -8.76 -4.00 -3.34
N ILE A 53 -7.88 -3.01 -3.34
CA ILE A 53 -7.75 -2.10 -2.21
C ILE A 53 -7.68 -0.65 -2.68
N THR A 54 -8.73 0.12 -2.38
CA THR A 54 -8.78 1.52 -2.76
C THR A 54 -8.37 2.43 -1.61
N VAL A 55 -7.72 3.53 -1.93
CA VAL A 55 -7.27 4.49 -0.92
C VAL A 55 -7.56 5.92 -1.36
N ALA A 56 -8.24 6.67 -0.49
CA ALA A 56 -8.57 8.05 -0.77
C ALA A 56 -7.73 9.01 0.06
N PHE A 57 -6.86 9.76 -0.61
CA PHE A 57 -5.98 10.71 0.06
C PHE A 57 -6.59 12.12 0.04
N ASN A 58 -6.85 12.66 1.22
CA ASN A 58 -7.42 13.99 1.33
C ASN A 58 -6.50 15.04 0.71
N GLN A 59 -5.22 14.70 0.61
CA GLN A 59 -4.23 15.62 0.04
C GLN A 59 -3.32 14.89 -0.95
N PRO A 60 -2.95 15.58 -2.03
CA PRO A 60 -2.07 15.02 -3.06
C PRO A 60 -0.64 14.82 -2.56
N VAL A 61 -0.26 13.55 -2.40
CA VAL A 61 1.09 13.22 -1.93
C VAL A 61 1.89 12.52 -3.03
N LYS A 62 3.06 12.02 -2.66
CA LYS A 62 3.94 11.33 -3.61
C LYS A 62 4.25 9.92 -3.13
N LEU A 63 3.89 8.93 -3.94
CA LEU A 63 4.14 7.53 -3.60
C LEU A 63 5.54 7.11 -4.03
N TYR A 64 6.51 7.28 -3.13
CA TYR A 64 7.88 6.91 -3.41
C TYR A 64 8.09 5.40 -3.24
N SER A 65 7.28 4.79 -2.40
CA SER A 65 7.38 3.36 -2.15
C SER A 65 6.09 2.82 -1.53
N MET A 66 5.98 1.50 -1.46
CA MET A 66 4.79 0.86 -0.89
C MET A 66 5.19 -0.34 -0.04
N LYS A 67 4.55 -0.46 1.12
CA LYS A 67 4.83 -1.57 2.04
C LYS A 67 3.71 -2.62 1.98
N PHE A 68 3.90 -3.63 1.15
CA PHE A 68 2.91 -4.69 1.01
C PHE A 68 3.47 -6.03 1.50
N GLN A 69 2.78 -6.62 2.48
CA GLN A 69 3.21 -7.90 3.03
C GLN A 69 2.02 -8.69 3.57
N GLY A 70 2.30 -9.80 4.25
CA GLY A 70 1.24 -10.62 4.80
C GLY A 70 1.60 -11.19 6.16
N PRO A 71 0.86 -12.22 6.58
CA PRO A 71 1.07 -12.87 7.87
C PRO A 71 2.37 -13.67 7.91
N ASP A 72 2.56 -14.44 8.97
CA ASP A 72 3.76 -15.26 9.12
C ASP A 72 3.45 -16.73 8.84
N ASN A 73 2.55 -16.98 7.90
CA ASN A 73 2.16 -18.34 7.54
C ASN A 73 2.80 -18.75 6.21
N GLY A 74 2.99 -17.77 5.33
CA GLY A 74 3.58 -18.04 4.04
C GLY A 74 2.66 -17.65 2.89
N GLN A 75 1.73 -16.75 3.16
CA GLN A 75 0.78 -16.30 2.14
C GLN A 75 0.84 -14.79 1.98
N GLY A 76 1.57 -14.34 0.95
CA GLY A 76 1.70 -12.92 0.70
C GLY A 76 1.51 -12.57 -0.76
N PRO A 77 1.09 -11.32 -1.03
CA PRO A 77 0.86 -10.84 -2.40
C PRO A 77 2.16 -10.66 -3.17
N LYS A 78 2.13 -11.00 -4.45
CA LYS A 78 3.30 -10.88 -5.31
C LYS A 78 3.05 -9.89 -6.44
N TYR A 79 2.30 -10.32 -7.45
CA TYR A 79 1.99 -9.48 -8.59
C TYR A 79 0.74 -8.63 -8.32
N VAL A 80 0.96 -7.36 -8.00
CA VAL A 80 -0.14 -6.46 -7.72
C VAL A 80 -0.14 -5.27 -8.68
N LYS A 81 -1.31 -4.91 -9.18
CA LYS A 81 -1.44 -3.80 -10.11
C LYS A 81 -1.80 -2.52 -9.38
N ILE A 82 -0.96 -1.50 -9.53
CA ILE A 82 -1.20 -0.21 -8.87
C ILE A 82 -1.90 0.76 -9.82
N PHE A 83 -2.88 1.50 -9.30
CA PHE A 83 -3.61 2.47 -10.10
C PHE A 83 -3.74 3.79 -9.35
N ILE A 84 -3.74 4.88 -10.10
CA ILE A 84 -3.86 6.22 -9.53
C ILE A 84 -4.66 7.15 -10.43
N ASN A 85 -5.04 8.30 -9.89
CA ASN A 85 -5.82 9.27 -10.65
C ASN A 85 -7.05 8.63 -11.28
N LEU A 86 -7.60 7.64 -10.59
CA LEU A 86 -8.78 6.93 -11.09
C LEU A 86 -9.98 7.87 -11.16
N PRO A 87 -10.96 7.52 -12.01
CA PRO A 87 -12.18 8.31 -12.20
C PRO A 87 -13.09 8.26 -10.97
N ARG A 88 -12.90 7.23 -10.14
CA ARG A 88 -13.71 7.05 -8.94
C ARG A 88 -13.28 5.81 -8.17
N SER A 89 -12.93 4.76 -8.90
CA SER A 89 -12.51 3.51 -8.28
C SER A 89 -12.12 2.48 -9.35
N MET A 90 -11.65 1.32 -8.90
CA MET A 90 -11.25 0.27 -9.81
C MET A 90 -12.04 -1.02 -9.54
N ASP A 91 -12.43 -1.71 -10.61
CA ASP A 91 -13.19 -2.95 -10.49
C ASP A 91 -12.38 -4.14 -10.98
N PHE A 92 -13.03 -5.28 -11.12
CA PHE A 92 -12.37 -6.49 -11.57
C PHE A 92 -12.11 -6.44 -13.08
N GLU A 93 -13.10 -5.92 -13.82
CA GLU A 93 -12.98 -5.82 -15.27
C GLU A 93 -12.17 -4.60 -15.66
N GLU A 94 -12.31 -3.53 -14.89
CA GLU A 94 -11.58 -2.29 -15.16
C GLU A 94 -10.11 -2.44 -14.81
N ALA A 95 -9.81 -3.36 -13.90
CA ALA A 95 -8.43 -3.61 -13.49
C ALA A 95 -7.72 -4.53 -14.46
N GLU A 96 -8.48 -5.14 -15.36
CA GLU A 96 -7.92 -6.05 -16.35
C GLU A 96 -7.75 -5.36 -17.70
N ARG A 97 -8.80 -4.67 -18.14
CA ARG A 97 -8.77 -3.96 -19.42
C ARG A 97 -7.76 -2.81 -19.37
N SER A 98 -7.79 -2.05 -18.28
CA SER A 98 -6.88 -0.92 -18.11
C SER A 98 -5.59 -1.35 -17.43
N GLU A 99 -4.47 -0.82 -17.90
CA GLU A 99 -3.17 -1.16 -17.33
C GLU A 99 -2.85 -0.24 -16.14
N PRO A 100 -2.11 -0.79 -15.17
CA PRO A 100 -1.72 -0.05 -13.96
C PRO A 100 -0.70 1.04 -14.26
N THR A 101 -0.45 1.90 -13.28
CA THR A 101 0.51 2.98 -13.43
C THR A 101 1.93 2.49 -13.21
N GLN A 102 2.07 1.40 -12.47
CA GLN A 102 3.39 0.83 -12.19
C GLN A 102 3.34 -0.69 -12.28
N ALA A 103 2.77 -1.33 -11.27
CA ALA A 103 2.67 -2.78 -11.23
C ALA A 103 4.05 -3.42 -11.14
N LEU A 104 4.29 -4.15 -10.06
CA LEU A 104 5.57 -4.82 -9.85
C LEU A 104 5.37 -6.19 -9.22
N GLU A 105 6.33 -7.08 -9.42
CA GLU A 105 6.27 -8.43 -8.87
C GLU A 105 6.99 -8.50 -7.52
N LEU A 106 6.25 -8.25 -6.46
CA LEU A 106 6.80 -8.28 -5.11
C LEU A 106 7.48 -9.63 -4.84
N THR A 107 8.60 -9.58 -4.13
CA THR A 107 9.34 -10.80 -3.81
C THR A 107 9.28 -11.09 -2.30
N GLU A 108 9.84 -12.23 -1.90
CA GLU A 108 9.86 -12.61 -0.50
C GLU A 108 10.55 -11.56 0.35
N ASP A 109 11.45 -10.80 -0.27
CA ASP A 109 12.19 -9.76 0.43
C ASP A 109 11.38 -8.46 0.49
N ASP A 110 10.33 -8.40 -0.33
CA ASP A 110 9.47 -7.22 -0.36
C ASP A 110 8.25 -7.41 0.53
N ILE A 111 7.97 -8.66 0.89
CA ILE A 111 6.83 -8.98 1.74
C ILE A 111 7.30 -9.55 3.08
N LYS A 112 8.53 -9.23 3.46
CA LYS A 112 9.08 -9.72 4.72
C LYS A 112 8.74 -8.78 5.87
N GLU A 113 9.38 -8.99 7.02
CA GLU A 113 9.14 -8.16 8.19
C GLU A 113 9.26 -6.68 7.84
N ASP A 114 10.32 -6.33 7.14
CA ASP A 114 10.56 -4.95 6.73
C ASP A 114 10.56 -4.81 5.22
N GLY A 115 9.70 -5.59 4.56
CA GLY A 115 9.63 -5.55 3.11
C GLY A 115 9.29 -4.16 2.59
N ILE A 116 9.91 -3.79 1.47
CA ILE A 116 9.67 -2.48 0.88
C ILE A 116 9.57 -2.57 -0.64
N VAL A 117 8.63 -1.84 -1.21
CA VAL A 117 8.42 -1.84 -2.66
C VAL A 117 8.68 -0.46 -3.26
N PRO A 118 9.87 -0.26 -3.83
CA PRO A 118 10.26 1.01 -4.44
C PRO A 118 9.49 1.29 -5.72
N LEU A 119 8.57 2.25 -5.66
CA LEU A 119 7.77 2.62 -6.82
C LEU A 119 8.43 3.74 -7.61
N ARG A 120 7.70 4.31 -8.57
CA ARG A 120 8.21 5.39 -9.39
C ARG A 120 7.47 6.69 -9.10
N TYR A 121 8.02 7.50 -8.21
CA TYR A 121 7.41 8.78 -7.85
C TYR A 121 7.21 9.65 -9.08
N VAL A 122 7.98 9.38 -10.12
CA VAL A 122 7.89 10.14 -11.36
C VAL A 122 6.48 10.08 -11.94
N LYS A 123 5.73 9.06 -11.54
CA LYS A 123 4.37 8.87 -12.02
C LYS A 123 3.36 9.31 -10.95
N PHE A 124 3.73 9.14 -9.69
CA PHE A 124 2.86 9.50 -8.58
C PHE A 124 3.25 10.87 -8.01
N GLN A 125 3.77 11.74 -8.88
CA GLN A 125 4.17 13.07 -8.47
C GLN A 125 3.06 13.78 -7.69
N ASN A 126 1.82 13.44 -8.02
CA ASN A 126 0.67 14.04 -7.35
C ASN A 126 -0.58 13.18 -7.54
N VAL A 127 -0.86 12.33 -6.55
CA VAL A 127 -2.02 11.45 -6.61
C VAL A 127 -2.96 11.71 -5.44
N ASN A 128 -4.26 11.64 -5.70
CA ASN A 128 -5.26 11.87 -4.67
C ASN A 128 -6.02 10.58 -4.36
N SER A 129 -5.90 9.60 -5.24
CA SER A 129 -6.57 8.32 -5.06
C SER A 129 -5.76 7.19 -5.68
N VAL A 130 -5.37 6.22 -4.86
CA VAL A 130 -4.59 5.08 -5.33
C VAL A 130 -5.29 3.77 -5.03
N THR A 131 -5.23 2.83 -5.97
CA THR A 131 -5.87 1.52 -5.80
C THR A 131 -4.90 0.40 -6.14
N ILE A 132 -5.01 -0.71 -5.42
CA ILE A 132 -4.16 -1.86 -5.65
C ILE A 132 -4.97 -3.14 -5.82
N PHE A 133 -4.81 -3.79 -6.96
CA PHE A 133 -5.53 -5.02 -7.25
C PHE A 133 -4.62 -6.23 -7.13
N VAL A 134 -5.01 -7.18 -6.28
CA VAL A 134 -4.23 -8.40 -6.07
C VAL A 134 -4.47 -9.40 -7.19
N GLN A 135 -3.39 -9.85 -7.83
CA GLN A 135 -3.48 -10.81 -8.91
C GLN A 135 -2.91 -12.16 -8.49
N SER A 136 -1.63 -12.18 -8.16
CA SER A 136 -0.96 -13.40 -7.74
C SER A 136 -0.21 -13.20 -6.43
N ASN A 137 0.18 -14.29 -5.80
CA ASN A 137 0.90 -14.23 -4.54
C ASN A 137 2.34 -14.72 -4.71
N GLN A 138 3.08 -14.79 -3.60
CA GLN A 138 4.47 -15.24 -3.64
C GLN A 138 4.55 -16.70 -4.09
N GLY A 139 3.92 -17.58 -3.33
CA GLY A 139 3.94 -18.99 -3.67
C GLY A 139 2.74 -19.41 -4.52
N GLU A 140 2.16 -18.46 -5.24
CA GLU A 140 1.01 -18.72 -6.09
C GLU A 140 -0.08 -19.44 -5.30
N GLU A 141 -0.15 -19.15 -4.00
CA GLU A 141 -1.15 -19.77 -3.14
C GLU A 141 -2.56 -19.56 -3.69
N GLU A 142 -3.54 -20.16 -3.03
CA GLU A 142 -4.94 -20.04 -3.46
C GLU A 142 -5.52 -18.70 -3.03
N THR A 143 -5.01 -18.16 -1.92
CA THR A 143 -5.49 -16.89 -1.41
C THR A 143 -4.35 -16.09 -0.80
N THR A 144 -4.51 -14.77 -0.76
CA THR A 144 -3.50 -13.88 -0.20
C THR A 144 -3.96 -13.25 1.09
N ARG A 145 -3.13 -13.32 2.13
CA ARG A 145 -3.45 -12.75 3.42
C ARG A 145 -2.72 -11.43 3.64
N ILE A 146 -3.48 -10.36 3.82
CA ILE A 146 -2.91 -9.04 4.04
C ILE A 146 -2.83 -8.71 5.52
N SER A 147 -1.63 -8.35 5.98
CA SER A 147 -1.43 -8.01 7.38
C SER A 147 -1.04 -6.54 7.54
N TYR A 148 -0.17 -6.07 6.67
CA TYR A 148 0.29 -4.68 6.70
C TYR A 148 0.23 -4.05 5.31
N PHE A 149 -0.31 -2.84 5.24
CA PHE A 149 -0.42 -2.13 3.98
C PHE A 149 -0.37 -0.62 4.20
N THR A 150 0.39 0.08 3.35
CA THR A 150 0.52 1.53 3.45
C THR A 150 1.27 2.09 2.25
N PHE A 151 1.60 3.38 2.32
CA PHE A 151 2.32 4.05 1.24
C PHE A 151 3.44 4.93 1.79
N ILE A 152 4.67 4.61 1.39
CA ILE A 152 5.83 5.37 1.84
C ILE A 152 6.13 6.54 0.90
N GLY A 153 6.29 7.73 1.47
CA GLY A 153 6.57 8.90 0.66
C GLY A 153 6.43 10.18 1.45
N THR A 154 5.92 11.23 0.78
CA THR A 154 5.75 12.52 1.43
C THR A 154 4.78 13.40 0.63
N PRO A 155 4.19 14.39 1.31
CA PRO A 155 3.25 15.32 0.68
C PRO A 155 3.93 16.27 -0.30
N VAL A 156 3.30 16.49 -1.44
CA VAL A 156 3.84 17.38 -2.47
C VAL A 156 4.21 18.73 -1.87
N GLN A 157 3.48 19.14 -0.83
CA GLN A 157 3.73 20.42 -0.17
C GLN A 157 3.55 20.29 1.34
N ALA A 158 4.32 21.07 2.08
CA ALA A 158 4.24 21.05 3.54
C ALA A 158 5.15 22.10 4.16
N THR A 159 5.32 22.04 5.48
CA THR A 159 6.17 22.98 6.19
C THR A 159 7.44 22.31 6.69
N ASN A 160 8.23 23.06 7.46
CA ASN A 160 9.47 22.53 8.02
C ASN A 160 9.20 21.40 9.00
N MET A 161 8.73 21.77 10.19
CA MET A 161 8.43 20.79 11.23
C MET A 161 9.67 19.98 11.60
N ASN A 162 10.33 20.38 12.68
CA ASN A 162 11.53 19.70 13.14
C ASN A 162 11.30 19.04 14.49
N ASP A 163 12.32 18.36 15.00
CA ASP A 163 12.23 17.67 16.28
C ASP A 163 13.49 17.89 17.11
N PHE A 164 13.55 17.24 18.26
CA PHE A 164 14.70 17.36 19.15
C PHE A 164 15.42 16.02 19.30
N LYS A 165 14.81 15.11 20.07
CA LYS A 165 15.38 13.79 20.30
C LYS A 165 14.33 12.71 20.10
N SER A 166 14.80 11.49 19.82
CA SER A 166 13.91 10.36 19.60
C SER A 166 13.69 9.57 20.90
N GLY A 167 14.73 8.84 21.31
CA GLY A 167 14.64 8.05 22.52
C GLY A 167 15.97 7.95 23.24
N PRO A 168 15.93 7.48 24.50
CA PRO A 168 17.13 7.33 25.32
C PRO A 168 18.04 6.21 24.82
N SER A 169 19.05 5.88 25.63
CA SER A 169 20.00 4.83 25.26
C SER A 169 20.42 4.03 26.50
N SER A 170 20.33 2.70 26.39
CA SER A 170 20.70 1.83 27.50
C SER A 170 20.87 0.40 27.01
N GLY A 171 22.04 0.10 26.45
CA GLY A 171 22.31 -1.23 25.96
C GLY A 171 23.80 -1.51 25.84
N GLY A 1 17.55 27.88 1.34
CA GLY A 1 17.61 26.53 0.82
C GLY A 1 16.46 26.22 -0.12
N SER A 2 16.56 25.11 -0.83
CA SER A 2 15.52 24.70 -1.77
C SER A 2 14.66 23.58 -1.20
N SER A 3 15.33 22.57 -0.62
CA SER A 3 14.64 21.44 -0.03
C SER A 3 15.31 21.00 1.26
N GLY A 4 14.74 20.01 1.92
CA GLY A 4 15.30 19.51 3.16
C GLY A 4 14.83 18.10 3.49
N SER A 5 15.76 17.15 3.44
CA SER A 5 15.44 15.76 3.72
C SER A 5 16.71 14.93 3.87
N SER A 6 16.56 13.72 4.41
CA SER A 6 17.70 12.84 4.62
C SER A 6 17.25 11.37 4.64
N GLY A 7 16.58 10.95 3.58
CA GLY A 7 16.10 9.58 3.50
C GLY A 7 15.09 9.26 4.56
N GLY A 8 14.11 10.14 4.75
CA GLY A 8 13.10 9.92 5.76
C GLY A 8 11.70 10.20 5.23
N TYR A 9 11.02 9.15 4.77
CA TYR A 9 9.68 9.28 4.23
C TYR A 9 8.63 8.98 5.30
N MET A 10 7.36 8.97 4.91
CA MET A 10 6.28 8.69 5.83
C MET A 10 5.31 7.66 5.24
N ASP A 11 4.71 6.85 6.11
CA ASP A 11 3.77 5.82 5.67
C ASP A 11 2.48 6.44 5.17
N LEU A 12 2.32 7.74 5.42
CA LEU A 12 1.11 8.46 5.00
C LEU A 12 -0.14 7.83 5.58
N MET A 13 0.04 7.07 6.67
CA MET A 13 -1.08 6.42 7.33
C MET A 13 -2.13 7.43 7.75
N PRO A 14 -1.70 8.47 8.50
CA PRO A 14 -2.59 9.52 8.98
C PRO A 14 -3.09 10.42 7.86
N PHE A 15 -2.58 10.18 6.65
CA PHE A 15 -2.97 10.98 5.48
C PHE A 15 -4.00 10.24 4.65
N ILE A 16 -4.28 8.99 5.03
CA ILE A 16 -5.26 8.18 4.32
C ILE A 16 -6.66 8.35 4.89
N ASN A 17 -7.63 8.58 4.01
CA ASN A 17 -9.01 8.76 4.43
C ASN A 17 -9.70 7.41 4.62
N LYS A 18 -9.77 6.97 5.88
CA LYS A 18 -10.41 5.70 6.20
C LYS A 18 -11.92 5.76 5.92
N ALA A 19 -12.46 6.97 5.91
CA ALA A 19 -13.89 7.16 5.65
C ALA A 19 -14.16 7.26 4.15
N GLY A 20 -13.13 7.03 3.35
CA GLY A 20 -13.28 7.09 1.91
C GLY A 20 -12.67 5.91 1.20
N CYS A 21 -12.14 4.97 1.98
CA CYS A 21 -11.51 3.78 1.42
C CYS A 21 -12.56 2.76 0.97
N GLU A 22 -12.20 1.94 -0.02
CA GLU A 22 -13.11 0.94 -0.53
C GLU A 22 -12.39 -0.39 -0.76
N CYS A 23 -13.01 -1.48 -0.32
CA CYS A 23 -12.43 -2.81 -0.47
C CYS A 23 -13.32 -3.71 -1.31
N LEU A 24 -12.72 -4.49 -2.20
CA LEU A 24 -13.47 -5.39 -3.07
C LEU A 24 -13.27 -6.84 -2.63
N ASN A 25 -14.37 -7.59 -2.56
CA ASN A 25 -14.33 -8.99 -2.16
C ASN A 25 -13.78 -9.14 -0.74
N GLU A 26 -14.09 -8.16 0.10
CA GLU A 26 -13.63 -8.18 1.48
C GLU A 26 -14.38 -9.23 2.30
N SER A 27 -13.63 -10.03 3.05
CA SER A 27 -14.22 -11.08 3.87
C SER A 27 -15.31 -10.51 4.79
N ASP A 28 -16.23 -11.37 5.19
CA ASP A 28 -17.33 -10.95 6.07
C ASP A 28 -16.84 -10.84 7.51
N GLU A 29 -16.07 -11.82 7.96
CA GLU A 29 -15.55 -11.84 9.32
C GLU A 29 -14.26 -11.03 9.41
N HIS A 30 -13.55 -10.93 8.30
CA HIS A 30 -12.30 -10.18 8.25
C HIS A 30 -12.43 -8.94 7.38
N GLY A 31 -11.93 -7.82 7.88
CA GLY A 31 -12.01 -6.57 7.12
C GLY A 31 -10.73 -6.27 6.37
N PHE A 32 -10.81 -5.34 5.42
CA PHE A 32 -9.65 -4.96 4.62
C PHE A 32 -8.92 -3.79 5.25
N ASP A 33 -9.43 -3.30 6.37
CA ASP A 33 -8.83 -2.17 7.08
C ASP A 33 -7.93 -2.66 8.21
N ASN A 34 -8.18 -3.88 8.67
CA ASN A 34 -7.39 -4.47 9.75
C ASN A 34 -5.96 -4.76 9.29
N CYS A 35 -5.77 -4.78 7.98
CA CYS A 35 -4.46 -5.05 7.40
C CYS A 35 -3.71 -3.76 7.11
N LEU A 36 -4.13 -2.68 7.76
CA LEU A 36 -3.50 -1.38 7.58
C LEU A 36 -2.52 -1.09 8.70
N ARG A 37 -2.83 -1.57 9.89
CA ARG A 37 -1.97 -1.36 11.06
C ARG A 37 -1.34 -2.68 11.51
N LYS A 38 -0.16 -2.59 12.10
CA LYS A 38 0.55 -3.77 12.58
C LYS A 38 -0.18 -4.40 13.76
N ASP A 39 -0.96 -3.60 14.46
CA ASP A 39 -1.72 -4.08 15.61
C ASP A 39 -3.21 -4.12 15.30
N THR A 40 -3.67 -5.21 14.69
CA THR A 40 -5.06 -5.36 14.34
C THR A 40 -5.31 -6.72 13.67
N THR A 41 -6.59 -7.04 13.45
CA THR A 41 -6.96 -8.29 12.82
C THR A 41 -6.27 -8.46 11.47
N PHE A 42 -6.49 -9.61 10.84
CA PHE A 42 -5.88 -9.90 9.55
C PHE A 42 -6.95 -10.00 8.45
N LEU A 43 -6.54 -9.71 7.22
CA LEU A 43 -7.46 -9.75 6.09
C LEU A 43 -7.24 -11.02 5.26
N GLU A 44 -8.31 -11.79 5.08
CA GLU A 44 -8.23 -13.02 4.31
C GLU A 44 -9.24 -13.01 3.16
N SER A 45 -8.90 -13.70 2.07
CA SER A 45 -9.77 -13.77 0.91
C SER A 45 -10.66 -15.01 0.96
N ASP A 46 -11.95 -14.83 0.75
CA ASP A 46 -12.90 -15.93 0.78
C ASP A 46 -13.14 -16.48 -0.63
N CYS A 47 -12.21 -16.17 -1.54
CA CYS A 47 -12.31 -16.64 -2.92
C CYS A 47 -10.94 -16.96 -3.49
N ASP A 48 -10.08 -15.94 -3.58
CA ASP A 48 -8.74 -16.12 -4.11
C ASP A 48 -7.98 -14.80 -4.11
N GLU A 49 -6.81 -14.80 -4.74
CA GLU A 49 -5.98 -13.60 -4.80
C GLU A 49 -6.49 -12.63 -5.86
N GLN A 50 -7.75 -12.24 -5.74
CA GLN A 50 -8.36 -11.32 -6.70
C GLN A 50 -9.10 -10.19 -5.97
N LEU A 51 -8.51 -9.72 -4.86
CA LEU A 51 -9.11 -8.65 -4.08
C LEU A 51 -8.49 -7.31 -4.44
N LEU A 52 -9.28 -6.24 -4.33
CA LEU A 52 -8.81 -4.90 -4.64
C LEU A 52 -8.80 -4.02 -3.39
N ILE A 53 -7.94 -3.02 -3.38
CA ILE A 53 -7.84 -2.11 -2.25
C ILE A 53 -7.78 -0.66 -2.71
N THR A 54 -8.82 0.11 -2.38
CA THR A 54 -8.89 1.51 -2.76
C THR A 54 -8.44 2.42 -1.62
N VAL A 55 -7.79 3.52 -1.97
CA VAL A 55 -7.31 4.48 -0.99
C VAL A 55 -7.59 5.91 -1.42
N ALA A 56 -8.29 6.66 -0.57
CA ALA A 56 -8.62 8.04 -0.86
C ALA A 56 -7.79 9.00 -0.02
N PHE A 57 -6.91 9.75 -0.67
CA PHE A 57 -6.04 10.70 0.02
C PHE A 57 -6.64 12.10 0.00
N ASN A 58 -6.87 12.67 1.17
CA ASN A 58 -7.45 14.00 1.29
C ASN A 58 -6.52 15.04 0.68
N GLN A 59 -5.23 14.71 0.60
CA GLN A 59 -4.25 15.63 0.04
C GLN A 59 -3.34 14.90 -0.94
N PRO A 60 -2.95 15.60 -2.02
CA PRO A 60 -2.08 15.05 -3.06
C PRO A 60 -0.66 14.83 -2.58
N VAL A 61 -0.27 13.56 -2.41
CA VAL A 61 1.06 13.22 -1.94
C VAL A 61 1.86 12.54 -3.05
N LYS A 62 3.04 12.03 -2.69
CA LYS A 62 3.90 11.35 -3.65
C LYS A 62 4.21 9.93 -3.18
N LEU A 63 3.85 8.95 -4.01
CA LEU A 63 4.09 7.54 -3.68
C LEU A 63 5.49 7.12 -4.10
N TYR A 64 6.45 7.29 -3.19
CA TYR A 64 7.83 6.92 -3.47
C TYR A 64 8.05 5.42 -3.31
N SER A 65 7.29 4.82 -2.40
CA SER A 65 7.39 3.38 -2.16
C SER A 65 6.11 2.85 -1.52
N MET A 66 5.99 1.52 -1.45
CA MET A 66 4.82 0.88 -0.86
C MET A 66 5.22 -0.32 -0.03
N LYS A 67 4.61 -0.46 1.14
CA LYS A 67 4.91 -1.57 2.04
C LYS A 67 3.78 -2.60 2.01
N PHE A 68 3.93 -3.62 1.16
CA PHE A 68 2.94 -4.67 1.03
C PHE A 68 3.50 -6.01 1.50
N GLN A 69 2.83 -6.61 2.48
CA GLN A 69 3.26 -7.89 3.02
C GLN A 69 2.07 -8.70 3.52
N GLY A 70 2.36 -9.79 4.23
CA GLY A 70 1.29 -10.63 4.76
C GLY A 70 1.64 -11.21 6.11
N PRO A 71 0.88 -12.23 6.53
CA PRO A 71 1.09 -12.90 7.82
C PRO A 71 2.37 -13.72 7.85
N ASP A 72 2.54 -14.52 8.89
CA ASP A 72 3.73 -15.35 9.04
C ASP A 72 3.40 -16.80 8.74
N ASN A 73 2.42 -17.02 7.87
CA ASN A 73 2.01 -18.37 7.49
C ASN A 73 2.65 -18.78 6.17
N GLY A 74 2.86 -17.80 5.29
CA GLY A 74 3.47 -18.08 4.00
C GLY A 74 2.56 -17.68 2.84
N GLN A 75 1.65 -16.74 3.10
CA GLN A 75 0.73 -16.27 2.08
C GLN A 75 0.83 -14.76 1.91
N GLY A 76 1.57 -14.34 0.88
CA GLY A 76 1.74 -12.92 0.62
C GLY A 76 1.56 -12.58 -0.85
N PRO A 77 1.13 -11.33 -1.12
CA PRO A 77 0.90 -10.84 -2.47
C PRO A 77 2.20 -10.67 -3.25
N LYS A 78 2.17 -11.01 -4.53
CA LYS A 78 3.34 -10.89 -5.39
C LYS A 78 3.10 -9.89 -6.52
N TYR A 79 2.34 -10.32 -7.52
CA TYR A 79 2.03 -9.46 -8.66
C TYR A 79 0.79 -8.61 -8.38
N VAL A 80 1.02 -7.36 -8.01
CA VAL A 80 -0.07 -6.43 -7.71
C VAL A 80 -0.07 -5.26 -8.68
N LYS A 81 -1.26 -4.91 -9.17
CA LYS A 81 -1.40 -3.80 -10.11
C LYS A 81 -1.76 -2.51 -9.37
N ILE A 82 -0.90 -1.50 -9.50
CA ILE A 82 -1.14 -0.22 -8.85
C ILE A 82 -1.83 0.76 -9.79
N PHE A 83 -2.82 1.48 -9.27
CA PHE A 83 -3.56 2.44 -10.06
C PHE A 83 -3.68 3.78 -9.32
N ILE A 84 -3.65 4.86 -10.08
CA ILE A 84 -3.75 6.20 -9.51
C ILE A 84 -4.51 7.15 -10.43
N ASN A 85 -4.93 8.29 -9.89
CA ASN A 85 -5.65 9.28 -10.67
C ASN A 85 -6.89 8.66 -11.32
N LEU A 86 -7.56 7.78 -10.58
CA LEU A 86 -8.76 7.11 -11.07
C LEU A 86 -9.96 8.05 -11.03
N PRO A 87 -10.96 7.78 -11.89
CA PRO A 87 -12.17 8.59 -11.96
C PRO A 87 -13.06 8.41 -10.74
N ARG A 88 -12.90 7.30 -10.05
CA ARG A 88 -13.68 7.01 -8.84
C ARG A 88 -13.15 5.77 -8.13
N SER A 89 -13.40 4.60 -8.72
CA SER A 89 -12.94 3.34 -8.13
C SER A 89 -12.50 2.37 -9.22
N MET A 90 -11.95 1.24 -8.80
CA MET A 90 -11.48 0.22 -9.73
C MET A 90 -12.20 -1.10 -9.51
N ASP A 91 -12.73 -1.68 -10.58
CA ASP A 91 -13.44 -2.94 -10.49
C ASP A 91 -12.56 -4.10 -10.97
N PHE A 92 -13.17 -5.27 -11.15
CA PHE A 92 -12.45 -6.45 -11.60
C PHE A 92 -12.19 -6.38 -13.11
N GLU A 93 -13.14 -5.81 -13.84
CA GLU A 93 -13.01 -5.69 -15.28
C GLU A 93 -12.17 -4.47 -15.65
N GLU A 94 -12.33 -3.39 -14.88
CA GLU A 94 -11.59 -2.16 -15.12
C GLU A 94 -10.12 -2.33 -14.75
N ALA A 95 -9.85 -3.27 -13.86
CA ALA A 95 -8.48 -3.53 -13.41
C ALA A 95 -7.75 -4.44 -14.39
N GLU A 96 -8.49 -5.02 -15.32
CA GLU A 96 -7.91 -5.91 -16.32
C GLU A 96 -7.73 -5.18 -17.66
N ARG A 97 -8.79 -4.51 -18.11
CA ARG A 97 -8.75 -3.77 -19.36
C ARG A 97 -7.76 -2.61 -19.29
N SER A 98 -7.80 -1.88 -18.19
CA SER A 98 -6.91 -0.74 -17.99
C SER A 98 -5.64 -1.16 -17.28
N GLU A 99 -4.49 -0.83 -17.87
CA GLU A 99 -3.20 -1.18 -17.29
C GLU A 99 -2.87 -0.26 -16.12
N PRO A 100 -2.13 -0.80 -15.14
CA PRO A 100 -1.72 -0.06 -13.94
C PRO A 100 -0.70 1.03 -14.26
N THR A 101 -0.41 1.87 -13.27
CA THR A 101 0.56 2.95 -13.44
C THR A 101 1.99 2.45 -13.26
N GLN A 102 2.12 1.32 -12.58
CA GLN A 102 3.44 0.73 -12.33
C GLN A 102 3.37 -0.79 -12.39
N ALA A 103 2.82 -1.39 -11.33
CA ALA A 103 2.70 -2.84 -11.26
C ALA A 103 4.07 -3.51 -11.19
N LEU A 104 4.32 -4.20 -10.09
CA LEU A 104 5.60 -4.88 -9.90
C LEU A 104 5.39 -6.26 -9.28
N GLU A 105 6.40 -7.11 -9.39
CA GLU A 105 6.33 -8.46 -8.84
C GLU A 105 7.04 -8.55 -7.49
N LEU A 106 6.30 -8.27 -6.42
CA LEU A 106 6.85 -8.32 -5.08
C LEU A 106 7.54 -9.66 -4.81
N THR A 107 8.69 -9.61 -4.16
CA THR A 107 9.44 -10.82 -3.84
C THR A 107 9.38 -11.13 -2.35
N GLU A 108 9.95 -12.27 -1.97
CA GLU A 108 9.95 -12.69 -0.57
C GLU A 108 10.64 -11.63 0.30
N ASP A 109 11.52 -10.85 -0.30
CA ASP A 109 12.24 -9.81 0.42
C ASP A 109 11.43 -8.52 0.47
N ASP A 110 10.38 -8.45 -0.34
CA ASP A 110 9.51 -7.28 -0.39
C ASP A 110 8.28 -7.47 0.49
N ILE A 111 8.03 -8.72 0.89
CA ILE A 111 6.88 -9.04 1.73
C ILE A 111 7.33 -9.65 3.05
N LYS A 112 8.56 -9.33 3.45
CA LYS A 112 9.11 -9.85 4.71
C LYS A 112 8.86 -8.88 5.85
N GLU A 113 9.45 -9.15 7.00
CA GLU A 113 9.28 -8.30 8.18
C GLU A 113 9.56 -6.85 7.83
N ASP A 114 10.56 -6.62 6.98
CA ASP A 114 10.93 -5.28 6.57
C ASP A 114 10.88 -5.14 5.05
N GLY A 115 9.90 -5.81 4.44
CA GLY A 115 9.76 -5.75 3.00
C GLY A 115 9.38 -4.37 2.51
N ILE A 116 10.04 -3.90 1.46
CA ILE A 116 9.76 -2.59 0.89
C ILE A 116 9.65 -2.65 -0.63
N VAL A 117 8.64 -1.98 -1.16
CA VAL A 117 8.41 -1.96 -2.60
C VAL A 117 8.70 -0.58 -3.18
N PRO A 118 9.87 -0.43 -3.80
CA PRO A 118 10.28 0.84 -4.42
C PRO A 118 9.47 1.18 -5.66
N LEU A 119 8.66 2.24 -5.56
CA LEU A 119 7.83 2.67 -6.68
C LEU A 119 8.52 3.77 -7.47
N ARG A 120 7.79 4.36 -8.42
CA ARG A 120 8.33 5.42 -9.25
C ARG A 120 7.57 6.73 -9.01
N TYR A 121 8.11 7.57 -8.14
CA TYR A 121 7.49 8.85 -7.83
C TYR A 121 7.29 9.69 -9.09
N VAL A 122 8.08 9.40 -10.11
CA VAL A 122 7.99 10.11 -11.37
C VAL A 122 6.59 10.03 -11.96
N LYS A 123 5.84 9.01 -11.54
CA LYS A 123 4.47 8.81 -12.03
C LYS A 123 3.46 9.26 -10.97
N PHE A 124 3.82 9.11 -9.71
CA PHE A 124 2.94 9.51 -8.62
C PHE A 124 3.33 10.87 -8.06
N GLN A 125 3.83 11.74 -8.94
CA GLN A 125 4.24 13.08 -8.54
C GLN A 125 3.14 13.79 -7.76
N ASN A 126 1.88 13.44 -8.07
CA ASN A 126 0.74 14.04 -7.39
C ASN A 126 -0.51 13.19 -7.58
N VAL A 127 -0.79 12.33 -6.60
CA VAL A 127 -1.95 11.47 -6.65
C VAL A 127 -2.89 11.73 -5.48
N ASN A 128 -4.20 11.65 -5.75
CA ASN A 128 -5.21 11.88 -4.71
C ASN A 128 -5.97 10.60 -4.41
N SER A 129 -5.86 9.62 -5.30
CA SER A 129 -6.55 8.34 -5.13
C SER A 129 -5.74 7.20 -5.73
N VAL A 130 -5.36 6.25 -4.90
CA VAL A 130 -4.58 5.09 -5.36
C VAL A 130 -5.31 3.79 -5.05
N THR A 131 -5.20 2.83 -5.96
CA THR A 131 -5.83 1.54 -5.79
C THR A 131 -4.87 0.40 -6.12
N ILE A 132 -5.00 -0.70 -5.39
CA ILE A 132 -4.14 -1.87 -5.61
C ILE A 132 -4.97 -3.13 -5.81
N PHE A 133 -4.76 -3.79 -6.93
CA PHE A 133 -5.49 -5.02 -7.25
C PHE A 133 -4.58 -6.24 -7.13
N VAL A 134 -4.98 -7.19 -6.29
CA VAL A 134 -4.20 -8.41 -6.08
C VAL A 134 -4.45 -9.42 -7.20
N GLN A 135 -3.36 -9.85 -7.82
CA GLN A 135 -3.45 -10.82 -8.92
C GLN A 135 -2.90 -12.17 -8.50
N SER A 136 -1.61 -12.21 -8.19
CA SER A 136 -0.97 -13.45 -7.78
C SER A 136 -0.19 -13.24 -6.47
N ASN A 137 0.21 -14.35 -5.85
CA ASN A 137 0.95 -14.30 -4.59
C ASN A 137 2.39 -14.75 -4.80
N GLN A 138 3.14 -14.86 -3.71
CA GLN A 138 4.53 -15.28 -3.77
C GLN A 138 4.64 -16.71 -4.27
N GLY A 139 4.05 -17.64 -3.52
CA GLY A 139 4.09 -19.04 -3.92
C GLY A 139 2.86 -19.47 -4.68
N GLU A 140 2.21 -18.51 -5.34
CA GLU A 140 1.01 -18.79 -6.11
C GLU A 140 -0.01 -19.56 -5.27
N GLU A 141 -0.15 -19.17 -4.00
CA GLU A 141 -1.08 -19.81 -3.10
C GLU A 141 -2.51 -19.71 -3.63
N GLU A 142 -3.47 -20.13 -2.80
CA GLU A 142 -4.88 -20.09 -3.19
C GLU A 142 -5.51 -18.75 -2.81
N THR A 143 -4.95 -18.12 -1.78
CA THR A 143 -5.45 -16.83 -1.31
C THR A 143 -4.33 -15.99 -0.71
N THR A 144 -4.50 -14.67 -0.76
CA THR A 144 -3.51 -13.75 -0.24
C THR A 144 -4.00 -13.08 1.04
N ARG A 145 -3.23 -13.21 2.12
CA ARG A 145 -3.59 -12.62 3.40
C ARG A 145 -2.81 -11.33 3.64
N ILE A 146 -3.53 -10.24 3.82
CA ILE A 146 -2.91 -8.94 4.06
C ILE A 146 -2.87 -8.62 5.55
N SER A 147 -1.70 -8.18 6.03
CA SER A 147 -1.52 -7.84 7.43
C SER A 147 -1.10 -6.39 7.59
N TYR A 148 -0.16 -5.96 6.76
CA TYR A 148 0.34 -4.59 6.81
C TYR A 148 0.33 -3.96 5.42
N PHE A 149 -0.36 -2.83 5.30
CA PHE A 149 -0.45 -2.11 4.03
C PHE A 149 -0.40 -0.60 4.24
N THR A 150 0.42 0.07 3.45
CA THR A 150 0.57 1.52 3.55
C THR A 150 1.26 2.09 2.31
N PHE A 151 1.61 3.37 2.38
CA PHE A 151 2.26 4.04 1.26
C PHE A 151 3.41 4.93 1.77
N ILE A 152 4.63 4.57 1.39
CA ILE A 152 5.81 5.35 1.81
C ILE A 152 6.06 6.50 0.85
N GLY A 153 6.26 7.69 1.40
CA GLY A 153 6.52 8.86 0.58
C GLY A 153 6.41 10.15 1.38
N THR A 154 5.89 11.19 0.73
CA THR A 154 5.73 12.49 1.37
C THR A 154 4.77 13.38 0.59
N PRO A 155 4.19 14.37 1.28
CA PRO A 155 3.24 15.30 0.67
C PRO A 155 3.92 16.26 -0.30
N VAL A 156 3.29 16.47 -1.45
CA VAL A 156 3.84 17.36 -2.47
C VAL A 156 4.19 18.72 -1.88
N GLN A 157 3.45 19.12 -0.85
CA GLN A 157 3.69 20.40 -0.19
C GLN A 157 3.46 20.30 1.32
N ALA A 158 4.19 21.09 2.09
CA ALA A 158 4.06 21.09 3.54
C ALA A 158 4.81 22.27 4.15
N THR A 159 6.13 22.14 4.21
CA THR A 159 6.96 23.19 4.79
C THR A 159 8.45 22.91 4.55
N ASN A 160 9.30 23.79 5.07
CA ASN A 160 10.75 23.62 4.92
C ASN A 160 11.43 23.55 6.29
N MET A 161 11.19 22.45 7.00
CA MET A 161 11.78 22.25 8.31
C MET A 161 13.30 22.28 8.24
N ASN A 162 13.95 22.10 9.38
CA ASN A 162 15.41 22.11 9.44
C ASN A 162 15.94 20.82 10.04
N ASP A 163 17.21 20.54 9.81
CA ASP A 163 17.84 19.33 10.34
C ASP A 163 19.05 19.68 11.20
N PHE A 164 19.82 18.66 11.57
CA PHE A 164 21.02 18.86 12.39
C PHE A 164 22.24 19.13 11.52
N LYS A 165 22.65 18.13 10.76
CA LYS A 165 23.81 18.26 9.88
C LYS A 165 23.63 17.40 8.63
N SER A 166 23.65 16.08 8.81
CA SER A 166 23.49 15.15 7.69
C SER A 166 24.53 15.44 6.61
N GLY A 167 25.70 15.92 7.02
CA GLY A 167 26.75 16.24 6.07
C GLY A 167 28.07 16.56 6.74
N PRO A 168 29.16 16.57 5.96
CA PRO A 168 30.50 16.85 6.47
C PRO A 168 30.66 18.30 6.88
N SER A 169 31.64 18.57 7.73
CA SER A 169 31.91 19.92 8.20
C SER A 169 33.41 20.21 8.22
N SER A 170 34.14 19.45 9.03
CA SER A 170 35.58 19.62 9.16
C SER A 170 35.91 21.02 9.68
N GLY A 171 36.08 21.13 10.99
CA GLY A 171 36.40 22.41 11.59
C GLY A 171 35.54 22.71 12.81
N GLY A 1 5.58 13.79 13.25
CA GLY A 1 5.09 12.46 13.54
C GLY A 1 4.97 12.21 15.03
N SER A 2 5.99 11.58 15.61
CA SER A 2 5.98 11.27 17.03
C SER A 2 7.41 11.23 17.58
N SER A 3 8.30 11.97 16.94
CA SER A 3 9.70 12.02 17.36
C SER A 3 10.34 10.63 17.27
N GLY A 4 10.94 10.34 16.11
CA GLY A 4 11.58 9.05 15.91
C GLY A 4 11.43 8.55 14.49
N SER A 5 10.89 7.33 14.36
CA SER A 5 10.71 6.72 13.04
C SER A 5 12.05 6.58 12.32
N SER A 6 11.98 6.18 11.04
CA SER A 6 13.18 6.01 10.24
C SER A 6 12.84 5.92 8.76
N GLY A 7 13.85 6.05 7.91
CA GLY A 7 13.64 5.99 6.48
C GLY A 7 13.44 7.36 5.87
N GLY A 8 13.10 8.33 6.70
CA GLY A 8 12.89 9.70 6.21
C GLY A 8 11.46 9.92 5.75
N TYR A 9 11.03 9.16 4.75
CA TYR A 9 9.69 9.28 4.21
C TYR A 9 8.64 8.97 5.28
N MET A 10 7.37 8.96 4.87
CA MET A 10 6.28 8.66 5.80
C MET A 10 5.32 7.64 5.18
N ASP A 11 4.72 6.82 6.04
CA ASP A 11 3.78 5.81 5.58
C ASP A 11 2.47 6.44 5.11
N LEU A 12 2.32 7.73 5.38
CA LEU A 12 1.12 8.46 4.98
C LEU A 12 -0.13 7.82 5.58
N MET A 13 0.06 7.05 6.65
CA MET A 13 -1.05 6.39 7.32
C MET A 13 -2.11 7.39 7.74
N PRO A 14 -1.68 8.43 8.48
CA PRO A 14 -2.58 9.48 8.98
C PRO A 14 -3.09 10.38 7.85
N PHE A 15 -2.57 10.16 6.64
CA PHE A 15 -2.97 10.95 5.49
C PHE A 15 -4.00 10.20 4.64
N ILE A 16 -4.27 8.95 5.02
CA ILE A 16 -5.24 8.13 4.31
C ILE A 16 -6.64 8.31 4.87
N ASN A 17 -7.63 8.32 3.99
CA ASN A 17 -9.02 8.48 4.40
C ASN A 17 -9.75 7.15 4.41
N LYS A 18 -9.86 6.56 5.59
CA LYS A 18 -10.54 5.27 5.74
C LYS A 18 -12.03 5.40 5.47
N ALA A 19 -12.56 6.61 5.64
CA ALA A 19 -13.97 6.87 5.42
C ALA A 19 -14.29 6.87 3.92
N GLY A 20 -13.27 7.06 3.10
CA GLY A 20 -13.46 7.06 1.67
C GLY A 20 -12.86 5.85 0.98
N CYS A 21 -12.21 5.00 1.77
CA CYS A 21 -11.58 3.80 1.24
C CYS A 21 -12.63 2.81 0.75
N GLU A 22 -12.23 1.94 -0.17
CA GLU A 22 -13.15 0.94 -0.72
C GLU A 22 -12.43 -0.39 -0.93
N CYS A 23 -13.08 -1.48 -0.53
CA CYS A 23 -12.51 -2.82 -0.67
C CYS A 23 -13.40 -3.70 -1.52
N LEU A 24 -12.79 -4.57 -2.32
CA LEU A 24 -13.54 -5.48 -3.18
C LEU A 24 -13.34 -6.93 -2.75
N ASN A 25 -14.45 -7.66 -2.61
CA ASN A 25 -14.40 -9.05 -2.20
C ASN A 25 -13.83 -9.18 -0.79
N GLU A 26 -14.12 -8.20 0.05
CA GLU A 26 -13.64 -8.21 1.43
C GLU A 26 -14.32 -9.30 2.24
N SER A 27 -13.52 -10.08 2.97
CA SER A 27 -14.05 -11.18 3.78
C SER A 27 -15.12 -10.66 4.73
N ASP A 28 -16.00 -11.57 5.17
CA ASP A 28 -17.07 -11.22 6.08
C ASP A 28 -16.59 -11.23 7.53
N GLU A 29 -15.75 -12.21 7.86
CA GLU A 29 -15.21 -12.34 9.20
C GLU A 29 -14.00 -11.43 9.40
N HIS A 30 -13.32 -11.12 8.30
CA HIS A 30 -12.15 -10.25 8.35
C HIS A 30 -12.36 -9.00 7.50
N GLY A 31 -11.77 -7.89 7.95
CA GLY A 31 -11.91 -6.65 7.22
C GLY A 31 -10.62 -6.25 6.50
N PHE A 32 -10.75 -5.39 5.49
CA PHE A 32 -9.60 -4.94 4.72
C PHE A 32 -8.91 -3.78 5.42
N ASP A 33 -9.43 -3.40 6.59
CA ASP A 33 -8.86 -2.30 7.36
C ASP A 33 -7.89 -2.82 8.42
N ASN A 34 -8.05 -4.09 8.78
CA ASN A 34 -7.19 -4.71 9.79
C ASN A 34 -5.80 -4.99 9.23
N CYS A 35 -5.66 -4.85 7.91
CA CYS A 35 -4.39 -5.10 7.24
C CYS A 35 -3.66 -3.79 6.97
N LEU A 36 -4.06 -2.73 7.67
CA LEU A 36 -3.44 -1.42 7.51
C LEU A 36 -2.41 -1.16 8.60
N ARG A 37 -2.61 -1.77 9.76
CA ARG A 37 -1.70 -1.60 10.89
C ARG A 37 -0.92 -2.89 11.14
N LYS A 38 0.01 -2.84 12.09
CA LYS A 38 0.82 -4.00 12.44
C LYS A 38 0.17 -4.79 13.57
N ASP A 39 -0.43 -4.09 14.51
CA ASP A 39 -1.10 -4.74 15.64
C ASP A 39 -2.60 -4.85 15.39
N THR A 40 -3.01 -5.90 14.68
CA THR A 40 -4.41 -6.12 14.37
C THR A 40 -4.60 -7.35 13.49
N THR A 41 -5.82 -7.87 13.45
CA THR A 41 -6.12 -9.05 12.65
C THR A 41 -5.66 -8.87 11.21
N PHE A 42 -5.72 -9.94 10.43
CA PHE A 42 -5.31 -9.89 9.03
C PHE A 42 -6.51 -9.99 8.10
N LEU A 43 -6.28 -9.77 6.81
CA LEU A 43 -7.34 -9.83 5.82
C LEU A 43 -7.21 -11.08 4.95
N GLU A 44 -8.09 -12.05 5.18
CA GLU A 44 -8.07 -13.29 4.43
C GLU A 44 -9.13 -13.28 3.32
N SER A 45 -8.74 -13.66 2.12
CA SER A 45 -9.66 -13.70 0.99
C SER A 45 -10.60 -14.89 1.09
N ASP A 46 -11.88 -14.64 0.86
CA ASP A 46 -12.90 -15.69 0.91
C ASP A 46 -13.16 -16.28 -0.47
N CYS A 47 -12.19 -16.10 -1.38
CA CYS A 47 -12.33 -16.60 -2.74
C CYS A 47 -10.96 -16.93 -3.32
N ASP A 48 -10.11 -15.92 -3.44
CA ASP A 48 -8.77 -16.10 -3.98
C ASP A 48 -8.00 -14.78 -3.98
N GLU A 49 -6.84 -14.79 -4.63
CA GLU A 49 -6.01 -13.59 -4.71
C GLU A 49 -6.52 -12.63 -5.78
N GLN A 50 -7.78 -12.23 -5.65
CA GLN A 50 -8.40 -11.31 -6.60
C GLN A 50 -9.12 -10.18 -5.88
N LEU A 51 -8.54 -9.72 -4.79
CA LEU A 51 -9.14 -8.64 -4.01
C LEU A 51 -8.51 -7.29 -4.39
N LEU A 52 -9.30 -6.23 -4.28
CA LEU A 52 -8.82 -4.88 -4.60
C LEU A 52 -8.82 -4.00 -3.35
N ILE A 53 -7.94 -3.00 -3.35
CA ILE A 53 -7.83 -2.09 -2.23
C ILE A 53 -7.77 -0.64 -2.70
N THR A 54 -8.79 0.14 -2.36
CA THR A 54 -8.86 1.53 -2.75
C THR A 54 -8.43 2.45 -1.60
N VAL A 55 -7.76 3.54 -1.94
CA VAL A 55 -7.29 4.49 -0.94
C VAL A 55 -7.56 5.93 -1.37
N ALA A 56 -8.24 6.68 -0.52
CA ALA A 56 -8.57 8.07 -0.81
C ALA A 56 -7.73 9.02 0.04
N PHE A 57 -6.85 9.77 -0.61
CA PHE A 57 -5.99 10.72 0.08
C PHE A 57 -6.59 12.12 0.06
N ASN A 58 -6.88 12.66 1.24
CA ASN A 58 -7.47 13.99 1.35
C ASN A 58 -6.54 15.04 0.74
N GLN A 59 -5.26 14.71 0.64
CA GLN A 59 -4.27 15.61 0.07
C GLN A 59 -3.37 14.89 -0.91
N PRO A 60 -2.99 15.60 -2.00
CA PRO A 60 -2.12 15.04 -3.04
C PRO A 60 -0.68 14.83 -2.55
N VAL A 61 -0.28 13.57 -2.42
CA VAL A 61 1.06 13.24 -1.96
C VAL A 61 1.86 12.55 -3.06
N LYS A 62 3.03 12.04 -2.71
CA LYS A 62 3.89 11.37 -3.66
C LYS A 62 4.21 9.95 -3.20
N LEU A 63 3.85 8.96 -4.02
CA LEU A 63 4.09 7.57 -3.69
C LEU A 63 5.49 7.14 -4.12
N TYR A 64 6.45 7.31 -3.21
CA TYR A 64 7.84 6.95 -3.50
C TYR A 64 8.06 5.45 -3.32
N SER A 65 7.30 4.85 -2.40
CA SER A 65 7.41 3.42 -2.14
C SER A 65 6.12 2.88 -1.51
N MET A 66 6.03 1.56 -1.42
CA MET A 66 4.85 0.93 -0.84
C MET A 66 5.24 -0.30 -0.02
N LYS A 67 4.65 -0.44 1.15
CA LYS A 67 4.93 -1.57 2.03
C LYS A 67 3.80 -2.58 1.99
N PHE A 68 3.93 -3.59 1.14
CA PHE A 68 2.92 -4.63 1.01
C PHE A 68 3.46 -5.98 1.46
N GLN A 69 2.79 -6.58 2.45
CA GLN A 69 3.21 -7.87 2.98
C GLN A 69 2.02 -8.65 3.53
N GLY A 70 2.30 -9.77 4.18
CA GLY A 70 1.24 -10.58 4.76
C GLY A 70 1.59 -11.09 6.14
N PRO A 71 0.84 -12.10 6.60
CA PRO A 71 1.05 -12.72 7.92
C PRO A 71 2.35 -13.52 7.99
N ASP A 72 2.52 -14.25 9.08
CA ASP A 72 3.71 -15.07 9.26
C ASP A 72 3.42 -16.53 8.97
N ASN A 73 2.50 -16.78 8.04
CA ASN A 73 2.13 -18.14 7.67
C ASN A 73 2.79 -18.54 6.36
N GLY A 74 2.99 -17.57 5.47
CA GLY A 74 3.61 -17.85 4.20
C GLY A 74 2.72 -17.49 3.03
N GLN A 75 1.77 -16.60 3.26
CA GLN A 75 0.84 -16.17 2.22
C GLN A 75 0.91 -14.66 2.01
N GLY A 76 1.66 -14.24 0.99
CA GLY A 76 1.79 -12.82 0.71
C GLY A 76 1.59 -12.50 -0.77
N PRO A 77 1.15 -11.28 -1.06
CA PRO A 77 0.91 -10.82 -2.43
C PRO A 77 2.20 -10.65 -3.22
N LYS A 78 2.16 -11.00 -4.50
CA LYS A 78 3.33 -10.88 -5.36
C LYS A 78 3.08 -9.89 -6.50
N TYR A 79 2.32 -10.32 -7.50
CA TYR A 79 2.00 -9.48 -8.63
C TYR A 79 0.77 -8.62 -8.35
N VAL A 80 1.01 -7.36 -7.98
CA VAL A 80 -0.08 -6.44 -7.68
C VAL A 80 -0.08 -5.26 -8.64
N LYS A 81 -1.27 -4.91 -9.14
CA LYS A 81 -1.42 -3.81 -10.07
C LYS A 81 -1.77 -2.52 -9.35
N ILE A 82 -0.92 -1.51 -9.47
CA ILE A 82 -1.16 -0.22 -8.83
C ILE A 82 -1.85 0.75 -9.78
N PHE A 83 -2.83 1.47 -9.26
CA PHE A 83 -3.58 2.45 -10.06
C PHE A 83 -3.69 3.77 -9.32
N ILE A 84 -3.67 4.86 -10.08
CA ILE A 84 -3.77 6.20 -9.51
C ILE A 84 -4.53 7.15 -10.44
N ASN A 85 -4.94 8.29 -9.91
CA ASN A 85 -5.67 9.28 -10.68
C ASN A 85 -6.88 8.65 -11.37
N LEU A 86 -7.55 7.75 -10.66
CA LEU A 86 -8.73 7.07 -11.19
C LEU A 86 -9.94 8.00 -11.20
N PRO A 87 -10.89 7.71 -12.09
CA PRO A 87 -12.12 8.51 -12.23
C PRO A 87 -13.05 8.36 -11.02
N ARG A 88 -12.89 7.25 -10.30
CA ARG A 88 -13.72 6.99 -9.13
C ARG A 88 -13.20 5.77 -8.37
N SER A 89 -13.42 4.58 -8.94
CA SER A 89 -12.98 3.35 -8.31
C SER A 89 -12.50 2.34 -9.36
N MET A 90 -11.98 1.21 -8.90
CA MET A 90 -11.48 0.18 -9.79
C MET A 90 -12.20 -1.15 -9.55
N ASP A 91 -12.71 -1.74 -10.62
CA ASP A 91 -13.43 -3.01 -10.51
C ASP A 91 -12.56 -4.16 -11.00
N PHE A 92 -13.17 -5.33 -11.15
CA PHE A 92 -12.45 -6.52 -11.62
C PHE A 92 -12.18 -6.44 -13.12
N GLU A 93 -13.13 -5.89 -13.85
CA GLU A 93 -13.00 -5.76 -15.30
C GLU A 93 -12.17 -4.54 -15.66
N GLU A 94 -12.33 -3.47 -14.89
CA GLU A 94 -11.59 -2.23 -15.13
C GLU A 94 -10.12 -2.39 -14.74
N ALA A 95 -9.86 -3.33 -13.85
CA ALA A 95 -8.49 -3.59 -13.39
C ALA A 95 -7.75 -4.48 -14.36
N GLU A 96 -8.48 -5.07 -15.31
CA GLU A 96 -7.88 -5.96 -16.30
C GLU A 96 -7.71 -5.23 -17.64
N ARG A 97 -8.76 -4.56 -18.08
CA ARG A 97 -8.72 -3.83 -19.35
C ARG A 97 -7.73 -2.67 -19.27
N SER A 98 -7.79 -1.92 -18.17
CA SER A 98 -6.92 -0.78 -17.97
C SER A 98 -5.64 -1.19 -17.25
N GLU A 99 -4.49 -0.88 -17.86
CA GLU A 99 -3.20 -1.22 -17.27
C GLU A 99 -2.87 -0.30 -16.10
N PRO A 100 -2.14 -0.84 -15.12
CA PRO A 100 -1.74 -0.08 -13.93
C PRO A 100 -0.71 1.01 -14.24
N THR A 101 -0.44 1.86 -13.27
CA THR A 101 0.53 2.94 -13.43
C THR A 101 1.96 2.45 -13.26
N GLN A 102 2.11 1.33 -12.56
CA GLN A 102 3.42 0.75 -12.32
C GLN A 102 3.36 -0.78 -12.36
N ALA A 103 2.80 -1.37 -11.31
CA ALA A 103 2.69 -2.82 -11.22
C ALA A 103 4.06 -3.48 -11.14
N LEU A 104 4.31 -4.19 -10.05
CA LEU A 104 5.58 -4.87 -9.86
C LEU A 104 5.38 -6.26 -9.24
N GLU A 105 6.37 -7.12 -9.39
CA GLU A 105 6.29 -8.47 -8.85
C GLU A 105 7.00 -8.55 -7.49
N LEU A 106 6.24 -8.28 -6.43
CA LEU A 106 6.81 -8.32 -5.08
C LEU A 106 7.44 -9.68 -4.79
N THR A 107 8.61 -9.65 -4.16
CA THR A 107 9.33 -10.88 -3.84
C THR A 107 9.29 -11.15 -2.34
N GLU A 108 9.86 -12.28 -1.93
CA GLU A 108 9.89 -12.66 -0.52
C GLU A 108 10.57 -11.57 0.32
N ASP A 109 11.49 -10.85 -0.31
CA ASP A 109 12.22 -9.78 0.38
C ASP A 109 11.39 -8.50 0.41
N ASP A 110 10.35 -8.44 -0.40
CA ASP A 110 9.48 -7.28 -0.46
C ASP A 110 8.25 -7.47 0.40
N ILE A 111 8.00 -8.72 0.81
CA ILE A 111 6.85 -9.03 1.63
C ILE A 111 7.28 -9.66 2.96
N LYS A 112 8.52 -9.36 3.37
CA LYS A 112 9.05 -9.89 4.61
C LYS A 112 8.76 -8.94 5.77
N GLU A 113 9.36 -9.22 6.93
CA GLU A 113 9.17 -8.39 8.11
C GLU A 113 9.43 -6.93 7.79
N ASP A 114 10.45 -6.67 6.98
CA ASP A 114 10.79 -5.32 6.59
C ASP A 114 10.77 -5.15 5.08
N GLY A 115 9.83 -5.83 4.43
CA GLY A 115 9.72 -5.76 2.98
C GLY A 115 9.37 -4.36 2.51
N ILE A 116 10.00 -3.94 1.41
CA ILE A 116 9.74 -2.61 0.85
C ILE A 116 9.61 -2.67 -0.67
N VAL A 117 8.62 -1.96 -1.20
CA VAL A 117 8.40 -1.93 -2.64
C VAL A 117 8.69 -0.56 -3.21
N PRO A 118 9.87 -0.42 -3.84
CA PRO A 118 10.30 0.84 -4.45
C PRO A 118 9.48 1.20 -5.69
N LEU A 119 8.66 2.23 -5.57
CA LEU A 119 7.82 2.67 -6.69
C LEU A 119 8.52 3.78 -7.49
N ARG A 120 7.80 4.36 -8.43
CA ARG A 120 8.34 5.42 -9.26
C ARG A 120 7.58 6.73 -9.04
N TYR A 121 8.12 7.58 -8.17
CA TYR A 121 7.50 8.86 -7.86
C TYR A 121 7.28 9.69 -9.13
N VAL A 122 8.08 9.39 -10.16
CA VAL A 122 7.98 10.10 -11.43
C VAL A 122 6.57 10.01 -12.00
N LYS A 123 5.83 9.00 -11.57
CA LYS A 123 4.46 8.80 -12.04
C LYS A 123 3.46 9.27 -11.00
N PHE A 124 3.83 9.15 -9.73
CA PHE A 124 2.96 9.56 -8.63
C PHE A 124 3.37 10.93 -8.10
N GLN A 125 3.81 11.81 -8.99
CA GLN A 125 4.24 13.14 -8.60
C GLN A 125 3.14 13.86 -7.83
N ASN A 126 1.89 13.47 -8.07
CA ASN A 126 0.76 14.08 -7.39
C ASN A 126 -0.50 13.23 -7.58
N VAL A 127 -0.75 12.36 -6.60
CA VAL A 127 -1.93 11.49 -6.66
C VAL A 127 -2.86 11.76 -5.47
N ASN A 128 -4.16 11.67 -5.73
CA ASN A 128 -5.15 11.90 -4.68
C ASN A 128 -5.92 10.62 -4.37
N SER A 129 -5.82 9.64 -5.26
CA SER A 129 -6.50 8.37 -5.08
C SER A 129 -5.69 7.23 -5.71
N VAL A 130 -5.35 6.24 -4.87
CA VAL A 130 -4.59 5.09 -5.34
C VAL A 130 -5.31 3.79 -5.04
N THR A 131 -5.19 2.83 -5.95
CA THR A 131 -5.85 1.54 -5.79
C THR A 131 -4.89 0.40 -6.11
N ILE A 132 -5.02 -0.71 -5.37
CA ILE A 132 -4.17 -1.87 -5.59
C ILE A 132 -5.00 -3.13 -5.78
N PHE A 133 -4.80 -3.79 -6.92
CA PHE A 133 -5.54 -5.02 -7.22
C PHE A 133 -4.62 -6.24 -7.10
N VAL A 134 -5.03 -7.19 -6.25
CA VAL A 134 -4.26 -8.41 -6.05
C VAL A 134 -4.50 -9.41 -7.17
N GLN A 135 -3.42 -9.86 -7.80
CA GLN A 135 -3.51 -10.83 -8.89
C GLN A 135 -2.98 -12.18 -8.46
N SER A 136 -1.68 -12.23 -8.17
CA SER A 136 -1.02 -13.47 -7.75
C SER A 136 -0.26 -13.27 -6.45
N ASN A 137 0.17 -14.37 -5.85
CA ASN A 137 0.91 -14.32 -4.59
C ASN A 137 2.36 -14.76 -4.81
N GLN A 138 3.10 -14.89 -3.70
CA GLN A 138 4.49 -15.32 -3.77
C GLN A 138 4.60 -16.73 -4.32
N GLY A 139 4.03 -17.69 -3.60
CA GLY A 139 4.09 -19.08 -4.03
C GLY A 139 2.81 -19.51 -4.74
N GLU A 140 2.09 -18.55 -5.28
CA GLU A 140 0.84 -18.84 -6.00
C GLU A 140 -0.19 -19.44 -5.04
N GLU A 141 -0.15 -19.01 -3.78
CA GLU A 141 -1.08 -19.50 -2.78
C GLU A 141 -2.52 -19.36 -3.26
N GLU A 142 -3.41 -20.18 -2.70
CA GLU A 142 -4.82 -20.15 -3.07
C GLU A 142 -5.45 -18.81 -2.69
N THR A 143 -4.86 -18.13 -1.72
CA THR A 143 -5.36 -16.85 -1.26
C THR A 143 -4.24 -15.99 -0.69
N THR A 144 -4.43 -14.67 -0.73
CA THR A 144 -3.43 -13.74 -0.22
C THR A 144 -3.90 -13.10 1.08
N ARG A 145 -3.09 -13.23 2.13
CA ARG A 145 -3.42 -12.67 3.43
C ARG A 145 -2.70 -11.34 3.64
N ILE A 146 -3.47 -10.27 3.82
CA ILE A 146 -2.91 -8.94 4.03
C ILE A 146 -2.82 -8.63 5.52
N SER A 147 -1.62 -8.27 5.97
CA SER A 147 -1.39 -7.94 7.37
C SER A 147 -1.01 -6.47 7.53
N TYR A 148 -0.08 -6.01 6.69
CA TYR A 148 0.38 -4.63 6.74
C TYR A 148 0.32 -4.00 5.36
N PHE A 149 -0.30 -2.82 5.28
CA PHE A 149 -0.43 -2.11 4.02
C PHE A 149 -0.37 -0.60 4.24
N THR A 150 0.47 0.07 3.45
CA THR A 150 0.63 1.52 3.56
C THR A 150 1.30 2.09 2.33
N PHE A 151 1.66 3.38 2.38
CA PHE A 151 2.32 4.05 1.27
C PHE A 151 3.45 4.94 1.76
N ILE A 152 4.67 4.59 1.38
CA ILE A 152 5.85 5.36 1.78
C ILE A 152 6.09 6.52 0.82
N GLY A 153 6.29 7.70 1.38
CA GLY A 153 6.54 8.88 0.57
C GLY A 153 6.42 10.17 1.36
N THR A 154 5.89 11.21 0.72
CA THR A 154 5.72 12.51 1.37
C THR A 154 4.76 13.39 0.58
N PRO A 155 4.16 14.37 1.28
CA PRO A 155 3.22 15.30 0.67
C PRO A 155 3.89 16.27 -0.30
N VAL A 156 3.24 16.50 -1.44
CA VAL A 156 3.79 17.40 -2.45
C VAL A 156 4.18 18.74 -1.85
N GLN A 157 3.44 19.17 -0.83
CA GLN A 157 3.71 20.44 -0.16
C GLN A 157 3.11 20.45 1.24
N ALA A 158 3.96 20.39 2.25
CA ALA A 158 3.52 20.40 3.64
C ALA A 158 4.65 20.82 4.57
N THR A 159 5.85 20.32 4.30
CA THR A 159 7.01 20.64 5.12
C THR A 159 8.28 19.99 4.56
N ASN A 160 9.40 20.24 5.23
CA ASN A 160 10.68 19.68 4.79
C ASN A 160 11.55 19.33 5.99
N MET A 161 11.17 18.26 6.68
CA MET A 161 11.93 17.80 7.85
C MET A 161 13.36 17.46 7.47
N ASN A 162 14.18 17.20 8.49
CA ASN A 162 15.58 16.86 8.27
C ASN A 162 15.95 15.56 8.96
N ASP A 163 17.24 15.24 8.98
CA ASP A 163 17.72 14.02 9.61
C ASP A 163 18.27 14.31 11.00
N PHE A 164 18.30 13.29 11.85
CA PHE A 164 18.80 13.43 13.21
C PHE A 164 20.13 12.69 13.38
N LYS A 165 20.26 11.57 12.68
CA LYS A 165 21.48 10.76 12.75
C LYS A 165 21.69 10.23 14.16
N SER A 166 22.61 9.28 14.30
CA SER A 166 22.92 8.68 15.59
C SER A 166 24.34 9.01 16.02
N GLY A 167 24.79 8.35 17.09
CA GLY A 167 26.13 8.58 17.59
C GLY A 167 26.47 7.72 18.79
N PRO A 168 26.72 6.43 18.54
CA PRO A 168 27.06 5.46 19.60
C PRO A 168 28.43 5.74 20.21
N SER A 169 28.85 4.86 21.13
CA SER A 169 30.14 5.01 21.79
C SER A 169 30.62 3.67 22.33
N SER A 170 31.88 3.63 22.77
CA SER A 170 32.46 2.41 23.32
C SER A 170 33.22 2.70 24.61
N GLY A 171 33.40 1.66 25.43
CA GLY A 171 34.10 1.83 26.69
C GLY A 171 35.60 1.95 26.50
N GLY A 1 0.86 11.82 16.35
CA GLY A 1 1.63 12.30 17.48
C GLY A 1 2.97 11.60 17.62
N SER A 2 3.83 12.16 18.45
CA SER A 2 5.16 11.59 18.68
C SER A 2 5.94 11.51 17.36
N SER A 3 7.16 10.99 17.45
CA SER A 3 8.01 10.85 16.27
C SER A 3 7.55 9.70 15.39
N GLY A 4 7.82 9.81 14.10
CA GLY A 4 7.42 8.76 13.16
C GLY A 4 8.35 7.57 13.21
N SER A 5 8.90 7.20 12.06
CA SER A 5 9.80 6.07 11.96
C SER A 5 10.97 6.36 11.02
N SER A 6 12.06 5.62 11.18
CA SER A 6 13.24 5.81 10.36
C SER A 6 12.88 5.73 8.87
N GLY A 7 13.85 6.05 8.02
CA GLY A 7 13.62 6.01 6.58
C GLY A 7 13.44 7.39 5.98
N GLY A 8 13.08 8.35 6.82
CA GLY A 8 12.88 9.71 6.34
C GLY A 8 11.46 9.97 5.87
N TYR A 9 11.03 9.22 4.85
CA TYR A 9 9.69 9.37 4.31
C TYR A 9 8.64 9.08 5.37
N MET A 10 7.38 9.02 4.95
CA MET A 10 6.28 8.74 5.86
C MET A 10 5.33 7.70 5.28
N ASP A 11 4.73 6.90 6.15
CA ASP A 11 3.81 5.85 5.73
C ASP A 11 2.51 6.46 5.20
N LEU A 12 2.33 7.76 5.44
CA LEU A 12 1.13 8.46 5.00
C LEU A 12 -0.12 7.82 5.58
N MET A 13 0.06 7.07 6.68
CA MET A 13 -1.06 6.41 7.34
C MET A 13 -2.12 7.42 7.76
N PRO A 14 -1.70 8.45 8.51
CA PRO A 14 -2.59 9.51 8.99
C PRO A 14 -3.09 10.41 7.86
N PHE A 15 -2.58 10.17 6.66
CA PHE A 15 -2.97 10.96 5.49
C PHE A 15 -4.00 10.21 4.65
N ILE A 16 -4.28 8.97 5.03
CA ILE A 16 -5.24 8.15 4.31
C ILE A 16 -6.65 8.32 4.88
N ASN A 17 -7.62 8.43 3.99
CA ASN A 17 -9.02 8.61 4.40
C ASN A 17 -9.74 7.26 4.44
N LYS A 18 -9.73 6.64 5.62
CA LYS A 18 -10.39 5.34 5.81
C LYS A 18 -11.89 5.45 5.59
N ALA A 19 -12.42 6.66 5.78
CA ALA A 19 -13.84 6.91 5.61
C ALA A 19 -14.22 6.91 4.13
N GLY A 20 -13.24 7.17 3.27
CA GLY A 20 -13.49 7.20 1.84
C GLY A 20 -12.87 6.03 1.12
N CYS A 21 -12.22 5.15 1.88
CA CYS A 21 -11.56 3.98 1.30
C CYS A 21 -12.60 2.97 0.81
N GLU A 22 -12.21 2.13 -0.14
CA GLU A 22 -13.10 1.12 -0.70
C GLU A 22 -12.37 -0.21 -0.87
N CYS A 23 -13.05 -1.30 -0.51
CA CYS A 23 -12.48 -2.63 -0.63
C CYS A 23 -13.38 -3.54 -1.46
N LEU A 24 -12.76 -4.41 -2.26
CA LEU A 24 -13.50 -5.33 -3.11
C LEU A 24 -13.31 -6.77 -2.65
N ASN A 25 -14.40 -7.52 -2.58
CA ASN A 25 -14.35 -8.91 -2.16
C ASN A 25 -13.82 -9.02 -0.73
N GLU A 26 -14.19 -8.06 0.11
CA GLU A 26 -13.74 -8.06 1.50
C GLU A 26 -14.52 -9.08 2.33
N SER A 27 -13.79 -9.87 3.11
CA SER A 27 -14.41 -10.90 3.95
C SER A 27 -15.34 -10.27 4.97
N ASP A 28 -16.28 -11.07 5.46
CA ASP A 28 -17.25 -10.60 6.45
C ASP A 28 -16.65 -10.61 7.85
N GLU A 29 -15.94 -11.68 8.17
CA GLU A 29 -15.31 -11.81 9.48
C GLU A 29 -14.09 -10.90 9.60
N HIS A 30 -13.29 -10.86 8.54
CA HIS A 30 -12.10 -10.02 8.53
C HIS A 30 -12.31 -8.78 7.67
N GLY A 31 -11.70 -7.67 8.07
CA GLY A 31 -11.84 -6.43 7.34
C GLY A 31 -10.59 -6.08 6.56
N PHE A 32 -10.76 -5.29 5.49
CA PHE A 32 -9.63 -4.88 4.66
C PHE A 32 -8.92 -3.69 5.27
N ASP A 33 -9.42 -3.22 6.41
CA ASP A 33 -8.82 -2.09 7.11
C ASP A 33 -7.88 -2.56 8.20
N ASN A 34 -8.07 -3.79 8.67
CA ASN A 34 -7.23 -4.35 9.72
C ASN A 34 -5.84 -4.68 9.19
N CYS A 35 -5.72 -4.72 7.86
CA CYS A 35 -4.43 -5.02 7.22
C CYS A 35 -3.66 -3.74 6.91
N LEU A 36 -4.07 -2.64 7.55
CA LEU A 36 -3.42 -1.36 7.34
C LEU A 36 -2.40 -1.07 8.43
N ARG A 37 -2.73 -1.47 9.66
CA ARG A 37 -1.84 -1.27 10.80
C ARG A 37 -1.14 -2.57 11.18
N LYS A 38 0.06 -2.43 11.74
CA LYS A 38 0.84 -3.59 12.16
C LYS A 38 0.17 -4.31 13.32
N ASP A 39 -0.39 -3.53 14.25
CA ASP A 39 -1.06 -4.10 15.42
C ASP A 39 -2.56 -4.24 15.16
N THR A 40 -2.95 -5.34 14.53
CA THR A 40 -4.36 -5.59 14.24
C THR A 40 -4.53 -6.95 13.54
N THR A 41 -5.78 -7.29 13.24
CA THR A 41 -6.09 -8.55 12.59
C THR A 41 -5.62 -8.54 11.13
N PHE A 42 -5.86 -9.64 10.43
CA PHE A 42 -5.47 -9.76 9.03
C PHE A 42 -6.69 -9.74 8.12
N LEU A 43 -6.45 -9.88 6.81
CA LEU A 43 -7.53 -9.89 5.84
C LEU A 43 -7.46 -11.12 4.96
N GLU A 44 -8.38 -12.06 5.18
CA GLU A 44 -8.42 -13.28 4.40
C GLU A 44 -9.42 -13.18 3.25
N SER A 45 -9.09 -13.79 2.13
CA SER A 45 -9.96 -13.76 0.95
C SER A 45 -10.92 -14.93 0.95
N ASP A 46 -12.19 -14.66 0.67
CA ASP A 46 -13.21 -15.70 0.64
C ASP A 46 -13.43 -16.20 -0.79
N CYS A 47 -12.39 -16.07 -1.61
CA CYS A 47 -12.47 -16.50 -3.00
C CYS A 47 -11.09 -16.87 -3.53
N ASP A 48 -10.22 -15.88 -3.63
CA ASP A 48 -8.86 -16.10 -4.13
C ASP A 48 -8.06 -14.80 -4.13
N GLU A 49 -6.89 -14.83 -4.76
CA GLU A 49 -6.03 -13.65 -4.83
C GLU A 49 -6.54 -12.68 -5.89
N GLN A 50 -7.80 -12.26 -5.75
CA GLN A 50 -8.40 -11.33 -6.70
C GLN A 50 -9.12 -10.20 -5.96
N LEU A 51 -8.52 -9.74 -4.86
CA LEU A 51 -9.11 -8.67 -4.07
C LEU A 51 -8.47 -7.32 -4.43
N LEU A 52 -9.26 -6.26 -4.32
CA LEU A 52 -8.78 -4.92 -4.63
C LEU A 52 -8.75 -4.05 -3.38
N ILE A 53 -7.87 -3.06 -3.37
CA ILE A 53 -7.75 -2.16 -2.23
C ILE A 53 -7.68 -0.70 -2.69
N THR A 54 -8.73 0.06 -2.38
CA THR A 54 -8.79 1.46 -2.77
C THR A 54 -8.35 2.36 -1.61
N VAL A 55 -7.76 3.50 -1.96
CA VAL A 55 -7.29 4.46 -0.95
C VAL A 55 -7.56 5.89 -1.38
N ALA A 56 -8.30 6.62 -0.55
CA ALA A 56 -8.63 8.01 -0.84
C ALA A 56 -7.80 8.96 -0.01
N PHE A 57 -6.92 9.71 -0.66
CA PHE A 57 -6.05 10.66 0.03
C PHE A 57 -6.67 12.06 0.01
N ASN A 58 -6.89 12.61 1.19
CA ASN A 58 -7.48 13.95 1.31
C ASN A 58 -6.55 15.00 0.70
N GLN A 59 -5.26 14.68 0.63
CA GLN A 59 -4.27 15.59 0.06
C GLN A 59 -3.36 14.88 -0.92
N PRO A 60 -2.98 15.58 -2.00
CA PRO A 60 -2.11 15.03 -3.04
C PRO A 60 -0.68 14.82 -2.55
N VAL A 61 -0.29 13.56 -2.39
CA VAL A 61 1.04 13.22 -1.92
C VAL A 61 1.85 12.54 -3.02
N LYS A 62 3.02 12.02 -2.66
CA LYS A 62 3.89 11.35 -3.62
C LYS A 62 4.21 9.93 -3.15
N LEU A 63 3.86 8.95 -3.98
CA LEU A 63 4.09 7.55 -3.65
C LEU A 63 5.51 7.13 -4.08
N TYR A 64 6.46 7.29 -3.17
CA TYR A 64 7.85 6.93 -3.46
C TYR A 64 8.05 5.42 -3.32
N SER A 65 7.30 4.81 -2.42
CA SER A 65 7.40 3.37 -2.18
C SER A 65 6.12 2.84 -1.55
N MET A 66 6.00 1.51 -1.50
CA MET A 66 4.83 0.86 -0.92
C MET A 66 5.23 -0.35 -0.09
N LYS A 67 4.69 -0.44 1.12
CA LYS A 67 5.00 -1.55 2.01
C LYS A 67 3.86 -2.56 2.02
N PHE A 68 3.99 -3.61 1.21
CA PHE A 68 2.97 -4.65 1.12
C PHE A 68 3.51 -5.97 1.65
N GLN A 69 2.84 -6.52 2.67
CA GLN A 69 3.25 -7.78 3.26
C GLN A 69 2.03 -8.61 3.67
N GLY A 70 2.27 -9.67 4.43
CA GLY A 70 1.19 -10.53 4.87
C GLY A 70 1.52 -11.28 6.14
N PRO A 71 0.77 -12.35 6.42
CA PRO A 71 0.97 -13.17 7.62
C PRO A 71 2.27 -13.97 7.55
N ASP A 72 2.41 -14.93 8.48
CA ASP A 72 3.60 -15.76 8.52
C ASP A 72 3.24 -17.24 8.33
N ASN A 73 2.26 -17.49 7.47
CA ASN A 73 1.82 -18.85 7.19
C ASN A 73 2.30 -19.31 5.83
N GLY A 74 2.53 -18.36 4.92
CA GLY A 74 2.99 -18.69 3.59
C GLY A 74 2.07 -18.16 2.51
N GLN A 75 1.39 -17.06 2.80
CA GLN A 75 0.47 -16.45 1.84
C GLN A 75 0.69 -14.94 1.76
N GLY A 76 1.32 -14.49 0.68
CA GLY A 76 1.58 -13.08 0.51
C GLY A 76 1.39 -12.63 -0.94
N PRO A 77 1.00 -11.36 -1.11
CA PRO A 77 0.77 -10.78 -2.44
C PRO A 77 2.07 -10.60 -3.22
N LYS A 78 2.08 -11.06 -4.47
CA LYS A 78 3.25 -10.94 -5.32
C LYS A 78 3.01 -9.95 -6.46
N TYR A 79 2.26 -10.39 -7.46
CA TYR A 79 1.96 -9.54 -8.61
C TYR A 79 0.71 -8.69 -8.34
N VAL A 80 0.94 -7.42 -8.02
CA VAL A 80 -0.15 -6.49 -7.74
C VAL A 80 -0.14 -5.31 -8.70
N LYS A 81 -1.31 -4.94 -9.19
CA LYS A 81 -1.44 -3.81 -10.12
C LYS A 81 -1.77 -2.52 -9.38
N ILE A 82 -0.92 -1.52 -9.53
CA ILE A 82 -1.13 -0.24 -8.87
C ILE A 82 -1.83 0.74 -9.81
N PHE A 83 -2.81 1.47 -9.28
CA PHE A 83 -3.56 2.45 -10.07
C PHE A 83 -3.68 3.77 -9.32
N ILE A 84 -3.61 4.87 -10.06
CA ILE A 84 -3.71 6.20 -9.47
C ILE A 84 -4.46 7.15 -10.38
N ASN A 85 -4.86 8.30 -9.84
CA ASN A 85 -5.59 9.29 -10.61
C ASN A 85 -6.81 8.68 -11.29
N LEU A 86 -7.49 7.80 -10.56
CA LEU A 86 -8.69 7.14 -11.08
C LEU A 86 -9.88 8.08 -11.07
N PRO A 87 -10.86 7.82 -11.95
CA PRO A 87 -12.08 8.63 -12.06
C PRO A 87 -12.99 8.47 -10.84
N ARG A 88 -12.85 7.34 -10.15
CA ARG A 88 -13.66 7.07 -8.97
C ARG A 88 -13.15 5.84 -8.23
N SER A 89 -13.39 4.66 -8.82
CA SER A 89 -12.96 3.41 -8.23
C SER A 89 -12.51 2.42 -9.30
N MET A 90 -11.97 1.28 -8.86
CA MET A 90 -11.51 0.26 -9.78
C MET A 90 -12.24 -1.07 -9.54
N ASP A 91 -12.74 -1.66 -10.62
CA ASP A 91 -13.46 -2.92 -10.51
C ASP A 91 -12.59 -4.08 -11.00
N PHE A 92 -13.21 -5.25 -11.16
CA PHE A 92 -12.48 -6.44 -11.62
C PHE A 92 -12.22 -6.37 -13.12
N GLU A 93 -13.17 -5.80 -13.85
CA GLU A 93 -13.04 -5.69 -15.31
C GLU A 93 -12.20 -4.47 -15.67
N GLU A 94 -12.36 -3.39 -14.91
CA GLU A 94 -11.60 -2.16 -15.17
C GLU A 94 -10.14 -2.34 -14.79
N ALA A 95 -9.88 -3.28 -13.89
CA ALA A 95 -8.51 -3.55 -13.43
C ALA A 95 -7.78 -4.45 -14.41
N GLU A 96 -8.52 -5.03 -15.35
CA GLU A 96 -7.94 -5.93 -16.35
C GLU A 96 -7.75 -5.22 -17.67
N ARG A 97 -8.80 -4.54 -18.13
CA ARG A 97 -8.75 -3.82 -19.40
C ARG A 97 -7.74 -2.67 -19.33
N SER A 98 -7.78 -1.92 -18.22
CA SER A 98 -6.87 -0.79 -18.04
C SER A 98 -5.59 -1.24 -17.35
N GLU A 99 -4.45 -0.79 -17.87
CA GLU A 99 -3.15 -1.15 -17.30
C GLU A 99 -2.81 -0.24 -16.12
N PRO A 100 -2.09 -0.80 -15.14
CA PRO A 100 -1.68 -0.05 -13.94
C PRO A 100 -0.64 1.01 -14.25
N THR A 101 -0.34 1.86 -13.26
CA THR A 101 0.63 2.93 -13.43
C THR A 101 2.05 2.40 -13.20
N GLN A 102 2.16 1.32 -12.44
CA GLN A 102 3.46 0.72 -12.16
C GLN A 102 3.41 -0.79 -12.27
N ALA A 103 2.81 -1.43 -11.27
CA ALA A 103 2.68 -2.88 -11.26
C ALA A 103 4.05 -3.55 -11.15
N LEU A 104 4.29 -4.25 -10.05
CA LEU A 104 5.56 -4.93 -9.84
C LEU A 104 5.34 -6.31 -9.22
N GLU A 105 6.32 -7.18 -9.37
CA GLU A 105 6.24 -8.54 -8.82
C GLU A 105 6.93 -8.62 -7.47
N LEU A 106 6.18 -8.34 -6.40
CA LEU A 106 6.72 -8.39 -5.06
C LEU A 106 7.34 -9.75 -4.76
N THR A 107 8.51 -9.73 -4.11
CA THR A 107 9.21 -10.97 -3.77
C THR A 107 9.19 -11.21 -2.27
N GLU A 108 9.74 -12.35 -1.86
CA GLU A 108 9.78 -12.70 -0.44
C GLU A 108 10.49 -11.63 0.37
N ASP A 109 11.41 -10.91 -0.27
CA ASP A 109 12.16 -9.85 0.38
C ASP A 109 11.35 -8.55 0.41
N ASP A 110 10.30 -8.50 -0.40
CA ASP A 110 9.45 -7.31 -0.46
C ASP A 110 8.23 -7.48 0.43
N ILE A 111 8.00 -8.70 0.89
CA ILE A 111 6.86 -8.99 1.76
C ILE A 111 7.32 -9.56 3.10
N LYS A 112 8.57 -9.32 3.44
CA LYS A 112 9.13 -9.81 4.69
C LYS A 112 8.88 -8.82 5.83
N GLU A 113 9.50 -9.08 6.98
CA GLU A 113 9.34 -8.20 8.13
C GLU A 113 9.58 -6.74 7.76
N ASP A 114 10.51 -6.52 6.85
CA ASP A 114 10.85 -5.17 6.40
C ASP A 114 10.66 -5.04 4.90
N GLY A 115 9.69 -5.78 4.35
CA GLY A 115 9.44 -5.73 2.92
C GLY A 115 9.18 -4.33 2.43
N ILE A 116 9.91 -3.91 1.39
CA ILE A 116 9.74 -2.58 0.83
C ILE A 116 9.64 -2.65 -0.70
N VAL A 117 8.64 -1.96 -1.25
CA VAL A 117 8.42 -1.94 -2.68
C VAL A 117 8.69 -0.54 -3.24
N PRO A 118 9.89 -0.36 -3.82
CA PRO A 118 10.29 0.93 -4.41
C PRO A 118 9.53 1.24 -5.69
N LEU A 119 8.66 2.24 -5.62
CA LEU A 119 7.86 2.64 -6.78
C LEU A 119 8.53 3.79 -7.54
N ARG A 120 7.82 4.35 -8.50
CA ARG A 120 8.34 5.45 -9.29
C ARG A 120 7.55 6.74 -9.03
N TYR A 121 8.07 7.56 -8.13
CA TYR A 121 7.41 8.83 -7.78
C TYR A 121 7.20 9.68 -9.02
N VAL A 122 8.02 9.45 -10.04
CA VAL A 122 7.93 10.20 -11.29
C VAL A 122 6.53 10.11 -11.88
N LYS A 123 5.80 9.06 -11.52
CA LYS A 123 4.45 8.86 -12.01
C LYS A 123 3.42 9.27 -10.97
N PHE A 124 3.78 9.13 -9.70
CA PHE A 124 2.89 9.49 -8.60
C PHE A 124 3.26 10.86 -8.02
N GLN A 125 3.77 11.74 -8.88
CA GLN A 125 4.17 13.07 -8.46
C GLN A 125 3.04 13.76 -7.68
N ASN A 126 1.81 13.49 -8.08
CA ASN A 126 0.64 14.08 -7.43
C ASN A 126 -0.58 13.19 -7.60
N VAL A 127 -0.86 12.36 -6.60
CA VAL A 127 -2.01 11.47 -6.64
C VAL A 127 -2.95 11.73 -5.48
N ASN A 128 -4.25 11.64 -5.73
CA ASN A 128 -5.26 11.86 -4.70
C ASN A 128 -6.01 10.58 -4.39
N SER A 129 -5.88 9.59 -5.27
CA SER A 129 -6.55 8.31 -5.08
C SER A 129 -5.74 7.17 -5.70
N VAL A 130 -5.37 6.20 -4.87
CA VAL A 130 -4.59 5.06 -5.34
C VAL A 130 -5.31 3.75 -5.03
N THR A 131 -5.21 2.80 -5.96
CA THR A 131 -5.84 1.50 -5.78
C THR A 131 -4.88 0.36 -6.14
N ILE A 132 -4.99 -0.74 -5.40
CA ILE A 132 -4.13 -1.88 -5.64
C ILE A 132 -4.95 -3.16 -5.82
N PHE A 133 -4.79 -3.80 -6.97
CA PHE A 133 -5.52 -5.02 -7.27
C PHE A 133 -4.61 -6.25 -7.14
N VAL A 134 -5.01 -7.19 -6.29
CA VAL A 134 -4.22 -8.41 -6.08
C VAL A 134 -4.48 -9.42 -7.19
N GLN A 135 -3.40 -9.85 -7.84
CA GLN A 135 -3.51 -10.83 -8.92
C GLN A 135 -2.98 -12.19 -8.48
N SER A 136 -1.69 -12.26 -8.19
CA SER A 136 -1.06 -13.51 -7.76
C SER A 136 -0.31 -13.32 -6.45
N ASN A 137 0.08 -14.42 -5.84
CA ASN A 137 0.81 -14.37 -4.57
C ASN A 137 2.26 -14.82 -4.76
N GLN A 138 2.98 -14.92 -3.66
CA GLN A 138 4.39 -15.33 -3.70
C GLN A 138 4.51 -16.78 -4.16
N GLY A 139 3.89 -17.70 -3.42
CA GLY A 139 3.95 -19.10 -3.77
C GLY A 139 2.71 -19.56 -4.52
N GLU A 140 2.09 -18.64 -5.25
CA GLU A 140 0.89 -18.96 -6.02
C GLU A 140 -0.15 -19.65 -5.14
N GLU A 141 -0.28 -19.19 -3.90
CA GLU A 141 -1.23 -19.75 -2.96
C GLU A 141 -2.65 -19.67 -3.50
N GLU A 142 -3.62 -20.10 -2.70
CA GLU A 142 -5.02 -20.07 -3.11
C GLU A 142 -5.67 -18.74 -2.73
N THR A 143 -5.12 -18.10 -1.71
CA THR A 143 -5.65 -16.82 -1.25
C THR A 143 -4.54 -15.94 -0.67
N THR A 144 -4.67 -14.63 -0.87
CA THR A 144 -3.67 -13.69 -0.37
C THR A 144 -4.16 -13.01 0.91
N ARG A 145 -3.41 -13.20 1.98
CA ARG A 145 -3.77 -12.61 3.27
C ARG A 145 -2.98 -11.32 3.51
N ILE A 146 -3.69 -10.24 3.79
CA ILE A 146 -3.07 -8.95 4.04
C ILE A 146 -3.03 -8.63 5.53
N SER A 147 -1.92 -8.06 5.97
CA SER A 147 -1.74 -7.71 7.38
C SER A 147 -1.20 -6.30 7.54
N TYR A 148 -0.27 -5.93 6.67
CA TYR A 148 0.34 -4.61 6.70
C TYR A 148 0.31 -3.96 5.31
N PHE A 149 -0.31 -2.79 5.24
CA PHE A 149 -0.41 -2.06 3.97
C PHE A 149 -0.32 -0.55 4.21
N THR A 150 0.53 0.10 3.42
CA THR A 150 0.71 1.55 3.54
C THR A 150 1.48 2.11 2.36
N PHE A 151 1.58 3.43 2.28
CA PHE A 151 2.30 4.09 1.20
C PHE A 151 3.42 4.97 1.74
N ILE A 152 4.65 4.64 1.36
CA ILE A 152 5.81 5.40 1.81
C ILE A 152 6.10 6.57 0.87
N GLY A 153 6.27 7.76 1.44
CA GLY A 153 6.55 8.93 0.64
C GLY A 153 6.41 10.22 1.43
N THR A 154 5.89 11.26 0.78
CA THR A 154 5.71 12.54 1.43
C THR A 154 4.74 13.43 0.64
N PRO A 155 4.14 14.41 1.32
CA PRO A 155 3.18 15.33 0.70
C PRO A 155 3.86 16.29 -0.28
N VAL A 156 3.23 16.51 -1.42
CA VAL A 156 3.77 17.41 -2.43
C VAL A 156 4.11 18.76 -1.84
N GLN A 157 3.37 19.16 -0.80
CA GLN A 157 3.61 20.44 -0.15
C GLN A 157 3.39 20.32 1.36
N ALA A 158 4.13 21.11 2.13
CA ALA A 158 4.03 21.09 3.57
C ALA A 158 4.84 22.22 4.20
N THR A 159 4.95 22.20 5.52
CA THR A 159 5.70 23.23 6.24
C THR A 159 7.03 22.69 6.73
N ASN A 160 7.04 21.42 7.14
CA ASN A 160 8.25 20.78 7.62
C ASN A 160 8.77 21.49 8.87
N MET A 161 8.08 21.29 9.99
CA MET A 161 8.47 21.91 11.26
C MET A 161 9.46 21.03 12.01
N ASN A 162 9.81 21.43 13.22
CA ASN A 162 10.74 20.68 14.05
C ASN A 162 10.06 19.48 14.68
N ASP A 163 10.80 18.75 15.51
CA ASP A 163 10.27 17.58 16.18
C ASP A 163 11.02 17.31 17.49
N PHE A 164 10.67 16.20 18.15
CA PHE A 164 11.30 15.84 19.42
C PHE A 164 11.68 14.37 19.42
N LYS A 165 12.29 13.93 20.52
CA LYS A 165 12.70 12.54 20.66
C LYS A 165 13.77 12.19 19.62
N SER A 166 15.02 12.09 20.07
CA SER A 166 16.13 11.76 19.19
C SER A 166 17.29 11.15 19.97
N GLY A 167 17.52 9.86 19.74
CA GLY A 167 18.60 9.17 20.43
C GLY A 167 19.72 8.77 19.50
N PRO A 168 20.79 8.19 20.07
CA PRO A 168 21.96 7.74 19.29
C PRO A 168 21.63 6.53 18.41
N SER A 169 22.67 5.96 17.81
CA SER A 169 22.50 4.80 16.94
C SER A 169 23.80 4.00 16.85
N SER A 170 24.19 3.38 17.96
CA SER A 170 25.41 2.58 18.02
C SER A 170 25.12 1.18 18.53
N GLY A 171 25.87 0.21 18.04
CA GLY A 171 25.69 -1.17 18.47
C GLY A 171 24.70 -1.92 17.59
N GLY A 1 15.63 31.50 7.34
CA GLY A 1 15.51 30.37 8.24
C GLY A 1 16.66 29.39 8.13
N SER A 2 16.44 28.32 7.40
CA SER A 2 17.48 27.30 7.21
C SER A 2 17.87 26.68 8.53
N SER A 3 17.37 25.47 8.79
CA SER A 3 17.66 24.77 10.03
C SER A 3 17.22 23.30 9.95
N GLY A 4 18.16 22.40 10.20
CA GLY A 4 17.86 20.98 10.14
C GLY A 4 18.09 20.39 8.77
N SER A 5 18.71 19.21 8.72
CA SER A 5 18.99 18.55 7.45
C SER A 5 18.73 17.05 7.56
N SER A 6 17.77 16.57 6.78
CA SER A 6 17.41 15.15 6.79
C SER A 6 16.29 14.87 5.80
N GLY A 7 16.02 13.59 5.57
CA GLY A 7 14.97 13.20 4.64
C GLY A 7 14.01 12.19 5.24
N GLY A 8 14.00 10.98 4.70
CA GLY A 8 13.12 9.95 5.19
C GLY A 8 11.65 10.26 4.95
N TYR A 9 10.99 9.43 4.16
CA TYR A 9 9.58 9.63 3.85
C TYR A 9 8.69 9.16 5.00
N MET A 10 7.39 9.10 4.75
CA MET A 10 6.44 8.66 5.77
C MET A 10 5.48 7.62 5.20
N ASP A 11 4.88 6.84 6.09
CA ASP A 11 3.94 5.79 5.67
C ASP A 11 2.64 6.42 5.17
N LEU A 12 2.48 7.72 5.41
CA LEU A 12 1.27 8.42 4.99
C LEU A 12 0.02 7.74 5.54
N MET A 13 0.18 7.02 6.64
CA MET A 13 -0.95 6.32 7.27
C MET A 13 -2.03 7.31 7.68
N PRO A 14 -1.64 8.34 8.45
CA PRO A 14 -2.56 9.38 8.92
C PRO A 14 -3.05 10.28 7.80
N PHE A 15 -2.53 10.07 6.61
CA PHE A 15 -2.91 10.87 5.45
C PHE A 15 -3.93 10.12 4.59
N ILE A 16 -4.21 8.87 4.97
CA ILE A 16 -5.17 8.05 4.24
C ILE A 16 -6.57 8.19 4.83
N ASN A 17 -7.55 8.43 3.96
CA ASN A 17 -8.93 8.57 4.39
C ASN A 17 -9.63 7.22 4.45
N LYS A 18 -9.62 6.61 5.63
CA LYS A 18 -10.25 5.32 5.83
C LYS A 18 -11.76 5.41 5.65
N ALA A 19 -12.30 6.60 5.86
CA ALA A 19 -13.74 6.82 5.71
C ALA A 19 -14.14 6.83 4.24
N GLY A 20 -13.17 7.09 3.36
CA GLY A 20 -13.44 7.13 1.94
C GLY A 20 -12.83 5.94 1.20
N CYS A 21 -12.16 5.08 1.95
CA CYS A 21 -11.53 3.90 1.36
C CYS A 21 -12.58 2.90 0.89
N GLU A 22 -12.20 2.05 -0.06
CA GLU A 22 -13.11 1.05 -0.60
C GLU A 22 -12.39 -0.28 -0.81
N CYS A 23 -13.05 -1.37 -0.43
CA CYS A 23 -12.47 -2.70 -0.58
C CYS A 23 -13.37 -3.60 -1.41
N LEU A 24 -12.76 -4.44 -2.24
CA LEU A 24 -13.52 -5.36 -3.10
C LEU A 24 -13.30 -6.81 -2.67
N ASN A 25 -14.40 -7.54 -2.55
CA ASN A 25 -14.34 -8.95 -2.15
C ASN A 25 -13.79 -9.08 -0.74
N GLU A 26 -14.09 -8.09 0.10
CA GLU A 26 -13.61 -8.10 1.49
C GLU A 26 -14.33 -9.17 2.29
N SER A 27 -13.56 -9.96 3.04
CA SER A 27 -14.13 -11.03 3.85
C SER A 27 -15.14 -10.48 4.85
N ASP A 28 -16.08 -11.33 5.25
CA ASP A 28 -17.12 -10.93 6.19
C ASP A 28 -16.59 -10.95 7.62
N GLU A 29 -15.73 -11.93 7.92
CA GLU A 29 -15.15 -12.06 9.24
C GLU A 29 -13.94 -11.14 9.41
N HIS A 30 -13.15 -11.02 8.35
CA HIS A 30 -11.96 -10.18 8.38
C HIS A 30 -12.20 -8.88 7.60
N GLY A 31 -11.58 -7.79 8.05
CA GLY A 31 -11.74 -6.52 7.39
C GLY A 31 -10.50 -6.11 6.63
N PHE A 32 -10.69 -5.34 5.56
CA PHE A 32 -9.57 -4.88 4.74
C PHE A 32 -8.89 -3.68 5.39
N ASP A 33 -9.44 -3.23 6.51
CA ASP A 33 -8.88 -2.07 7.22
C ASP A 33 -7.96 -2.52 8.34
N ASN A 34 -8.15 -3.76 8.80
CA ASN A 34 -7.33 -4.31 9.87
C ASN A 34 -5.93 -4.65 9.36
N CYS A 35 -5.78 -4.74 8.05
CA CYS A 35 -4.50 -5.06 7.43
C CYS A 35 -3.74 -3.79 7.09
N LEU A 36 -4.14 -2.67 7.68
CA LEU A 36 -3.50 -1.39 7.43
C LEU A 36 -2.47 -1.06 8.52
N ARG A 37 -2.78 -1.47 9.75
CA ARG A 37 -1.89 -1.24 10.88
C ARG A 37 -0.96 -2.42 11.09
N LYS A 38 0.12 -2.19 11.84
CA LYS A 38 1.10 -3.24 12.13
C LYS A 38 0.54 -4.21 13.16
N ASP A 39 -0.15 -3.69 14.16
CA ASP A 39 -0.73 -4.52 15.21
C ASP A 39 -2.24 -4.63 15.05
N THR A 40 -2.66 -5.59 14.22
CA THR A 40 -4.08 -5.81 13.97
C THR A 40 -4.31 -7.16 13.31
N THR A 41 -5.59 -7.50 13.11
CA THR A 41 -5.95 -8.77 12.49
C THR A 41 -5.47 -8.83 11.04
N PHE A 42 -5.70 -9.97 10.40
CA PHE A 42 -5.29 -10.16 9.01
C PHE A 42 -6.50 -10.20 8.09
N LEU A 43 -6.29 -9.86 6.83
CA LEU A 43 -7.37 -9.86 5.84
C LEU A 43 -7.28 -11.08 4.94
N GLU A 44 -8.19 -12.03 5.15
CA GLU A 44 -8.21 -13.25 4.35
C GLU A 44 -9.23 -13.14 3.22
N SER A 45 -8.94 -13.80 2.10
CA SER A 45 -9.83 -13.77 0.95
C SER A 45 -10.79 -14.96 0.97
N ASP A 46 -12.07 -14.69 0.72
CA ASP A 46 -13.09 -15.73 0.72
C ASP A 46 -13.31 -16.26 -0.69
N CYS A 47 -12.31 -16.09 -1.55
CA CYS A 47 -12.41 -16.55 -2.94
C CYS A 47 -11.03 -16.90 -3.49
N ASP A 48 -10.16 -15.89 -3.58
CA ASP A 48 -8.82 -16.09 -4.10
C ASP A 48 -8.03 -14.78 -4.09
N GLU A 49 -6.87 -14.79 -4.73
CA GLU A 49 -6.03 -13.60 -4.80
C GLU A 49 -6.54 -12.63 -5.86
N GLN A 50 -7.80 -12.22 -5.73
CA GLN A 50 -8.42 -11.30 -6.67
C GLN A 50 -9.14 -10.17 -5.93
N LEU A 51 -8.55 -9.72 -4.84
CA LEU A 51 -9.13 -8.64 -4.05
C LEU A 51 -8.50 -7.29 -4.40
N LEU A 52 -9.30 -6.24 -4.32
CA LEU A 52 -8.82 -4.89 -4.63
C LEU A 52 -8.80 -4.01 -3.38
N ILE A 53 -7.92 -3.02 -3.37
CA ILE A 53 -7.80 -2.11 -2.24
C ILE A 53 -7.75 -0.66 -2.70
N THR A 54 -8.79 0.10 -2.38
CA THR A 54 -8.86 1.51 -2.75
C THR A 54 -8.38 2.41 -1.62
N VAL A 55 -7.73 3.51 -1.99
CA VAL A 55 -7.22 4.46 -1.00
C VAL A 55 -7.52 5.89 -1.41
N ALA A 56 -8.21 6.62 -0.54
CA ALA A 56 -8.56 8.01 -0.82
C ALA A 56 -7.72 8.96 0.03
N PHE A 57 -6.85 9.72 -0.63
CA PHE A 57 -5.99 10.68 0.07
C PHE A 57 -6.60 12.07 0.05
N ASN A 58 -6.85 12.61 1.24
CA ASN A 58 -7.44 13.94 1.38
C ASN A 58 -6.52 15.00 0.77
N GLN A 59 -5.23 14.69 0.69
CA GLN A 59 -4.26 15.61 0.13
C GLN A 59 -3.34 14.90 -0.86
N PRO A 60 -2.97 15.62 -1.94
CA PRO A 60 -2.09 15.07 -2.98
C PRO A 60 -0.66 14.88 -2.49
N VAL A 61 -0.24 13.61 -2.40
CA VAL A 61 1.10 13.28 -1.96
C VAL A 61 1.90 12.60 -3.05
N LYS A 62 3.11 12.15 -2.72
CA LYS A 62 3.96 11.47 -3.67
C LYS A 62 4.30 10.06 -3.21
N LEU A 63 3.93 9.07 -4.00
CA LEU A 63 4.19 7.68 -3.67
C LEU A 63 5.59 7.27 -4.11
N TYR A 64 6.51 7.24 -3.14
CA TYR A 64 7.90 6.87 -3.43
C TYR A 64 8.09 5.36 -3.27
N SER A 65 7.32 4.76 -2.38
CA SER A 65 7.41 3.32 -2.14
C SER A 65 6.12 2.79 -1.53
N MET A 66 6.02 1.47 -1.42
CA MET A 66 4.84 0.84 -0.85
C MET A 66 5.22 -0.38 -0.01
N LYS A 67 4.65 -0.47 1.18
CA LYS A 67 4.93 -1.58 2.08
C LYS A 67 3.80 -2.59 2.06
N PHE A 68 3.94 -3.63 1.22
CA PHE A 68 2.92 -4.66 1.10
C PHE A 68 3.46 -6.01 1.60
N GLN A 69 2.80 -6.58 2.60
CA GLN A 69 3.21 -7.86 3.15
C GLN A 69 2.00 -8.65 3.63
N GLY A 70 2.27 -9.73 4.36
CA GLY A 70 1.20 -10.57 4.87
C GLY A 70 1.50 -11.14 6.24
N PRO A 71 0.73 -12.16 6.65
CA PRO A 71 0.91 -12.81 7.96
C PRO A 71 2.20 -13.62 8.02
N ASP A 72 2.34 -14.40 9.10
CA ASP A 72 3.53 -15.23 9.28
C ASP A 72 3.22 -16.70 9.00
N ASN A 73 2.34 -16.93 8.03
CA ASN A 73 1.95 -18.28 7.67
C ASN A 73 2.59 -18.70 6.36
N GLY A 74 2.85 -17.71 5.49
CA GLY A 74 3.47 -17.99 4.21
C GLY A 74 2.56 -17.62 3.04
N GLN A 75 1.64 -16.70 3.30
CA GLN A 75 0.71 -16.26 2.26
C GLN A 75 0.79 -14.75 2.05
N GLY A 76 1.54 -14.33 1.02
CA GLY A 76 1.69 -12.92 0.74
C GLY A 76 1.52 -12.61 -0.73
N PRO A 77 1.09 -11.36 -1.02
CA PRO A 77 0.87 -10.91 -2.40
C PRO A 77 2.18 -10.75 -3.18
N LYS A 78 2.13 -11.01 -4.47
CA LYS A 78 3.30 -10.90 -5.33
C LYS A 78 3.06 -9.92 -6.46
N TYR A 79 2.28 -10.34 -7.45
CA TYR A 79 1.97 -9.49 -8.60
C TYR A 79 0.74 -8.63 -8.32
N VAL A 80 0.98 -7.38 -7.97
CA VAL A 80 -0.11 -6.45 -7.67
C VAL A 80 -0.11 -5.28 -8.65
N LYS A 81 -1.29 -4.93 -9.16
CA LYS A 81 -1.43 -3.83 -10.10
C LYS A 81 -1.80 -2.54 -9.37
N ILE A 82 -0.95 -1.52 -9.50
CA ILE A 82 -1.19 -0.24 -8.86
C ILE A 82 -1.89 0.72 -9.82
N PHE A 83 -2.87 1.45 -9.30
CA PHE A 83 -3.61 2.42 -10.11
C PHE A 83 -3.75 3.75 -9.38
N ILE A 84 -3.75 4.84 -10.14
CA ILE A 84 -3.88 6.17 -9.57
C ILE A 84 -4.71 7.09 -10.46
N ASN A 85 -5.07 8.25 -9.94
CA ASN A 85 -5.86 9.21 -10.70
C ASN A 85 -7.11 8.55 -11.27
N LEU A 86 -7.67 7.60 -10.54
CA LEU A 86 -8.87 6.89 -10.98
C LEU A 86 -10.08 7.82 -10.99
N PRO A 87 -11.08 7.48 -11.80
CA PRO A 87 -12.32 8.26 -11.92
C PRO A 87 -13.17 8.19 -10.66
N ARG A 88 -12.96 7.16 -9.87
CA ARG A 88 -13.71 6.97 -8.63
C ARG A 88 -13.27 5.70 -7.90
N SER A 89 -12.97 4.66 -8.66
CA SER A 89 -12.52 3.39 -8.09
C SER A 89 -12.13 2.41 -9.18
N MET A 90 -11.62 1.25 -8.77
CA MET A 90 -11.20 0.22 -9.72
C MET A 90 -11.97 -1.08 -9.49
N ASP A 91 -12.52 -1.63 -10.56
CA ASP A 91 -13.28 -2.87 -10.48
C ASP A 91 -12.44 -4.06 -10.96
N PHE A 92 -13.09 -5.19 -11.13
CA PHE A 92 -12.41 -6.40 -11.59
C PHE A 92 -12.17 -6.35 -13.09
N GLU A 93 -13.13 -5.79 -13.83
CA GLU A 93 -13.02 -5.68 -15.28
C GLU A 93 -12.17 -4.48 -15.67
N GLU A 94 -12.30 -3.39 -14.91
CA GLU A 94 -11.54 -2.17 -15.17
C GLU A 94 -10.08 -2.35 -14.81
N ALA A 95 -9.80 -3.30 -13.91
CA ALA A 95 -8.45 -3.57 -13.48
C ALA A 95 -7.73 -4.50 -14.45
N GLU A 96 -8.50 -5.08 -15.38
CA GLU A 96 -7.94 -5.99 -16.37
C GLU A 96 -7.77 -5.29 -17.71
N ARG A 97 -8.80 -4.60 -18.16
CA ARG A 97 -8.76 -3.89 -19.44
C ARG A 97 -7.74 -2.76 -19.39
N SER A 98 -7.75 -2.01 -18.30
CA SER A 98 -6.82 -0.89 -18.14
C SER A 98 -5.56 -1.34 -17.42
N GLU A 99 -4.41 -0.86 -17.92
CA GLU A 99 -3.12 -1.21 -17.32
C GLU A 99 -2.81 -0.30 -16.14
N PRO A 100 -2.08 -0.84 -15.14
CA PRO A 100 -1.70 -0.10 -13.95
C PRO A 100 -0.66 0.98 -14.24
N THR A 101 -0.43 1.84 -13.26
CA THR A 101 0.54 2.93 -13.42
C THR A 101 1.96 2.43 -13.19
N GLN A 102 2.10 1.36 -12.42
CA GLN A 102 3.41 0.79 -12.11
C GLN A 102 3.37 -0.73 -12.22
N ALA A 103 2.78 -1.37 -11.21
CA ALA A 103 2.68 -2.82 -11.19
C ALA A 103 4.06 -3.47 -11.09
N LEU A 104 4.29 -4.19 -9.98
CA LEU A 104 5.57 -4.85 -9.78
C LEU A 104 5.37 -6.23 -9.15
N GLU A 105 6.34 -7.11 -9.35
CA GLU A 105 6.28 -8.46 -8.80
C GLU A 105 6.99 -8.54 -7.46
N LEU A 106 6.25 -8.27 -6.39
CA LEU A 106 6.81 -8.31 -5.04
C LEU A 106 7.50 -9.64 -4.78
N THR A 107 8.55 -9.61 -3.98
CA THR A 107 9.31 -10.82 -3.64
C THR A 107 9.28 -11.08 -2.14
N GLU A 108 9.84 -12.23 -1.74
CA GLU A 108 9.88 -12.60 -0.33
C GLU A 108 10.59 -11.54 0.50
N ASP A 109 11.47 -10.78 -0.16
CA ASP A 109 12.21 -9.72 0.51
C ASP A 109 11.41 -8.43 0.58
N ASP A 110 10.34 -8.37 -0.22
CA ASP A 110 9.48 -7.19 -0.25
C ASP A 110 8.27 -7.38 0.65
N ILE A 111 8.02 -8.63 1.04
CA ILE A 111 6.88 -8.94 1.90
C ILE A 111 7.34 -9.54 3.22
N LYS A 112 8.58 -9.22 3.61
CA LYS A 112 9.13 -9.73 4.86
C LYS A 112 8.89 -8.75 6.01
N GLU A 113 9.51 -9.02 7.15
CA GLU A 113 9.36 -8.15 8.32
C GLU A 113 9.61 -6.70 7.96
N ASP A 114 10.58 -6.47 7.09
CA ASP A 114 10.92 -5.11 6.65
C ASP A 114 10.85 -4.99 5.14
N GLY A 115 9.89 -5.69 4.54
CA GLY A 115 9.74 -5.64 3.10
C GLY A 115 9.38 -4.26 2.59
N ILE A 116 9.98 -3.88 1.47
CA ILE A 116 9.73 -2.57 0.89
C ILE A 116 9.60 -2.66 -0.63
N VAL A 117 8.64 -1.91 -1.19
CA VAL A 117 8.42 -1.91 -2.63
C VAL A 117 8.67 -0.53 -3.22
N PRO A 118 9.86 -0.34 -3.81
CA PRO A 118 10.26 0.92 -4.42
C PRO A 118 9.48 1.22 -5.69
N LEU A 119 8.59 2.20 -5.63
CA LEU A 119 7.77 2.58 -6.78
C LEU A 119 8.45 3.69 -7.57
N ARG A 120 7.71 4.26 -8.53
CA ARG A 120 8.23 5.34 -9.35
C ARG A 120 7.49 6.64 -9.09
N TYR A 121 8.03 7.45 -8.18
CA TYR A 121 7.42 8.72 -7.83
C TYR A 121 7.21 9.59 -9.08
N VAL A 122 8.02 9.34 -10.10
CA VAL A 122 7.93 10.09 -11.34
C VAL A 122 6.52 10.03 -11.92
N LYS A 123 5.78 8.99 -11.54
CA LYS A 123 4.41 8.82 -12.03
C LYS A 123 3.41 9.28 -10.98
N PHE A 124 3.77 9.12 -9.71
CA PHE A 124 2.90 9.53 -8.62
C PHE A 124 3.31 10.89 -8.06
N GLN A 125 3.80 11.76 -8.95
CA GLN A 125 4.23 13.10 -8.56
C GLN A 125 3.13 13.80 -7.77
N ASN A 126 1.88 13.47 -8.07
CA ASN A 126 0.73 14.07 -7.39
C ASN A 126 -0.52 13.23 -7.57
N VAL A 127 -0.77 12.35 -6.60
CA VAL A 127 -1.94 11.48 -6.66
C VAL A 127 -2.88 11.76 -5.49
N ASN A 128 -4.18 11.64 -5.73
CA ASN A 128 -5.18 11.87 -4.71
C ASN A 128 -5.95 10.59 -4.39
N SER A 129 -5.84 9.61 -5.28
CA SER A 129 -6.53 8.34 -5.09
C SER A 129 -5.74 7.19 -5.73
N VAL A 130 -5.34 6.23 -4.90
CA VAL A 130 -4.57 5.08 -5.38
C VAL A 130 -5.27 3.78 -5.05
N THR A 131 -5.22 2.83 -5.98
CA THR A 131 -5.86 1.53 -5.79
C THR A 131 -4.91 0.40 -6.13
N ILE A 132 -5.01 -0.70 -5.39
CA ILE A 132 -4.15 -1.86 -5.61
C ILE A 132 -4.98 -3.13 -5.81
N PHE A 133 -4.81 -3.78 -6.95
CA PHE A 133 -5.54 -5.00 -7.24
C PHE A 133 -4.63 -6.22 -7.12
N VAL A 134 -5.03 -7.17 -6.28
CA VAL A 134 -4.26 -8.38 -6.06
C VAL A 134 -4.50 -9.40 -7.17
N GLN A 135 -3.42 -9.84 -7.80
CA GLN A 135 -3.52 -10.81 -8.89
C GLN A 135 -2.97 -12.17 -8.46
N SER A 136 -1.68 -12.21 -8.12
CA SER A 136 -1.03 -13.43 -7.71
C SER A 136 -0.28 -13.23 -6.40
N ASN A 137 0.11 -14.34 -5.77
CA ASN A 137 0.84 -14.28 -4.50
C ASN A 137 2.29 -14.74 -4.69
N GLN A 138 3.01 -14.86 -3.57
CA GLN A 138 4.39 -15.29 -3.61
C GLN A 138 4.51 -16.72 -4.13
N GLY A 139 3.86 -17.65 -3.43
CA GLY A 139 3.89 -19.04 -3.83
C GLY A 139 2.64 -19.46 -4.57
N GLU A 140 2.04 -18.53 -5.30
CA GLU A 140 0.83 -18.81 -6.05
C GLU A 140 -0.23 -19.47 -5.17
N GLU A 141 -0.22 -19.11 -3.89
CA GLU A 141 -1.18 -19.68 -2.94
C GLU A 141 -2.60 -19.53 -3.45
N GLU A 142 -3.54 -20.21 -2.78
CA GLU A 142 -4.94 -20.16 -3.17
C GLU A 142 -5.56 -18.82 -2.80
N THR A 143 -4.98 -18.16 -1.80
CA THR A 143 -5.48 -16.87 -1.34
C THR A 143 -4.36 -16.03 -0.74
N THR A 144 -4.54 -14.71 -0.75
CA THR A 144 -3.55 -13.79 -0.21
C THR A 144 -4.03 -13.15 1.08
N ARG A 145 -3.22 -13.23 2.13
CA ARG A 145 -3.57 -12.66 3.42
C ARG A 145 -2.81 -11.36 3.66
N ILE A 146 -3.56 -10.27 3.84
CA ILE A 146 -2.96 -8.97 4.08
C ILE A 146 -2.84 -8.67 5.57
N SER A 147 -1.66 -8.23 5.99
CA SER A 147 -1.42 -7.92 7.39
C SER A 147 -1.01 -6.44 7.57
N TYR A 148 -0.13 -5.98 6.69
CA TYR A 148 0.33 -4.60 6.75
C TYR A 148 0.32 -3.96 5.36
N PHE A 149 -0.36 -2.83 5.25
CA PHE A 149 -0.46 -2.11 3.97
C PHE A 149 -0.40 -0.61 4.18
N THR A 150 0.48 0.06 3.44
CA THR A 150 0.64 1.50 3.55
C THR A 150 1.32 2.07 2.31
N PHE A 151 1.67 3.35 2.37
CA PHE A 151 2.32 4.02 1.25
C PHE A 151 3.45 4.93 1.74
N ILE A 152 4.67 4.59 1.35
CA ILE A 152 5.84 5.37 1.76
C ILE A 152 6.03 6.57 0.82
N GLY A 153 6.12 7.75 1.41
CA GLY A 153 6.31 8.96 0.63
C GLY A 153 6.08 10.22 1.43
N THR A 154 5.96 11.36 0.75
CA THR A 154 5.75 12.64 1.40
C THR A 154 4.78 13.51 0.61
N PRO A 155 4.16 14.48 1.29
CA PRO A 155 3.20 15.40 0.67
C PRO A 155 3.88 16.37 -0.30
N VAL A 156 3.23 16.59 -1.44
CA VAL A 156 3.77 17.50 -2.44
C VAL A 156 4.14 18.85 -1.83
N GLN A 157 3.40 19.25 -0.81
CA GLN A 157 3.64 20.52 -0.14
C GLN A 157 2.90 20.58 1.20
N ALA A 158 3.66 20.60 2.29
CA ALA A 158 3.08 20.66 3.62
C ALA A 158 3.83 21.64 4.51
N THR A 159 5.01 21.24 4.97
CA THR A 159 5.83 22.08 5.83
C THR A 159 7.23 21.51 5.99
N ASN A 160 8.05 22.20 6.78
CA ASN A 160 9.42 21.75 7.03
C ASN A 160 9.52 20.96 8.33
N MET A 161 8.78 19.87 8.41
CA MET A 161 8.79 19.03 9.61
C MET A 161 9.98 18.09 9.61
N ASN A 162 10.05 17.22 10.61
CA ASN A 162 11.15 16.26 10.73
C ASN A 162 10.61 14.85 10.95
N ASP A 163 11.52 13.93 11.26
CA ASP A 163 11.15 12.54 11.50
C ASP A 163 12.31 11.76 12.09
N PHE A 164 12.13 10.46 12.24
CA PHE A 164 13.17 9.59 12.79
C PHE A 164 13.48 8.44 11.84
N LYS A 165 14.42 7.59 12.25
CA LYS A 165 14.81 6.44 11.44
C LYS A 165 15.56 5.40 12.29
N SER A 166 16.79 5.72 12.66
CA SER A 166 17.60 4.83 13.45
C SER A 166 17.88 3.52 12.71
N GLY A 167 18.81 2.72 13.23
CA GLY A 167 19.15 1.47 12.60
C GLY A 167 20.53 0.99 12.99
N PRO A 168 20.98 -0.11 12.35
CA PRO A 168 22.29 -0.71 12.63
C PRO A 168 23.43 0.16 12.12
N SER A 169 24.65 -0.37 12.15
CA SER A 169 25.82 0.35 11.71
C SER A 169 26.24 -0.10 10.31
N SER A 170 26.54 -1.39 10.17
CA SER A 170 26.95 -1.95 8.89
C SER A 170 28.27 -1.32 8.43
N GLY A 171 29.35 -2.09 8.55
CA GLY A 171 30.65 -1.60 8.13
C GLY A 171 31.14 -0.45 9.00
N GLY A 1 30.59 12.05 8.98
CA GLY A 1 31.66 11.49 8.18
C GLY A 1 31.22 11.19 6.75
N SER A 2 31.07 9.91 6.45
CA SER A 2 30.66 9.49 5.12
C SER A 2 29.17 9.15 5.08
N SER A 3 28.36 10.15 4.74
CA SER A 3 26.91 9.97 4.68
C SER A 3 26.39 10.32 3.30
N GLY A 4 25.43 9.54 2.81
CA GLY A 4 24.85 9.77 1.51
C GLY A 4 23.49 10.42 1.58
N SER A 5 23.43 11.64 2.11
CA SER A 5 22.18 12.36 2.26
C SER A 5 21.19 11.58 3.12
N SER A 6 19.99 12.14 3.30
CA SER A 6 18.96 11.50 4.10
C SER A 6 17.75 11.15 3.25
N GLY A 7 16.84 10.37 3.82
CA GLY A 7 15.63 9.98 3.11
C GLY A 7 14.55 9.45 4.02
N GLY A 8 14.09 10.30 4.94
CA GLY A 8 13.06 9.89 5.86
C GLY A 8 11.65 10.16 5.34
N TYR A 9 11.01 9.13 4.84
CA TYR A 9 9.66 9.26 4.30
C TYR A 9 8.61 8.94 5.35
N MET A 10 7.34 8.95 4.95
CA MET A 10 6.25 8.65 5.86
C MET A 10 5.30 7.63 5.25
N ASP A 11 4.67 6.81 6.10
CA ASP A 11 3.74 5.79 5.64
C ASP A 11 2.44 6.43 5.15
N LEU A 12 2.29 7.72 5.40
CA LEU A 12 1.10 8.45 4.98
C LEU A 12 -0.17 7.81 5.57
N MET A 13 0.01 7.06 6.65
CA MET A 13 -1.11 6.39 7.31
C MET A 13 -2.18 7.41 7.73
N PRO A 14 -1.75 8.43 8.48
CA PRO A 14 -2.64 9.48 8.96
C PRO A 14 -3.14 10.39 7.84
N PHE A 15 -2.62 10.17 6.64
CA PHE A 15 -3.00 10.96 5.48
C PHE A 15 -4.04 10.22 4.63
N ILE A 16 -4.33 8.98 5.01
CA ILE A 16 -5.30 8.18 4.29
C ILE A 16 -6.71 8.36 4.86
N ASN A 17 -7.67 8.59 3.98
CA ASN A 17 -9.05 8.80 4.40
C ASN A 17 -9.75 7.45 4.62
N LYS A 18 -9.66 6.95 5.85
CA LYS A 18 -10.27 5.68 6.21
C LYS A 18 -11.79 5.74 6.02
N ALA A 19 -12.33 6.95 6.01
CA ALA A 19 -13.77 7.15 5.84
C ALA A 19 -14.13 7.27 4.36
N GLY A 20 -13.15 6.99 3.50
CA GLY A 20 -13.39 7.07 2.07
C GLY A 20 -12.74 5.94 1.31
N CYS A 21 -12.21 4.97 2.04
CA CYS A 21 -11.56 3.81 1.43
C CYS A 21 -12.58 2.78 0.97
N GLU A 22 -12.24 2.05 -0.08
CA GLU A 22 -13.13 1.03 -0.62
C GLU A 22 -12.39 -0.29 -0.82
N CYS A 23 -13.04 -1.39 -0.45
CA CYS A 23 -12.45 -2.72 -0.59
C CYS A 23 -13.35 -3.63 -1.42
N LEU A 24 -12.73 -4.48 -2.24
CA LEU A 24 -13.47 -5.40 -3.08
C LEU A 24 -13.25 -6.84 -2.64
N ASN A 25 -14.35 -7.59 -2.51
CA ASN A 25 -14.27 -8.99 -2.09
C ASN A 25 -13.72 -9.10 -0.67
N GLU A 26 -13.99 -8.09 0.14
CA GLU A 26 -13.51 -8.07 1.53
C GLU A 26 -14.21 -9.17 2.34
N SER A 27 -13.40 -9.92 3.09
CA SER A 27 -13.93 -11.00 3.92
C SER A 27 -14.98 -10.48 4.90
N ASP A 28 -15.84 -11.37 5.36
CA ASP A 28 -16.89 -11.01 6.31
C ASP A 28 -16.34 -10.95 7.73
N GLU A 29 -15.51 -11.93 8.08
CA GLU A 29 -14.92 -11.99 9.41
C GLU A 29 -13.69 -11.10 9.50
N HIS A 30 -13.00 -10.93 8.38
CA HIS A 30 -11.80 -10.10 8.33
C HIS A 30 -12.07 -8.81 7.56
N GLY A 31 -11.41 -7.73 7.98
CA GLY A 31 -11.59 -6.45 7.31
C GLY A 31 -10.36 -6.01 6.55
N PHE A 32 -10.57 -5.26 5.48
CA PHE A 32 -9.46 -4.78 4.66
C PHE A 32 -8.83 -3.53 5.28
N ASP A 33 -9.36 -3.10 6.41
CA ASP A 33 -8.85 -1.93 7.10
C ASP A 33 -7.88 -2.34 8.21
N ASN A 34 -7.93 -3.60 8.60
CA ASN A 34 -7.06 -4.12 9.64
C ASN A 34 -5.64 -4.33 9.12
N CYS A 35 -5.53 -4.53 7.81
CA CYS A 35 -4.23 -4.75 7.18
C CYS A 35 -3.40 -3.47 7.17
N LEU A 36 -4.08 -2.33 7.34
CA LEU A 36 -3.41 -1.05 7.36
C LEU A 36 -2.49 -0.91 8.56
N ARG A 37 -2.80 -1.68 9.62
CA ARG A 37 -2.00 -1.65 10.84
C ARG A 37 -0.96 -2.76 10.83
N LYS A 38 -0.13 -2.80 11.88
CA LYS A 38 0.91 -3.82 11.99
C LYS A 38 0.55 -4.84 13.05
N ASP A 39 -0.26 -4.44 14.03
CA ASP A 39 -0.68 -5.32 15.10
C ASP A 39 -2.18 -5.20 15.36
N THR A 40 -2.97 -5.91 14.56
CA THR A 40 -4.42 -5.88 14.70
C THR A 40 -5.09 -6.75 13.64
N THR A 41 -5.22 -8.03 13.93
CA THR A 41 -5.86 -8.97 13.00
C THR A 41 -5.25 -8.84 11.61
N PHE A 42 -5.87 -9.50 10.64
CA PHE A 42 -5.40 -9.47 9.26
C PHE A 42 -6.57 -9.58 8.28
N LEU A 43 -6.24 -9.59 7.00
CA LEU A 43 -7.26 -9.68 5.95
C LEU A 43 -7.04 -10.92 5.09
N GLU A 44 -7.99 -11.86 5.16
CA GLU A 44 -7.89 -13.09 4.39
C GLU A 44 -8.94 -13.11 3.27
N SER A 45 -8.49 -13.44 2.06
CA SER A 45 -9.38 -13.49 0.91
C SER A 45 -10.50 -14.51 1.12
N ASP A 46 -11.71 -14.14 0.76
CA ASP A 46 -12.86 -15.02 0.90
C ASP A 46 -13.03 -15.92 -0.33
N CYS A 47 -12.10 -15.79 -1.27
CA CYS A 47 -12.14 -16.59 -2.49
C CYS A 47 -10.73 -16.91 -2.97
N ASP A 48 -10.07 -15.92 -3.54
CA ASP A 48 -8.71 -16.09 -4.05
C ASP A 48 -7.95 -14.77 -4.06
N GLU A 49 -6.78 -14.77 -4.68
CA GLU A 49 -5.96 -13.56 -4.76
C GLU A 49 -6.49 -12.61 -5.83
N GLN A 50 -7.75 -12.21 -5.68
CA GLN A 50 -8.38 -11.30 -6.63
C GLN A 50 -9.10 -10.17 -5.91
N LEU A 51 -8.52 -9.70 -4.82
CA LEU A 51 -9.12 -8.62 -4.04
C LEU A 51 -8.49 -7.28 -4.40
N LEU A 52 -9.28 -6.22 -4.30
CA LEU A 52 -8.80 -4.87 -4.62
C LEU A 52 -8.79 -3.99 -3.38
N ILE A 53 -7.91 -3.00 -3.36
CA ILE A 53 -7.80 -2.08 -2.23
C ILE A 53 -7.75 -0.63 -2.70
N THR A 54 -8.78 0.13 -2.37
CA THR A 54 -8.86 1.53 -2.75
C THR A 54 -8.41 2.44 -1.62
N VAL A 55 -7.76 3.55 -1.97
CA VAL A 55 -7.28 4.49 -0.97
C VAL A 55 -7.57 5.93 -1.40
N ALA A 56 -8.28 6.67 -0.56
CA ALA A 56 -8.62 8.06 -0.86
C ALA A 56 -7.79 9.01 -0.01
N PHE A 57 -6.91 9.76 -0.67
CA PHE A 57 -6.05 10.72 0.01
C PHE A 57 -6.64 12.12 -0.02
N ASN A 58 -6.89 12.69 1.15
CA ASN A 58 -7.46 14.02 1.25
C ASN A 58 -6.53 15.06 0.64
N GLN A 59 -5.24 14.73 0.59
CA GLN A 59 -4.24 15.64 0.02
C GLN A 59 -3.34 14.91 -0.96
N PRO A 60 -2.94 15.61 -2.04
CA PRO A 60 -2.08 15.05 -3.08
C PRO A 60 -0.65 14.83 -2.58
N VAL A 61 -0.29 13.56 -2.39
CA VAL A 61 1.05 13.22 -1.92
C VAL A 61 1.86 12.53 -3.03
N LYS A 62 3.02 12.01 -2.66
CA LYS A 62 3.89 11.33 -3.60
C LYS A 62 4.20 9.91 -3.15
N LEU A 63 3.84 8.93 -3.97
CA LEU A 63 4.07 7.53 -3.64
C LEU A 63 5.47 7.11 -4.06
N TYR A 64 6.44 7.26 -3.16
CA TYR A 64 7.82 6.89 -3.43
C TYR A 64 8.03 5.39 -3.27
N SER A 65 7.31 4.80 -2.31
CA SER A 65 7.42 3.37 -2.05
C SER A 65 6.12 2.83 -1.46
N MET A 66 6.03 1.50 -1.35
CA MET A 66 4.85 0.86 -0.80
C MET A 66 5.23 -0.38 0.02
N LYS A 67 4.67 -0.49 1.21
CA LYS A 67 4.94 -1.62 2.08
C LYS A 67 3.81 -2.64 2.03
N PHE A 68 3.95 -3.64 1.18
CA PHE A 68 2.94 -4.68 1.03
C PHE A 68 3.49 -6.04 1.48
N GLN A 69 2.81 -6.63 2.46
CA GLN A 69 3.23 -7.93 2.98
C GLN A 69 2.03 -8.70 3.55
N GLY A 70 2.31 -9.82 4.19
CA GLY A 70 1.25 -10.63 4.78
C GLY A 70 1.61 -11.14 6.16
N PRO A 71 0.87 -12.15 6.62
CA PRO A 71 1.09 -12.76 7.94
C PRO A 71 2.38 -13.57 7.99
N ASP A 72 2.56 -14.30 9.09
CA ASP A 72 3.76 -15.12 9.26
C ASP A 72 3.46 -16.58 8.98
N ASN A 73 2.48 -16.83 8.11
CA ASN A 73 2.10 -18.18 7.75
C ASN A 73 2.75 -18.61 6.43
N GLY A 74 2.89 -17.65 5.52
CA GLY A 74 3.50 -17.94 4.24
C GLY A 74 2.59 -17.58 3.07
N GLN A 75 1.74 -16.58 3.28
CA GLN A 75 0.81 -16.15 2.24
C GLN A 75 0.91 -14.65 2.02
N GLY A 76 1.64 -14.24 0.99
CA GLY A 76 1.80 -12.83 0.70
C GLY A 76 1.61 -12.52 -0.77
N PRO A 77 1.17 -11.29 -1.07
CA PRO A 77 0.93 -10.84 -2.45
C PRO A 77 2.23 -10.67 -3.23
N LYS A 78 2.19 -10.97 -4.52
CA LYS A 78 3.37 -10.84 -5.38
C LYS A 78 3.10 -9.85 -6.51
N TYR A 79 2.33 -10.28 -7.50
CA TYR A 79 2.01 -9.44 -8.65
C TYR A 79 0.78 -8.59 -8.36
N VAL A 80 1.01 -7.33 -8.00
CA VAL A 80 -0.08 -6.40 -7.71
C VAL A 80 -0.09 -5.23 -8.68
N LYS A 81 -1.27 -4.89 -9.17
CA LYS A 81 -1.42 -3.79 -10.12
C LYS A 81 -1.79 -2.50 -9.39
N ILE A 82 -0.93 -1.49 -9.51
CA ILE A 82 -1.16 -0.21 -8.86
C ILE A 82 -1.86 0.77 -9.81
N PHE A 83 -2.84 1.48 -9.28
CA PHE A 83 -3.59 2.46 -10.08
C PHE A 83 -3.72 3.79 -9.35
N ILE A 84 -3.71 4.88 -10.11
CA ILE A 84 -3.82 6.21 -9.53
C ILE A 84 -4.62 7.14 -10.45
N ASN A 85 -4.99 8.30 -9.92
CA ASN A 85 -5.75 9.27 -10.68
C ASN A 85 -7.00 8.64 -11.30
N LEU A 86 -7.55 7.65 -10.60
CA LEU A 86 -8.74 6.95 -11.07
C LEU A 86 -9.94 7.89 -11.12
N PRO A 87 -10.93 7.54 -11.95
CA PRO A 87 -12.15 8.34 -12.11
C PRO A 87 -13.05 8.29 -10.87
N ARG A 88 -12.85 7.26 -10.05
CA ARG A 88 -13.63 7.09 -8.83
C ARG A 88 -13.20 5.85 -8.07
N SER A 89 -12.86 4.79 -8.82
CA SER A 89 -12.43 3.54 -8.21
C SER A 89 -12.06 2.51 -9.29
N MET A 90 -11.60 1.35 -8.85
CA MET A 90 -11.21 0.29 -9.76
C MET A 90 -12.01 -1.00 -9.49
N ASP A 91 -12.41 -1.67 -10.55
CA ASP A 91 -13.18 -2.91 -10.41
C ASP A 91 -12.37 -4.10 -10.92
N PHE A 92 -13.04 -5.24 -11.05
CA PHE A 92 -12.39 -6.46 -11.52
C PHE A 92 -12.14 -6.40 -13.02
N GLU A 93 -13.13 -5.90 -13.75
CA GLU A 93 -13.02 -5.79 -15.20
C GLU A 93 -12.21 -4.56 -15.60
N GLU A 94 -12.34 -3.49 -14.83
CA GLU A 94 -11.62 -2.25 -15.10
C GLU A 94 -10.13 -2.40 -14.77
N ALA A 95 -9.83 -3.34 -13.87
CA ALA A 95 -8.46 -3.59 -13.46
C ALA A 95 -7.75 -4.51 -14.45
N GLU A 96 -8.52 -5.09 -15.36
CA GLU A 96 -7.97 -6.01 -16.35
C GLU A 96 -7.82 -5.31 -17.70
N ARG A 97 -8.87 -4.62 -18.13
CA ARG A 97 -8.86 -3.91 -19.40
C ARG A 97 -7.84 -2.77 -19.37
N SER A 98 -7.82 -2.02 -18.29
CA SER A 98 -6.91 -0.90 -18.14
C SER A 98 -5.62 -1.34 -17.44
N GLU A 99 -4.49 -0.81 -17.90
CA GLU A 99 -3.19 -1.15 -17.32
C GLU A 99 -2.87 -0.23 -16.14
N PRO A 100 -2.13 -0.78 -15.16
CA PRO A 100 -1.74 -0.04 -13.96
C PRO A 100 -0.72 1.06 -14.27
N THR A 101 -0.45 1.90 -13.28
CA THR A 101 0.51 2.99 -13.44
C THR A 101 1.94 2.49 -13.26
N GLN A 102 2.09 1.38 -12.54
CA GLN A 102 3.41 0.81 -12.29
C GLN A 102 3.35 -0.72 -12.36
N ALA A 103 2.80 -1.34 -11.33
CA ALA A 103 2.68 -2.79 -11.28
C ALA A 103 4.06 -3.45 -11.20
N LEU A 104 4.31 -4.15 -10.10
CA LEU A 104 5.59 -4.83 -9.91
C LEU A 104 5.38 -6.21 -9.29
N GLU A 105 6.38 -7.08 -9.46
CA GLU A 105 6.30 -8.42 -8.90
C GLU A 105 7.04 -8.52 -7.58
N LEU A 106 6.33 -8.24 -6.49
CA LEU A 106 6.91 -8.29 -5.16
C LEU A 106 7.58 -9.62 -4.90
N THR A 107 8.65 -9.61 -4.10
CA THR A 107 9.38 -10.82 -3.79
C THR A 107 9.32 -11.12 -2.29
N GLU A 108 9.89 -12.26 -1.90
CA GLU A 108 9.90 -12.66 -0.49
C GLU A 108 10.60 -11.61 0.36
N ASP A 109 11.49 -10.84 -0.26
CA ASP A 109 12.23 -9.80 0.44
C ASP A 109 11.42 -8.50 0.50
N ASP A 110 10.37 -8.44 -0.32
CA ASP A 110 9.51 -7.25 -0.35
C ASP A 110 8.27 -7.45 0.52
N ILE A 111 8.02 -8.69 0.91
CA ILE A 111 6.88 -9.01 1.75
C ILE A 111 7.32 -9.62 3.08
N LYS A 112 8.56 -9.36 3.46
CA LYS A 112 9.10 -9.89 4.71
C LYS A 112 8.84 -8.94 5.86
N GLU A 113 9.43 -9.22 7.02
CA GLU A 113 9.25 -8.39 8.20
C GLU A 113 9.51 -6.92 7.87
N ASP A 114 10.49 -6.67 7.00
CA ASP A 114 10.84 -5.32 6.61
C ASP A 114 10.78 -5.16 5.09
N GLY A 115 9.82 -5.85 4.47
CA GLY A 115 9.66 -5.77 3.03
C GLY A 115 9.37 -4.37 2.55
N ILE A 116 9.98 -3.97 1.44
CA ILE A 116 9.76 -2.64 0.88
C ILE A 116 9.65 -2.70 -0.64
N VAL A 117 8.68 -1.97 -1.18
CA VAL A 117 8.45 -1.93 -2.62
C VAL A 117 8.74 -0.55 -3.18
N PRO A 118 9.91 -0.39 -3.81
CA PRO A 118 10.32 0.89 -4.40
C PRO A 118 9.52 1.24 -5.64
N LEU A 119 8.66 2.26 -5.51
CA LEU A 119 7.82 2.69 -6.63
C LEU A 119 8.51 3.80 -7.42
N ARG A 120 7.78 4.38 -8.36
CA ARG A 120 8.32 5.46 -9.20
C ARG A 120 7.55 6.75 -8.97
N TYR A 121 8.08 7.60 -8.09
CA TYR A 121 7.45 8.87 -7.77
C TYR A 121 7.24 9.70 -9.04
N VAL A 122 8.05 9.42 -10.06
CA VAL A 122 7.96 10.14 -11.32
C VAL A 122 6.56 10.04 -11.92
N LYS A 123 5.82 9.02 -11.50
CA LYS A 123 4.46 8.81 -11.98
C LYS A 123 3.43 9.26 -10.95
N PHE A 124 3.81 9.15 -9.67
CA PHE A 124 2.92 9.54 -8.59
C PHE A 124 3.31 10.91 -8.03
N GLN A 125 3.79 11.78 -8.91
CA GLN A 125 4.21 13.12 -8.51
C GLN A 125 3.10 13.82 -7.73
N ASN A 126 1.86 13.48 -8.04
CA ASN A 126 0.71 14.06 -7.36
C ASN A 126 -0.54 13.21 -7.55
N VAL A 127 -0.81 12.35 -6.58
CA VAL A 127 -1.97 11.47 -6.63
C VAL A 127 -2.93 11.74 -5.47
N ASN A 128 -4.22 11.67 -5.74
CA ASN A 128 -5.23 11.90 -4.72
C ASN A 128 -6.00 10.62 -4.41
N SER A 129 -5.88 9.64 -5.29
CA SER A 129 -6.56 8.36 -5.11
C SER A 129 -5.75 7.22 -5.74
N VAL A 130 -5.37 6.26 -4.90
CA VAL A 130 -4.60 5.11 -5.37
C VAL A 130 -5.31 3.80 -5.05
N THR A 131 -5.21 2.84 -5.97
CA THR A 131 -5.85 1.55 -5.80
C THR A 131 -4.89 0.41 -6.13
N ILE A 132 -5.01 -0.69 -5.39
CA ILE A 132 -4.15 -1.85 -5.62
C ILE A 132 -4.98 -3.12 -5.80
N PHE A 133 -4.79 -3.78 -6.94
CA PHE A 133 -5.51 -5.00 -7.24
C PHE A 133 -4.61 -6.22 -7.12
N VAL A 134 -5.01 -7.17 -6.28
CA VAL A 134 -4.22 -8.38 -6.07
C VAL A 134 -4.47 -9.39 -7.18
N GLN A 135 -3.39 -9.82 -7.83
CA GLN A 135 -3.49 -10.79 -8.90
C GLN A 135 -2.90 -12.14 -8.49
N SER A 136 -1.62 -12.15 -8.16
CA SER A 136 -0.94 -13.37 -7.74
C SER A 136 -0.19 -13.16 -6.43
N ASN A 137 0.21 -14.26 -5.80
CA ASN A 137 0.94 -14.20 -4.54
C ASN A 137 2.37 -14.68 -4.72
N GLN A 138 3.10 -14.78 -3.62
CA GLN A 138 4.49 -15.22 -3.64
C GLN A 138 4.59 -16.65 -4.17
N GLY A 139 3.95 -17.58 -3.46
CA GLY A 139 3.99 -18.97 -3.86
C GLY A 139 2.74 -19.38 -4.64
N GLU A 140 2.14 -18.43 -5.34
CA GLU A 140 0.94 -18.70 -6.12
C GLU A 140 -0.13 -19.37 -5.26
N GLU A 141 -0.12 -19.05 -3.98
CA GLU A 141 -1.09 -19.63 -3.04
C GLU A 141 -2.51 -19.45 -3.56
N GLU A 142 -3.46 -20.12 -2.90
CA GLU A 142 -4.86 -20.03 -3.29
C GLU A 142 -5.46 -18.70 -2.89
N THR A 143 -4.92 -18.11 -1.82
CA THR A 143 -5.41 -16.83 -1.32
C THR A 143 -4.26 -16.00 -0.75
N THR A 144 -4.45 -14.68 -0.72
CA THR A 144 -3.45 -13.77 -0.19
C THR A 144 -3.91 -13.12 1.10
N ARG A 145 -3.12 -13.26 2.16
CA ARG A 145 -3.46 -12.68 3.45
C ARG A 145 -2.70 -11.38 3.67
N ILE A 146 -3.44 -10.29 3.83
CA ILE A 146 -2.83 -8.97 4.06
C ILE A 146 -2.72 -8.68 5.55
N SER A 147 -1.56 -8.16 5.95
CA SER A 147 -1.32 -7.82 7.35
C SER A 147 -0.88 -6.37 7.50
N TYR A 148 0.10 -5.98 6.70
CA TYR A 148 0.61 -4.61 6.74
C TYR A 148 0.54 -3.96 5.36
N PHE A 149 -0.16 -2.83 5.28
CA PHE A 149 -0.32 -2.11 4.02
C PHE A 149 -0.26 -0.61 4.25
N THR A 150 0.58 0.06 3.46
CA THR A 150 0.74 1.51 3.58
C THR A 150 1.51 2.07 2.40
N PHE A 151 1.57 3.39 2.31
CA PHE A 151 2.28 4.06 1.22
C PHE A 151 3.41 4.93 1.75
N ILE A 152 4.64 4.60 1.37
CA ILE A 152 5.80 5.35 1.82
C ILE A 152 6.10 6.51 0.88
N GLY A 153 6.31 7.70 1.45
CA GLY A 153 6.60 8.86 0.64
C GLY A 153 6.47 10.16 1.43
N THR A 154 5.93 11.19 0.78
CA THR A 154 5.76 12.48 1.43
C THR A 154 4.79 13.37 0.65
N PRO A 155 4.20 14.35 1.34
CA PRO A 155 3.25 15.27 0.73
C PRO A 155 3.91 16.23 -0.25
N VAL A 156 3.26 16.45 -1.39
CA VAL A 156 3.81 17.35 -2.40
C VAL A 156 4.17 18.71 -1.80
N GLN A 157 3.42 19.12 -0.78
CA GLN A 157 3.67 20.40 -0.12
C GLN A 157 2.94 20.47 1.21
N ALA A 158 3.70 20.53 2.30
CA ALA A 158 3.13 20.60 3.64
C ALA A 158 3.78 21.71 4.45
N THR A 159 5.00 21.45 4.92
CA THR A 159 5.73 22.43 5.72
C THR A 159 7.23 22.30 5.50
N ASN A 160 7.72 21.07 5.49
CA ASN A 160 9.14 20.81 5.29
C ASN A 160 9.95 21.22 6.53
N MET A 161 10.02 22.53 6.77
CA MET A 161 10.76 23.04 7.93
C MET A 161 12.24 22.70 7.82
N ASN A 162 13.02 23.10 8.82
CA ASN A 162 14.45 22.85 8.83
C ASN A 162 14.78 21.64 9.70
N ASP A 163 14.70 21.82 11.01
CA ASP A 163 14.99 20.73 11.95
C ASP A 163 16.38 20.15 11.70
N PHE A 164 17.30 21.00 11.25
CA PHE A 164 18.66 20.56 10.97
C PHE A 164 19.53 20.64 12.22
N LYS A 165 20.33 19.59 12.45
CA LYS A 165 21.21 19.54 13.61
C LYS A 165 20.41 19.68 14.90
N SER A 166 21.11 19.64 16.03
CA SER A 166 20.47 19.75 17.34
C SER A 166 19.35 18.72 17.48
N GLY A 167 19.71 17.54 18.00
CA GLY A 167 18.73 16.48 18.18
C GLY A 167 19.37 15.15 18.53
N PRO A 168 20.01 14.52 17.54
CA PRO A 168 20.67 13.23 17.72
C PRO A 168 21.92 13.34 18.59
N SER A 169 22.02 12.47 19.59
CA SER A 169 23.16 12.46 20.49
C SER A 169 23.61 11.04 20.80
N SER A 170 23.73 10.23 19.76
CA SER A 170 24.15 8.84 19.92
C SER A 170 25.61 8.76 20.34
N GLY A 171 25.97 7.65 20.98
CA GLY A 171 27.34 7.47 21.43
C GLY A 171 27.54 7.88 22.87
N GLY A 1 11.75 29.86 0.92
CA GLY A 1 12.68 30.71 1.63
C GLY A 1 13.55 29.94 2.60
N SER A 2 13.67 28.63 2.39
CA SER A 2 14.46 27.77 3.26
C SER A 2 14.71 26.42 2.60
N SER A 3 13.65 25.80 2.11
CA SER A 3 13.76 24.50 1.46
C SER A 3 14.25 23.45 2.45
N GLY A 4 14.46 22.23 1.95
CA GLY A 4 14.92 21.15 2.79
C GLY A 4 14.66 19.78 2.19
N SER A 5 15.64 18.89 2.31
CA SER A 5 15.51 17.54 1.77
C SER A 5 16.11 16.51 2.72
N SER A 6 15.66 15.27 2.60
CA SER A 6 16.15 14.19 3.45
C SER A 6 15.71 12.84 2.92
N GLY A 7 16.17 11.77 3.57
CA GLY A 7 15.81 10.43 3.14
C GLY A 7 14.79 9.78 4.05
N GLY A 8 14.05 10.62 4.79
CA GLY A 8 13.03 10.11 5.69
C GLY A 8 11.63 10.34 5.18
N TYR A 9 11.00 9.28 4.70
CA TYR A 9 9.64 9.37 4.17
C TYR A 9 8.62 9.02 5.25
N MET A 10 7.34 9.02 4.86
CA MET A 10 6.26 8.70 5.78
C MET A 10 5.31 7.67 5.18
N ASP A 11 4.71 6.85 6.04
CA ASP A 11 3.77 5.83 5.59
C ASP A 11 2.47 6.45 5.11
N LEU A 12 2.31 7.75 5.38
CA LEU A 12 1.10 8.46 4.99
C LEU A 12 -0.13 7.81 5.58
N MET A 13 0.05 7.05 6.65
CA MET A 13 -1.06 6.37 7.32
C MET A 13 -2.12 7.36 7.75
N PRO A 14 -1.70 8.40 8.50
CA PRO A 14 -2.60 9.44 8.98
C PRO A 14 -3.12 10.33 7.86
N PHE A 15 -2.62 10.12 6.65
CA PHE A 15 -3.02 10.90 5.50
C PHE A 15 -4.08 10.15 4.68
N ILE A 16 -4.33 8.90 5.04
CA ILE A 16 -5.31 8.08 4.34
C ILE A 16 -6.70 8.31 4.90
N ASN A 17 -7.67 8.53 4.01
CA ASN A 17 -9.05 8.77 4.41
C ASN A 17 -9.78 7.44 4.64
N LYS A 18 -9.70 6.94 5.87
CA LYS A 18 -10.35 5.68 6.23
C LYS A 18 -11.86 5.76 6.00
N ALA A 19 -12.39 6.99 6.00
CA ALA A 19 -13.81 7.20 5.79
C ALA A 19 -14.14 7.34 4.31
N GLY A 20 -13.14 7.05 3.46
CA GLY A 20 -13.34 7.15 2.03
C GLY A 20 -12.69 6.00 1.28
N CYS A 21 -12.20 5.02 2.02
CA CYS A 21 -11.54 3.86 1.41
C CYS A 21 -12.57 2.84 0.95
N GLU A 22 -12.23 2.09 -0.09
CA GLU A 22 -13.12 1.08 -0.64
C GLU A 22 -12.40 -0.25 -0.83
N CYS A 23 -13.06 -1.34 -0.48
CA CYS A 23 -12.47 -2.67 -0.60
C CYS A 23 -13.37 -3.58 -1.44
N LEU A 24 -12.75 -4.42 -2.26
CA LEU A 24 -13.49 -5.35 -3.12
C LEU A 24 -13.28 -6.79 -2.67
N ASN A 25 -14.37 -7.54 -2.58
CA ASN A 25 -14.31 -8.93 -2.17
C ASN A 25 -13.78 -9.06 -0.74
N GLU A 26 -14.14 -8.09 0.10
CA GLU A 26 -13.70 -8.10 1.49
C GLU A 26 -14.48 -9.12 2.31
N SER A 27 -13.76 -9.96 3.05
CA SER A 27 -14.38 -10.99 3.87
C SER A 27 -15.35 -10.37 4.88
N ASP A 28 -16.39 -11.11 5.22
CA ASP A 28 -17.38 -10.64 6.18
C ASP A 28 -16.84 -10.70 7.60
N GLU A 29 -15.96 -11.66 7.85
CA GLU A 29 -15.36 -11.83 9.17
C GLU A 29 -14.14 -10.93 9.34
N HIS A 30 -13.29 -10.90 8.32
CA HIS A 30 -12.08 -10.08 8.34
C HIS A 30 -12.26 -8.83 7.48
N GLY A 31 -11.80 -7.70 8.01
CA GLY A 31 -11.92 -6.45 7.27
C GLY A 31 -10.64 -6.09 6.54
N PHE A 32 -10.77 -5.30 5.48
CA PHE A 32 -9.61 -4.89 4.68
C PHE A 32 -8.89 -3.72 5.34
N ASP A 33 -9.42 -3.27 6.47
CA ASP A 33 -8.82 -2.16 7.20
C ASP A 33 -7.89 -2.66 8.30
N ASN A 34 -8.11 -3.89 8.74
CA ASN A 34 -7.29 -4.49 9.79
C ASN A 34 -5.89 -4.80 9.28
N CYS A 35 -5.73 -4.81 7.96
CA CYS A 35 -4.44 -5.09 7.35
C CYS A 35 -3.69 -3.80 7.05
N LEU A 36 -4.10 -2.72 7.71
CA LEU A 36 -3.46 -1.42 7.52
C LEU A 36 -2.45 -1.14 8.62
N ARG A 37 -2.70 -1.69 9.80
CA ARG A 37 -1.80 -1.49 10.93
C ARG A 37 -1.05 -2.78 11.25
N LYS A 38 0.11 -2.64 11.88
CA LYS A 38 0.93 -3.79 12.24
C LYS A 38 0.31 -4.56 13.40
N ASP A 39 -0.42 -3.85 14.26
CA ASP A 39 -1.06 -4.47 15.41
C ASP A 39 -2.56 -4.60 15.17
N THR A 40 -2.96 -5.69 14.53
CA THR A 40 -4.37 -5.95 14.24
C THR A 40 -4.55 -7.28 13.53
N THR A 41 -5.81 -7.62 13.24
CA THR A 41 -6.13 -8.87 12.57
C THR A 41 -5.64 -8.85 11.12
N PHE A 42 -5.82 -9.98 10.43
CA PHE A 42 -5.39 -10.10 9.04
C PHE A 42 -6.60 -10.15 8.11
N LEU A 43 -6.36 -9.83 6.84
CA LEU A 43 -7.43 -9.84 5.85
C LEU A 43 -7.35 -11.08 4.96
N GLU A 44 -8.26 -12.02 5.18
CA GLU A 44 -8.29 -13.26 4.42
C GLU A 44 -9.31 -13.17 3.28
N SER A 45 -8.99 -13.81 2.15
CA SER A 45 -9.88 -13.79 1.00
C SER A 45 -10.78 -15.02 1.00
N ASP A 46 -12.08 -14.79 0.77
CA ASP A 46 -13.04 -15.89 0.74
C ASP A 46 -13.29 -16.37 -0.69
N CYS A 47 -12.31 -16.12 -1.55
CA CYS A 47 -12.41 -16.53 -2.96
C CYS A 47 -11.04 -16.88 -3.53
N ASP A 48 -10.17 -15.88 -3.62
CA ASP A 48 -8.83 -16.09 -4.15
C ASP A 48 -8.04 -14.78 -4.14
N GLU A 49 -6.87 -14.81 -4.78
CA GLU A 49 -6.02 -13.62 -4.86
C GLU A 49 -6.52 -12.65 -5.90
N GLN A 50 -7.78 -12.23 -5.76
CA GLN A 50 -8.38 -11.29 -6.70
C GLN A 50 -9.10 -10.17 -5.97
N LEU A 51 -8.50 -9.71 -4.86
CA LEU A 51 -9.09 -8.64 -4.06
C LEU A 51 -8.46 -7.30 -4.42
N LEU A 52 -9.26 -6.24 -4.31
CA LEU A 52 -8.78 -4.90 -4.63
C LEU A 52 -8.77 -4.02 -3.38
N ILE A 53 -7.90 -3.02 -3.37
CA ILE A 53 -7.79 -2.10 -2.24
C ILE A 53 -7.73 -0.66 -2.70
N THR A 54 -8.77 0.10 -2.37
CA THR A 54 -8.84 1.51 -2.76
C THR A 54 -8.38 2.41 -1.62
N VAL A 55 -7.73 3.52 -1.97
CA VAL A 55 -7.25 4.47 -0.96
C VAL A 55 -7.53 5.90 -1.39
N ALA A 56 -8.14 6.68 -0.49
CA ALA A 56 -8.46 8.06 -0.78
C ALA A 56 -7.63 9.01 0.09
N PHE A 57 -6.76 9.77 -0.54
CA PHE A 57 -5.91 10.71 0.17
C PHE A 57 -6.48 12.13 0.12
N ASN A 58 -6.89 12.64 1.28
CA ASN A 58 -7.46 13.97 1.36
C ASN A 58 -6.57 15.00 0.67
N GLN A 59 -5.26 14.74 0.69
CA GLN A 59 -4.30 15.64 0.07
C GLN A 59 -3.40 14.89 -0.90
N PRO A 60 -3.04 15.55 -2.01
CA PRO A 60 -2.18 14.97 -3.04
C PRO A 60 -0.75 14.79 -2.56
N VAL A 61 -0.34 13.53 -2.39
CA VAL A 61 1.01 13.23 -1.93
C VAL A 61 1.82 12.54 -3.04
N LYS A 62 3.00 12.07 -2.69
CA LYS A 62 3.88 11.39 -3.64
C LYS A 62 4.18 9.97 -3.18
N LEU A 63 3.83 8.99 -4.01
CA LEU A 63 4.06 7.59 -3.69
C LEU A 63 5.48 7.17 -4.10
N TYR A 64 6.42 7.32 -3.19
CA TYR A 64 7.82 6.95 -3.46
C TYR A 64 8.02 5.45 -3.33
N SER A 65 7.25 4.84 -2.43
CA SER A 65 7.35 3.39 -2.20
C SER A 65 6.08 2.86 -1.55
N MET A 66 5.97 1.54 -1.47
CA MET A 66 4.81 0.90 -0.86
C MET A 66 5.22 -0.31 -0.02
N LYS A 67 4.65 -0.42 1.16
CA LYS A 67 4.95 -1.52 2.06
C LYS A 67 3.82 -2.54 2.08
N PHE A 68 3.96 -3.59 1.28
CA PHE A 68 2.94 -4.64 1.20
C PHE A 68 3.49 -5.96 1.74
N GLN A 69 2.82 -6.49 2.76
CA GLN A 69 3.23 -7.75 3.37
C GLN A 69 2.02 -8.58 3.78
N GLY A 70 2.27 -9.64 4.54
CA GLY A 70 1.18 -10.50 5.00
C GLY A 70 1.51 -11.18 6.31
N PRO A 71 0.77 -12.27 6.61
CA PRO A 71 0.96 -13.03 7.85
C PRO A 71 2.26 -13.80 7.86
N ASP A 72 2.40 -14.73 8.80
CA ASP A 72 3.61 -15.54 8.91
C ASP A 72 3.29 -17.02 8.73
N ASN A 73 2.35 -17.32 7.83
CA ASN A 73 1.95 -18.70 7.57
C ASN A 73 2.47 -19.15 6.20
N GLY A 74 2.63 -18.21 5.28
CA GLY A 74 3.11 -18.53 3.96
C GLY A 74 2.17 -18.07 2.87
N GLN A 75 1.48 -16.96 3.11
CA GLN A 75 0.54 -16.41 2.14
C GLN A 75 0.73 -14.91 1.98
N GLY A 76 1.42 -14.52 0.91
CA GLY A 76 1.67 -13.11 0.66
C GLY A 76 1.49 -12.74 -0.80
N PRO A 77 1.08 -11.49 -1.05
CA PRO A 77 0.87 -10.99 -2.41
C PRO A 77 2.19 -10.83 -3.18
N LYS A 78 2.14 -11.07 -4.49
CA LYS A 78 3.32 -10.93 -5.33
C LYS A 78 3.07 -9.93 -6.46
N TYR A 79 2.32 -10.35 -7.46
CA TYR A 79 2.01 -9.49 -8.60
C TYR A 79 0.77 -8.65 -8.32
N VAL A 80 1.00 -7.37 -8.02
CA VAL A 80 -0.11 -6.45 -7.74
C VAL A 80 -0.09 -5.27 -8.70
N LYS A 81 -1.26 -4.91 -9.19
CA LYS A 81 -1.40 -3.79 -10.13
C LYS A 81 -1.76 -2.50 -9.39
N ILE A 82 -0.90 -1.49 -9.51
CA ILE A 82 -1.13 -0.21 -8.86
C ILE A 82 -1.81 0.77 -9.79
N PHE A 83 -2.83 1.45 -9.29
CA PHE A 83 -3.57 2.42 -10.08
C PHE A 83 -3.69 3.76 -9.35
N ILE A 84 -3.66 4.85 -10.10
CA ILE A 84 -3.76 6.18 -9.52
C ILE A 84 -4.55 7.12 -10.43
N ASN A 85 -4.90 8.29 -9.90
CA ASN A 85 -5.67 9.27 -10.66
C ASN A 85 -6.92 8.65 -11.25
N LEU A 86 -7.48 7.67 -10.56
CA LEU A 86 -8.68 6.99 -11.01
C LEU A 86 -9.88 7.94 -11.03
N PRO A 87 -10.89 7.62 -11.85
CA PRO A 87 -12.09 8.43 -11.99
C PRO A 87 -12.97 8.37 -10.74
N ARG A 88 -12.77 7.33 -9.93
CA ARG A 88 -13.54 7.16 -8.70
C ARG A 88 -13.11 5.90 -7.97
N SER A 89 -12.84 4.84 -8.72
CA SER A 89 -12.42 3.57 -8.13
C SER A 89 -12.05 2.56 -9.22
N MET A 90 -11.59 1.40 -8.80
CA MET A 90 -11.21 0.34 -9.74
C MET A 90 -12.01 -0.93 -9.48
N ASP A 91 -12.42 -1.60 -10.56
CA ASP A 91 -13.19 -2.83 -10.44
C ASP A 91 -12.39 -4.02 -10.96
N PHE A 92 -13.05 -5.16 -11.11
CA PHE A 92 -12.40 -6.37 -11.59
C PHE A 92 -12.17 -6.30 -13.09
N GLU A 93 -13.14 -5.75 -13.82
CA GLU A 93 -13.04 -5.63 -15.26
C GLU A 93 -12.19 -4.42 -15.65
N GLU A 94 -12.32 -3.34 -14.88
CA GLU A 94 -11.56 -2.13 -15.15
C GLU A 94 -10.09 -2.32 -14.81
N ALA A 95 -9.81 -3.25 -13.91
CA ALA A 95 -8.45 -3.54 -13.49
C ALA A 95 -7.76 -4.49 -14.47
N GLU A 96 -8.54 -5.04 -15.40
CA GLU A 96 -8.01 -5.97 -16.39
C GLU A 96 -7.85 -5.28 -17.74
N ARG A 97 -8.88 -4.57 -18.17
CA ARG A 97 -8.86 -3.87 -19.45
C ARG A 97 -7.82 -2.75 -19.43
N SER A 98 -7.80 -1.99 -18.34
CA SER A 98 -6.87 -0.88 -18.20
C SER A 98 -5.60 -1.33 -17.48
N GLU A 99 -4.46 -0.82 -17.94
CA GLU A 99 -3.17 -1.17 -17.33
C GLU A 99 -2.85 -0.25 -16.16
N PRO A 100 -2.13 -0.78 -15.16
CA PRO A 100 -1.74 -0.02 -13.98
C PRO A 100 -0.70 1.06 -14.29
N THR A 101 -0.39 1.88 -13.28
CA THR A 101 0.58 2.95 -13.46
C THR A 101 2.01 2.43 -13.28
N GLN A 102 2.13 1.32 -12.56
CA GLN A 102 3.45 0.72 -12.32
C GLN A 102 3.36 -0.80 -12.37
N ALA A 103 2.80 -1.39 -11.32
CA ALA A 103 2.66 -2.85 -11.25
C ALA A 103 4.03 -3.53 -11.19
N LEU A 104 4.30 -4.20 -10.06
CA LEU A 104 5.57 -4.89 -9.89
C LEU A 104 5.35 -6.28 -9.29
N GLU A 105 6.38 -7.12 -9.36
CA GLU A 105 6.29 -8.48 -8.83
C GLU A 105 7.00 -8.57 -7.48
N LEU A 106 6.26 -8.29 -6.42
CA LEU A 106 6.82 -8.35 -5.06
C LEU A 106 7.48 -9.70 -4.80
N THR A 107 8.56 -9.69 -4.02
CA THR A 107 9.28 -10.91 -3.70
C THR A 107 9.24 -11.18 -2.20
N GLU A 108 9.80 -12.32 -1.80
CA GLU A 108 9.82 -12.70 -0.39
C GLU A 108 10.53 -11.64 0.45
N ASP A 109 11.42 -10.88 -0.18
CA ASP A 109 12.15 -9.82 0.50
C ASP A 109 11.34 -8.54 0.54
N ASP A 110 10.28 -8.48 -0.25
CA ASP A 110 9.43 -7.30 -0.32
C ASP A 110 8.19 -7.48 0.57
N ILE A 111 7.95 -8.71 1.01
CA ILE A 111 6.81 -9.02 1.86
C ILE A 111 7.26 -9.58 3.19
N LYS A 112 8.53 -9.38 3.53
CA LYS A 112 9.09 -9.86 4.78
C LYS A 112 8.82 -8.88 5.91
N GLU A 113 9.40 -9.14 7.08
CA GLU A 113 9.23 -8.28 8.24
C GLU A 113 9.52 -6.82 7.88
N ASP A 114 10.49 -6.62 7.00
CA ASP A 114 10.88 -5.29 6.57
C ASP A 114 10.77 -5.14 5.06
N GLY A 115 9.78 -5.82 4.48
CA GLY A 115 9.57 -5.75 3.05
C GLY A 115 9.30 -4.35 2.56
N ILE A 116 9.93 -3.98 1.45
CA ILE A 116 9.75 -2.64 0.88
C ILE A 116 9.62 -2.71 -0.63
N VAL A 117 8.63 -2.00 -1.17
CA VAL A 117 8.40 -1.98 -2.61
C VAL A 117 8.69 -0.59 -3.18
N PRO A 118 9.87 -0.45 -3.82
CA PRO A 118 10.30 0.81 -4.42
C PRO A 118 9.48 1.15 -5.66
N LEU A 119 8.67 2.20 -5.56
CA LEU A 119 7.83 2.64 -6.68
C LEU A 119 8.52 3.74 -7.47
N ARG A 120 7.80 4.32 -8.42
CA ARG A 120 8.34 5.39 -9.25
C ARG A 120 7.60 6.70 -9.02
N TYR A 121 8.13 7.54 -8.13
CA TYR A 121 7.51 8.82 -7.82
C TYR A 121 7.31 9.65 -9.08
N VAL A 122 8.11 9.36 -10.10
CA VAL A 122 8.03 10.09 -11.37
C VAL A 122 6.63 10.01 -11.96
N LYS A 123 5.87 8.99 -11.54
CA LYS A 123 4.52 8.79 -12.04
C LYS A 123 3.50 9.24 -10.99
N PHE A 124 3.85 9.09 -9.71
CA PHE A 124 2.96 9.48 -8.63
C PHE A 124 3.36 10.84 -8.06
N GLN A 125 3.85 11.72 -8.94
CA GLN A 125 4.27 13.06 -8.53
C GLN A 125 3.17 13.76 -7.74
N ASN A 126 1.92 13.41 -8.04
CA ASN A 126 0.78 14.00 -7.35
C ASN A 126 -0.48 13.15 -7.54
N VAL A 127 -0.75 12.28 -6.56
CA VAL A 127 -1.91 11.41 -6.62
C VAL A 127 -2.84 11.67 -5.44
N ASN A 128 -4.15 11.61 -5.70
CA ASN A 128 -5.16 11.85 -4.67
C ASN A 128 -5.93 10.57 -4.38
N SER A 129 -5.82 9.59 -5.27
CA SER A 129 -6.52 8.33 -5.10
C SER A 129 -5.72 7.18 -5.73
N VAL A 130 -5.32 6.23 -4.89
CA VAL A 130 -4.55 5.08 -5.35
C VAL A 130 -5.26 3.78 -5.03
N THR A 131 -5.17 2.82 -5.95
CA THR A 131 -5.82 1.53 -5.77
C THR A 131 -4.86 0.38 -6.11
N ILE A 132 -4.96 -0.72 -5.37
CA ILE A 132 -4.11 -1.87 -5.60
C ILE A 132 -4.94 -3.14 -5.80
N PHE A 133 -4.75 -3.79 -6.95
CA PHE A 133 -5.48 -5.01 -7.25
C PHE A 133 -4.57 -6.23 -7.14
N VAL A 134 -4.97 -7.18 -6.30
CA VAL A 134 -4.19 -8.40 -6.09
C VAL A 134 -4.45 -9.40 -7.21
N GLN A 135 -3.37 -9.83 -7.87
CA GLN A 135 -3.49 -10.79 -8.97
C GLN A 135 -2.95 -12.16 -8.53
N SER A 136 -1.66 -12.21 -8.24
CA SER A 136 -1.03 -13.46 -7.83
C SER A 136 -0.31 -13.28 -6.49
N ASN A 137 0.15 -14.40 -5.93
CA ASN A 137 0.86 -14.36 -4.65
C ASN A 137 2.31 -14.82 -4.82
N GLN A 138 3.01 -14.96 -3.70
CA GLN A 138 4.41 -15.39 -3.72
C GLN A 138 4.54 -16.80 -4.28
N GLY A 139 3.86 -17.75 -3.65
CA GLY A 139 3.92 -19.13 -4.09
C GLY A 139 2.64 -19.56 -4.78
N GLU A 140 2.02 -18.66 -5.53
CA GLU A 140 0.79 -18.96 -6.24
C GLU A 140 -0.25 -19.56 -5.28
N GLU A 141 -0.22 -19.12 -4.03
CA GLU A 141 -1.14 -19.62 -3.02
C GLU A 141 -2.59 -19.51 -3.51
N GLU A 142 -3.51 -20.13 -2.78
CA GLU A 142 -4.92 -20.10 -3.14
C GLU A 142 -5.55 -18.76 -2.78
N THR A 143 -5.01 -18.12 -1.75
CA THR A 143 -5.52 -16.83 -1.30
C THR A 143 -4.40 -15.95 -0.74
N THR A 144 -4.61 -14.64 -0.78
CA THR A 144 -3.61 -13.70 -0.28
C THR A 144 -4.08 -13.06 1.02
N ARG A 145 -3.29 -13.23 2.07
CA ARG A 145 -3.62 -12.66 3.38
C ARG A 145 -2.84 -11.38 3.63
N ILE A 146 -3.55 -10.28 3.83
CA ILE A 146 -2.93 -9.00 4.08
C ILE A 146 -2.84 -8.70 5.57
N SER A 147 -1.68 -8.22 6.01
CA SER A 147 -1.47 -7.89 7.42
C SER A 147 -1.07 -6.44 7.59
N TYR A 148 -0.17 -5.97 6.72
CA TYR A 148 0.30 -4.59 6.78
C TYR A 148 0.28 -3.95 5.40
N PHE A 149 -0.38 -2.80 5.28
CA PHE A 149 -0.46 -2.08 4.01
C PHE A 149 -0.39 -0.58 4.23
N THR A 150 0.47 0.08 3.48
CA THR A 150 0.63 1.53 3.59
C THR A 150 1.30 2.10 2.34
N PHE A 151 1.66 3.38 2.41
CA PHE A 151 2.30 4.05 1.27
C PHE A 151 3.44 4.95 1.75
N ILE A 152 4.66 4.61 1.37
CA ILE A 152 5.83 5.39 1.77
C ILE A 152 6.07 6.55 0.80
N GLY A 153 6.30 7.74 1.36
CA GLY A 153 6.55 8.90 0.54
C GLY A 153 6.43 10.20 1.32
N THR A 154 5.88 11.23 0.68
CA THR A 154 5.72 12.52 1.34
C THR A 154 4.74 13.40 0.56
N PRO A 155 4.15 14.38 1.26
CA PRO A 155 3.18 15.31 0.67
C PRO A 155 3.83 16.27 -0.32
N VAL A 156 3.17 16.49 -1.46
CA VAL A 156 3.68 17.38 -2.49
C VAL A 156 4.06 18.74 -1.90
N GLN A 157 3.34 19.13 -0.85
CA GLN A 157 3.59 20.41 -0.19
C GLN A 157 3.47 20.27 1.33
N ALA A 158 4.28 21.04 2.05
CA ALA A 158 4.26 21.01 3.50
C ALA A 158 5.22 22.05 4.10
N THR A 159 5.43 21.98 5.40
CA THR A 159 6.32 22.91 6.08
C THR A 159 7.73 22.36 6.17
N ASN A 160 8.59 23.06 6.90
CA ASN A 160 9.98 22.63 7.07
C ASN A 160 10.32 22.43 8.55
N MET A 161 9.96 21.28 9.08
CA MET A 161 10.23 20.97 10.48
C MET A 161 11.59 20.30 10.63
N ASN A 162 11.86 19.78 11.83
CA ASN A 162 13.13 19.13 12.11
C ASN A 162 13.08 18.40 13.45
N ASP A 163 14.16 17.70 13.78
CA ASP A 163 14.25 16.97 15.04
C ASP A 163 15.67 16.95 15.57
N PHE A 164 15.92 16.15 16.60
CA PHE A 164 17.24 16.04 17.19
C PHE A 164 17.61 14.58 17.45
N LYS A 165 17.00 14.00 18.47
CA LYS A 165 17.26 12.61 18.82
C LYS A 165 18.73 12.40 19.18
N SER A 166 19.07 11.17 19.54
CA SER A 166 20.44 10.84 19.91
C SER A 166 20.79 9.41 19.51
N GLY A 167 21.93 8.92 19.98
CA GLY A 167 22.35 7.57 19.67
C GLY A 167 23.30 7.01 20.70
N PRO A 168 23.59 5.70 20.59
CA PRO A 168 24.49 5.01 21.52
C PRO A 168 25.94 5.44 21.35
N SER A 169 26.85 4.73 22.03
CA SER A 169 28.26 5.04 21.95
C SER A 169 29.11 3.80 22.19
N SER A 170 29.90 3.43 21.17
CA SER A 170 30.75 2.25 21.27
C SER A 170 29.93 1.01 21.62
N GLY A 171 30.62 -0.10 21.82
CA GLY A 171 29.94 -1.34 22.18
C GLY A 171 30.82 -2.57 21.94
N GLY A 1 7.53 26.29 2.13
CA GLY A 1 8.40 25.23 1.67
C GLY A 1 9.82 25.70 1.44
N SER A 2 10.76 25.18 2.22
CA SER A 2 12.16 25.55 2.11
C SER A 2 13.04 24.33 1.91
N SER A 3 14.35 24.55 1.82
CA SER A 3 15.30 23.46 1.63
C SER A 3 15.11 22.39 2.70
N GLY A 4 14.97 21.14 2.26
CA GLY A 4 14.79 20.04 3.19
C GLY A 4 14.12 18.85 2.55
N SER A 5 14.59 17.66 2.88
CA SER A 5 14.04 16.43 2.32
C SER A 5 14.49 15.21 3.13
N SER A 6 15.80 15.00 3.19
CA SER A 6 16.36 13.88 3.92
C SER A 6 15.83 12.55 3.37
N GLY A 7 16.24 11.45 4.00
CA GLY A 7 15.80 10.14 3.57
C GLY A 7 14.79 9.53 4.50
N GLY A 8 14.01 10.37 5.16
CA GLY A 8 12.99 9.89 6.09
C GLY A 8 11.58 10.14 5.59
N TYR A 9 11.05 9.19 4.82
CA TYR A 9 9.71 9.32 4.28
C TYR A 9 8.66 8.98 5.34
N MET A 10 7.40 8.98 4.93
CA MET A 10 6.30 8.68 5.85
C MET A 10 5.34 7.67 5.23
N ASP A 11 4.74 6.85 6.09
CA ASP A 11 3.80 5.83 5.63
C ASP A 11 2.51 6.46 5.13
N LEU A 12 2.34 7.75 5.41
CA LEU A 12 1.14 8.47 5.00
C LEU A 12 -0.11 7.82 5.59
N MET A 13 0.06 7.06 6.66
CA MET A 13 -1.06 6.39 7.31
C MET A 13 -2.12 7.40 7.73
N PRO A 14 -1.70 8.42 8.49
CA PRO A 14 -2.60 9.47 8.98
C PRO A 14 -3.10 10.37 7.85
N PHE A 15 -2.58 10.16 6.65
CA PHE A 15 -2.97 10.96 5.49
C PHE A 15 -4.01 10.22 4.65
N ILE A 16 -4.27 8.97 5.01
CA ILE A 16 -5.25 8.16 4.30
C ILE A 16 -6.64 8.34 4.86
N ASN A 17 -7.63 8.40 3.97
CA ASN A 17 -9.03 8.57 4.38
C ASN A 17 -9.76 7.23 4.41
N LYS A 18 -9.80 6.61 5.58
CA LYS A 18 -10.47 5.33 5.73
C LYS A 18 -11.95 5.44 5.42
N ALA A 19 -12.51 6.64 5.62
CA ALA A 19 -13.92 6.88 5.35
C ALA A 19 -14.20 6.88 3.86
N GLY A 20 -13.17 7.16 3.06
CA GLY A 20 -13.33 7.18 1.62
C GLY A 20 -12.72 5.96 0.95
N CYS A 21 -12.15 5.06 1.76
CA CYS A 21 -11.52 3.86 1.24
C CYS A 21 -12.58 2.84 0.80
N GLU A 22 -12.20 1.98 -0.14
CA GLU A 22 -13.11 0.96 -0.65
C GLU A 22 -12.40 -0.37 -0.85
N CYS A 23 -13.04 -1.45 -0.41
CA CYS A 23 -12.46 -2.78 -0.54
C CYS A 23 -13.35 -3.69 -1.37
N LEU A 24 -12.74 -4.49 -2.24
CA LEU A 24 -13.49 -5.40 -3.10
C LEU A 24 -13.31 -6.84 -2.64
N ASN A 25 -14.42 -7.57 -2.53
CA ASN A 25 -14.38 -8.96 -2.11
C ASN A 25 -13.83 -9.09 -0.70
N GLU A 26 -14.14 -8.11 0.15
CA GLU A 26 -13.68 -8.12 1.53
C GLU A 26 -14.39 -9.19 2.35
N SER A 27 -13.62 -9.94 3.13
CA SER A 27 -14.18 -11.00 3.96
C SER A 27 -15.26 -10.45 4.89
N ASP A 28 -16.14 -11.33 5.35
CA ASP A 28 -17.22 -10.94 6.25
C ASP A 28 -16.71 -10.81 7.68
N GLU A 29 -15.92 -11.78 8.10
CA GLU A 29 -15.37 -11.78 9.46
C GLU A 29 -14.13 -10.90 9.54
N HIS A 30 -13.39 -10.83 8.45
CA HIS A 30 -12.18 -10.02 8.40
C HIS A 30 -12.40 -8.76 7.56
N GLY A 31 -11.73 -7.67 7.96
CA GLY A 31 -11.88 -6.42 7.24
C GLY A 31 -10.63 -6.06 6.44
N PHE A 32 -10.81 -5.27 5.39
CA PHE A 32 -9.70 -4.86 4.54
C PHE A 32 -9.01 -3.62 5.11
N ASP A 33 -9.61 -3.06 6.16
CA ASP A 33 -9.05 -1.86 6.79
C ASP A 33 -8.14 -2.24 7.96
N ASN A 34 -8.15 -3.52 8.31
CA ASN A 34 -7.32 -4.01 9.41
C ASN A 34 -5.88 -4.26 8.95
N CYS A 35 -5.72 -4.49 7.65
CA CYS A 35 -4.40 -4.74 7.08
C CYS A 35 -3.57 -3.46 7.06
N LEU A 36 -4.24 -2.32 7.23
CA LEU A 36 -3.56 -1.03 7.23
C LEU A 36 -2.69 -0.87 8.47
N ARG A 37 -3.06 -1.57 9.54
CA ARG A 37 -2.30 -1.51 10.79
C ARG A 37 -1.28 -2.64 10.87
N LYS A 38 -0.53 -2.67 11.96
CA LYS A 38 0.47 -3.70 12.16
C LYS A 38 0.05 -4.67 13.26
N ASP A 39 -0.78 -4.19 14.18
CA ASP A 39 -1.28 -5.02 15.28
C ASP A 39 -2.78 -4.83 15.46
N THR A 40 -3.56 -5.57 14.67
CA THR A 40 -5.01 -5.49 14.75
C THR A 40 -5.67 -6.41 13.71
N THR A 41 -5.88 -7.66 14.09
CA THR A 41 -6.50 -8.64 13.20
C THR A 41 -5.81 -8.65 11.85
N PHE A 42 -6.41 -9.36 10.89
CA PHE A 42 -5.84 -9.45 9.55
C PHE A 42 -6.96 -9.52 8.50
N LEU A 43 -6.56 -9.63 7.24
CA LEU A 43 -7.53 -9.71 6.14
C LEU A 43 -7.31 -10.98 5.32
N GLU A 44 -8.38 -11.77 5.18
CA GLU A 44 -8.32 -13.01 4.42
C GLU A 44 -9.32 -12.99 3.26
N SER A 45 -8.96 -13.64 2.17
CA SER A 45 -9.84 -13.71 0.99
C SER A 45 -10.72 -14.95 1.04
N ASP A 46 -12.01 -14.77 0.82
CA ASP A 46 -12.96 -15.87 0.83
C ASP A 46 -13.18 -16.41 -0.57
N CYS A 47 -12.24 -16.12 -1.48
CA CYS A 47 -12.34 -16.58 -2.85
C CYS A 47 -10.95 -16.92 -3.42
N ASP A 48 -10.11 -15.90 -3.52
CA ASP A 48 -8.75 -16.10 -4.04
C ASP A 48 -7.99 -14.77 -4.04
N GLU A 49 -6.82 -14.77 -4.69
CA GLU A 49 -5.99 -13.59 -4.76
C GLU A 49 -6.49 -12.63 -5.84
N GLN A 50 -7.76 -12.23 -5.71
CA GLN A 50 -8.37 -11.33 -6.68
C GLN A 50 -9.11 -10.20 -5.97
N LEU A 51 -8.54 -9.72 -4.87
CA LEU A 51 -9.14 -8.64 -4.10
C LEU A 51 -8.52 -7.30 -4.46
N LEU A 52 -9.31 -6.23 -4.34
CA LEU A 52 -8.82 -4.89 -4.66
C LEU A 52 -8.81 -4.01 -3.42
N ILE A 53 -7.94 -3.01 -3.40
CA ILE A 53 -7.83 -2.10 -2.28
C ILE A 53 -7.78 -0.65 -2.75
N THR A 54 -8.80 0.12 -2.39
CA THR A 54 -8.87 1.52 -2.77
C THR A 54 -8.44 2.43 -1.63
N VAL A 55 -7.77 3.53 -1.97
CA VAL A 55 -7.31 4.48 -0.96
C VAL A 55 -7.57 5.91 -1.40
N ALA A 56 -8.30 6.66 -0.56
CA ALA A 56 -8.62 8.04 -0.85
C ALA A 56 -7.79 9.00 -0.01
N PHE A 57 -6.90 9.74 -0.67
CA PHE A 57 -6.04 10.70 0.02
C PHE A 57 -6.64 12.10 -0.01
N ASN A 58 -6.88 12.66 1.18
CA ASN A 58 -7.45 14.00 1.28
C ASN A 58 -6.52 15.04 0.66
N GLN A 59 -5.23 14.71 0.60
CA GLN A 59 -4.24 15.62 0.05
C GLN A 59 -3.33 14.88 -0.94
N PRO A 60 -2.95 15.58 -2.03
CA PRO A 60 -2.07 15.02 -3.05
C PRO A 60 -0.65 14.81 -2.56
N VAL A 61 -0.27 13.55 -2.39
CA VAL A 61 1.08 13.21 -1.93
C VAL A 61 1.88 12.53 -3.03
N LYS A 62 3.05 12.02 -2.66
CA LYS A 62 3.93 11.34 -3.62
C LYS A 62 4.23 9.92 -3.16
N LEU A 63 3.88 8.94 -3.98
CA LEU A 63 4.11 7.54 -3.65
C LEU A 63 5.52 7.12 -4.08
N TYR A 64 6.47 7.25 -3.17
CA TYR A 64 7.86 6.89 -3.45
C TYR A 64 8.07 5.38 -3.27
N SER A 65 7.31 4.79 -2.36
CA SER A 65 7.41 3.36 -2.09
C SER A 65 6.10 2.82 -1.51
N MET A 66 6.02 1.50 -1.38
CA MET A 66 4.83 0.86 -0.84
C MET A 66 5.20 -0.38 -0.03
N LYS A 67 4.65 -0.47 1.18
CA LYS A 67 4.91 -1.61 2.05
C LYS A 67 3.77 -2.62 2.00
N PHE A 68 3.92 -3.63 1.15
CA PHE A 68 2.90 -4.66 1.00
C PHE A 68 3.43 -6.02 1.47
N GLN A 69 2.75 -6.60 2.45
CA GLN A 69 3.15 -7.90 2.98
C GLN A 69 1.94 -8.66 3.53
N GLY A 70 2.21 -9.79 4.19
CA GLY A 70 1.14 -10.58 4.75
C GLY A 70 1.48 -11.13 6.13
N PRO A 71 0.71 -12.13 6.57
CA PRO A 71 0.91 -12.76 7.88
C PRO A 71 2.20 -13.57 7.95
N ASP A 72 2.36 -14.33 9.03
CA ASP A 72 3.55 -15.16 9.21
C ASP A 72 3.24 -16.61 8.90
N ASN A 73 2.28 -16.84 8.01
CA ASN A 73 1.89 -18.20 7.64
C ASN A 73 2.56 -18.60 6.32
N GLY A 74 2.78 -17.63 5.44
CA GLY A 74 3.41 -17.92 4.16
C GLY A 74 2.53 -17.54 2.99
N GLN A 75 1.61 -16.60 3.21
CA GLN A 75 0.70 -16.15 2.17
C GLN A 75 0.80 -14.64 1.97
N GLY A 76 1.56 -14.23 0.96
CA GLY A 76 1.73 -12.81 0.69
C GLY A 76 1.54 -12.48 -0.78
N PRO A 77 1.10 -11.24 -1.06
CA PRO A 77 0.86 -10.77 -2.43
C PRO A 77 2.16 -10.60 -3.21
N LYS A 78 2.15 -11.00 -4.46
CA LYS A 78 3.32 -10.88 -5.32
C LYS A 78 3.07 -9.90 -6.45
N TYR A 79 2.32 -10.34 -7.46
CA TYR A 79 2.02 -9.50 -8.61
C TYR A 79 0.77 -8.65 -8.35
N VAL A 80 0.98 -7.39 -8.00
CA VAL A 80 -0.12 -6.48 -7.72
C VAL A 80 -0.11 -5.30 -8.67
N LYS A 81 -1.29 -4.95 -9.17
CA LYS A 81 -1.42 -3.83 -10.11
C LYS A 81 -1.78 -2.54 -9.37
N ILE A 82 -0.95 -1.53 -9.53
CA ILE A 82 -1.18 -0.23 -8.88
C ILE A 82 -1.87 0.74 -9.83
N PHE A 83 -2.82 1.50 -9.29
CA PHE A 83 -3.56 2.48 -10.09
C PHE A 83 -3.68 3.80 -9.35
N ILE A 84 -3.65 4.90 -10.09
CA ILE A 84 -3.77 6.23 -9.50
C ILE A 84 -4.53 7.17 -10.42
N ASN A 85 -4.94 8.31 -9.87
CA ASN A 85 -5.69 9.31 -10.64
C ASN A 85 -6.94 8.68 -11.26
N LEU A 86 -7.62 7.83 -10.49
CA LEU A 86 -8.82 7.17 -10.95
C LEU A 86 -10.03 8.11 -10.85
N PRO A 87 -11.05 7.85 -11.67
CA PRO A 87 -12.27 8.66 -11.70
C PRO A 87 -13.12 8.47 -10.45
N ARG A 88 -12.93 7.33 -9.78
CA ARG A 88 -13.68 7.03 -8.56
C ARG A 88 -13.13 5.77 -7.89
N SER A 89 -13.40 4.61 -8.49
CA SER A 89 -12.94 3.34 -7.95
C SER A 89 -12.53 2.39 -9.07
N MET A 90 -12.03 1.22 -8.69
CA MET A 90 -11.60 0.22 -9.66
C MET A 90 -12.34 -1.10 -9.45
N ASP A 91 -12.75 -1.73 -10.54
CA ASP A 91 -13.46 -3.00 -10.48
C ASP A 91 -12.59 -4.15 -10.96
N PHE A 92 -13.20 -5.32 -11.14
CA PHE A 92 -12.47 -6.50 -11.60
C PHE A 92 -12.22 -6.43 -13.10
N GLU A 93 -13.17 -5.86 -13.84
CA GLU A 93 -13.04 -5.73 -15.28
C GLU A 93 -12.20 -4.52 -15.65
N GLU A 94 -12.36 -3.44 -14.89
CA GLU A 94 -11.62 -2.21 -15.14
C GLU A 94 -10.15 -2.38 -14.76
N ALA A 95 -9.88 -3.33 -13.86
CA ALA A 95 -8.52 -3.58 -13.41
C ALA A 95 -7.79 -4.49 -14.39
N GLU A 96 -8.53 -5.06 -15.35
CA GLU A 96 -7.94 -5.94 -16.34
C GLU A 96 -7.76 -5.23 -17.67
N ARG A 97 -8.81 -4.55 -18.13
CA ARG A 97 -8.76 -3.82 -19.39
C ARG A 97 -7.76 -2.68 -19.32
N SER A 98 -7.78 -1.94 -18.22
CA SER A 98 -6.87 -0.82 -18.03
C SER A 98 -5.58 -1.27 -17.34
N GLU A 99 -4.44 -0.81 -17.85
CA GLU A 99 -3.16 -1.16 -17.28
C GLU A 99 -2.81 -0.27 -16.09
N PRO A 100 -2.07 -0.82 -15.13
CA PRO A 100 -1.65 -0.09 -13.93
C PRO A 100 -0.63 0.99 -14.23
N THR A 101 -0.39 1.87 -13.25
CA THR A 101 0.56 2.95 -13.42
C THR A 101 1.99 2.46 -13.20
N GLN A 102 2.13 1.36 -12.48
CA GLN A 102 3.44 0.78 -12.20
C GLN A 102 3.40 -0.73 -12.28
N ALA A 103 2.82 -1.37 -11.27
CA ALA A 103 2.71 -2.82 -11.23
C ALA A 103 4.09 -3.46 -11.12
N LEU A 104 4.32 -4.19 -10.03
CA LEU A 104 5.60 -4.85 -9.80
C LEU A 104 5.39 -6.23 -9.18
N GLU A 105 6.37 -7.11 -9.35
CA GLU A 105 6.30 -8.46 -8.81
C GLU A 105 6.99 -8.54 -7.45
N LEU A 106 6.24 -8.27 -6.39
CA LEU A 106 6.78 -8.31 -5.04
C LEU A 106 7.42 -9.66 -4.74
N THR A 107 8.55 -9.63 -4.05
CA THR A 107 9.26 -10.86 -3.70
C THR A 107 9.23 -11.10 -2.20
N GLU A 108 9.80 -12.22 -1.78
CA GLU A 108 9.85 -12.57 -0.35
C GLU A 108 10.55 -11.49 0.44
N ASP A 109 11.47 -10.78 -0.21
CA ASP A 109 12.22 -9.71 0.44
C ASP A 109 11.40 -8.42 0.48
N ASP A 110 10.36 -8.36 -0.32
CA ASP A 110 9.49 -7.18 -0.38
C ASP A 110 8.27 -7.37 0.51
N ILE A 111 8.02 -8.61 0.90
CA ILE A 111 6.87 -8.92 1.76
C ILE A 111 7.32 -9.54 3.09
N LYS A 112 8.56 -9.25 3.48
CA LYS A 112 9.11 -9.76 4.72
C LYS A 112 8.80 -8.82 5.88
N GLU A 113 9.41 -9.09 7.03
CA GLU A 113 9.20 -8.26 8.21
C GLU A 113 9.40 -6.78 7.89
N ASP A 114 10.38 -6.50 7.05
CA ASP A 114 10.67 -5.12 6.66
C ASP A 114 10.64 -4.98 5.14
N GLY A 115 9.73 -5.70 4.50
CA GLY A 115 9.62 -5.63 3.05
C GLY A 115 9.29 -4.23 2.56
N ILE A 116 9.91 -3.84 1.46
CA ILE A 116 9.69 -2.52 0.89
C ILE A 116 9.59 -2.58 -0.64
N VAL A 117 8.62 -1.88 -1.19
CA VAL A 117 8.43 -1.85 -2.63
C VAL A 117 8.67 -0.46 -3.20
N PRO A 118 9.88 -0.25 -3.76
CA PRO A 118 10.28 1.03 -4.35
C PRO A 118 9.52 1.33 -5.64
N LEU A 119 8.63 2.30 -5.59
CA LEU A 119 7.84 2.69 -6.76
C LEU A 119 8.52 3.83 -7.50
N ARG A 120 7.80 4.40 -8.48
CA ARG A 120 8.32 5.51 -9.27
C ARG A 120 7.53 6.78 -9.02
N TYR A 121 8.05 7.63 -8.13
CA TYR A 121 7.39 8.88 -7.80
C TYR A 121 7.18 9.73 -9.04
N VAL A 122 7.98 9.48 -10.07
CA VAL A 122 7.88 10.22 -11.32
C VAL A 122 6.48 10.12 -11.91
N LYS A 123 5.76 9.08 -11.51
CA LYS A 123 4.40 8.86 -12.00
C LYS A 123 3.37 9.29 -10.96
N PHE A 124 3.75 9.20 -9.69
CA PHE A 124 2.85 9.58 -8.60
C PHE A 124 3.24 10.94 -8.03
N GLN A 125 3.74 11.82 -8.89
CA GLN A 125 4.15 13.16 -8.48
C GLN A 125 3.04 13.84 -7.70
N ASN A 126 1.80 13.51 -8.02
CA ASN A 126 0.65 14.10 -7.35
C ASN A 126 -0.60 13.23 -7.53
N VAL A 127 -0.86 12.36 -6.57
CA VAL A 127 -2.02 11.48 -6.62
C VAL A 127 -2.96 11.73 -5.46
N ASN A 128 -4.26 11.67 -5.73
CA ASN A 128 -5.27 11.89 -4.70
C ASN A 128 -6.03 10.60 -4.40
N SER A 129 -5.89 9.62 -5.27
CA SER A 129 -6.57 8.34 -5.10
C SER A 129 -5.76 7.21 -5.72
N VAL A 130 -5.38 6.23 -4.89
CA VAL A 130 -4.61 5.09 -5.35
C VAL A 130 -5.32 3.78 -5.06
N THR A 131 -5.23 2.84 -6.00
CA THR A 131 -5.87 1.54 -5.84
C THR A 131 -4.91 0.41 -6.16
N ILE A 132 -5.03 -0.70 -5.44
CA ILE A 132 -4.17 -1.86 -5.65
C ILE A 132 -5.00 -3.13 -5.83
N PHE A 133 -4.81 -3.78 -6.97
CA PHE A 133 -5.54 -5.02 -7.27
C PHE A 133 -4.61 -6.22 -7.13
N VAL A 134 -5.02 -7.18 -6.29
CA VAL A 134 -4.23 -8.38 -6.07
C VAL A 134 -4.48 -9.41 -7.18
N GLN A 135 -3.39 -9.86 -7.80
CA GLN A 135 -3.47 -10.84 -8.88
C GLN A 135 -2.93 -12.18 -8.43
N SER A 136 -1.64 -12.22 -8.13
CA SER A 136 -0.98 -13.46 -7.69
C SER A 136 -0.21 -13.24 -6.40
N ASN A 137 0.18 -14.34 -5.76
CA ASN A 137 0.93 -14.27 -4.51
C ASN A 137 2.36 -14.73 -4.70
N GLN A 138 3.10 -14.83 -3.61
CA GLN A 138 4.50 -15.26 -3.66
C GLN A 138 4.61 -16.69 -4.17
N GLY A 139 4.02 -17.63 -3.43
CA GLY A 139 4.07 -19.02 -3.83
C GLY A 139 2.82 -19.44 -4.58
N GLU A 140 2.17 -18.49 -5.23
CA GLU A 140 0.95 -18.77 -6.00
C GLU A 140 -0.06 -19.53 -5.15
N GLU A 141 -0.19 -19.13 -3.88
CA GLU A 141 -1.12 -19.78 -2.97
C GLU A 141 -2.55 -19.67 -3.49
N GLU A 142 -3.50 -20.09 -2.66
CA GLU A 142 -4.91 -20.04 -3.04
C GLU A 142 -5.53 -18.70 -2.67
N THR A 143 -4.97 -18.05 -1.66
CA THR A 143 -5.47 -16.76 -1.22
C THR A 143 -4.35 -15.90 -0.64
N THR A 144 -4.53 -14.58 -0.67
CA THR A 144 -3.53 -13.66 -0.15
C THR A 144 -4.02 -12.98 1.13
N ARG A 145 -3.24 -13.10 2.19
CA ARG A 145 -3.59 -12.49 3.47
C ARG A 145 -2.84 -11.18 3.68
N ILE A 146 -3.59 -10.09 3.81
CA ILE A 146 -3.00 -8.77 4.01
C ILE A 146 -2.95 -8.42 5.49
N SER A 147 -1.76 -8.09 5.99
CA SER A 147 -1.59 -7.72 7.39
C SER A 147 -1.12 -6.28 7.52
N TYR A 148 -0.12 -5.91 6.72
CA TYR A 148 0.42 -4.56 6.75
C TYR A 148 0.39 -3.93 5.37
N PHE A 149 -0.24 -2.76 5.27
CA PHE A 149 -0.35 -2.05 4.01
C PHE A 149 -0.28 -0.54 4.21
N THR A 150 0.60 0.11 3.47
CA THR A 150 0.77 1.55 3.57
C THR A 150 1.54 2.11 2.38
N PHE A 151 1.60 3.43 2.29
CA PHE A 151 2.30 4.09 1.18
C PHE A 151 3.42 4.97 1.71
N ILE A 152 4.66 4.61 1.37
CA ILE A 152 5.82 5.37 1.81
C ILE A 152 6.12 6.53 0.86
N GLY A 153 6.32 7.71 1.43
CA GLY A 153 6.60 8.88 0.62
C GLY A 153 6.48 10.17 1.40
N THR A 154 5.93 11.21 0.76
CA THR A 154 5.77 12.51 1.41
C THR A 154 4.79 13.39 0.63
N PRO A 155 4.20 14.37 1.32
CA PRO A 155 3.25 15.29 0.71
C PRO A 155 3.92 16.26 -0.26
N VAL A 156 3.27 16.49 -1.39
CA VAL A 156 3.79 17.39 -2.41
C VAL A 156 4.18 18.73 -1.81
N GLN A 157 3.43 19.16 -0.79
CA GLN A 157 3.70 20.43 -0.12
C GLN A 157 3.09 20.44 1.28
N ALA A 158 3.94 20.41 2.29
CA ALA A 158 3.49 20.42 3.68
C ALA A 158 4.57 20.97 4.61
N THR A 159 4.15 21.80 5.56
CA THR A 159 5.09 22.39 6.51
C THR A 159 6.24 23.10 5.79
N ASN A 160 7.22 23.55 6.55
CA ASN A 160 8.37 24.24 5.99
C ASN A 160 9.62 23.37 6.05
N MET A 161 9.64 22.44 7.01
CA MET A 161 10.78 21.54 7.17
C MET A 161 12.04 22.31 7.51
N ASN A 162 12.30 22.46 8.81
CA ASN A 162 13.49 23.19 9.27
C ASN A 162 13.63 23.08 10.78
N ASP A 163 13.54 21.87 11.31
CA ASP A 163 13.66 21.64 12.74
C ASP A 163 14.31 20.29 13.03
N PHE A 164 14.28 19.88 14.29
CA PHE A 164 14.88 18.60 14.69
C PHE A 164 16.38 18.60 14.43
N LYS A 165 17.15 18.75 15.51
CA LYS A 165 18.60 18.75 15.40
C LYS A 165 19.19 17.38 15.73
N SER A 166 20.50 17.32 15.87
CA SER A 166 21.18 16.06 16.18
C SER A 166 20.79 15.55 17.56
N GLY A 167 21.10 16.35 18.59
CA GLY A 167 20.77 15.97 19.95
C GLY A 167 22.00 15.65 20.78
N PRO A 168 21.80 15.40 22.08
CA PRO A 168 22.88 15.08 23.00
C PRO A 168 23.50 13.71 22.73
N SER A 169 24.37 13.27 23.64
CA SER A 169 25.02 11.98 23.49
C SER A 169 25.46 11.43 24.84
N SER A 170 26.16 10.30 24.82
CA SER A 170 26.63 9.68 26.06
C SER A 170 28.16 9.56 26.05
N GLY A 171 28.70 9.00 27.14
CA GLY A 171 30.14 8.84 27.24
C GLY A 171 30.84 10.16 27.48
N GLY A 1 3.04 18.25 8.53
CA GLY A 1 2.41 18.42 9.82
C GLY A 1 3.42 18.46 10.96
N SER A 2 4.43 17.60 10.87
CA SER A 2 5.46 17.54 11.91
C SER A 2 6.59 16.60 11.48
N SER A 3 7.46 17.10 10.61
CA SER A 3 8.59 16.32 10.12
C SER A 3 9.61 17.21 9.42
N GLY A 4 10.77 16.64 9.11
CA GLY A 4 11.81 17.40 8.45
C GLY A 4 13.13 16.65 8.39
N SER A 5 13.26 15.73 7.44
CA SER A 5 14.48 14.95 7.30
C SER A 5 14.95 14.93 5.84
N SER A 6 15.93 14.09 5.55
CA SER A 6 16.48 13.98 4.20
C SER A 6 15.91 12.77 3.48
N GLY A 7 16.25 11.58 3.97
CA GLY A 7 15.76 10.36 3.37
C GLY A 7 14.72 9.66 4.21
N GLY A 8 14.05 10.42 5.08
CA GLY A 8 13.04 9.85 5.95
C GLY A 8 11.63 10.13 5.45
N TYR A 9 11.04 9.15 4.77
CA TYR A 9 9.69 9.29 4.24
C TYR A 9 8.65 8.99 5.30
N MET A 10 7.38 8.97 4.90
CA MET A 10 6.29 8.69 5.81
C MET A 10 5.33 7.66 5.23
N ASP A 11 4.73 6.85 6.09
CA ASP A 11 3.80 5.82 5.65
C ASP A 11 2.49 6.44 5.15
N LEU A 12 2.33 7.74 5.40
CA LEU A 12 1.14 8.46 4.97
C LEU A 12 -0.12 7.82 5.57
N MET A 13 0.07 7.07 6.65
CA MET A 13 -1.05 6.41 7.32
C MET A 13 -2.11 7.43 7.75
N PRO A 14 -1.68 8.46 8.48
CA PRO A 14 -2.57 9.51 8.97
C PRO A 14 -3.07 10.41 7.84
N PHE A 15 -2.56 10.18 6.64
CA PHE A 15 -2.94 10.97 5.48
C PHE A 15 -3.97 10.23 4.64
N ILE A 16 -4.25 8.98 5.01
CA ILE A 16 -5.23 8.17 4.30
C ILE A 16 -6.63 8.35 4.86
N ASN A 17 -7.62 8.37 3.98
CA ASN A 17 -9.01 8.54 4.38
C ASN A 17 -9.74 7.20 4.38
N LYS A 18 -9.89 6.61 5.57
CA LYS A 18 -10.57 5.33 5.71
C LYS A 18 -12.05 5.47 5.37
N ALA A 19 -12.61 6.65 5.60
CA ALA A 19 -14.01 6.92 5.32
C ALA A 19 -14.28 6.90 3.82
N GLY A 20 -13.23 7.10 3.04
CA GLY A 20 -13.38 7.10 1.59
C GLY A 20 -12.78 5.88 0.94
N CYS A 21 -12.16 5.02 1.75
CA CYS A 21 -11.54 3.80 1.24
C CYS A 21 -12.60 2.81 0.76
N GLU A 22 -12.21 1.92 -0.15
CA GLU A 22 -13.13 0.92 -0.68
C GLU A 22 -12.41 -0.41 -0.91
N CYS A 23 -13.05 -1.50 -0.49
CA CYS A 23 -12.48 -2.83 -0.65
C CYS A 23 -13.38 -3.72 -1.50
N LEU A 24 -12.76 -4.57 -2.30
CA LEU A 24 -13.51 -5.48 -3.16
C LEU A 24 -13.33 -6.93 -2.73
N ASN A 25 -14.43 -7.65 -2.59
CA ASN A 25 -14.39 -9.05 -2.18
C ASN A 25 -13.80 -9.19 -0.78
N GLU A 26 -14.08 -8.21 0.08
CA GLU A 26 -13.60 -8.22 1.44
C GLU A 26 -14.29 -9.30 2.26
N SER A 27 -13.50 -10.08 2.99
CA SER A 27 -14.03 -11.17 3.81
C SER A 27 -15.07 -10.64 4.78
N ASP A 28 -15.97 -11.52 5.23
CA ASP A 28 -17.01 -11.15 6.18
C ASP A 28 -16.50 -11.20 7.61
N GLU A 29 -15.66 -12.19 7.91
CA GLU A 29 -15.11 -12.35 9.24
C GLU A 29 -13.90 -11.43 9.44
N HIS A 30 -13.21 -11.13 8.34
CA HIS A 30 -12.03 -10.27 8.40
C HIS A 30 -12.24 -9.02 7.56
N GLY A 31 -11.67 -7.90 8.00
CA GLY A 31 -11.80 -6.65 7.28
C GLY A 31 -10.54 -6.26 6.55
N PHE A 32 -10.68 -5.41 5.54
CA PHE A 32 -9.54 -4.96 4.75
C PHE A 32 -8.83 -3.80 5.44
N ASP A 33 -9.34 -3.41 6.61
CA ASP A 33 -8.76 -2.31 7.38
C ASP A 33 -7.80 -2.83 8.44
N ASN A 34 -7.96 -4.09 8.81
CA ASN A 34 -7.11 -4.71 9.82
C ASN A 34 -5.72 -5.00 9.25
N CYS A 35 -5.59 -4.90 7.94
CA CYS A 35 -4.32 -5.15 7.27
C CYS A 35 -3.57 -3.85 7.01
N LEU A 36 -3.96 -2.80 7.71
CA LEU A 36 -3.34 -1.50 7.54
C LEU A 36 -2.27 -1.26 8.62
N ARG A 37 -2.54 -1.75 9.83
CA ARG A 37 -1.61 -1.60 10.93
C ARG A 37 -0.84 -2.90 11.17
N LYS A 38 0.11 -2.85 12.09
CA LYS A 38 0.92 -4.02 12.42
C LYS A 38 0.28 -4.82 13.55
N ASP A 39 -0.31 -4.13 14.51
CA ASP A 39 -0.97 -4.78 15.63
C ASP A 39 -2.48 -4.88 15.40
N THR A 40 -2.89 -5.91 14.68
CA THR A 40 -4.31 -6.13 14.40
C THR A 40 -4.51 -7.35 13.50
N THR A 41 -5.73 -7.86 13.48
CA THR A 41 -6.06 -9.03 12.67
C THR A 41 -5.60 -8.84 11.23
N PHE A 42 -5.67 -9.91 10.45
CA PHE A 42 -5.25 -9.86 9.05
C PHE A 42 -6.46 -9.96 8.13
N LEU A 43 -6.23 -9.76 6.83
CA LEU A 43 -7.30 -9.82 5.84
C LEU A 43 -7.16 -11.07 4.97
N GLU A 44 -8.03 -12.04 5.20
CA GLU A 44 -8.01 -13.28 4.43
C GLU A 44 -9.08 -13.27 3.35
N SER A 45 -8.72 -13.75 2.16
CA SER A 45 -9.66 -13.80 1.05
C SER A 45 -10.51 -15.06 1.11
N ASP A 46 -11.82 -14.89 0.95
CA ASP A 46 -12.75 -16.01 0.98
C ASP A 46 -13.01 -16.54 -0.42
N CYS A 47 -12.14 -16.18 -1.35
CA CYS A 47 -12.29 -16.62 -2.74
C CYS A 47 -10.93 -16.95 -3.34
N ASP A 48 -10.08 -15.93 -3.45
CA ASP A 48 -8.75 -16.11 -4.02
C ASP A 48 -7.97 -14.79 -4.02
N GLU A 49 -6.82 -14.78 -4.67
CA GLU A 49 -5.99 -13.59 -4.74
C GLU A 49 -6.50 -12.63 -5.81
N GLN A 50 -7.77 -12.23 -5.67
CA GLN A 50 -8.39 -11.31 -6.62
C GLN A 50 -9.11 -10.18 -5.90
N LEU A 51 -8.53 -9.71 -4.80
CA LEU A 51 -9.12 -8.64 -4.02
C LEU A 51 -8.50 -7.29 -4.38
N LEU A 52 -9.29 -6.23 -4.28
CA LEU A 52 -8.81 -4.89 -4.60
C LEU A 52 -8.81 -4.01 -3.35
N ILE A 53 -7.93 -3.01 -3.34
CA ILE A 53 -7.82 -2.09 -2.22
C ILE A 53 -7.76 -0.64 -2.69
N THR A 54 -8.80 0.12 -2.36
CA THR A 54 -8.87 1.53 -2.75
C THR A 54 -8.44 2.43 -1.61
N VAL A 55 -7.77 3.54 -1.95
CA VAL A 55 -7.31 4.49 -0.95
C VAL A 55 -7.59 5.93 -1.39
N ALA A 56 -8.28 6.67 -0.54
CA ALA A 56 -8.61 8.06 -0.84
C ALA A 56 -7.78 9.02 0.01
N PHE A 57 -6.90 9.76 -0.65
CA PHE A 57 -6.03 10.72 0.03
C PHE A 57 -6.64 12.11 0.00
N ASN A 58 -6.87 12.68 1.19
CA ASN A 58 -7.44 14.02 1.29
C ASN A 58 -6.51 15.06 0.69
N GLN A 59 -5.23 14.73 0.62
CA GLN A 59 -4.24 15.65 0.05
C GLN A 59 -3.33 14.92 -0.93
N PRO A 60 -2.94 15.62 -2.01
CA PRO A 60 -2.08 15.07 -3.05
C PRO A 60 -0.65 14.85 -2.57
N VAL A 61 -0.27 13.59 -2.41
CA VAL A 61 1.06 13.24 -1.95
C VAL A 61 1.86 12.55 -3.06
N LYS A 62 3.04 12.04 -2.70
CA LYS A 62 3.90 11.35 -3.65
C LYS A 62 4.20 9.93 -3.19
N LEU A 63 3.83 8.96 -4.01
CA LEU A 63 4.07 7.55 -3.69
C LEU A 63 5.47 7.12 -4.11
N TYR A 64 6.43 7.29 -3.21
CA TYR A 64 7.82 6.91 -3.49
C TYR A 64 8.02 5.41 -3.33
N SER A 65 7.28 4.82 -2.39
CA SER A 65 7.39 3.38 -2.13
C SER A 65 6.10 2.86 -1.51
N MET A 66 6.00 1.53 -1.42
CA MET A 66 4.82 0.90 -0.84
C MET A 66 5.21 -0.33 -0.02
N LYS A 67 4.60 -0.46 1.16
CA LYS A 67 4.88 -1.59 2.04
C LYS A 67 3.76 -2.62 1.98
N PHE A 68 3.92 -3.62 1.12
CA PHE A 68 2.92 -4.67 0.98
C PHE A 68 3.46 -6.01 1.44
N GLN A 69 2.79 -6.62 2.42
CA GLN A 69 3.21 -7.91 2.95
C GLN A 69 2.03 -8.68 3.50
N GLY A 70 2.31 -9.80 4.16
CA GLY A 70 1.26 -10.62 4.73
C GLY A 70 1.61 -11.14 6.11
N PRO A 71 0.86 -12.16 6.57
CA PRO A 71 1.07 -12.77 7.88
C PRO A 71 2.37 -13.57 7.94
N ASP A 72 2.56 -14.31 9.03
CA ASP A 72 3.76 -15.13 9.20
C ASP A 72 3.46 -16.59 8.91
N ASN A 73 2.54 -16.84 7.99
CA ASN A 73 2.17 -18.19 7.61
C ASN A 73 2.82 -18.60 6.30
N GLY A 74 3.01 -17.62 5.41
CA GLY A 74 3.63 -17.89 4.13
C GLY A 74 2.73 -17.52 2.96
N GLN A 75 1.78 -16.63 3.21
CA GLN A 75 0.85 -16.20 2.17
C GLN A 75 0.92 -14.69 1.97
N GLY A 76 1.65 -14.26 0.96
CA GLY A 76 1.79 -12.85 0.68
C GLY A 76 1.60 -12.52 -0.80
N PRO A 77 1.16 -11.29 -1.08
CA PRO A 77 0.91 -10.83 -2.45
C PRO A 77 2.21 -10.65 -3.24
N LYS A 78 2.17 -11.02 -4.51
CA LYS A 78 3.34 -10.89 -5.38
C LYS A 78 3.09 -9.90 -6.51
N TYR A 79 2.33 -10.32 -7.51
CA TYR A 79 2.01 -9.47 -8.65
C TYR A 79 0.79 -8.61 -8.36
N VAL A 80 1.02 -7.36 -7.99
CA VAL A 80 -0.06 -6.44 -7.69
C VAL A 80 -0.07 -5.26 -8.66
N LYS A 81 -1.26 -4.91 -9.15
CA LYS A 81 -1.39 -3.79 -10.08
C LYS A 81 -1.75 -2.50 -9.34
N ILE A 82 -0.89 -1.50 -9.47
CA ILE A 82 -1.12 -0.22 -8.82
C ILE A 82 -1.81 0.76 -9.76
N PHE A 83 -2.80 1.47 -9.24
CA PHE A 83 -3.55 2.45 -10.03
C PHE A 83 -3.66 3.77 -9.30
N ILE A 84 -3.62 4.87 -10.05
CA ILE A 84 -3.72 6.21 -9.47
C ILE A 84 -4.47 7.16 -10.39
N ASN A 85 -4.88 8.30 -9.86
CA ASN A 85 -5.61 9.29 -10.64
C ASN A 85 -6.82 8.66 -11.31
N LEU A 86 -7.48 7.76 -10.61
CA LEU A 86 -8.66 7.08 -11.14
C LEU A 86 -9.87 8.02 -11.15
N PRO A 87 -10.83 7.74 -12.04
CA PRO A 87 -12.05 8.54 -12.16
C PRO A 87 -12.98 8.39 -10.96
N ARG A 88 -12.83 7.28 -10.24
CA ARG A 88 -13.65 7.01 -9.07
C ARG A 88 -13.13 5.79 -8.31
N SER A 89 -13.35 4.61 -8.88
CA SER A 89 -12.92 3.37 -8.25
C SER A 89 -12.45 2.37 -9.30
N MET A 90 -11.93 1.23 -8.85
CA MET A 90 -11.44 0.19 -9.74
C MET A 90 -12.16 -1.12 -9.50
N ASP A 91 -12.69 -1.72 -10.56
CA ASP A 91 -13.40 -2.99 -10.46
C ASP A 91 -12.54 -4.14 -10.96
N PHE A 92 -13.15 -5.31 -11.12
CA PHE A 92 -12.44 -6.50 -11.59
C PHE A 92 -12.19 -6.41 -13.09
N GLU A 93 -13.14 -5.84 -13.82
CA GLU A 93 -13.02 -5.70 -15.26
C GLU A 93 -12.17 -4.47 -15.62
N GLU A 94 -12.33 -3.41 -14.84
CA GLU A 94 -11.58 -2.18 -15.09
C GLU A 94 -10.12 -2.35 -14.69
N ALA A 95 -9.85 -3.30 -13.81
CA ALA A 95 -8.50 -3.57 -13.36
C ALA A 95 -7.76 -4.46 -14.35
N GLU A 96 -8.49 -5.03 -15.29
CA GLU A 96 -7.90 -5.91 -16.30
C GLU A 96 -7.72 -5.18 -17.63
N ARG A 97 -8.78 -4.51 -18.07
CA ARG A 97 -8.74 -3.77 -19.33
C ARG A 97 -7.75 -2.61 -19.24
N SER A 98 -7.81 -1.87 -18.14
CA SER A 98 -6.92 -0.73 -17.94
C SER A 98 -5.63 -1.16 -17.22
N GLU A 99 -4.50 -0.83 -17.82
CA GLU A 99 -3.20 -1.17 -17.24
C GLU A 99 -2.86 -0.26 -16.07
N PRO A 100 -2.12 -0.80 -15.10
CA PRO A 100 -1.71 -0.04 -13.91
C PRO A 100 -0.68 1.04 -14.23
N THR A 101 -0.38 1.88 -13.24
CA THR A 101 0.58 2.95 -13.42
C THR A 101 2.01 2.44 -13.25
N GLN A 102 2.15 1.31 -12.56
CA GLN A 102 3.47 0.72 -12.34
C GLN A 102 3.40 -0.80 -12.38
N ALA A 103 2.84 -1.39 -11.33
CA ALA A 103 2.72 -2.84 -11.24
C ALA A 103 4.08 -3.52 -11.17
N LEU A 104 4.33 -4.22 -10.07
CA LEU A 104 5.60 -4.90 -9.88
C LEU A 104 5.39 -6.29 -9.26
N GLU A 105 6.39 -7.15 -9.39
CA GLU A 105 6.30 -8.50 -8.85
C GLU A 105 7.01 -8.58 -7.50
N LEU A 106 6.27 -8.31 -6.43
CA LEU A 106 6.82 -8.35 -5.07
C LEU A 106 7.45 -9.71 -4.80
N THR A 107 8.62 -9.69 -4.15
CA THR A 107 9.32 -10.92 -3.81
C THR A 107 9.29 -11.19 -2.31
N GLU A 108 9.86 -12.31 -1.90
CA GLU A 108 9.90 -12.68 -0.49
C GLU A 108 10.59 -11.60 0.34
N ASP A 109 11.50 -10.87 -0.29
CA ASP A 109 12.23 -9.81 0.39
C ASP A 109 11.40 -8.53 0.44
N ASP A 110 10.36 -8.47 -0.39
CA ASP A 110 9.48 -7.30 -0.44
C ASP A 110 8.25 -7.50 0.43
N ILE A 111 8.00 -8.76 0.80
CA ILE A 111 6.85 -9.09 1.64
C ILE A 111 7.30 -9.72 2.96
N LYS A 112 8.49 -9.35 3.41
CA LYS A 112 9.03 -9.87 4.67
C LYS A 112 8.76 -8.91 5.82
N GLU A 113 9.36 -9.19 6.96
CA GLU A 113 9.20 -8.35 8.14
C GLU A 113 9.47 -6.88 7.81
N ASP A 114 10.46 -6.66 6.94
CA ASP A 114 10.81 -5.30 6.53
C ASP A 114 10.74 -5.15 5.02
N GLY A 115 9.78 -5.85 4.41
CA GLY A 115 9.63 -5.77 2.96
C GLY A 115 9.30 -4.38 2.48
N ILE A 116 9.97 -3.95 1.42
CA ILE A 116 9.74 -2.62 0.86
C ILE A 116 9.62 -2.67 -0.66
N VAL A 117 8.62 -1.97 -1.20
CA VAL A 117 8.40 -1.94 -2.64
C VAL A 117 8.68 -0.56 -3.21
N PRO A 118 9.86 -0.39 -3.82
CA PRO A 118 10.27 0.89 -4.41
C PRO A 118 9.47 1.23 -5.67
N LEU A 119 8.64 2.26 -5.56
CA LEU A 119 7.81 2.70 -6.68
C LEU A 119 8.50 3.82 -7.46
N ARG A 120 7.80 4.35 -8.45
CA ARG A 120 8.33 5.43 -9.27
C ARG A 120 7.57 6.73 -9.03
N TYR A 121 8.10 7.58 -8.16
CA TYR A 121 7.47 8.85 -7.85
C TYR A 121 7.27 9.69 -9.11
N VAL A 122 8.06 9.40 -10.13
CA VAL A 122 7.97 10.12 -11.39
C VAL A 122 6.57 10.05 -11.98
N LYS A 123 5.81 9.04 -11.56
CA LYS A 123 4.45 8.85 -12.03
C LYS A 123 3.44 9.31 -10.99
N PHE A 124 3.79 9.13 -9.71
CA PHE A 124 2.92 9.52 -8.62
C PHE A 124 3.32 10.89 -8.07
N GLN A 125 3.81 11.75 -8.94
CA GLN A 125 4.22 13.09 -8.55
C GLN A 125 3.11 13.79 -7.77
N ASN A 126 1.87 13.45 -8.08
CA ASN A 126 0.72 14.05 -7.41
C ASN A 126 -0.53 13.19 -7.59
N VAL A 127 -0.80 12.36 -6.60
CA VAL A 127 -1.97 11.48 -6.65
C VAL A 127 -2.91 11.74 -5.48
N ASN A 128 -4.21 11.65 -5.74
CA ASN A 128 -5.22 11.89 -4.71
C ASN A 128 -5.98 10.60 -4.39
N SER A 129 -5.86 9.62 -5.28
CA SER A 129 -6.54 8.34 -5.10
C SER A 129 -5.74 7.20 -5.71
N VAL A 130 -5.36 6.24 -4.87
CA VAL A 130 -4.59 5.09 -5.33
C VAL A 130 -5.31 3.78 -5.02
N THR A 131 -5.20 2.82 -5.93
CA THR A 131 -5.85 1.53 -5.77
C THR A 131 -4.89 0.39 -6.10
N ILE A 132 -5.01 -0.71 -5.38
CA ILE A 132 -4.15 -1.87 -5.59
C ILE A 132 -4.99 -3.14 -5.79
N PHE A 133 -4.78 -3.80 -6.92
CA PHE A 133 -5.51 -5.03 -7.23
C PHE A 133 -4.60 -6.25 -7.11
N VAL A 134 -5.00 -7.20 -6.28
CA VAL A 134 -4.23 -8.42 -6.06
C VAL A 134 -4.48 -9.42 -7.19
N GLN A 135 -3.39 -9.87 -7.82
CA GLN A 135 -3.49 -10.83 -8.91
C GLN A 135 -2.94 -12.19 -8.49
N SER A 136 -1.64 -12.24 -8.20
CA SER A 136 -0.99 -13.48 -7.79
C SER A 136 -0.23 -13.28 -6.49
N ASN A 137 0.19 -14.38 -5.88
CA ASN A 137 0.94 -14.33 -4.63
C ASN A 137 2.38 -14.78 -4.84
N GLN A 138 3.13 -14.92 -3.74
CA GLN A 138 4.52 -15.35 -3.81
C GLN A 138 4.63 -16.76 -4.37
N GLY A 139 4.04 -17.72 -3.66
CA GLY A 139 4.09 -19.10 -4.10
C GLY A 139 2.83 -19.53 -4.80
N GLU A 140 2.09 -18.56 -5.36
CA GLU A 140 0.85 -18.85 -6.05
C GLU A 140 -0.19 -19.44 -5.09
N GLU A 141 -0.13 -19.02 -3.83
CA GLU A 141 -1.05 -19.52 -2.82
C GLU A 141 -2.50 -19.37 -3.30
N GLU A 142 -3.38 -20.18 -2.73
CA GLU A 142 -4.79 -20.16 -3.10
C GLU A 142 -5.42 -18.81 -2.73
N THR A 143 -4.84 -18.15 -1.74
CA THR A 143 -5.34 -16.85 -1.30
C THR A 143 -4.21 -16.00 -0.73
N THR A 144 -4.40 -14.68 -0.74
CA THR A 144 -3.41 -13.75 -0.23
C THR A 144 -3.87 -13.11 1.07
N ARG A 145 -3.06 -13.25 2.12
CA ARG A 145 -3.40 -12.69 3.42
C ARG A 145 -2.66 -11.36 3.63
N ILE A 146 -3.43 -10.29 3.81
CA ILE A 146 -2.86 -8.97 4.03
C ILE A 146 -2.76 -8.65 5.52
N SER A 147 -1.56 -8.31 5.96
CA SER A 147 -1.33 -7.98 7.37
C SER A 147 -0.93 -6.52 7.53
N TYR A 148 -0.05 -6.06 6.66
CA TYR A 148 0.42 -4.68 6.70
C TYR A 148 0.36 -4.04 5.32
N PHE A 149 -0.25 -2.86 5.25
CA PHE A 149 -0.38 -2.14 3.99
C PHE A 149 -0.34 -0.63 4.22
N THR A 150 0.46 0.06 3.40
CA THR A 150 0.60 1.51 3.51
C THR A 150 1.29 2.09 2.29
N PHE A 151 1.63 3.37 2.35
CA PHE A 151 2.29 4.05 1.24
C PHE A 151 3.43 4.94 1.75
N ILE A 152 4.65 4.60 1.37
CA ILE A 152 5.82 5.37 1.79
C ILE A 152 6.08 6.52 0.83
N GLY A 153 6.27 7.71 1.40
CA GLY A 153 6.53 8.88 0.58
C GLY A 153 6.42 10.18 1.37
N THR A 154 5.89 11.21 0.72
CA THR A 154 5.73 12.51 1.37
C THR A 154 4.76 13.40 0.59
N PRO A 155 4.17 14.38 1.27
CA PRO A 155 3.22 15.32 0.66
C PRO A 155 3.90 16.28 -0.31
N VAL A 156 3.28 16.49 -1.46
CA VAL A 156 3.82 17.37 -2.48
C VAL A 156 4.17 18.74 -1.88
N GLN A 157 3.43 19.13 -0.85
CA GLN A 157 3.66 20.42 -0.20
C GLN A 157 3.39 20.32 1.30
N ALA A 158 4.11 21.10 2.09
CA ALA A 158 3.94 21.10 3.53
C ALA A 158 4.65 22.29 4.17
N THR A 159 5.98 22.21 4.27
CA THR A 159 6.77 23.27 4.85
C THR A 159 8.26 22.94 4.80
N ASN A 160 9.08 23.87 5.29
CA ASN A 160 10.54 23.67 5.29
C ASN A 160 11.09 23.78 6.71
N MET A 161 10.56 22.95 7.61
CA MET A 161 11.01 22.95 9.00
C MET A 161 12.43 22.42 9.11
N ASN A 162 12.93 22.31 10.34
CA ASN A 162 14.28 21.82 10.58
C ASN A 162 14.26 20.33 10.92
N ASP A 163 15.41 19.81 11.36
CA ASP A 163 15.52 18.41 11.72
C ASP A 163 16.01 18.25 13.15
N PHE A 164 16.31 19.38 13.80
CA PHE A 164 16.79 19.37 15.18
C PHE A 164 15.85 18.55 16.07
N LYS A 165 16.42 17.97 17.13
CA LYS A 165 15.64 17.17 18.06
C LYS A 165 15.56 17.84 19.42
N SER A 166 16.66 17.81 20.16
CA SER A 166 16.71 18.41 21.49
C SER A 166 18.09 18.24 22.12
N GLY A 167 19.06 19.00 21.61
CA GLY A 167 20.41 18.92 22.14
C GLY A 167 20.98 17.51 22.04
N PRO A 168 22.27 17.37 22.40
CA PRO A 168 22.97 16.08 22.35
C PRO A 168 22.46 15.12 23.42
N SER A 169 23.16 14.01 23.58
CA SER A 169 22.78 13.01 24.57
C SER A 169 24.03 12.40 25.23
N SER A 170 23.83 11.86 26.43
CA SER A 170 24.94 11.26 27.17
C SER A 170 26.01 12.29 27.50
N GLY A 171 26.04 12.74 28.75
CA GLY A 171 27.01 13.73 29.17
C GLY A 171 26.73 15.11 28.59
N GLY A 1 1.94 9.65 16.93
CA GLY A 1 0.61 9.40 16.39
C GLY A 1 0.53 9.64 14.89
N SER A 2 1.28 10.63 14.41
CA SER A 2 1.29 10.97 12.99
C SER A 2 2.71 11.02 12.46
N SER A 3 3.01 10.16 11.49
CA SER A 3 4.34 10.11 10.88
C SER A 3 5.38 9.73 11.93
N GLY A 4 6.62 9.52 11.46
CA GLY A 4 7.69 9.15 12.37
C GLY A 4 8.51 7.99 11.84
N SER A 5 9.13 7.24 12.76
CA SER A 5 9.96 6.10 12.38
C SER A 5 11.14 6.55 11.53
N SER A 6 11.97 5.58 11.14
CA SER A 6 13.14 5.88 10.32
C SER A 6 12.79 5.83 8.83
N GLY A 7 13.83 5.92 7.99
CA GLY A 7 13.61 5.89 6.56
C GLY A 7 13.43 7.27 5.96
N GLY A 8 13.10 8.24 6.80
CA GLY A 8 12.90 9.60 6.34
C GLY A 8 11.49 9.86 5.87
N TYR A 9 11.06 9.12 4.85
CA TYR A 9 9.72 9.27 4.31
C TYR A 9 8.66 8.96 5.36
N MET A 10 7.40 8.94 4.93
CA MET A 10 6.30 8.65 5.84
C MET A 10 5.34 7.64 5.22
N ASP A 11 4.73 6.81 6.06
CA ASP A 11 3.79 5.79 5.60
C ASP A 11 2.49 6.44 5.12
N LEU A 12 2.34 7.73 5.40
CA LEU A 12 1.15 8.47 5.00
C LEU A 12 -0.11 7.84 5.60
N MET A 13 0.07 7.07 6.66
CA MET A 13 -1.04 6.41 7.33
C MET A 13 -2.10 7.42 7.75
N PRO A 14 -1.67 8.45 8.49
CA PRO A 14 -2.57 9.50 8.99
C PRO A 14 -3.06 10.41 7.85
N PHE A 15 -2.54 10.18 6.65
CA PHE A 15 -2.92 10.98 5.49
C PHE A 15 -3.95 10.23 4.64
N ILE A 16 -4.23 8.99 5.02
CA ILE A 16 -5.19 8.17 4.29
C ILE A 16 -6.59 8.33 4.85
N ASN A 17 -7.56 8.47 3.97
CA ASN A 17 -8.96 8.63 4.37
C ASN A 17 -9.70 7.29 4.35
N LYS A 18 -9.93 6.73 5.54
CA LYS A 18 -10.62 5.46 5.65
C LYS A 18 -12.09 5.60 5.25
N ALA A 19 -12.63 6.81 5.39
CA ALA A 19 -14.01 7.08 5.04
C ALA A 19 -14.22 7.02 3.52
N GLY A 20 -13.13 7.21 2.78
CA GLY A 20 -13.22 7.18 1.33
C GLY A 20 -12.64 5.91 0.74
N CYS A 21 -12.07 5.07 1.60
CA CYS A 21 -11.48 3.81 1.17
C CYS A 21 -12.55 2.84 0.69
N GLU A 22 -12.16 1.91 -0.16
CA GLU A 22 -13.09 0.91 -0.69
C GLU A 22 -12.39 -0.43 -0.92
N CYS A 23 -13.04 -1.50 -0.49
CA CYS A 23 -12.48 -2.84 -0.65
C CYS A 23 -13.40 -3.72 -1.49
N LEU A 24 -12.81 -4.55 -2.34
CA LEU A 24 -13.57 -5.45 -3.20
C LEU A 24 -13.46 -6.89 -2.73
N ASN A 25 -14.57 -7.61 -2.76
CA ASN A 25 -14.60 -9.00 -2.33
C ASN A 25 -13.97 -9.16 -0.95
N GLU A 26 -14.18 -8.17 -0.09
CA GLU A 26 -13.63 -8.20 1.26
C GLU A 26 -14.31 -9.28 2.10
N SER A 27 -13.51 -10.05 2.81
CA SER A 27 -14.03 -11.13 3.65
C SER A 27 -15.02 -10.58 4.68
N ASP A 28 -15.92 -11.44 5.14
CA ASP A 28 -16.91 -11.05 6.13
C ASP A 28 -16.34 -11.11 7.54
N GLU A 29 -15.53 -12.14 7.79
CA GLU A 29 -14.93 -12.32 9.10
C GLU A 29 -13.66 -11.47 9.23
N HIS A 30 -13.02 -11.19 8.11
CA HIS A 30 -11.81 -10.38 8.10
C HIS A 30 -12.06 -9.03 7.44
N GLY A 31 -11.37 -8.00 7.92
CA GLY A 31 -11.53 -6.67 7.38
C GLY A 31 -10.31 -6.21 6.60
N PHE A 32 -10.54 -5.37 5.59
CA PHE A 32 -9.45 -4.87 4.76
C PHE A 32 -8.81 -3.63 5.40
N ASP A 33 -9.37 -3.20 6.53
CA ASP A 33 -8.86 -2.03 7.24
C ASP A 33 -7.92 -2.45 8.36
N ASN A 34 -8.03 -3.69 8.80
CA ASN A 34 -7.18 -4.22 9.86
C ASN A 34 -5.77 -4.48 9.36
N CYS A 35 -5.65 -4.72 8.06
CA CYS A 35 -4.35 -4.99 7.45
C CYS A 35 -3.55 -3.70 7.30
N LEU A 36 -4.22 -2.57 7.47
CA LEU A 36 -3.57 -1.27 7.35
C LEU A 36 -2.56 -1.06 8.47
N ARG A 37 -2.96 -1.42 9.70
CA ARG A 37 -2.10 -1.27 10.87
C ARG A 37 -1.33 -2.55 11.13
N LYS A 38 -0.17 -2.42 11.77
CA LYS A 38 0.66 -3.57 12.10
C LYS A 38 0.02 -4.41 13.19
N ASP A 39 -0.58 -3.75 14.16
CA ASP A 39 -1.24 -4.42 15.27
C ASP A 39 -2.72 -4.64 14.98
N THR A 40 -3.03 -5.73 14.27
CA THR A 40 -4.41 -6.05 13.93
C THR A 40 -4.50 -7.41 13.26
N THR A 41 -5.73 -7.91 13.09
CA THR A 41 -5.96 -9.20 12.47
C THR A 41 -5.42 -9.23 11.04
N PHE A 42 -5.79 -10.27 10.30
CA PHE A 42 -5.35 -10.41 8.92
C PHE A 42 -6.54 -10.44 7.97
N LEU A 43 -6.30 -10.04 6.72
CA LEU A 43 -7.35 -10.01 5.71
C LEU A 43 -7.22 -11.21 4.76
N GLU A 44 -8.13 -12.17 4.91
CA GLU A 44 -8.11 -13.36 4.07
C GLU A 44 -9.19 -13.28 2.99
N SER A 45 -8.81 -13.60 1.76
CA SER A 45 -9.74 -13.55 0.63
C SER A 45 -10.84 -14.58 0.80
N ASP A 46 -12.04 -14.24 0.31
CA ASP A 46 -13.19 -15.13 0.41
C ASP A 46 -13.39 -15.89 -0.90
N CYS A 47 -12.37 -15.86 -1.76
CA CYS A 47 -12.44 -16.55 -3.05
C CYS A 47 -11.04 -16.89 -3.54
N ASP A 48 -10.18 -15.88 -3.63
CA ASP A 48 -8.82 -16.09 -4.10
C ASP A 48 -8.04 -14.77 -4.08
N GLU A 49 -6.86 -14.79 -4.69
CA GLU A 49 -6.02 -13.59 -4.74
C GLU A 49 -6.52 -12.62 -5.79
N GLN A 50 -7.79 -12.22 -5.67
CA GLN A 50 -8.39 -11.29 -6.62
C GLN A 50 -9.12 -10.15 -5.89
N LEU A 51 -8.53 -9.70 -4.80
CA LEU A 51 -9.11 -8.62 -4.00
C LEU A 51 -8.49 -7.28 -4.36
N LEU A 52 -9.29 -6.22 -4.29
CA LEU A 52 -8.81 -4.87 -4.61
C LEU A 52 -8.80 -3.99 -3.36
N ILE A 53 -7.92 -3.00 -3.36
CA ILE A 53 -7.81 -2.08 -2.23
C ILE A 53 -7.75 -0.63 -2.70
N THR A 54 -8.78 0.14 -2.35
CA THR A 54 -8.84 1.54 -2.74
C THR A 54 -8.41 2.45 -1.60
N VAL A 55 -7.71 3.52 -1.94
CA VAL A 55 -7.24 4.48 -0.94
C VAL A 55 -7.53 5.91 -1.36
N ALA A 56 -8.24 6.65 -0.50
CA ALA A 56 -8.59 8.03 -0.78
C ALA A 56 -7.74 8.99 0.05
N PHE A 57 -6.89 9.74 -0.63
CA PHE A 57 -6.01 10.69 0.05
C PHE A 57 -6.62 12.10 0.02
N ASN A 58 -6.84 12.66 1.21
CA ASN A 58 -7.42 13.99 1.33
C ASN A 58 -6.49 15.05 0.72
N GLN A 59 -5.21 14.71 0.65
CA GLN A 59 -4.22 15.63 0.09
C GLN A 59 -3.31 14.92 -0.91
N PRO A 60 -2.93 15.63 -1.97
CA PRO A 60 -2.06 15.09 -3.02
C PRO A 60 -0.63 14.86 -2.53
N VAL A 61 -0.25 13.60 -2.39
CA VAL A 61 1.09 13.24 -1.93
C VAL A 61 1.88 12.57 -3.04
N LYS A 62 3.06 12.06 -2.68
CA LYS A 62 3.92 11.38 -3.64
C LYS A 62 4.25 9.96 -3.17
N LEU A 63 3.89 8.98 -3.99
CA LEU A 63 4.15 7.58 -3.67
C LEU A 63 5.55 7.17 -4.09
N TYR A 64 6.50 7.29 -3.16
CA TYR A 64 7.88 6.93 -3.43
C TYR A 64 8.10 5.43 -3.25
N SER A 65 7.30 4.82 -2.39
CA SER A 65 7.40 3.39 -2.12
C SER A 65 6.11 2.84 -1.53
N MET A 66 6.04 1.53 -1.38
CA MET A 66 4.86 0.89 -0.83
C MET A 66 5.24 -0.34 0.00
N LYS A 67 4.63 -0.47 1.18
CA LYS A 67 4.91 -1.59 2.07
C LYS A 67 3.78 -2.60 2.03
N PHE A 68 3.93 -3.61 1.18
CA PHE A 68 2.91 -4.65 1.03
C PHE A 68 3.46 -6.01 1.50
N GLN A 69 2.78 -6.60 2.48
CA GLN A 69 3.19 -7.89 3.02
C GLN A 69 2.00 -8.65 3.59
N GLY A 70 2.27 -9.77 4.25
CA GLY A 70 1.21 -10.57 4.82
C GLY A 70 1.56 -11.07 6.21
N PRO A 71 0.82 -12.09 6.67
CA PRO A 71 1.03 -12.68 8.00
C PRO A 71 2.34 -13.47 8.09
N ASP A 72 2.52 -14.19 9.18
CA ASP A 72 3.72 -14.99 9.38
C ASP A 72 3.45 -16.47 9.10
N ASN A 73 2.50 -16.72 8.21
CA ASN A 73 2.14 -18.09 7.85
C ASN A 73 2.81 -18.50 6.53
N GLY A 74 2.94 -17.55 5.62
CA GLY A 74 3.56 -17.83 4.34
C GLY A 74 2.66 -17.50 3.17
N GLN A 75 1.79 -16.50 3.36
CA GLN A 75 0.87 -16.08 2.31
C GLN A 75 0.95 -14.58 2.08
N GLY A 76 1.69 -14.18 1.05
CA GLY A 76 1.84 -12.77 0.75
C GLY A 76 1.64 -12.47 -0.72
N PRO A 77 1.18 -11.24 -1.03
CA PRO A 77 0.94 -10.80 -2.41
C PRO A 77 2.24 -10.64 -3.20
N LYS A 78 2.20 -11.01 -4.47
CA LYS A 78 3.36 -10.90 -5.33
C LYS A 78 3.11 -9.91 -6.47
N TYR A 79 2.32 -10.34 -7.45
CA TYR A 79 2.00 -9.51 -8.60
C TYR A 79 0.77 -8.66 -8.32
N VAL A 80 0.98 -7.39 -7.98
CA VAL A 80 -0.11 -6.48 -7.70
C VAL A 80 -0.12 -5.30 -8.66
N LYS A 81 -1.29 -4.95 -9.16
CA LYS A 81 -1.44 -3.85 -10.09
C LYS A 81 -1.81 -2.56 -9.36
N ILE A 82 -0.98 -1.53 -9.51
CA ILE A 82 -1.22 -0.25 -8.87
C ILE A 82 -1.91 0.73 -9.83
N PHE A 83 -2.87 1.48 -9.29
CA PHE A 83 -3.61 2.45 -10.10
C PHE A 83 -3.73 3.77 -9.36
N ILE A 84 -3.73 4.86 -10.12
CA ILE A 84 -3.84 6.19 -9.55
C ILE A 84 -4.67 7.11 -10.43
N ASN A 85 -5.06 8.26 -9.89
CA ASN A 85 -5.87 9.23 -10.63
C ASN A 85 -7.10 8.57 -11.24
N LEU A 86 -7.69 7.64 -10.50
CA LEU A 86 -8.87 6.92 -10.95
C LEU A 86 -10.08 7.85 -10.99
N PRO A 87 -11.07 7.50 -11.83
CA PRO A 87 -12.30 8.28 -11.97
C PRO A 87 -13.19 8.21 -10.73
N ARG A 88 -12.98 7.18 -9.92
CA ARG A 88 -13.76 6.99 -8.70
C ARG A 88 -13.33 5.74 -7.96
N SER A 89 -13.02 4.69 -8.72
CA SER A 89 -12.60 3.42 -8.13
C SER A 89 -12.19 2.43 -9.22
N MET A 90 -11.70 1.27 -8.81
CA MET A 90 -11.27 0.23 -9.74
C MET A 90 -12.03 -1.07 -9.48
N ASP A 91 -12.49 -1.70 -10.56
CA ASP A 91 -13.23 -2.95 -10.45
C ASP A 91 -12.40 -4.13 -10.97
N PHE A 92 -13.04 -5.28 -11.13
CA PHE A 92 -12.36 -6.47 -11.63
C PHE A 92 -12.13 -6.38 -13.13
N GLU A 93 -13.11 -5.83 -13.84
CA GLU A 93 -13.02 -5.68 -15.29
C GLU A 93 -12.18 -4.46 -15.66
N GLU A 94 -12.32 -3.39 -14.90
CA GLU A 94 -11.57 -2.16 -15.15
C GLU A 94 -10.09 -2.35 -14.80
N ALA A 95 -9.82 -3.29 -13.91
CA ALA A 95 -8.46 -3.57 -13.49
C ALA A 95 -7.76 -4.51 -14.48
N GLU A 96 -8.54 -5.09 -15.37
CA GLU A 96 -8.00 -6.02 -16.36
C GLU A 96 -7.83 -5.33 -17.71
N ARG A 97 -8.85 -4.60 -18.14
CA ARG A 97 -8.81 -3.90 -19.41
C ARG A 97 -7.79 -2.76 -19.37
N SER A 98 -7.80 -2.01 -18.28
CA SER A 98 -6.88 -0.89 -18.12
C SER A 98 -5.61 -1.33 -17.40
N GLU A 99 -4.46 -0.87 -17.90
CA GLU A 99 -3.17 -1.23 -17.31
C GLU A 99 -2.85 -0.31 -16.13
N PRO A 100 -2.12 -0.85 -15.15
CA PRO A 100 -1.72 -0.12 -13.95
C PRO A 100 -0.70 0.97 -14.25
N THR A 101 -0.46 1.84 -13.27
CA THR A 101 0.50 2.94 -13.44
C THR A 101 1.93 2.44 -13.22
N GLN A 102 2.07 1.36 -12.46
CA GLN A 102 3.37 0.79 -12.16
C GLN A 102 3.34 -0.73 -12.25
N ALA A 103 2.77 -1.37 -11.24
CA ALA A 103 2.67 -2.82 -11.21
C ALA A 103 4.05 -3.46 -11.12
N LEU A 104 4.30 -4.17 -10.03
CA LEU A 104 5.58 -4.83 -9.81
C LEU A 104 5.38 -6.22 -9.19
N GLU A 105 6.36 -7.09 -9.38
CA GLU A 105 6.30 -8.44 -8.83
C GLU A 105 7.02 -8.52 -7.49
N LEU A 106 6.29 -8.25 -6.42
CA LEU A 106 6.86 -8.29 -5.07
C LEU A 106 7.56 -9.62 -4.82
N THR A 107 8.65 -9.57 -4.06
CA THR A 107 9.41 -10.77 -3.74
C THR A 107 9.37 -11.07 -2.24
N GLU A 108 9.94 -12.20 -1.86
CA GLU A 108 9.97 -12.60 -0.45
C GLU A 108 10.68 -11.54 0.40
N ASP A 109 11.53 -10.76 -0.25
CA ASP A 109 12.28 -9.70 0.45
C ASP A 109 11.47 -8.42 0.51
N ASP A 110 10.40 -8.35 -0.29
CA ASP A 110 9.54 -7.18 -0.32
C ASP A 110 8.33 -7.37 0.58
N ILE A 111 8.05 -8.61 0.94
CA ILE A 111 6.92 -8.92 1.80
C ILE A 111 7.38 -9.50 3.13
N LYS A 112 8.63 -9.23 3.49
CA LYS A 112 9.19 -9.72 4.74
C LYS A 112 8.82 -8.80 5.91
N GLU A 113 9.43 -9.03 7.06
CA GLU A 113 9.17 -8.23 8.24
C GLU A 113 9.28 -6.74 7.93
N ASP A 114 10.32 -6.38 7.17
CA ASP A 114 10.55 -4.99 6.79
C ASP A 114 10.60 -4.85 5.28
N GLY A 115 9.78 -5.62 4.58
CA GLY A 115 9.74 -5.56 3.13
C GLY A 115 9.38 -4.19 2.62
N ILE A 116 9.97 -3.79 1.50
CA ILE A 116 9.70 -2.50 0.90
C ILE A 116 9.59 -2.59 -0.61
N VAL A 117 8.65 -1.85 -1.19
CA VAL A 117 8.43 -1.85 -2.63
C VAL A 117 8.67 -0.47 -3.22
N PRO A 118 9.86 -0.27 -3.79
CA PRO A 118 10.24 1.02 -4.41
C PRO A 118 9.47 1.29 -5.70
N LEU A 119 8.56 2.25 -5.64
CA LEU A 119 7.75 2.62 -6.80
C LEU A 119 8.42 3.73 -7.60
N ARG A 120 7.69 4.29 -8.55
CA ARG A 120 8.20 5.37 -9.39
C ARG A 120 7.45 6.67 -9.11
N TYR A 121 8.01 7.49 -8.22
CA TYR A 121 7.39 8.77 -7.88
C TYR A 121 7.18 9.62 -9.12
N VAL A 122 7.96 9.35 -10.15
CA VAL A 122 7.87 10.11 -11.40
C VAL A 122 6.46 10.04 -11.97
N LYS A 123 5.72 9.02 -11.57
CA LYS A 123 4.35 8.83 -12.05
C LYS A 123 3.34 9.27 -10.99
N PHE A 124 3.74 9.16 -9.72
CA PHE A 124 2.87 9.54 -8.62
C PHE A 124 3.28 10.91 -8.05
N GLN A 125 3.77 11.77 -8.92
CA GLN A 125 4.20 13.11 -8.50
C GLN A 125 3.10 13.81 -7.71
N ASN A 126 1.85 13.47 -8.02
CA ASN A 126 0.71 14.07 -7.33
C ASN A 126 -0.55 13.23 -7.54
N VAL A 127 -0.81 12.33 -6.60
CA VAL A 127 -1.98 11.47 -6.67
C VAL A 127 -2.96 11.76 -5.54
N ASN A 128 -4.25 11.64 -5.83
CA ASN A 128 -5.29 11.89 -4.84
C ASN A 128 -6.00 10.61 -4.45
N SER A 129 -5.91 9.61 -5.32
CA SER A 129 -6.56 8.32 -5.08
C SER A 129 -5.77 7.18 -5.71
N VAL A 130 -5.35 6.23 -4.88
CA VAL A 130 -4.58 5.08 -5.35
C VAL A 130 -5.29 3.77 -5.04
N THR A 131 -5.22 2.83 -5.98
CA THR A 131 -5.86 1.53 -5.80
C THR A 131 -4.90 0.41 -6.13
N ILE A 132 -5.01 -0.70 -5.39
CA ILE A 132 -4.14 -1.85 -5.61
C ILE A 132 -4.97 -3.12 -5.79
N PHE A 133 -4.79 -3.77 -6.93
CA PHE A 133 -5.52 -5.01 -7.24
C PHE A 133 -4.60 -6.22 -7.11
N VAL A 134 -5.00 -7.17 -6.27
CA VAL A 134 -4.22 -8.39 -6.06
C VAL A 134 -4.46 -9.39 -7.17
N GLN A 135 -3.39 -9.85 -7.80
CA GLN A 135 -3.49 -10.82 -8.88
C GLN A 135 -2.93 -12.18 -8.45
N SER A 136 -1.64 -12.20 -8.11
CA SER A 136 -0.99 -13.44 -7.69
C SER A 136 -0.24 -13.22 -6.38
N ASN A 137 0.16 -14.33 -5.75
CA ASN A 137 0.89 -14.27 -4.49
C ASN A 137 2.33 -14.73 -4.67
N GLN A 138 3.06 -14.84 -3.55
CA GLN A 138 4.44 -15.28 -3.59
C GLN A 138 4.55 -16.71 -4.10
N GLY A 139 3.89 -17.64 -3.39
CA GLY A 139 3.93 -19.03 -3.78
C GLY A 139 2.68 -19.46 -4.51
N GLU A 140 2.08 -18.54 -5.25
CA GLU A 140 0.86 -18.82 -6.00
C GLU A 140 -0.19 -19.47 -5.12
N GLU A 141 -0.17 -19.11 -3.83
CA GLU A 141 -1.12 -19.66 -2.87
C GLU A 141 -2.56 -19.50 -3.36
N GLU A 142 -3.48 -20.22 -2.74
CA GLU A 142 -4.89 -20.16 -3.12
C GLU A 142 -5.49 -18.81 -2.75
N THR A 143 -4.89 -18.15 -1.77
CA THR A 143 -5.37 -16.85 -1.31
C THR A 143 -4.24 -16.03 -0.71
N THR A 144 -4.41 -14.71 -0.70
CA THR A 144 -3.40 -13.81 -0.16
C THR A 144 -3.88 -13.17 1.14
N ARG A 145 -3.07 -13.28 2.19
CA ARG A 145 -3.40 -12.72 3.48
C ARG A 145 -2.67 -11.40 3.71
N ILE A 146 -3.44 -10.33 3.91
CA ILE A 146 -2.87 -9.01 4.14
C ILE A 146 -2.75 -8.72 5.63
N SER A 147 -1.60 -8.17 6.03
CA SER A 147 -1.36 -7.84 7.42
C SER A 147 -0.90 -6.39 7.57
N TYR A 148 0.00 -5.97 6.69
CA TYR A 148 0.52 -4.61 6.72
C TYR A 148 0.44 -3.96 5.35
N PHE A 149 -0.24 -2.82 5.27
CA PHE A 149 -0.39 -2.10 4.01
C PHE A 149 -0.33 -0.60 4.23
N THR A 150 0.47 0.08 3.42
CA THR A 150 0.63 1.54 3.53
C THR A 150 1.32 2.10 2.30
N PHE A 151 1.67 3.38 2.36
CA PHE A 151 2.34 4.05 1.26
C PHE A 151 3.48 4.94 1.77
N ILE A 152 4.71 4.59 1.41
CA ILE A 152 5.86 5.36 1.82
C ILE A 152 6.13 6.53 0.87
N GLY A 153 6.32 7.71 1.44
CA GLY A 153 6.58 8.88 0.63
C GLY A 153 6.46 10.18 1.42
N THR A 154 5.93 11.21 0.78
CA THR A 154 5.76 12.51 1.43
C THR A 154 4.79 13.39 0.65
N PRO A 155 4.20 14.37 1.35
CA PRO A 155 3.25 15.31 0.74
C PRO A 155 3.93 16.27 -0.24
N VAL A 156 3.30 16.50 -1.39
CA VAL A 156 3.84 17.40 -2.39
C VAL A 156 4.20 18.75 -1.79
N GLN A 157 3.46 19.14 -0.75
CA GLN A 157 3.70 20.41 -0.08
C GLN A 157 3.49 20.28 1.43
N ALA A 158 4.22 21.08 2.20
CA ALA A 158 4.11 21.05 3.65
C ALA A 158 4.93 22.16 4.28
N THR A 159 6.25 21.97 4.33
CA THR A 159 7.15 22.97 4.90
C THR A 159 8.61 22.53 4.77
N ASN A 160 9.51 23.38 5.25
CA ASN A 160 10.94 23.07 5.19
C ASN A 160 11.57 23.14 6.58
N MET A 161 11.14 22.23 7.45
CA MET A 161 11.67 22.17 8.81
C MET A 161 12.40 20.86 9.06
N ASN A 162 12.01 19.82 8.33
CA ASN A 162 12.64 18.51 8.46
C ASN A 162 12.40 17.95 9.86
N ASP A 163 12.72 16.66 10.04
CA ASP A 163 12.54 16.00 11.32
C ASP A 163 13.47 14.80 11.46
N PHE A 164 13.34 14.07 12.56
CA PHE A 164 14.17 12.89 12.80
C PHE A 164 15.64 13.28 12.91
N LYS A 165 16.43 12.40 13.52
CA LYS A 165 17.86 12.64 13.69
C LYS A 165 18.61 11.34 13.90
N SER A 166 19.88 11.45 14.26
CA SER A 166 20.72 10.27 14.49
C SER A 166 21.52 10.41 15.78
N GLY A 167 21.95 9.28 16.33
CA GLY A 167 22.72 9.30 17.56
C GLY A 167 24.16 8.86 17.34
N PRO A 168 24.97 8.91 18.41
CA PRO A 168 26.37 8.52 18.36
C PRO A 168 26.55 7.01 18.19
N SER A 169 25.83 6.24 19.00
CA SER A 169 25.90 4.78 18.93
C SER A 169 25.59 4.28 17.52
N SER A 170 26.35 3.29 17.07
CA SER A 170 26.15 2.73 15.74
C SER A 170 27.05 1.51 15.53
N GLY A 171 27.14 0.67 16.55
CA GLY A 171 27.96 -0.52 16.47
C GLY A 171 27.14 -1.80 16.41
N GLY A 1 3.73 18.93 13.44
CA GLY A 1 3.71 17.89 12.43
C GLY A 1 4.95 17.01 12.47
N SER A 2 5.46 16.66 11.30
CA SER A 2 6.65 15.81 11.21
C SER A 2 7.77 16.51 10.45
N SER A 3 8.88 15.81 10.27
CA SER A 3 10.03 16.38 9.56
C SER A 3 10.87 15.27 8.93
N GLY A 4 11.26 15.48 7.68
CA GLY A 4 12.07 14.50 6.98
C GLY A 4 12.40 14.91 5.56
N SER A 5 13.63 14.63 5.14
CA SER A 5 14.07 14.99 3.79
C SER A 5 14.99 13.92 3.22
N SER A 6 16.10 13.68 3.91
CA SER A 6 17.08 12.69 3.47
C SER A 6 16.81 11.33 4.13
N GLY A 7 16.37 10.37 3.33
CA GLY A 7 16.07 9.05 3.85
C GLY A 7 15.12 9.08 5.02
N GLY A 8 14.04 9.85 4.88
CA GLY A 8 13.06 9.95 5.95
C GLY A 8 11.66 10.21 5.43
N TYR A 9 11.05 9.18 4.85
CA TYR A 9 9.70 9.31 4.30
C TYR A 9 8.65 8.98 5.36
N MET A 10 7.39 8.98 4.95
CA MET A 10 6.29 8.68 5.86
C MET A 10 5.33 7.66 5.25
N ASP A 11 4.72 6.84 6.10
CA ASP A 11 3.79 5.82 5.63
C ASP A 11 2.49 6.46 5.13
N LEU A 12 2.33 7.75 5.42
CA LEU A 12 1.13 8.47 5.01
C LEU A 12 -0.13 7.84 5.59
N MET A 13 0.05 7.07 6.66
CA MET A 13 -1.07 6.40 7.31
C MET A 13 -2.13 7.42 7.74
N PRO A 14 -1.71 8.44 8.49
CA PRO A 14 -2.60 9.49 8.98
C PRO A 14 -3.10 10.39 7.86
N PHE A 15 -2.57 10.17 6.66
CA PHE A 15 -2.97 10.97 5.50
C PHE A 15 -4.00 10.24 4.65
N ILE A 16 -4.28 8.99 5.03
CA ILE A 16 -5.25 8.18 4.30
C ILE A 16 -6.65 8.36 4.87
N ASN A 17 -7.64 8.48 3.98
CA ASN A 17 -9.03 8.66 4.39
C ASN A 17 -9.74 7.31 4.52
N LYS A 18 -9.71 6.74 5.71
CA LYS A 18 -10.35 5.46 5.96
C LYS A 18 -11.83 5.50 5.58
N ALA A 19 -12.43 6.67 5.73
CA ALA A 19 -13.84 6.86 5.41
C ALA A 19 -14.06 6.85 3.90
N GLY A 20 -13.02 7.19 3.16
CA GLY A 20 -13.12 7.22 1.71
C GLY A 20 -12.50 6.00 1.06
N CYS A 21 -12.07 5.04 1.88
CA CYS A 21 -11.45 3.82 1.38
C CYS A 21 -12.51 2.82 0.93
N GLU A 22 -12.15 1.96 -0.02
CA GLU A 22 -13.07 0.96 -0.53
C GLU A 22 -12.36 -0.37 -0.77
N CYS A 23 -12.99 -1.46 -0.36
CA CYS A 23 -12.41 -2.79 -0.53
C CYS A 23 -13.33 -3.67 -1.36
N LEU A 24 -12.72 -4.48 -2.23
CA LEU A 24 -13.48 -5.37 -3.09
C LEU A 24 -13.29 -6.84 -2.67
N ASN A 25 -14.39 -7.56 -2.57
CA ASN A 25 -14.35 -8.97 -2.17
C ASN A 25 -13.82 -9.11 -0.74
N GLU A 26 -14.17 -8.16 0.10
CA GLU A 26 -13.72 -8.18 1.49
C GLU A 26 -14.46 -9.27 2.28
N SER A 27 -13.72 -9.99 3.12
CA SER A 27 -14.29 -11.06 3.92
C SER A 27 -15.42 -10.53 4.81
N ASP A 28 -16.30 -11.42 5.23
CA ASP A 28 -17.43 -11.04 6.08
C ASP A 28 -17.04 -11.11 7.56
N GLU A 29 -16.02 -11.91 7.85
CA GLU A 29 -15.56 -12.07 9.23
C GLU A 29 -14.34 -11.19 9.49
N HIS A 30 -13.62 -10.84 8.43
CA HIS A 30 -12.44 -10.00 8.55
C HIS A 30 -12.57 -8.75 7.69
N GLY A 31 -11.99 -7.65 8.16
CA GLY A 31 -12.06 -6.40 7.42
C GLY A 31 -10.81 -6.15 6.60
N PHE A 32 -10.97 -5.42 5.50
CA PHE A 32 -9.86 -5.11 4.61
C PHE A 32 -9.05 -3.93 5.15
N ASP A 33 -9.74 -2.94 5.70
CA ASP A 33 -9.09 -1.76 6.24
C ASP A 33 -8.20 -2.13 7.43
N ASN A 34 -8.42 -3.32 7.96
CA ASN A 34 -7.63 -3.80 9.10
C ASN A 34 -6.18 -4.05 8.70
N CYS A 35 -5.97 -4.42 7.44
CA CYS A 35 -4.63 -4.69 6.93
C CYS A 35 -3.77 -3.43 7.00
N LEU A 36 -4.41 -2.28 7.05
CA LEU A 36 -3.69 -1.01 7.11
C LEU A 36 -2.93 -0.89 8.42
N ARG A 37 -3.39 -1.58 9.45
CA ARG A 37 -2.74 -1.56 10.75
C ARG A 37 -1.79 -2.74 10.90
N LYS A 38 -1.04 -2.76 12.00
CA LYS A 38 -0.09 -3.83 12.27
C LYS A 38 -0.46 -4.57 13.55
N ASP A 39 -1.35 -3.98 14.34
CA ASP A 39 -1.79 -4.59 15.60
C ASP A 39 -3.31 -4.50 15.74
N THR A 40 -4.00 -5.54 15.30
CA THR A 40 -5.46 -5.58 15.37
C THR A 40 -6.01 -6.89 14.83
N THR A 41 -6.04 -7.01 13.51
CA THR A 41 -6.54 -8.21 12.86
C THR A 41 -5.85 -8.44 11.51
N PHE A 42 -6.35 -9.42 10.76
CA PHE A 42 -5.78 -9.74 9.46
C PHE A 42 -6.88 -9.86 8.40
N LEU A 43 -6.51 -9.63 7.15
CA LEU A 43 -7.47 -9.71 6.05
C LEU A 43 -7.29 -11.00 5.27
N GLU A 44 -8.39 -11.71 5.03
CA GLU A 44 -8.35 -12.97 4.29
C GLU A 44 -9.34 -12.95 3.13
N SER A 45 -9.01 -13.66 2.07
CA SER A 45 -9.87 -13.71 0.88
C SER A 45 -10.76 -14.95 0.93
N ASP A 46 -12.05 -14.75 0.70
CA ASP A 46 -13.01 -15.85 0.71
C ASP A 46 -13.24 -16.39 -0.70
N CYS A 47 -12.28 -16.14 -1.58
CA CYS A 47 -12.38 -16.60 -2.96
C CYS A 47 -11.00 -16.94 -3.53
N ASP A 48 -10.15 -15.92 -3.62
CA ASP A 48 -8.80 -16.10 -4.16
C ASP A 48 -8.03 -14.78 -4.14
N GLU A 49 -6.86 -14.79 -4.77
CA GLU A 49 -6.03 -13.59 -4.83
C GLU A 49 -6.54 -12.63 -5.90
N GLN A 50 -7.80 -12.23 -5.77
CA GLN A 50 -8.41 -11.30 -6.72
C GLN A 50 -9.13 -10.17 -6.00
N LEU A 51 -8.55 -9.71 -4.90
CA LEU A 51 -9.15 -8.64 -4.11
C LEU A 51 -8.51 -7.29 -4.47
N LEU A 52 -9.30 -6.23 -4.35
CA LEU A 52 -8.82 -4.88 -4.66
C LEU A 52 -8.81 -4.01 -3.41
N ILE A 53 -7.93 -3.01 -3.40
CA ILE A 53 -7.81 -2.11 -2.26
C ILE A 53 -7.75 -0.65 -2.73
N THR A 54 -8.79 0.10 -2.38
CA THR A 54 -8.86 1.52 -2.76
C THR A 54 -8.41 2.41 -1.62
N VAL A 55 -7.76 3.52 -1.96
CA VAL A 55 -7.27 4.47 -0.96
C VAL A 55 -7.55 5.90 -1.39
N ALA A 56 -8.28 6.63 -0.55
CA ALA A 56 -8.62 8.01 -0.83
C ALA A 56 -7.77 8.97 0.02
N PHE A 57 -6.89 9.72 -0.65
CA PHE A 57 -6.03 10.67 0.03
C PHE A 57 -6.63 12.07 0.01
N ASN A 58 -6.87 12.63 1.19
CA ASN A 58 -7.45 13.97 1.31
C ASN A 58 -6.52 15.01 0.69
N GLN A 59 -5.23 14.69 0.63
CA GLN A 59 -4.24 15.60 0.07
C GLN A 59 -3.33 14.87 -0.92
N PRO A 60 -2.95 15.58 -2.00
CA PRO A 60 -2.07 15.03 -3.03
C PRO A 60 -0.65 14.81 -2.54
N VAL A 61 -0.26 13.54 -2.40
CA VAL A 61 1.09 13.21 -1.94
C VAL A 61 1.89 12.51 -3.03
N LYS A 62 3.06 12.01 -2.67
CA LYS A 62 3.93 11.33 -3.62
C LYS A 62 4.23 9.91 -3.15
N LEU A 63 3.88 8.93 -3.98
CA LEU A 63 4.12 7.53 -3.65
C LEU A 63 5.51 7.10 -4.08
N TYR A 64 6.47 7.22 -3.17
CA TYR A 64 7.85 6.86 -3.45
C TYR A 64 8.06 5.35 -3.27
N SER A 65 7.32 4.77 -2.34
CA SER A 65 7.42 3.34 -2.06
C SER A 65 6.11 2.80 -1.50
N MET A 66 6.03 1.48 -1.34
CA MET A 66 4.85 0.84 -0.80
C MET A 66 5.21 -0.39 0.01
N LYS A 67 4.65 -0.49 1.21
CA LYS A 67 4.92 -1.61 2.10
C LYS A 67 3.77 -2.63 2.05
N PHE A 68 3.92 -3.64 1.22
CA PHE A 68 2.90 -4.67 1.08
C PHE A 68 3.42 -6.03 1.58
N GLN A 69 2.73 -6.60 2.56
CA GLN A 69 3.12 -7.88 3.12
C GLN A 69 1.89 -8.66 3.61
N GLY A 70 2.15 -9.74 4.34
CA GLY A 70 1.06 -10.56 4.85
C GLY A 70 1.34 -11.08 6.24
N PRO A 71 0.55 -12.09 6.67
CA PRO A 71 0.69 -12.70 7.99
C PRO A 71 1.97 -13.52 8.11
N ASP A 72 2.09 -14.26 9.21
CA ASP A 72 3.27 -15.09 9.44
C ASP A 72 2.96 -16.55 9.16
N ASN A 73 2.10 -16.79 8.17
CA ASN A 73 1.73 -18.16 7.80
C ASN A 73 2.42 -18.57 6.51
N GLY A 74 2.65 -17.61 5.62
CA GLY A 74 3.30 -17.90 4.35
C GLY A 74 2.44 -17.53 3.17
N GLN A 75 1.53 -16.59 3.37
CA GLN A 75 0.63 -16.14 2.29
C GLN A 75 0.76 -14.65 2.08
N GLY A 76 1.53 -14.26 1.06
CA GLY A 76 1.72 -12.86 0.77
C GLY A 76 1.54 -12.54 -0.71
N PRO A 77 1.10 -11.32 -1.01
CA PRO A 77 0.88 -10.87 -2.39
C PRO A 77 2.19 -10.70 -3.17
N LYS A 78 2.14 -10.98 -4.46
CA LYS A 78 3.31 -10.86 -5.32
C LYS A 78 3.07 -9.88 -6.45
N TYR A 79 2.30 -10.31 -7.44
CA TYR A 79 1.98 -9.47 -8.60
C TYR A 79 0.74 -8.62 -8.33
N VAL A 80 0.97 -7.36 -7.99
CA VAL A 80 -0.13 -6.44 -7.72
C VAL A 80 -0.13 -5.26 -8.69
N LYS A 81 -1.31 -4.91 -9.18
CA LYS A 81 -1.44 -3.79 -10.12
C LYS A 81 -1.80 -2.51 -9.39
N ILE A 82 -0.95 -1.49 -9.53
CA ILE A 82 -1.19 -0.21 -8.88
C ILE A 82 -1.88 0.77 -9.82
N PHE A 83 -2.86 1.49 -9.30
CA PHE A 83 -3.60 2.46 -10.11
C PHE A 83 -3.73 3.79 -9.37
N ILE A 84 -3.71 4.87 -10.13
CA ILE A 84 -3.81 6.21 -9.54
C ILE A 84 -4.64 7.13 -10.45
N ASN A 85 -5.01 8.30 -9.91
CA ASN A 85 -5.80 9.27 -10.66
C ASN A 85 -7.05 8.61 -11.25
N LEU A 86 -7.61 7.65 -10.53
CA LEU A 86 -8.80 6.94 -10.99
C LEU A 86 -10.01 7.88 -11.02
N PRO A 87 -11.01 7.53 -11.83
CA PRO A 87 -12.23 8.32 -11.96
C PRO A 87 -13.11 8.24 -10.71
N ARG A 88 -12.89 7.20 -9.91
CA ARG A 88 -13.66 7.02 -8.69
C ARG A 88 -13.22 5.76 -7.95
N SER A 89 -12.92 4.71 -8.71
CA SER A 89 -12.49 3.44 -8.14
C SER A 89 -12.10 2.45 -9.22
N MET A 90 -11.62 1.29 -8.82
CA MET A 90 -11.22 0.25 -9.76
C MET A 90 -11.99 -1.05 -9.52
N ASP A 91 -12.50 -1.63 -10.59
CA ASP A 91 -13.26 -2.88 -10.49
C ASP A 91 -12.44 -4.06 -10.98
N PHE A 92 -13.08 -5.20 -11.15
CA PHE A 92 -12.42 -6.41 -11.60
C PHE A 92 -12.17 -6.35 -13.12
N GLU A 93 -13.14 -5.82 -13.85
CA GLU A 93 -13.03 -5.71 -15.29
C GLU A 93 -12.19 -4.50 -15.69
N GLU A 94 -12.33 -3.42 -14.91
CA GLU A 94 -11.58 -2.19 -15.18
C GLU A 94 -10.11 -2.36 -14.84
N ALA A 95 -9.82 -3.30 -13.94
CA ALA A 95 -8.45 -3.56 -13.51
C ALA A 95 -7.75 -4.50 -14.50
N GLU A 96 -8.52 -5.08 -15.41
CA GLU A 96 -7.98 -6.00 -16.40
C GLU A 96 -7.81 -5.31 -17.75
N ARG A 97 -8.85 -4.61 -18.18
CA ARG A 97 -8.82 -3.91 -19.46
C ARG A 97 -7.80 -2.78 -19.43
N SER A 98 -7.79 -2.02 -18.34
CA SER A 98 -6.86 -0.90 -18.19
C SER A 98 -5.59 -1.35 -17.48
N GLU A 99 -4.45 -0.83 -17.93
CA GLU A 99 -3.16 -1.18 -17.33
C GLU A 99 -2.85 -0.26 -16.16
N PRO A 100 -2.12 -0.80 -15.17
CA PRO A 100 -1.73 -0.04 -13.97
C PRO A 100 -0.70 1.04 -14.28
N THR A 101 -0.44 1.89 -13.29
CA THR A 101 0.52 2.97 -13.46
C THR A 101 1.95 2.48 -13.23
N GLN A 102 2.08 1.38 -12.49
CA GLN A 102 3.39 0.80 -12.20
C GLN A 102 3.34 -0.72 -12.28
N ALA A 103 2.77 -1.35 -11.27
CA ALA A 103 2.65 -2.80 -11.22
C ALA A 103 4.03 -3.45 -11.13
N LEU A 104 4.28 -4.14 -10.03
CA LEU A 104 5.55 -4.81 -9.81
C LEU A 104 5.35 -6.19 -9.20
N GLU A 105 6.33 -7.07 -9.36
CA GLU A 105 6.26 -8.41 -8.82
C GLU A 105 6.98 -8.50 -7.47
N LEU A 106 6.25 -8.22 -6.40
CA LEU A 106 6.81 -8.27 -5.05
C LEU A 106 7.48 -9.61 -4.79
N THR A 107 8.53 -9.59 -3.96
CA THR A 107 9.26 -10.80 -3.63
C THR A 107 9.24 -11.06 -2.13
N GLU A 108 9.81 -12.18 -1.72
CA GLU A 108 9.86 -12.54 -0.30
C GLU A 108 10.57 -11.47 0.51
N ASP A 109 11.46 -10.73 -0.14
CA ASP A 109 12.22 -9.67 0.51
C ASP A 109 11.39 -8.39 0.57
N ASP A 110 10.33 -8.33 -0.23
CA ASP A 110 9.47 -7.16 -0.26
C ASP A 110 8.24 -7.35 0.62
N ILE A 111 8.01 -8.60 1.01
CA ILE A 111 6.87 -8.93 1.86
C ILE A 111 7.33 -9.54 3.19
N LYS A 112 8.55 -9.22 3.58
CA LYS A 112 9.11 -9.73 4.83
C LYS A 112 8.85 -8.76 5.97
N GLU A 113 9.47 -9.03 7.13
CA GLU A 113 9.30 -8.18 8.30
C GLU A 113 9.53 -6.71 7.96
N ASP A 114 10.50 -6.47 7.08
CA ASP A 114 10.84 -5.12 6.67
C ASP A 114 10.77 -4.98 5.15
N GLY A 115 9.82 -5.69 4.54
CA GLY A 115 9.66 -5.63 3.09
C GLY A 115 9.33 -4.24 2.60
N ILE A 116 9.94 -3.85 1.49
CA ILE A 116 9.70 -2.53 0.91
C ILE A 116 9.59 -2.61 -0.61
N VAL A 117 8.64 -1.88 -1.17
CA VAL A 117 8.43 -1.85 -2.61
C VAL A 117 8.69 -0.46 -3.19
N PRO A 118 9.89 -0.27 -3.76
CA PRO A 118 10.29 1.00 -4.35
C PRO A 118 9.53 1.31 -5.64
N LEU A 119 8.63 2.28 -5.57
CA LEU A 119 7.84 2.67 -6.73
C LEU A 119 8.51 3.81 -7.50
N ARG A 120 7.79 4.36 -8.47
CA ARG A 120 8.32 5.46 -9.27
C ARG A 120 7.54 6.74 -9.03
N TYR A 121 8.06 7.59 -8.14
CA TYR A 121 7.40 8.85 -7.81
C TYR A 121 7.21 9.70 -9.06
N VAL A 122 8.01 9.43 -10.09
CA VAL A 122 7.91 10.18 -11.34
C VAL A 122 6.51 10.08 -11.93
N LYS A 123 5.77 9.05 -11.53
CA LYS A 123 4.41 8.84 -12.01
C LYS A 123 3.39 9.29 -10.96
N PHE A 124 3.77 9.17 -9.70
CA PHE A 124 2.88 9.55 -8.60
C PHE A 124 3.26 10.93 -8.05
N GLN A 125 3.77 11.79 -8.93
CA GLN A 125 4.17 13.13 -8.52
C GLN A 125 3.06 13.84 -7.75
N ASN A 126 1.82 13.49 -8.08
CA ASN A 126 0.66 14.09 -7.43
C ASN A 126 -0.58 13.22 -7.61
N VAL A 127 -0.85 12.37 -6.62
CA VAL A 127 -2.00 11.48 -6.66
C VAL A 127 -2.94 11.75 -5.48
N ASN A 128 -4.24 11.68 -5.74
CA ASN A 128 -5.24 11.91 -4.71
C ASN A 128 -6.00 10.62 -4.40
N SER A 129 -5.86 9.64 -5.27
CA SER A 129 -6.54 8.36 -5.09
C SER A 129 -5.73 7.21 -5.71
N VAL A 130 -5.36 6.24 -4.89
CA VAL A 130 -4.59 5.10 -5.36
C VAL A 130 -5.31 3.78 -5.06
N THR A 131 -5.22 2.84 -5.98
CA THR A 131 -5.86 1.54 -5.82
C THR A 131 -4.89 0.41 -6.14
N ILE A 132 -5.01 -0.71 -5.42
CA ILE A 132 -4.15 -1.85 -5.64
C ILE A 132 -4.98 -3.13 -5.83
N PHE A 133 -4.80 -3.78 -6.97
CA PHE A 133 -5.52 -5.00 -7.27
C PHE A 133 -4.61 -6.23 -7.15
N VAL A 134 -5.01 -7.17 -6.30
CA VAL A 134 -4.24 -8.38 -6.09
C VAL A 134 -4.47 -9.39 -7.20
N GLN A 135 -3.39 -9.85 -7.83
CA GLN A 135 -3.49 -10.82 -8.92
C GLN A 135 -2.93 -12.17 -8.48
N SER A 136 -1.65 -12.20 -8.14
CA SER A 136 -0.99 -13.42 -7.72
C SER A 136 -0.26 -13.22 -6.40
N ASN A 137 0.17 -14.32 -5.78
CA ASN A 137 0.88 -14.26 -4.51
C ASN A 137 2.33 -14.71 -4.68
N GLN A 138 3.04 -14.84 -3.57
CA GLN A 138 4.43 -15.25 -3.60
C GLN A 138 4.56 -16.68 -4.13
N GLY A 139 3.95 -17.62 -3.43
CA GLY A 139 4.01 -19.01 -3.84
C GLY A 139 2.75 -19.46 -4.55
N GLU A 140 2.06 -18.51 -5.20
CA GLU A 140 0.84 -18.82 -5.92
C GLU A 140 -0.21 -19.40 -4.97
N GLU A 141 -0.18 -18.96 -3.71
CA GLU A 141 -1.13 -19.44 -2.72
C GLU A 141 -2.56 -19.30 -3.22
N GLU A 142 -3.46 -20.10 -2.65
CA GLU A 142 -4.86 -20.07 -3.05
C GLU A 142 -5.50 -18.72 -2.69
N THR A 143 -4.94 -18.06 -1.68
CA THR A 143 -5.46 -16.77 -1.24
C THR A 143 -4.34 -15.91 -0.66
N THR A 144 -4.52 -14.60 -0.70
CA THR A 144 -3.53 -13.66 -0.19
C THR A 144 -4.03 -12.97 1.08
N ARG A 145 -3.25 -13.05 2.14
CA ARG A 145 -3.61 -12.43 3.41
C ARG A 145 -2.83 -11.14 3.62
N ILE A 146 -3.56 -10.03 3.75
CA ILE A 146 -2.95 -8.73 3.96
C ILE A 146 -2.89 -8.38 5.45
N SER A 147 -1.69 -8.13 5.95
CA SER A 147 -1.50 -7.80 7.35
C SER A 147 -1.11 -6.32 7.50
N TYR A 148 -0.12 -5.90 6.73
CA TYR A 148 0.35 -4.52 6.77
C TYR A 148 0.34 -3.89 5.39
N PHE A 149 -0.30 -2.73 5.27
CA PHE A 149 -0.39 -2.02 4.00
C PHE A 149 -0.31 -0.51 4.21
N THR A 150 0.58 0.13 3.46
CA THR A 150 0.75 1.58 3.57
C THR A 150 1.52 2.12 2.37
N PHE A 151 1.59 3.45 2.27
CA PHE A 151 2.31 4.10 1.18
C PHE A 151 3.43 4.98 1.71
N ILE A 152 4.67 4.62 1.37
CA ILE A 152 5.83 5.37 1.82
C ILE A 152 6.12 6.54 0.87
N GLY A 153 6.30 7.72 1.43
CA GLY A 153 6.60 8.89 0.62
C GLY A 153 6.46 10.19 1.40
N THR A 154 5.93 11.22 0.76
CA THR A 154 5.76 12.51 1.40
C THR A 154 4.79 13.39 0.62
N PRO A 155 4.18 14.37 1.30
CA PRO A 155 3.24 15.30 0.69
C PRO A 155 3.91 16.26 -0.29
N VAL A 156 3.27 16.49 -1.43
CA VAL A 156 3.80 17.38 -2.45
C VAL A 156 4.16 18.74 -1.85
N GLN A 157 3.43 19.12 -0.80
CA GLN A 157 3.66 20.40 -0.14
C GLN A 157 3.42 20.29 1.36
N ALA A 158 4.18 21.04 2.14
CA ALA A 158 4.05 21.03 3.59
C ALA A 158 4.88 22.12 4.24
N THR A 159 6.19 21.91 4.30
CA THR A 159 7.10 22.88 4.89
C THR A 159 8.55 22.40 4.79
N ASN A 160 9.48 23.23 5.28
CA ASN A 160 10.89 22.89 5.25
C ASN A 160 11.35 22.32 6.59
N MET A 161 11.14 23.09 7.65
CA MET A 161 11.52 22.66 9.00
C MET A 161 13.04 22.62 9.13
N ASN A 162 13.66 21.60 8.56
CA ASN A 162 15.10 21.44 8.62
C ASN A 162 15.57 21.25 10.06
N ASP A 163 15.91 20.01 10.41
CA ASP A 163 16.37 19.70 11.76
C ASP A 163 17.89 19.53 11.78
N PHE A 164 18.44 19.40 12.98
CA PHE A 164 19.88 19.24 13.15
C PHE A 164 20.18 18.15 14.18
N LYS A 165 19.99 18.48 15.45
CA LYS A 165 20.24 17.53 16.53
C LYS A 165 19.34 16.32 16.42
N SER A 166 19.53 15.35 17.30
CA SER A 166 18.73 14.13 17.30
C SER A 166 18.93 13.34 16.01
N GLY A 167 20.19 13.10 15.67
CA GLY A 167 20.51 12.36 14.46
C GLY A 167 20.80 10.90 14.72
N PRO A 168 20.81 10.08 13.66
CA PRO A 168 21.08 8.65 13.77
C PRO A 168 22.53 8.36 14.12
N SER A 169 22.90 7.08 14.08
CA SER A 169 24.26 6.66 14.39
C SER A 169 25.01 6.25 13.13
N SER A 170 26.25 5.81 13.31
CA SER A 170 27.08 5.37 12.18
C SER A 170 27.42 3.90 12.30
N GLY A 171 26.66 3.06 11.60
CA GLY A 171 26.90 1.63 11.63
C GLY A 171 25.69 0.82 11.18
N GLY A 1 10.82 28.25 2.46
CA GLY A 1 10.08 27.06 2.10
C GLY A 1 10.74 26.27 0.99
N SER A 2 11.08 26.96 -0.10
CA SER A 2 11.70 26.31 -1.23
C SER A 2 13.01 25.64 -0.83
N SER A 3 13.30 24.49 -1.43
CA SER A 3 14.51 23.75 -1.12
C SER A 3 14.71 22.60 -2.10
N GLY A 4 15.79 21.84 -1.92
CA GLY A 4 16.06 20.72 -2.80
C GLY A 4 15.24 19.49 -2.44
N SER A 5 15.77 18.66 -1.56
CA SER A 5 15.08 17.45 -1.14
C SER A 5 15.75 16.84 0.09
N SER A 6 15.21 15.70 0.54
CA SER A 6 15.75 15.02 1.72
C SER A 6 15.17 13.61 1.83
N GLY A 7 15.66 12.86 2.81
CA GLY A 7 15.19 11.51 3.02
C GLY A 7 14.09 11.43 4.07
N GLY A 8 14.02 10.30 4.77
CA GLY A 8 13.01 10.12 5.80
C GLY A 8 11.61 10.35 5.27
N TYR A 9 10.99 9.28 4.76
CA TYR A 9 9.64 9.37 4.23
C TYR A 9 8.60 9.04 5.29
N MET A 10 7.33 9.04 4.90
CA MET A 10 6.24 8.74 5.82
C MET A 10 5.30 7.69 5.22
N ASP A 11 4.71 6.88 6.09
CA ASP A 11 3.78 5.85 5.65
C ASP A 11 2.46 6.47 5.15
N LEU A 12 2.30 7.76 5.41
CA LEU A 12 1.10 8.47 5.00
C LEU A 12 -0.16 7.82 5.60
N MET A 13 0.04 7.07 6.67
CA MET A 13 -1.07 6.40 7.34
C MET A 13 -2.15 7.40 7.76
N PRO A 14 -1.73 8.42 8.50
CA PRO A 14 -2.64 9.48 8.98
C PRO A 14 -3.15 10.37 7.85
N PHE A 15 -2.64 10.14 6.65
CA PHE A 15 -3.04 10.92 5.49
C PHE A 15 -4.09 10.17 4.66
N ILE A 16 -4.34 8.92 5.03
CA ILE A 16 -5.32 8.10 4.34
C ILE A 16 -6.72 8.32 4.89
N ASN A 17 -7.68 8.54 3.99
CA ASN A 17 -9.06 8.77 4.40
C ASN A 17 -9.79 7.45 4.61
N LYS A 18 -9.71 6.93 5.84
CA LYS A 18 -10.37 5.66 6.17
C LYS A 18 -11.87 5.75 5.94
N ALA A 19 -12.40 6.97 5.94
CA ALA A 19 -13.81 7.19 5.72
C ALA A 19 -14.13 7.33 4.24
N GLY A 20 -13.14 7.04 3.39
CA GLY A 20 -13.34 7.15 1.96
C GLY A 20 -12.69 6.00 1.21
N CYS A 21 -12.20 5.01 1.95
CA CYS A 21 -11.56 3.85 1.34
C CYS A 21 -12.59 2.84 0.87
N GLU A 22 -12.22 2.02 -0.11
CA GLU A 22 -13.11 1.01 -0.65
C GLU A 22 -12.38 -0.32 -0.85
N CYS A 23 -13.04 -1.41 -0.46
CA CYS A 23 -12.45 -2.74 -0.59
C CYS A 23 -13.35 -3.65 -1.42
N LEU A 24 -12.73 -4.48 -2.26
CA LEU A 24 -13.49 -5.39 -3.12
C LEU A 24 -13.30 -6.84 -2.66
N ASN A 25 -14.40 -7.58 -2.57
CA ASN A 25 -14.34 -8.97 -2.14
C ASN A 25 -13.79 -9.09 -0.72
N GLU A 26 -14.07 -8.09 0.11
CA GLU A 26 -13.59 -8.08 1.48
C GLU A 26 -14.32 -9.15 2.31
N SER A 27 -13.55 -9.93 3.06
CA SER A 27 -14.11 -10.98 3.89
C SER A 27 -15.15 -10.41 4.86
N ASP A 28 -16.04 -11.27 5.35
CA ASP A 28 -17.08 -10.86 6.28
C ASP A 28 -16.52 -10.81 7.70
N GLU A 29 -15.76 -11.83 8.07
CA GLU A 29 -15.18 -11.90 9.41
C GLU A 29 -13.95 -11.00 9.52
N HIS A 30 -13.19 -10.91 8.43
CA HIS A 30 -11.99 -10.08 8.41
C HIS A 30 -12.22 -8.82 7.58
N GLY A 31 -11.58 -7.73 8.00
CA GLY A 31 -11.73 -6.47 7.28
C GLY A 31 -10.47 -6.07 6.55
N PHE A 32 -10.62 -5.30 5.47
CA PHE A 32 -9.49 -4.85 4.68
C PHE A 32 -8.80 -3.65 5.34
N ASP A 33 -9.37 -3.20 6.46
CA ASP A 33 -8.82 -2.07 7.18
C ASP A 33 -7.93 -2.54 8.33
N ASN A 34 -8.15 -3.76 8.78
CA ASN A 34 -7.37 -4.32 9.88
C ASN A 34 -5.96 -4.68 9.41
N CYS A 35 -5.78 -4.77 8.09
CA CYS A 35 -4.49 -5.10 7.51
C CYS A 35 -3.70 -3.83 7.18
N LEU A 36 -4.10 -2.72 7.77
CA LEU A 36 -3.44 -1.44 7.54
C LEU A 36 -2.38 -1.17 8.60
N ARG A 37 -2.65 -1.65 9.82
CA ARG A 37 -1.72 -1.47 10.93
C ARG A 37 -0.99 -2.77 11.25
N LYS A 38 0.15 -2.63 11.94
CA LYS A 38 0.94 -3.79 12.31
C LYS A 38 0.32 -4.54 13.49
N ASP A 39 -0.41 -3.81 14.32
CA ASP A 39 -1.06 -4.39 15.49
C ASP A 39 -2.56 -4.50 15.27
N THR A 40 -2.98 -5.58 14.61
CA THR A 40 -4.40 -5.80 14.34
C THR A 40 -4.61 -7.14 13.62
N THR A 41 -5.87 -7.45 13.34
CA THR A 41 -6.21 -8.70 12.65
C THR A 41 -5.69 -8.69 11.22
N PHE A 42 -5.84 -9.82 10.54
CA PHE A 42 -5.38 -9.95 9.17
C PHE A 42 -6.56 -10.04 8.20
N LEU A 43 -6.30 -9.74 6.93
CA LEU A 43 -7.35 -9.78 5.91
C LEU A 43 -7.22 -11.04 5.06
N GLU A 44 -8.14 -11.98 5.27
CA GLU A 44 -8.14 -13.23 4.52
C GLU A 44 -9.18 -13.21 3.41
N SER A 45 -8.79 -13.70 2.23
CA SER A 45 -9.69 -13.72 1.09
C SER A 45 -10.61 -14.94 1.14
N ASP A 46 -11.90 -14.70 0.93
CA ASP A 46 -12.89 -15.78 0.96
C ASP A 46 -13.14 -16.30 -0.45
N CYS A 47 -12.20 -16.07 -1.35
CA CYS A 47 -12.33 -16.54 -2.73
C CYS A 47 -10.96 -16.88 -3.31
N ASP A 48 -10.10 -15.88 -3.44
CA ASP A 48 -8.76 -16.08 -3.98
C ASP A 48 -7.98 -14.77 -4.00
N GLU A 49 -6.82 -14.78 -4.66
CA GLU A 49 -5.99 -13.60 -4.74
C GLU A 49 -6.50 -12.64 -5.81
N GLN A 50 -7.76 -12.24 -5.68
CA GLN A 50 -8.38 -11.32 -6.63
C GLN A 50 -9.10 -10.18 -5.91
N LEU A 51 -8.51 -9.71 -4.81
CA LEU A 51 -9.11 -8.63 -4.02
C LEU A 51 -8.48 -7.29 -4.39
N LEU A 52 -9.27 -6.24 -4.30
CA LEU A 52 -8.79 -4.89 -4.62
C LEU A 52 -8.78 -4.02 -3.37
N ILE A 53 -7.90 -3.02 -3.36
CA ILE A 53 -7.78 -2.10 -2.23
C ILE A 53 -7.73 -0.65 -2.70
N THR A 54 -8.76 0.11 -2.37
CA THR A 54 -8.84 1.52 -2.76
C THR A 54 -8.40 2.43 -1.62
N VAL A 55 -7.74 3.53 -1.97
CA VAL A 55 -7.27 4.48 -0.96
C VAL A 55 -7.55 5.92 -1.40
N ALA A 56 -8.14 6.70 -0.50
CA ALA A 56 -8.47 8.08 -0.79
C ALA A 56 -7.64 9.03 0.08
N PHE A 57 -6.74 9.79 -0.56
CA PHE A 57 -5.89 10.73 0.15
C PHE A 57 -6.47 12.14 0.09
N ASN A 58 -6.88 12.65 1.24
CA ASN A 58 -7.47 13.99 1.33
C ASN A 58 -6.56 15.01 0.65
N GLN A 59 -5.25 14.75 0.67
CA GLN A 59 -4.29 15.65 0.06
C GLN A 59 -3.38 14.90 -0.91
N PRO A 60 -3.03 15.57 -2.02
CA PRO A 60 -2.16 14.98 -3.05
C PRO A 60 -0.73 14.79 -2.57
N VAL A 61 -0.32 13.54 -2.40
CA VAL A 61 1.02 13.22 -1.95
C VAL A 61 1.83 12.53 -3.04
N LYS A 62 3.01 12.05 -2.69
CA LYS A 62 3.88 11.36 -3.64
C LYS A 62 4.19 9.95 -3.18
N LEU A 63 3.83 8.97 -4.00
CA LEU A 63 4.08 7.57 -3.68
C LEU A 63 5.48 7.15 -4.09
N TYR A 64 6.44 7.31 -3.18
CA TYR A 64 7.83 6.95 -3.45
C TYR A 64 8.04 5.44 -3.29
N SER A 65 7.26 4.84 -2.40
CA SER A 65 7.36 3.41 -2.14
C SER A 65 6.08 2.88 -1.52
N MET A 66 5.98 1.55 -1.42
CA MET A 66 4.81 0.91 -0.84
C MET A 66 5.20 -0.30 -0.01
N LYS A 67 4.59 -0.43 1.16
CA LYS A 67 4.88 -1.55 2.06
C LYS A 67 3.76 -2.59 2.00
N PHE A 68 3.93 -3.59 1.14
CA PHE A 68 2.94 -4.64 0.99
C PHE A 68 3.51 -5.98 1.44
N GLN A 69 2.85 -6.60 2.42
CA GLN A 69 3.29 -7.89 2.94
C GLN A 69 2.11 -8.69 3.48
N GLY A 70 2.41 -9.81 4.13
CA GLY A 70 1.36 -10.65 4.69
C GLY A 70 1.76 -11.28 6.01
N PRO A 71 1.02 -12.32 6.41
CA PRO A 71 1.28 -13.04 7.68
C PRO A 71 2.56 -13.86 7.61
N ASP A 72 2.78 -14.68 8.63
CA ASP A 72 3.97 -15.52 8.71
C ASP A 72 3.63 -16.97 8.40
N ASN A 73 2.66 -17.18 7.52
CA ASN A 73 2.22 -18.52 7.16
C ASN A 73 2.78 -18.92 5.79
N GLY A 74 2.99 -17.93 4.93
CA GLY A 74 3.52 -18.20 3.61
C GLY A 74 2.59 -17.73 2.51
N GLN A 75 1.66 -16.84 2.84
CA GLN A 75 0.71 -16.31 1.87
C GLN A 75 0.81 -14.80 1.77
N GLY A 76 1.51 -14.32 0.75
CA GLY A 76 1.66 -12.89 0.56
C GLY A 76 1.47 -12.48 -0.89
N PRO A 77 1.06 -11.21 -1.09
CA PRO A 77 0.82 -10.67 -2.43
C PRO A 77 2.12 -10.48 -3.22
N LYS A 78 2.13 -10.97 -4.45
CA LYS A 78 3.31 -10.86 -5.31
C LYS A 78 3.05 -9.88 -6.45
N TYR A 79 2.30 -10.32 -7.45
CA TYR A 79 1.98 -9.48 -8.60
C TYR A 79 0.75 -8.63 -8.34
N VAL A 80 0.97 -7.36 -8.01
CA VAL A 80 -0.12 -6.44 -7.72
C VAL A 80 -0.12 -5.27 -8.69
N LYS A 81 -1.28 -4.91 -9.18
CA LYS A 81 -1.42 -3.79 -10.12
C LYS A 81 -1.76 -2.51 -9.38
N ILE A 82 -0.90 -1.51 -9.51
CA ILE A 82 -1.13 -0.21 -8.87
C ILE A 82 -1.82 0.76 -9.80
N PHE A 83 -2.81 1.48 -9.28
CA PHE A 83 -3.55 2.45 -10.08
C PHE A 83 -3.67 3.78 -9.34
N ILE A 84 -3.64 4.87 -10.10
CA ILE A 84 -3.73 6.20 -9.52
C ILE A 84 -4.48 7.15 -10.44
N ASN A 85 -4.89 8.30 -9.90
CA ASN A 85 -5.62 9.28 -10.68
C ASN A 85 -6.85 8.67 -11.35
N LEU A 86 -7.51 7.77 -10.63
CA LEU A 86 -8.71 7.10 -11.14
C LEU A 86 -9.91 8.04 -11.12
N PRO A 87 -10.89 7.77 -11.99
CA PRO A 87 -12.11 8.58 -12.09
C PRO A 87 -13.01 8.41 -10.87
N ARG A 88 -12.86 7.30 -10.18
CA ARG A 88 -13.66 7.02 -8.99
C ARG A 88 -13.14 5.79 -8.25
N SER A 89 -13.37 4.61 -8.82
CA SER A 89 -12.93 3.37 -8.22
C SER A 89 -12.47 2.38 -9.29
N MET A 90 -11.95 1.24 -8.84
CA MET A 90 -11.48 0.21 -9.77
C MET A 90 -12.21 -1.12 -9.51
N ASP A 91 -12.73 -1.71 -10.59
CA ASP A 91 -13.44 -2.97 -10.49
C ASP A 91 -12.57 -4.13 -10.97
N PHE A 92 -13.18 -5.30 -11.13
CA PHE A 92 -12.45 -6.49 -11.58
C PHE A 92 -12.19 -6.42 -13.08
N GLU A 93 -13.15 -5.87 -13.82
CA GLU A 93 -13.02 -5.75 -15.27
C GLU A 93 -12.20 -4.53 -15.64
N GLU A 94 -12.36 -3.46 -14.87
CA GLU A 94 -11.61 -2.22 -15.12
C GLU A 94 -10.15 -2.37 -14.74
N ALA A 95 -9.86 -3.31 -13.85
CA ALA A 95 -8.50 -3.56 -13.41
C ALA A 95 -7.76 -4.48 -14.38
N GLU A 96 -8.51 -5.04 -15.33
CA GLU A 96 -7.93 -5.94 -16.32
C GLU A 96 -7.75 -5.23 -17.66
N ARG A 97 -8.80 -4.56 -18.11
CA ARG A 97 -8.78 -3.83 -19.38
C ARG A 97 -7.77 -2.69 -19.32
N SER A 98 -7.80 -1.93 -18.22
CA SER A 98 -6.89 -0.81 -18.05
C SER A 98 -5.61 -1.24 -17.34
N GLU A 99 -4.47 -0.82 -17.88
CA GLU A 99 -3.18 -1.16 -17.31
C GLU A 99 -2.85 -0.25 -16.13
N PRO A 100 -2.10 -0.79 -15.15
CA PRO A 100 -1.71 -0.04 -13.96
C PRO A 100 -0.68 1.04 -14.26
N THR A 101 -0.38 1.88 -13.28
CA THR A 101 0.59 2.94 -13.45
C THR A 101 2.01 2.44 -13.27
N GLN A 102 2.15 1.32 -12.56
CA GLN A 102 3.46 0.73 -12.33
C GLN A 102 3.39 -0.80 -12.37
N ALA A 103 2.83 -1.39 -11.33
CA ALA A 103 2.69 -2.84 -11.26
C ALA A 103 4.06 -3.52 -11.18
N LEU A 104 4.30 -4.21 -10.07
CA LEU A 104 5.58 -4.90 -9.87
C LEU A 104 5.35 -6.28 -9.25
N GLU A 105 6.36 -7.14 -9.38
CA GLU A 105 6.27 -8.49 -8.83
C GLU A 105 6.97 -8.58 -7.49
N LEU A 106 6.24 -8.30 -6.41
CA LEU A 106 6.79 -8.35 -5.07
C LEU A 106 7.40 -9.71 -4.78
N THR A 107 8.55 -9.71 -4.12
CA THR A 107 9.24 -10.95 -3.78
C THR A 107 9.21 -11.20 -2.28
N GLU A 108 9.77 -12.33 -1.86
CA GLU A 108 9.80 -12.69 -0.45
C GLU A 108 10.51 -11.62 0.37
N ASP A 109 11.43 -10.91 -0.27
CA ASP A 109 12.19 -9.85 0.39
C ASP A 109 11.39 -8.56 0.43
N ASP A 110 10.33 -8.50 -0.37
CA ASP A 110 9.47 -7.31 -0.41
C ASP A 110 8.25 -7.50 0.47
N ILE A 111 7.97 -8.74 0.84
CA ILE A 111 6.82 -9.04 1.70
C ILE A 111 7.27 -9.64 3.03
N LYS A 112 8.50 -9.36 3.41
CA LYS A 112 9.06 -9.87 4.66
C LYS A 112 8.78 -8.91 5.81
N GLU A 113 9.39 -9.19 6.96
CA GLU A 113 9.21 -8.35 8.14
C GLU A 113 9.45 -6.88 7.80
N ASP A 114 10.49 -6.63 7.01
CA ASP A 114 10.83 -5.27 6.60
C ASP A 114 10.77 -5.12 5.09
N GLY A 115 9.83 -5.81 4.46
CA GLY A 115 9.69 -5.73 3.02
C GLY A 115 9.35 -4.34 2.53
N ILE A 116 9.99 -3.93 1.44
CA ILE A 116 9.75 -2.60 0.88
C ILE A 116 9.65 -2.66 -0.64
N VAL A 117 8.64 -1.97 -1.19
CA VAL A 117 8.44 -1.94 -2.63
C VAL A 117 8.73 -0.56 -3.20
N PRO A 118 9.90 -0.41 -3.82
CA PRO A 118 10.33 0.87 -4.41
C PRO A 118 9.52 1.21 -5.66
N LEU A 119 8.68 2.22 -5.55
CA LEU A 119 7.84 2.66 -6.67
C LEU A 119 8.53 3.76 -7.46
N ARG A 120 7.81 4.33 -8.41
CA ARG A 120 8.36 5.40 -9.25
C ARG A 120 7.61 6.72 -9.01
N TYR A 121 8.15 7.55 -8.14
CA TYR A 121 7.53 8.83 -7.82
C TYR A 121 7.33 9.66 -9.09
N VAL A 122 8.12 9.38 -10.12
CA VAL A 122 8.04 10.10 -11.37
C VAL A 122 6.63 10.01 -11.96
N LYS A 123 5.88 9.00 -11.55
CA LYS A 123 4.52 8.80 -12.02
C LYS A 123 3.50 9.26 -10.98
N PHE A 124 3.86 9.11 -9.70
CA PHE A 124 2.98 9.51 -8.62
C PHE A 124 3.38 10.88 -8.06
N GLN A 125 3.84 11.75 -8.95
CA GLN A 125 4.26 13.09 -8.55
C GLN A 125 3.15 13.81 -7.78
N ASN A 126 1.91 13.43 -8.05
CA ASN A 126 0.77 14.04 -7.39
C ASN A 126 -0.48 13.17 -7.57
N VAL A 127 -0.76 12.33 -6.59
CA VAL A 127 -1.92 11.45 -6.63
C VAL A 127 -2.85 11.70 -5.45
N ASN A 128 -4.15 11.64 -5.70
CA ASN A 128 -5.14 11.86 -4.66
C ASN A 128 -5.92 10.58 -4.37
N SER A 129 -5.81 9.61 -5.26
CA SER A 129 -6.51 8.35 -5.11
C SER A 129 -5.71 7.20 -5.73
N VAL A 130 -5.34 6.23 -4.90
CA VAL A 130 -4.56 5.08 -5.36
C VAL A 130 -5.29 3.78 -5.05
N THR A 131 -5.19 2.82 -5.97
CA THR A 131 -5.83 1.52 -5.81
C THR A 131 -4.87 0.38 -6.14
N ILE A 132 -4.99 -0.71 -5.40
CA ILE A 132 -4.13 -1.88 -5.62
C ILE A 132 -4.96 -3.14 -5.81
N PHE A 133 -4.78 -3.79 -6.95
CA PHE A 133 -5.50 -5.02 -7.25
C PHE A 133 -4.60 -6.24 -7.12
N VAL A 134 -5.00 -7.18 -6.27
CA VAL A 134 -4.23 -8.40 -6.06
C VAL A 134 -4.47 -9.41 -7.18
N GLN A 135 -3.39 -9.87 -7.80
CA GLN A 135 -3.50 -10.84 -8.89
C GLN A 135 -2.95 -12.20 -8.45
N SER A 136 -1.65 -12.23 -8.14
CA SER A 136 -1.01 -13.46 -7.71
C SER A 136 -0.26 -13.26 -6.41
N ASN A 137 0.14 -14.37 -5.77
CA ASN A 137 0.88 -14.31 -4.51
C ASN A 137 2.33 -14.74 -4.71
N GLN A 138 3.06 -14.84 -3.60
CA GLN A 138 4.46 -15.24 -3.64
C GLN A 138 4.59 -16.69 -4.12
N GLY A 139 3.97 -17.60 -3.37
CA GLY A 139 4.04 -19.01 -3.73
C GLY A 139 2.81 -19.47 -4.48
N GLU A 140 2.18 -18.55 -5.20
CA GLU A 140 0.99 -18.87 -5.98
C GLU A 140 -0.04 -19.59 -5.11
N GLU A 141 -0.17 -19.16 -3.86
CA GLU A 141 -1.12 -19.77 -2.94
C GLU A 141 -2.55 -19.66 -3.48
N GLU A 142 -3.51 -20.09 -2.67
CA GLU A 142 -4.92 -20.04 -3.06
C GLU A 142 -5.53 -18.70 -2.70
N THR A 143 -5.00 -18.06 -1.66
CA THR A 143 -5.50 -16.77 -1.21
C THR A 143 -4.38 -15.90 -0.66
N THR A 144 -4.54 -14.58 -0.77
CA THR A 144 -3.54 -13.65 -0.29
C THR A 144 -3.99 -12.99 1.01
N ARG A 145 -3.25 -13.26 2.08
CA ARG A 145 -3.57 -12.69 3.39
C ARG A 145 -2.78 -11.40 3.63
N ILE A 146 -3.51 -10.31 3.83
CA ILE A 146 -2.89 -9.02 4.07
C ILE A 146 -2.72 -8.75 5.56
N SER A 147 -1.57 -8.21 5.94
CA SER A 147 -1.30 -7.91 7.34
C SER A 147 -0.90 -6.44 7.51
N TYR A 148 0.01 -5.98 6.67
CA TYR A 148 0.49 -4.60 6.72
C TYR A 148 0.44 -3.95 5.35
N PHE A 149 -0.29 -2.84 5.25
CA PHE A 149 -0.43 -2.11 4.00
C PHE A 149 -0.36 -0.61 4.22
N THR A 150 0.42 0.08 3.40
CA THR A 150 0.57 1.52 3.50
C THR A 150 1.26 2.11 2.28
N PHE A 151 1.62 3.38 2.35
CA PHE A 151 2.29 4.05 1.26
C PHE A 151 3.42 4.94 1.76
N ILE A 152 4.65 4.61 1.39
CA ILE A 152 5.82 5.38 1.81
C ILE A 152 6.08 6.53 0.85
N GLY A 153 6.26 7.72 1.40
CA GLY A 153 6.53 8.89 0.58
C GLY A 153 6.42 10.18 1.35
N THR A 154 5.87 11.21 0.72
CA THR A 154 5.71 12.52 1.36
C THR A 154 4.74 13.39 0.58
N PRO A 155 4.15 14.39 1.27
CA PRO A 155 3.20 15.31 0.65
C PRO A 155 3.85 16.26 -0.33
N VAL A 156 3.20 16.48 -1.47
CA VAL A 156 3.73 17.37 -2.49
C VAL A 156 4.12 18.73 -1.91
N GLN A 157 3.38 19.16 -0.89
CA GLN A 157 3.65 20.44 -0.24
C GLN A 157 3.06 20.46 1.17
N ALA A 158 3.93 20.39 2.18
CA ALA A 158 3.48 20.41 3.57
C ALA A 158 4.63 20.82 4.49
N THR A 159 5.82 20.31 4.21
CA THR A 159 6.99 20.62 5.03
C THR A 159 8.25 20.01 4.42
N ASN A 160 9.38 20.24 5.08
CA ASN A 160 10.67 19.72 4.61
C ASN A 160 11.63 19.53 5.77
N MET A 161 11.36 18.53 6.60
CA MET A 161 12.21 18.25 7.75
C MET A 161 13.55 17.65 7.31
N ASN A 162 14.39 17.32 8.27
CA ASN A 162 15.70 16.75 7.98
C ASN A 162 15.89 15.42 8.72
N ASP A 163 17.08 14.85 8.59
CA ASP A 163 17.39 13.58 9.23
C ASP A 163 18.28 13.81 10.46
N PHE A 164 18.45 12.75 11.26
CA PHE A 164 19.27 12.83 12.46
C PHE A 164 20.66 12.24 12.21
N LYS A 165 21.43 12.09 13.28
CA LYS A 165 22.78 11.53 13.18
C LYS A 165 22.72 10.04 12.84
N SER A 166 23.12 9.70 11.62
CA SER A 166 23.11 8.32 11.18
C SER A 166 23.78 8.18 9.81
N GLY A 167 24.45 7.04 9.60
CA GLY A 167 25.13 6.82 8.34
C GLY A 167 25.66 5.39 8.22
N PRO A 168 24.75 4.44 8.01
CA PRO A 168 25.10 3.02 7.87
C PRO A 168 25.85 2.74 6.57
N SER A 169 27.15 2.98 6.57
CA SER A 169 27.98 2.75 5.41
C SER A 169 29.25 2.00 5.76
N SER A 170 29.24 0.68 5.53
CA SER A 170 30.39 -0.16 5.85
C SER A 170 30.35 -1.46 5.05
N GLY A 171 31.37 -1.69 4.24
CA GLY A 171 31.43 -2.90 3.43
C GLY A 171 32.37 -3.94 4.02
N GLY A 1 7.34 27.12 -2.08
CA GLY A 1 8.51 26.42 -1.58
C GLY A 1 9.54 26.17 -2.65
N SER A 2 10.74 25.77 -2.24
CA SER A 2 11.83 25.50 -3.16
C SER A 2 12.70 24.35 -2.68
N SER A 3 13.34 24.55 -1.52
CA SER A 3 14.21 23.53 -0.94
C SER A 3 13.43 22.65 0.03
N GLY A 4 14.15 21.77 0.73
CA GLY A 4 13.52 20.88 1.68
C GLY A 4 13.53 19.44 1.21
N SER A 5 14.65 18.76 1.41
CA SER A 5 14.80 17.37 1.00
C SER A 5 15.30 16.52 2.17
N SER A 6 14.92 15.24 2.17
CA SER A 6 15.32 14.32 3.22
C SER A 6 15.15 12.87 2.77
N GLY A 7 15.53 11.94 3.64
CA GLY A 7 15.41 10.53 3.32
C GLY A 7 14.34 9.83 4.13
N GLY A 8 13.98 10.42 5.27
CA GLY A 8 12.97 9.84 6.13
C GLY A 8 11.56 10.12 5.64
N TYR A 9 11.03 9.22 4.83
CA TYR A 9 9.68 9.38 4.29
C TYR A 9 8.63 9.05 5.34
N MET A 10 7.37 9.01 4.92
CA MET A 10 6.28 8.71 5.83
C MET A 10 5.33 7.68 5.22
N ASP A 11 4.71 6.87 6.07
CA ASP A 11 3.78 5.84 5.61
C ASP A 11 2.49 6.46 5.11
N LEU A 12 2.31 7.75 5.38
CA LEU A 12 1.11 8.46 4.96
C LEU A 12 -0.14 7.80 5.53
N MET A 13 0.03 7.06 6.61
CA MET A 13 -1.09 6.39 7.26
C MET A 13 -2.15 7.40 7.70
N PRO A 14 -1.73 8.41 8.46
CA PRO A 14 -2.63 9.45 8.95
C PRO A 14 -3.13 10.36 7.85
N PHE A 15 -2.63 10.14 6.64
CA PHE A 15 -3.03 10.94 5.48
C PHE A 15 -4.10 10.22 4.65
N ILE A 16 -4.35 8.96 5.00
CA ILE A 16 -5.34 8.17 4.29
C ILE A 16 -6.74 8.40 4.85
N ASN A 17 -7.73 8.43 3.97
CA ASN A 17 -9.11 8.65 4.37
C ASN A 17 -9.88 7.33 4.41
N LYS A 18 -9.83 6.65 5.55
CA LYS A 18 -10.53 5.38 5.72
C LYS A 18 -12.02 5.54 5.44
N ALA A 19 -12.53 6.74 5.61
CA ALA A 19 -13.93 7.02 5.36
C ALA A 19 -14.25 6.99 3.87
N GLY A 20 -13.23 7.20 3.05
CA GLY A 20 -13.41 7.19 1.61
C GLY A 20 -12.78 5.99 0.95
N CYS A 21 -12.27 5.07 1.76
CA CYS A 21 -11.62 3.86 1.24
C CYS A 21 -12.67 2.86 0.76
N GLU A 22 -12.25 1.98 -0.15
CA GLU A 22 -13.16 0.97 -0.69
C GLU A 22 -12.43 -0.35 -0.89
N CYS A 23 -13.06 -1.44 -0.49
CA CYS A 23 -12.48 -2.78 -0.62
C CYS A 23 -13.38 -3.68 -1.47
N LEU A 24 -12.76 -4.52 -2.29
CA LEU A 24 -13.50 -5.43 -3.14
C LEU A 24 -13.30 -6.88 -2.69
N ASN A 25 -14.40 -7.61 -2.56
CA ASN A 25 -14.34 -9.01 -2.14
C ASN A 25 -13.78 -9.12 -0.72
N GLU A 26 -14.08 -8.13 0.11
CA GLU A 26 -13.60 -8.13 1.48
C GLU A 26 -14.33 -9.18 2.32
N SER A 27 -13.55 -9.96 3.06
CA SER A 27 -14.12 -11.02 3.89
C SER A 27 -15.10 -10.44 4.91
N ASP A 28 -16.01 -11.29 5.39
CA ASP A 28 -17.01 -10.86 6.36
C ASP A 28 -16.42 -10.85 7.77
N GLU A 29 -15.67 -11.90 8.11
CA GLU A 29 -15.06 -12.02 9.42
C GLU A 29 -13.83 -11.12 9.53
N HIS A 30 -13.10 -10.98 8.43
CA HIS A 30 -11.90 -10.15 8.41
C HIS A 30 -12.15 -8.87 7.62
N GLY A 31 -11.51 -7.78 8.05
CA GLY A 31 -11.68 -6.50 7.38
C GLY A 31 -10.44 -6.08 6.62
N PHE A 32 -10.63 -5.33 5.54
CA PHE A 32 -9.52 -4.86 4.73
C PHE A 32 -8.85 -3.64 5.38
N ASP A 33 -9.40 -3.20 6.50
CA ASP A 33 -8.86 -2.05 7.21
C ASP A 33 -7.92 -2.49 8.32
N ASN A 34 -8.11 -3.72 8.80
CA ASN A 34 -7.28 -4.26 9.86
C ASN A 34 -5.88 -4.59 9.35
N CYS A 35 -5.74 -4.68 8.04
CA CYS A 35 -4.46 -4.99 7.41
C CYS A 35 -3.71 -3.71 7.05
N LEU A 36 -4.12 -2.61 7.65
CA LEU A 36 -3.48 -1.31 7.39
C LEU A 36 -2.47 -0.98 8.48
N ARG A 37 -2.67 -1.54 9.66
CA ARG A 37 -1.77 -1.30 10.79
C ARG A 37 -1.00 -2.56 11.14
N LYS A 38 0.16 -2.39 11.78
CA LYS A 38 0.99 -3.51 12.18
C LYS A 38 0.35 -4.27 13.35
N ASP A 39 -0.42 -3.56 14.16
CA ASP A 39 -1.08 -4.16 15.31
C ASP A 39 -2.57 -4.30 15.06
N THR A 40 -2.97 -5.40 14.43
CA THR A 40 -4.37 -5.67 14.12
C THR A 40 -4.54 -7.02 13.43
N THR A 41 -5.79 -7.41 13.23
CA THR A 41 -6.09 -8.68 12.59
C THR A 41 -5.59 -8.71 11.15
N PHE A 42 -5.75 -9.85 10.48
CA PHE A 42 -5.31 -9.99 9.11
C PHE A 42 -6.50 -10.08 8.15
N LEU A 43 -6.26 -9.75 6.89
CA LEU A 43 -7.31 -9.79 5.88
C LEU A 43 -7.17 -11.03 5.00
N GLU A 44 -8.07 -12.00 5.20
CA GLU A 44 -8.05 -13.22 4.42
C GLU A 44 -9.11 -13.19 3.32
N SER A 45 -8.76 -13.72 2.15
CA SER A 45 -9.69 -13.75 1.03
C SER A 45 -10.58 -14.98 1.09
N ASP A 46 -11.87 -14.79 0.89
CA ASP A 46 -12.83 -15.89 0.93
C ASP A 46 -13.09 -16.43 -0.48
N CYS A 47 -12.15 -16.15 -1.39
CA CYS A 47 -12.28 -16.60 -2.78
C CYS A 47 -10.92 -16.93 -3.36
N ASP A 48 -10.06 -15.92 -3.46
CA ASP A 48 -8.72 -16.10 -4.01
C ASP A 48 -7.95 -14.77 -4.01
N GLU A 49 -6.80 -14.77 -4.66
CA GLU A 49 -5.97 -13.57 -4.74
C GLU A 49 -6.48 -12.62 -5.81
N GLN A 50 -7.76 -12.22 -5.68
CA GLN A 50 -8.36 -11.31 -6.64
C GLN A 50 -9.10 -10.19 -5.92
N LEU A 51 -8.53 -9.71 -4.82
CA LEU A 51 -9.12 -8.63 -4.04
C LEU A 51 -8.51 -7.29 -4.41
N LEU A 52 -9.30 -6.23 -4.31
CA LEU A 52 -8.83 -4.89 -4.63
C LEU A 52 -8.83 -4.00 -3.39
N ILE A 53 -7.96 -3.01 -3.38
CA ILE A 53 -7.85 -2.09 -2.25
C ILE A 53 -7.80 -0.64 -2.72
N THR A 54 -8.81 0.15 -2.35
CA THR A 54 -8.87 1.55 -2.74
C THR A 54 -8.44 2.46 -1.59
N VAL A 55 -7.77 3.56 -1.94
CA VAL A 55 -7.31 4.51 -0.94
C VAL A 55 -7.59 5.95 -1.37
N ALA A 56 -8.32 6.67 -0.54
CA ALA A 56 -8.66 8.06 -0.83
C ALA A 56 -7.82 9.02 0.02
N PHE A 57 -6.95 9.77 -0.65
CA PHE A 57 -6.09 10.73 0.04
C PHE A 57 -6.68 12.13 -0.02
N ASN A 58 -6.96 12.70 1.14
CA ASN A 58 -7.52 14.05 1.21
C ASN A 58 -6.57 15.07 0.61
N GLN A 59 -5.28 14.73 0.58
CA GLN A 59 -4.27 15.63 0.02
C GLN A 59 -3.35 14.88 -0.94
N PRO A 60 -2.91 15.58 -1.99
CA PRO A 60 -2.02 15.00 -3.01
C PRO A 60 -0.62 14.74 -2.48
N VAL A 61 -0.23 13.46 -2.46
CA VAL A 61 1.09 13.08 -1.98
C VAL A 61 1.89 12.38 -3.07
N LYS A 62 3.13 12.03 -2.74
CA LYS A 62 4.01 11.35 -3.70
C LYS A 62 4.35 9.95 -3.23
N LEU A 63 4.01 8.95 -4.03
CA LEU A 63 4.28 7.56 -3.69
C LEU A 63 5.70 7.18 -4.08
N TYR A 64 6.61 7.20 -3.11
CA TYR A 64 8.01 6.87 -3.35
C TYR A 64 8.24 5.37 -3.14
N SER A 65 7.39 4.75 -2.33
CA SER A 65 7.50 3.32 -2.05
C SER A 65 6.20 2.78 -1.46
N MET A 66 6.12 1.46 -1.36
CA MET A 66 4.92 0.81 -0.82
C MET A 66 5.30 -0.40 0.02
N LYS A 67 4.70 -0.52 1.19
CA LYS A 67 4.96 -1.63 2.09
C LYS A 67 3.82 -2.65 2.05
N PHE A 68 3.97 -3.67 1.21
CA PHE A 68 2.96 -4.72 1.08
C PHE A 68 3.49 -6.06 1.56
N GLN A 69 2.81 -6.64 2.54
CA GLN A 69 3.22 -7.93 3.10
C GLN A 69 2.01 -8.70 3.60
N GLY A 70 2.27 -9.79 4.33
CA GLY A 70 1.19 -10.60 4.86
C GLY A 70 1.50 -11.13 6.24
N PRO A 71 0.73 -12.15 6.67
CA PRO A 71 0.90 -12.76 8.00
C PRO A 71 2.19 -13.56 8.10
N ASP A 72 2.34 -14.30 9.20
CA ASP A 72 3.53 -15.11 9.42
C ASP A 72 3.24 -16.59 9.17
N ASN A 73 2.34 -16.86 8.22
CA ASN A 73 1.97 -18.23 7.88
C ASN A 73 2.64 -18.66 6.58
N GLY A 74 2.72 -17.73 5.63
CA GLY A 74 3.34 -18.04 4.35
C GLY A 74 2.44 -17.68 3.18
N GLN A 75 1.66 -16.63 3.34
CA GLN A 75 0.75 -16.18 2.28
C GLN A 75 0.86 -14.68 2.06
N GLY A 76 1.62 -14.29 1.04
CA GLY A 76 1.79 -12.88 0.74
C GLY A 76 1.61 -12.57 -0.73
N PRO A 77 1.16 -11.34 -1.03
CA PRO A 77 0.94 -10.89 -2.41
C PRO A 77 2.24 -10.72 -3.17
N LYS A 78 2.19 -10.98 -4.48
CA LYS A 78 3.37 -10.85 -5.33
C LYS A 78 3.10 -9.86 -6.46
N TYR A 79 2.33 -10.30 -7.46
CA TYR A 79 2.02 -9.46 -8.60
C TYR A 79 0.78 -8.61 -8.32
N VAL A 80 0.99 -7.35 -7.97
CA VAL A 80 -0.11 -6.44 -7.68
C VAL A 80 -0.11 -5.26 -8.65
N LYS A 81 -1.30 -4.91 -9.14
CA LYS A 81 -1.44 -3.79 -10.07
C LYS A 81 -1.80 -2.51 -9.34
N ILE A 82 -0.98 -1.48 -9.51
CA ILE A 82 -1.22 -0.21 -8.86
C ILE A 82 -1.89 0.77 -9.81
N PHE A 83 -2.86 1.52 -9.28
CA PHE A 83 -3.60 2.49 -10.09
C PHE A 83 -3.73 3.82 -9.34
N ILE A 84 -3.70 4.91 -10.09
CA ILE A 84 -3.81 6.25 -9.51
C ILE A 84 -4.57 7.19 -10.44
N ASN A 85 -5.00 8.32 -9.89
CA ASN A 85 -5.74 9.32 -10.67
C ASN A 85 -6.96 8.68 -11.34
N LEU A 86 -7.62 7.78 -10.62
CA LEU A 86 -8.80 7.10 -11.15
C LEU A 86 -10.01 8.04 -11.14
N PRO A 87 -10.98 7.74 -12.03
CA PRO A 87 -12.21 8.54 -12.14
C PRO A 87 -13.12 8.38 -10.92
N ARG A 88 -12.95 7.27 -10.21
CA ARG A 88 -13.76 6.99 -9.04
C ARG A 88 -13.23 5.77 -8.29
N SER A 89 -13.47 4.59 -8.86
CA SER A 89 -13.01 3.35 -8.25
C SER A 89 -12.55 2.35 -9.30
N MET A 90 -12.01 1.22 -8.86
CA MET A 90 -11.53 0.19 -9.77
C MET A 90 -12.24 -1.13 -9.52
N ASP A 91 -12.76 -1.73 -10.58
CA ASP A 91 -13.48 -3.00 -10.48
C ASP A 91 -12.60 -4.15 -10.96
N PHE A 92 -13.20 -5.32 -11.12
CA PHE A 92 -12.48 -6.50 -11.57
C PHE A 92 -12.22 -6.44 -13.08
N GLU A 93 -13.18 -5.88 -13.81
CA GLU A 93 -13.04 -5.75 -15.26
C GLU A 93 -12.22 -4.53 -15.63
N GLU A 94 -12.39 -3.45 -14.87
CA GLU A 94 -11.65 -2.22 -15.13
C GLU A 94 -10.18 -2.38 -14.74
N ALA A 95 -9.91 -3.32 -13.85
CA ALA A 95 -8.55 -3.57 -13.39
C ALA A 95 -7.80 -4.47 -14.37
N GLU A 96 -8.54 -5.05 -15.32
CA GLU A 96 -7.94 -5.93 -16.32
C GLU A 96 -7.75 -5.20 -17.65
N ARG A 97 -8.82 -4.54 -18.10
CA ARG A 97 -8.78 -3.81 -19.36
C ARG A 97 -7.78 -2.65 -19.29
N SER A 98 -7.81 -1.92 -18.18
CA SER A 98 -6.92 -0.78 -17.99
C SER A 98 -5.64 -1.22 -17.29
N GLU A 99 -4.50 -0.84 -17.84
CA GLU A 99 -3.20 -1.19 -17.27
C GLU A 99 -2.87 -0.28 -16.10
N PRO A 100 -2.13 -0.83 -15.12
CA PRO A 100 -1.72 -0.08 -13.92
C PRO A 100 -0.69 0.99 -14.24
N THR A 101 -0.43 1.87 -13.27
CA THR A 101 0.54 2.95 -13.45
C THR A 101 1.95 2.46 -13.23
N GLN A 102 2.09 1.38 -12.45
CA GLN A 102 3.39 0.81 -12.15
C GLN A 102 3.36 -0.71 -12.25
N ALA A 103 2.77 -1.35 -11.24
CA ALA A 103 2.66 -2.80 -11.21
C ALA A 103 4.04 -3.45 -11.13
N LEU A 104 4.29 -4.16 -10.02
CA LEU A 104 5.56 -4.83 -9.81
C LEU A 104 5.36 -6.21 -9.18
N GLU A 105 6.35 -7.08 -9.36
CA GLU A 105 6.28 -8.42 -8.81
C GLU A 105 7.00 -8.51 -7.47
N LEU A 106 6.28 -8.22 -6.39
CA LEU A 106 6.85 -8.27 -5.05
C LEU A 106 7.54 -9.60 -4.79
N THR A 107 8.60 -9.58 -3.99
CA THR A 107 9.34 -10.79 -3.66
C THR A 107 9.32 -11.06 -2.16
N GLU A 108 9.87 -12.20 -1.76
CA GLU A 108 9.91 -12.57 -0.35
C GLU A 108 10.64 -11.51 0.47
N ASP A 109 11.51 -10.75 -0.18
CA ASP A 109 12.26 -9.70 0.49
C ASP A 109 11.46 -8.41 0.55
N ASP A 110 10.39 -8.34 -0.24
CA ASP A 110 9.54 -7.16 -0.27
C ASP A 110 8.31 -7.36 0.62
N ILE A 111 8.07 -8.60 1.03
CA ILE A 111 6.94 -8.92 1.88
C ILE A 111 7.40 -9.51 3.21
N LYS A 112 8.63 -9.21 3.59
CA LYS A 112 9.19 -9.71 4.83
C LYS A 112 8.91 -8.75 5.98
N GLU A 113 9.53 -9.00 7.13
CA GLU A 113 9.35 -8.16 8.30
C GLU A 113 9.55 -6.69 7.95
N ASP A 114 10.53 -6.41 7.10
CA ASP A 114 10.83 -5.06 6.68
C ASP A 114 10.78 -4.93 5.16
N GLY A 115 9.86 -5.66 4.54
CA GLY A 115 9.73 -5.62 3.10
C GLY A 115 9.39 -4.24 2.58
N ILE A 116 9.99 -3.85 1.46
CA ILE A 116 9.75 -2.55 0.87
C ILE A 116 9.61 -2.64 -0.65
N VAL A 117 8.72 -1.84 -1.21
CA VAL A 117 8.51 -1.83 -2.66
C VAL A 117 8.73 -0.44 -3.24
N PRO A 118 9.93 -0.23 -3.81
CA PRO A 118 10.31 1.05 -4.41
C PRO A 118 9.54 1.32 -5.70
N LEU A 119 8.59 2.25 -5.63
CA LEU A 119 7.79 2.60 -6.80
C LEU A 119 8.44 3.73 -7.58
N ARG A 120 7.70 4.29 -8.54
CA ARG A 120 8.21 5.38 -9.36
C ARG A 120 7.43 6.67 -9.09
N TYR A 121 7.94 7.47 -8.16
CA TYR A 121 7.30 8.73 -7.80
C TYR A 121 7.11 9.62 -9.03
N VAL A 122 7.94 9.39 -10.05
CA VAL A 122 7.86 10.16 -11.28
C VAL A 122 6.46 10.09 -11.89
N LYS A 123 5.73 9.03 -11.55
CA LYS A 123 4.37 8.85 -12.05
C LYS A 123 3.34 9.26 -11.01
N PHE A 124 3.72 9.18 -9.74
CA PHE A 124 2.82 9.54 -8.65
C PHE A 124 3.22 10.90 -8.06
N GLN A 125 3.75 11.77 -8.91
CA GLN A 125 4.17 13.10 -8.47
C GLN A 125 3.05 13.80 -7.71
N ASN A 126 1.81 13.47 -8.08
CA ASN A 126 0.64 14.08 -7.43
C ASN A 126 -0.59 13.19 -7.61
N VAL A 127 -0.88 12.37 -6.60
CA VAL A 127 -2.04 11.48 -6.64
C VAL A 127 -2.98 11.75 -5.48
N ASN A 128 -4.28 11.68 -5.75
CA ASN A 128 -5.28 11.91 -4.72
C ASN A 128 -6.04 10.62 -4.40
N SER A 129 -5.91 9.63 -5.28
CA SER A 129 -6.58 8.35 -5.09
C SER A 129 -5.78 7.22 -5.71
N VAL A 130 -5.40 6.25 -4.89
CA VAL A 130 -4.63 5.10 -5.36
C VAL A 130 -5.34 3.79 -5.06
N THR A 131 -5.25 2.84 -5.98
CA THR A 131 -5.89 1.55 -5.82
C THR A 131 -4.92 0.41 -6.14
N ILE A 132 -5.04 -0.69 -5.41
CA ILE A 132 -4.18 -1.85 -5.63
C ILE A 132 -5.00 -3.12 -5.81
N PHE A 133 -4.80 -3.79 -6.94
CA PHE A 133 -5.53 -5.02 -7.24
C PHE A 133 -4.61 -6.23 -7.11
N VAL A 134 -5.02 -7.17 -6.27
CA VAL A 134 -4.23 -8.38 -6.05
C VAL A 134 -4.47 -9.40 -7.16
N GLN A 135 -3.38 -9.85 -7.79
CA GLN A 135 -3.47 -10.82 -8.87
C GLN A 135 -2.92 -12.17 -8.44
N SER A 136 -1.63 -12.21 -8.14
CA SER A 136 -0.97 -13.44 -7.72
C SER A 136 -0.21 -13.23 -6.40
N ASN A 137 0.20 -14.33 -5.79
CA ASN A 137 0.94 -14.27 -4.53
C ASN A 137 2.39 -14.71 -4.73
N GLN A 138 3.11 -14.85 -3.61
CA GLN A 138 4.51 -15.26 -3.66
C GLN A 138 4.64 -16.68 -4.21
N GLY A 139 4.05 -17.64 -3.51
CA GLY A 139 4.10 -19.02 -3.94
C GLY A 139 2.84 -19.46 -4.66
N GLU A 140 2.12 -18.50 -5.23
CA GLU A 140 0.89 -18.79 -5.94
C GLU A 140 -0.16 -19.39 -5.00
N GLU A 141 -0.11 -18.97 -3.74
CA GLU A 141 -1.05 -19.46 -2.74
C GLU A 141 -2.49 -19.34 -3.23
N GLU A 142 -3.38 -20.16 -2.68
CA GLU A 142 -4.78 -20.13 -3.07
C GLU A 142 -5.42 -18.80 -2.71
N THR A 143 -4.84 -18.11 -1.72
CA THR A 143 -5.35 -16.83 -1.29
C THR A 143 -4.25 -15.97 -0.69
N THR A 144 -4.44 -14.66 -0.72
CA THR A 144 -3.45 -13.72 -0.19
C THR A 144 -3.93 -13.08 1.10
N ARG A 145 -3.11 -13.17 2.14
CA ARG A 145 -3.47 -12.60 3.43
C ARG A 145 -2.71 -11.30 3.68
N ILE A 146 -3.47 -10.22 3.85
CA ILE A 146 -2.86 -8.90 4.09
C ILE A 146 -2.76 -8.61 5.58
N SER A 147 -1.60 -8.12 5.99
CA SER A 147 -1.35 -7.80 7.40
C SER A 147 -0.94 -6.34 7.56
N TYR A 148 -0.02 -5.90 6.72
CA TYR A 148 0.47 -4.53 6.77
C TYR A 148 0.45 -3.90 5.37
N PHE A 149 -0.25 -2.78 5.25
CA PHE A 149 -0.35 -2.07 3.97
C PHE A 149 -0.27 -0.56 4.19
N THR A 150 0.60 0.09 3.44
CA THR A 150 0.77 1.54 3.54
C THR A 150 1.54 2.08 2.35
N PHE A 151 1.62 3.41 2.25
CA PHE A 151 2.32 4.06 1.15
C PHE A 151 3.44 4.96 1.69
N ILE A 152 4.67 4.58 1.35
CA ILE A 152 5.84 5.35 1.80
C ILE A 152 6.13 6.50 0.84
N GLY A 153 6.32 7.70 1.40
CA GLY A 153 6.61 8.86 0.59
C GLY A 153 6.47 10.16 1.35
N THR A 154 5.95 11.18 0.69
CA THR A 154 5.76 12.49 1.33
C THR A 154 4.73 13.32 0.58
N PRO A 155 4.13 14.29 1.29
CA PRO A 155 3.12 15.17 0.71
C PRO A 155 3.70 16.15 -0.31
N VAL A 156 2.92 16.46 -1.34
CA VAL A 156 3.37 17.37 -2.39
C VAL A 156 3.89 18.67 -1.79
N GLN A 157 3.34 19.05 -0.64
CA GLN A 157 3.75 20.27 0.03
C GLN A 157 3.30 20.28 1.49
N ALA A 158 4.26 20.19 2.41
CA ALA A 158 3.96 20.18 3.84
C ALA A 158 5.22 20.43 4.66
N THR A 159 5.10 20.24 5.98
CA THR A 159 6.22 20.45 6.88
C THR A 159 6.95 19.13 7.16
N ASN A 160 7.89 19.16 8.09
CA ASN A 160 8.64 17.98 8.47
C ASN A 160 8.56 17.72 9.96
N MET A 161 7.50 17.03 10.38
CA MET A 161 7.31 16.71 11.79
C MET A 161 8.08 15.47 12.18
N ASN A 162 8.02 14.44 11.34
CA ASN A 162 8.73 13.19 11.60
C ASN A 162 8.19 12.52 12.87
N ASP A 163 8.61 11.27 13.08
CA ASP A 163 8.16 10.52 14.25
C ASP A 163 9.27 9.58 14.73
N PHE A 164 8.93 8.71 15.67
CA PHE A 164 9.88 7.75 16.22
C PHE A 164 9.59 6.34 15.71
N LYS A 165 8.52 5.75 16.23
CA LYS A 165 8.13 4.40 15.84
C LYS A 165 9.21 3.38 16.22
N SER A 166 8.87 2.10 16.13
CA SER A 166 9.81 1.04 16.46
C SER A 166 10.01 0.11 15.27
N GLY A 167 10.70 -1.01 15.51
CA GLY A 167 10.95 -1.97 14.45
C GLY A 167 9.94 -3.09 14.43
N PRO A 168 10.07 -3.98 13.42
CA PRO A 168 9.16 -5.12 13.28
C PRO A 168 9.35 -6.17 14.37
N SER A 169 8.70 -7.32 14.20
CA SER A 169 8.80 -8.39 15.18
C SER A 169 10.12 -9.14 15.04
N SER A 170 10.24 -9.94 13.99
CA SER A 170 11.45 -10.71 13.75
C SER A 170 12.55 -9.82 13.20
N GLY A 171 13.80 -10.31 13.28
CA GLY A 171 14.93 -9.53 12.79
C GLY A 171 16.05 -9.45 13.80
N GLY A 1 6.52 26.26 -6.67
CA GLY A 1 7.61 26.82 -5.88
C GLY A 1 8.77 25.86 -5.72
N SER A 2 9.08 25.50 -4.49
CA SER A 2 10.18 24.59 -4.20
C SER A 2 9.84 23.67 -3.02
N SER A 3 10.19 22.40 -3.16
CA SER A 3 9.93 21.42 -2.11
C SER A 3 11.02 20.36 -2.07
N GLY A 4 11.11 19.66 -0.93
CA GLY A 4 12.12 18.62 -0.79
C GLY A 4 12.03 17.92 0.55
N SER A 5 12.78 16.82 0.69
CA SER A 5 12.78 16.06 1.93
C SER A 5 14.12 15.36 2.14
N SER A 6 14.61 14.72 1.09
CA SER A 6 15.89 14.02 1.16
C SER A 6 15.84 12.91 2.21
N GLY A 7 15.30 11.75 1.82
CA GLY A 7 15.20 10.63 2.74
C GLY A 7 14.16 10.85 3.81
N GLY A 8 14.03 9.89 4.71
CA GLY A 8 13.05 9.99 5.78
C GLY A 8 11.65 10.25 5.26
N TYR A 9 11.01 9.19 4.77
CA TYR A 9 9.66 9.29 4.23
C TYR A 9 8.62 8.95 5.29
N MET A 10 7.35 8.96 4.91
CA MET A 10 6.26 8.64 5.82
C MET A 10 5.31 7.63 5.21
N ASP A 11 4.71 6.80 6.05
CA ASP A 11 3.77 5.78 5.59
C ASP A 11 2.47 6.42 5.12
N LEU A 12 2.31 7.71 5.39
CA LEU A 12 1.11 8.44 4.99
C LEU A 12 -0.14 7.79 5.58
N MET A 13 0.05 7.02 6.64
CA MET A 13 -1.07 6.35 7.30
C MET A 13 -2.13 7.34 7.74
N PRO A 14 -1.71 8.37 8.49
CA PRO A 14 -2.61 9.41 8.99
C PRO A 14 -3.12 10.31 7.86
N PHE A 15 -2.60 10.11 6.66
CA PHE A 15 -3.00 10.90 5.51
C PHE A 15 -4.04 10.17 4.67
N ILE A 16 -4.29 8.91 5.02
CA ILE A 16 -5.27 8.09 4.30
C ILE A 16 -6.67 8.31 4.85
N ASN A 17 -7.63 8.52 3.95
CA ASN A 17 -9.01 8.74 4.34
C ASN A 17 -9.80 7.43 4.31
N LYS A 18 -10.00 6.84 5.48
CA LYS A 18 -10.75 5.59 5.59
C LYS A 18 -12.22 5.80 5.25
N ALA A 19 -12.71 7.02 5.50
CA ALA A 19 -14.11 7.34 5.21
C ALA A 19 -14.39 7.27 3.72
N GLY A 20 -13.34 7.29 2.91
CA GLY A 20 -13.50 7.22 1.48
C GLY A 20 -12.94 5.95 0.88
N CYS A 21 -12.09 5.26 1.64
CA CYS A 21 -11.47 4.02 1.18
C CYS A 21 -12.54 3.02 0.77
N GLU A 22 -12.15 2.08 -0.09
CA GLU A 22 -13.07 1.06 -0.58
C GLU A 22 -12.36 -0.27 -0.78
N CYS A 23 -12.98 -1.35 -0.33
CA CYS A 23 -12.40 -2.68 -0.46
C CYS A 23 -13.30 -3.58 -1.29
N LEU A 24 -12.70 -4.38 -2.18
CA LEU A 24 -13.45 -5.28 -3.03
C LEU A 24 -13.26 -6.74 -2.57
N ASN A 25 -14.36 -7.48 -2.52
CA ASN A 25 -14.32 -8.88 -2.11
C ASN A 25 -13.77 -9.00 -0.69
N GLU A 26 -14.11 -8.04 0.16
CA GLU A 26 -13.65 -8.05 1.55
C GLU A 26 -14.37 -9.12 2.36
N SER A 27 -13.60 -9.89 3.13
CA SER A 27 -14.17 -10.96 3.94
C SER A 27 -15.27 -10.43 4.85
N ASP A 28 -16.15 -11.32 5.28
CA ASP A 28 -17.26 -10.94 6.16
C ASP A 28 -16.79 -10.78 7.59
N GLU A 29 -15.99 -11.74 8.06
CA GLU A 29 -15.47 -11.71 9.42
C GLU A 29 -14.21 -10.85 9.51
N HIS A 30 -13.47 -10.79 8.41
CA HIS A 30 -12.24 -10.00 8.36
C HIS A 30 -12.44 -8.74 7.52
N GLY A 31 -11.76 -7.66 7.92
CA GLY A 31 -11.87 -6.41 7.19
C GLY A 31 -10.63 -6.10 6.38
N PHE A 32 -10.79 -5.24 5.38
CA PHE A 32 -9.67 -4.85 4.52
C PHE A 32 -8.96 -3.62 5.08
N ASP A 33 -9.47 -3.09 6.17
CA ASP A 33 -8.90 -1.91 6.80
C ASP A 33 -7.97 -2.30 7.94
N ASN A 34 -8.13 -3.52 8.44
CA ASN A 34 -7.31 -4.04 9.53
C ASN A 34 -5.88 -4.29 9.07
N CYS A 35 -5.72 -4.48 7.77
CA CYS A 35 -4.40 -4.74 7.19
C CYS A 35 -3.57 -3.46 7.15
N LEU A 36 -4.24 -2.32 7.25
CA LEU A 36 -3.56 -1.03 7.23
C LEU A 36 -2.61 -0.88 8.42
N ARG A 37 -2.93 -1.59 9.50
CA ARG A 37 -2.11 -1.54 10.71
C ARG A 37 -1.12 -2.70 10.74
N LYS A 38 -0.32 -2.75 11.80
CA LYS A 38 0.67 -3.82 11.96
C LYS A 38 0.24 -4.81 13.02
N ASP A 39 -0.54 -4.34 13.99
CA ASP A 39 -1.01 -5.18 15.08
C ASP A 39 -2.50 -4.95 15.33
N THR A 40 -3.34 -5.62 14.55
CA THR A 40 -4.79 -5.49 14.69
C THR A 40 -5.52 -6.33 13.66
N THR A 41 -5.90 -7.54 14.05
CA THR A 41 -6.61 -8.44 13.15
C THR A 41 -5.88 -8.58 11.82
N PHE A 42 -6.50 -9.30 10.88
CA PHE A 42 -5.91 -9.51 9.56
C PHE A 42 -6.99 -9.55 8.49
N LEU A 43 -6.56 -9.61 7.23
CA LEU A 43 -7.50 -9.66 6.10
C LEU A 43 -7.30 -10.94 5.31
N GLU A 44 -8.38 -11.71 5.14
CA GLU A 44 -8.34 -12.96 4.40
C GLU A 44 -9.33 -12.92 3.23
N SER A 45 -8.99 -13.64 2.17
CA SER A 45 -9.85 -13.69 0.98
C SER A 45 -10.74 -14.92 1.01
N ASP A 46 -12.03 -14.71 0.80
CA ASP A 46 -13.00 -15.81 0.80
C ASP A 46 -13.24 -16.33 -0.62
N CYS A 47 -12.30 -16.06 -1.51
CA CYS A 47 -12.41 -16.49 -2.90
C CYS A 47 -11.04 -16.85 -3.47
N ASP A 48 -10.17 -15.85 -3.58
CA ASP A 48 -8.82 -16.07 -4.11
C ASP A 48 -8.03 -14.77 -4.12
N GLU A 49 -6.87 -14.80 -4.77
CA GLU A 49 -6.02 -13.61 -4.85
C GLU A 49 -6.53 -12.64 -5.91
N GLN A 50 -7.78 -12.23 -5.78
CA GLN A 50 -8.39 -11.30 -6.72
C GLN A 50 -9.11 -10.17 -5.99
N LEU A 51 -8.53 -9.72 -4.89
CA LEU A 51 -9.12 -8.64 -4.10
C LEU A 51 -8.49 -7.30 -4.47
N LEU A 52 -9.27 -6.23 -4.35
CA LEU A 52 -8.79 -4.89 -4.65
C LEU A 52 -8.77 -4.02 -3.41
N ILE A 53 -7.90 -3.02 -3.40
CA ILE A 53 -7.79 -2.12 -2.26
C ILE A 53 -7.73 -0.66 -2.72
N THR A 54 -8.77 0.10 -2.39
CA THR A 54 -8.84 1.50 -2.76
C THR A 54 -8.38 2.40 -1.63
N VAL A 55 -7.74 3.51 -1.98
CA VAL A 55 -7.24 4.46 -0.99
C VAL A 55 -7.53 5.89 -1.41
N ALA A 56 -8.25 6.63 -0.56
CA ALA A 56 -8.59 8.02 -0.86
C ALA A 56 -7.76 8.97 0.01
N PHE A 57 -6.89 9.73 -0.64
CA PHE A 57 -6.03 10.68 0.08
C PHE A 57 -6.64 12.08 0.04
N ASN A 58 -6.92 12.63 1.22
CA ASN A 58 -7.49 13.97 1.32
C ASN A 58 -6.58 15.01 0.71
N GLN A 59 -5.29 14.68 0.63
CA GLN A 59 -4.29 15.60 0.07
C GLN A 59 -3.38 14.86 -0.92
N PRO A 60 -3.01 15.56 -2.00
CA PRO A 60 -2.14 15.01 -3.04
C PRO A 60 -0.71 14.80 -2.55
N VAL A 61 -0.31 13.55 -2.40
CA VAL A 61 1.03 13.22 -1.94
C VAL A 61 1.84 12.54 -3.04
N LYS A 62 3.02 12.04 -2.68
CA LYS A 62 3.89 11.37 -3.63
C LYS A 62 4.20 9.95 -3.17
N LEU A 63 3.86 8.98 -4.00
CA LEU A 63 4.10 7.58 -3.68
C LEU A 63 5.51 7.16 -4.10
N TYR A 64 6.46 7.32 -3.19
CA TYR A 64 7.85 6.96 -3.46
C TYR A 64 8.07 5.46 -3.29
N SER A 65 7.30 4.86 -2.39
CA SER A 65 7.40 3.43 -2.12
C SER A 65 6.12 2.89 -1.51
N MET A 66 6.04 1.57 -1.41
CA MET A 66 4.86 0.93 -0.83
C MET A 66 5.26 -0.29 0.00
N LYS A 67 4.64 -0.43 1.17
CA LYS A 67 4.92 -1.56 2.05
C LYS A 67 3.79 -2.57 2.04
N PHE A 68 3.92 -3.59 1.20
CA PHE A 68 2.90 -4.62 1.08
C PHE A 68 3.44 -5.97 1.57
N GLN A 69 2.78 -6.54 2.56
CA GLN A 69 3.18 -7.83 3.11
C GLN A 69 1.98 -8.62 3.62
N GLY A 70 2.26 -9.70 4.35
CA GLY A 70 1.18 -10.51 4.89
C GLY A 70 1.58 -11.25 6.15
N PRO A 71 0.85 -12.33 6.47
CA PRO A 71 1.12 -13.14 7.66
C PRO A 71 2.43 -13.93 7.54
N ASP A 72 2.63 -14.84 8.48
CA ASP A 72 3.84 -15.67 8.48
C ASP A 72 3.49 -17.14 8.30
N ASN A 73 2.47 -17.41 7.49
CA ASN A 73 2.02 -18.78 7.24
C ASN A 73 2.47 -19.25 5.86
N GLY A 74 2.66 -18.29 4.95
CA GLY A 74 3.08 -18.62 3.61
C GLY A 74 2.13 -18.10 2.55
N GLN A 75 1.46 -17.00 2.86
CA GLN A 75 0.50 -16.40 1.93
C GLN A 75 0.71 -14.89 1.85
N GLY A 76 1.30 -14.44 0.74
CA GLY A 76 1.55 -13.03 0.56
C GLY A 76 1.37 -12.60 -0.88
N PRO A 77 0.97 -11.32 -1.08
CA PRO A 77 0.77 -10.76 -2.42
C PRO A 77 2.07 -10.58 -3.19
N LYS A 78 2.08 -11.00 -4.44
CA LYS A 78 3.27 -10.88 -5.29
C LYS A 78 3.03 -9.88 -6.41
N TYR A 79 2.28 -10.32 -7.43
CA TYR A 79 1.98 -9.46 -8.57
C TYR A 79 0.75 -8.61 -8.31
N VAL A 80 0.98 -7.34 -7.98
CA VAL A 80 -0.12 -6.41 -7.70
C VAL A 80 -0.10 -5.24 -8.67
N LYS A 81 -1.28 -4.89 -9.18
CA LYS A 81 -1.41 -3.77 -10.12
C LYS A 81 -1.77 -2.49 -9.40
N ILE A 82 -0.90 -1.48 -9.51
CA ILE A 82 -1.13 -0.20 -8.86
C ILE A 82 -1.83 0.78 -9.81
N PHE A 83 -2.84 1.47 -9.30
CA PHE A 83 -3.58 2.44 -10.10
C PHE A 83 -3.71 3.77 -9.37
N ILE A 84 -3.68 4.86 -10.13
CA ILE A 84 -3.79 6.19 -9.55
C ILE A 84 -4.59 7.12 -10.46
N ASN A 85 -4.96 8.28 -9.93
CA ASN A 85 -5.73 9.26 -10.71
C ASN A 85 -6.98 8.61 -11.29
N LEU A 86 -7.66 7.79 -10.50
CA LEU A 86 -8.87 7.12 -10.95
C LEU A 86 -10.06 8.07 -10.95
N PRO A 87 -11.06 7.76 -11.79
CA PRO A 87 -12.27 8.58 -11.91
C PRO A 87 -13.15 8.49 -10.66
N ARG A 88 -13.01 7.40 -9.93
CA ARG A 88 -13.79 7.20 -8.71
C ARG A 88 -13.34 5.94 -7.97
N SER A 89 -13.00 4.90 -8.73
CA SER A 89 -12.55 3.65 -8.16
C SER A 89 -12.20 2.64 -9.25
N MET A 90 -11.75 1.46 -8.83
CA MET A 90 -11.38 0.40 -9.77
C MET A 90 -12.19 -0.86 -9.51
N ASP A 91 -12.50 -1.59 -10.57
CA ASP A 91 -13.26 -2.83 -10.46
C ASP A 91 -12.44 -4.02 -10.96
N PHE A 92 -13.11 -5.16 -11.11
CA PHE A 92 -12.44 -6.38 -11.58
C PHE A 92 -12.21 -6.33 -13.08
N GLU A 93 -13.17 -5.75 -13.80
CA GLU A 93 -13.08 -5.65 -15.26
C GLU A 93 -12.21 -4.46 -15.66
N GLU A 94 -12.34 -3.36 -14.91
CA GLU A 94 -11.57 -2.15 -15.19
C GLU A 94 -10.10 -2.35 -14.83
N ALA A 95 -9.85 -3.28 -13.92
CA ALA A 95 -8.48 -3.57 -13.49
C ALA A 95 -7.78 -4.52 -14.45
N GLU A 96 -8.55 -5.06 -15.40
CA GLU A 96 -8.01 -5.98 -16.39
C GLU A 96 -7.84 -5.30 -17.74
N ARG A 97 -8.88 -4.59 -18.17
CA ARG A 97 -8.85 -3.89 -19.45
C ARG A 97 -7.82 -2.77 -19.43
N SER A 98 -7.79 -2.01 -18.34
CA SER A 98 -6.86 -0.91 -18.20
C SER A 98 -5.59 -1.36 -17.48
N GLU A 99 -4.44 -0.83 -17.92
CA GLU A 99 -3.17 -1.18 -17.32
C GLU A 99 -2.84 -0.26 -16.15
N PRO A 100 -2.11 -0.79 -15.17
CA PRO A 100 -1.73 -0.03 -13.97
C PRO A 100 -0.69 1.04 -14.28
N THR A 101 -0.40 1.88 -13.29
CA THR A 101 0.58 2.96 -13.46
C THR A 101 2.00 2.44 -13.28
N GLN A 102 2.13 1.33 -12.55
CA GLN A 102 3.44 0.74 -12.31
C GLN A 102 3.36 -0.79 -12.36
N ALA A 103 2.81 -1.38 -11.31
CA ALA A 103 2.68 -2.83 -11.23
C ALA A 103 4.04 -3.50 -11.16
N LEU A 104 4.29 -4.19 -10.04
CA LEU A 104 5.57 -4.88 -9.85
C LEU A 104 5.34 -6.27 -9.25
N GLU A 105 6.37 -7.11 -9.32
CA GLU A 105 6.29 -8.46 -8.78
C GLU A 105 6.98 -8.55 -7.42
N LEU A 106 6.22 -8.28 -6.37
CA LEU A 106 6.75 -8.33 -5.01
C LEU A 106 7.37 -9.70 -4.72
N THR A 107 8.53 -9.69 -4.06
CA THR A 107 9.23 -10.92 -3.72
C THR A 107 9.19 -11.18 -2.22
N GLU A 108 9.75 -12.31 -1.80
CA GLU A 108 9.79 -12.67 -0.39
C GLU A 108 10.49 -11.59 0.43
N ASP A 109 11.41 -10.88 -0.21
CA ASP A 109 12.16 -9.82 0.46
C ASP A 109 11.34 -8.53 0.51
N ASP A 110 10.29 -8.47 -0.29
CA ASP A 110 9.42 -7.29 -0.33
C ASP A 110 8.20 -7.49 0.55
N ILE A 111 7.93 -8.73 0.92
CA ILE A 111 6.78 -9.05 1.77
C ILE A 111 7.23 -9.65 3.10
N LYS A 112 8.46 -9.34 3.49
CA LYS A 112 9.01 -9.85 4.74
C LYS A 112 8.76 -8.88 5.88
N GLU A 113 9.34 -9.17 7.05
CA GLU A 113 9.18 -8.31 8.22
C GLU A 113 9.48 -6.86 7.87
N ASP A 114 10.49 -6.64 7.05
CA ASP A 114 10.88 -5.30 6.64
C ASP A 114 10.83 -5.16 5.12
N GLY A 115 9.86 -5.82 4.50
CA GLY A 115 9.72 -5.74 3.06
C GLY A 115 9.38 -4.35 2.58
N ILE A 116 9.98 -3.95 1.46
CA ILE A 116 9.74 -2.63 0.89
C ILE A 116 9.61 -2.69 -0.62
N VAL A 117 8.64 -1.96 -1.16
CA VAL A 117 8.41 -1.93 -2.60
C VAL A 117 8.70 -0.55 -3.18
N PRO A 118 9.88 -0.41 -3.81
CA PRO A 118 10.31 0.85 -4.41
C PRO A 118 9.50 1.20 -5.66
N LEU A 119 8.67 2.24 -5.55
CA LEU A 119 7.84 2.67 -6.68
C LEU A 119 8.54 3.77 -7.47
N ARG A 120 7.81 4.35 -8.42
CA ARG A 120 8.36 5.41 -9.25
C ARG A 120 7.60 6.73 -9.03
N TYR A 121 8.14 7.57 -8.15
CA TYR A 121 7.53 8.85 -7.85
C TYR A 121 7.33 9.69 -9.11
N VAL A 122 8.12 9.39 -10.13
CA VAL A 122 8.03 10.10 -11.40
C VAL A 122 6.62 10.01 -11.98
N LYS A 123 5.87 9.00 -11.56
CA LYS A 123 4.50 8.81 -12.02
C LYS A 123 3.49 9.27 -10.98
N PHE A 124 3.87 9.14 -9.71
CA PHE A 124 2.99 9.55 -8.62
C PHE A 124 3.40 10.91 -8.07
N GLN A 125 3.84 11.79 -8.96
CA GLN A 125 4.26 13.13 -8.56
C GLN A 125 3.16 13.84 -7.79
N ASN A 126 1.91 13.45 -8.04
CA ASN A 126 0.76 14.06 -7.39
C ASN A 126 -0.48 13.20 -7.56
N VAL A 127 -0.74 12.33 -6.59
CA VAL A 127 -1.91 11.45 -6.64
C VAL A 127 -2.85 11.71 -5.47
N ASN A 128 -4.14 11.65 -5.74
CA ASN A 128 -5.15 11.89 -4.70
C ASN A 128 -5.93 10.61 -4.40
N SER A 129 -5.81 9.62 -5.29
CA SER A 129 -6.50 8.35 -5.11
C SER A 129 -5.70 7.21 -5.75
N VAL A 130 -5.33 6.25 -4.91
CA VAL A 130 -4.56 5.09 -5.38
C VAL A 130 -5.27 3.79 -5.06
N THR A 131 -5.18 2.82 -5.98
CA THR A 131 -5.82 1.53 -5.79
C THR A 131 -4.87 0.39 -6.13
N ILE A 132 -4.98 -0.70 -5.40
CA ILE A 132 -4.12 -1.87 -5.62
C ILE A 132 -4.95 -3.13 -5.82
N PHE A 133 -4.76 -3.79 -6.96
CA PHE A 133 -5.50 -5.00 -7.27
C PHE A 133 -4.60 -6.23 -7.15
N VAL A 134 -5.00 -7.18 -6.30
CA VAL A 134 -4.22 -8.39 -6.09
C VAL A 134 -4.48 -9.40 -7.21
N GLN A 135 -3.40 -9.84 -7.85
CA GLN A 135 -3.49 -10.81 -8.94
C GLN A 135 -2.96 -12.17 -8.51
N SER A 136 -1.68 -12.22 -8.18
CA SER A 136 -1.04 -13.46 -7.76
C SER A 136 -0.30 -13.27 -6.44
N ASN A 137 0.11 -14.38 -5.83
CA ASN A 137 0.82 -14.34 -4.56
C ASN A 137 2.27 -14.77 -4.74
N GLN A 138 2.99 -14.88 -3.62
CA GLN A 138 4.40 -15.29 -3.66
C GLN A 138 4.53 -16.73 -4.13
N GLY A 139 3.92 -17.64 -3.40
CA GLY A 139 3.98 -19.05 -3.76
C GLY A 139 2.75 -19.51 -4.52
N GLU A 140 2.13 -18.59 -5.25
CA GLU A 140 0.94 -18.91 -6.03
C GLU A 140 -0.10 -19.61 -5.16
N GLU A 141 -0.23 -19.16 -3.91
CA GLU A 141 -1.19 -19.74 -2.99
C GLU A 141 -2.61 -19.65 -3.52
N GLU A 142 -3.58 -20.04 -2.71
CA GLU A 142 -4.98 -20.01 -3.11
C GLU A 142 -5.61 -18.66 -2.75
N THR A 143 -5.10 -18.03 -1.70
CA THR A 143 -5.60 -16.74 -1.26
C THR A 143 -4.48 -15.87 -0.71
N THR A 144 -4.65 -14.56 -0.82
CA THR A 144 -3.66 -13.61 -0.34
C THR A 144 -4.08 -12.97 0.97
N ARG A 145 -3.30 -13.22 2.03
CA ARG A 145 -3.61 -12.67 3.34
C ARG A 145 -2.84 -11.37 3.58
N ILE A 146 -3.57 -10.28 3.78
CA ILE A 146 -2.97 -8.98 4.02
C ILE A 146 -2.90 -8.67 5.51
N SER A 147 -1.76 -8.12 5.94
CA SER A 147 -1.57 -7.78 7.35
C SER A 147 -1.08 -6.34 7.49
N TYR A 148 -0.13 -5.96 6.65
CA TYR A 148 0.44 -4.62 6.69
C TYR A 148 0.37 -3.96 5.31
N PHE A 149 -0.31 -2.83 5.24
CA PHE A 149 -0.46 -2.10 3.99
C PHE A 149 -0.38 -0.59 4.22
N THR A 150 0.45 0.08 3.42
CA THR A 150 0.62 1.52 3.54
C THR A 150 1.29 2.09 2.31
N PHE A 151 1.65 3.37 2.38
CA PHE A 151 2.31 4.04 1.26
C PHE A 151 3.45 4.94 1.76
N ILE A 152 4.67 4.59 1.38
CA ILE A 152 5.85 5.36 1.78
C ILE A 152 6.09 6.52 0.83
N GLY A 153 6.31 7.70 1.40
CA GLY A 153 6.56 8.87 0.58
C GLY A 153 6.45 10.17 1.37
N THR A 154 5.90 11.20 0.73
CA THR A 154 5.74 12.50 1.39
C THR A 154 4.76 13.38 0.61
N PRO A 155 4.17 14.36 1.31
CA PRO A 155 3.22 15.30 0.71
C PRO A 155 3.88 16.26 -0.27
N VAL A 156 3.24 16.47 -1.41
CA VAL A 156 3.77 17.37 -2.43
C VAL A 156 4.12 18.73 -1.83
N GLN A 157 3.39 19.12 -0.78
CA GLN A 157 3.63 20.40 -0.12
C GLN A 157 3.45 20.26 1.39
N ALA A 158 4.21 21.06 2.14
CA ALA A 158 4.13 21.04 3.60
C ALA A 158 4.98 22.13 4.21
N THR A 159 5.15 22.08 5.53
CA THR A 159 5.94 23.07 6.24
C THR A 159 7.41 22.65 6.32
N ASN A 160 8.20 23.40 7.07
CA ASN A 160 9.62 23.11 7.24
C ASN A 160 9.90 22.54 8.63
N MET A 161 9.18 21.49 9.00
CA MET A 161 9.35 20.86 10.29
C MET A 161 10.68 20.11 10.37
N ASN A 162 10.89 19.21 9.41
CA ASN A 162 12.12 18.42 9.38
C ASN A 162 12.26 17.55 10.61
N ASP A 163 13.21 16.62 10.58
CA ASP A 163 13.45 15.72 11.70
C ASP A 163 14.85 15.15 11.65
N PHE A 164 15.17 14.28 12.61
CA PHE A 164 16.49 13.66 12.69
C PHE A 164 16.76 12.80 11.45
N LYS A 165 18.03 12.48 11.22
CA LYS A 165 18.42 11.66 10.08
C LYS A 165 18.46 10.19 10.46
N SER A 166 18.41 9.32 9.46
CA SER A 166 18.45 7.87 9.69
C SER A 166 18.43 7.11 8.37
N GLY A 167 19.18 6.01 8.33
CA GLY A 167 19.24 5.21 7.12
C GLY A 167 20.26 4.09 7.22
N PRO A 168 19.93 3.06 8.02
CA PRO A 168 20.81 1.91 8.22
C PRO A 168 20.92 1.03 6.97
N SER A 169 22.10 0.49 6.73
CA SER A 169 22.34 -0.36 5.57
C SER A 169 23.71 -1.00 5.63
N SER A 170 23.79 -2.27 5.24
CA SER A 170 25.05 -3.00 5.25
C SER A 170 25.91 -2.65 4.04
N GLY A 171 27.20 -2.49 4.27
CA GLY A 171 28.10 -2.15 3.19
C GLY A 171 28.98 -0.96 3.52
N GLY A 1 11.57 30.70 8.73
CA GLY A 1 11.12 29.55 7.97
C GLY A 1 12.09 28.39 8.05
N SER A 2 11.94 27.57 9.09
CA SER A 2 12.82 26.42 9.28
C SER A 2 12.76 25.49 8.07
N SER A 3 13.83 24.73 7.87
CA SER A 3 13.91 23.80 6.75
C SER A 3 15.01 22.77 6.98
N GLY A 4 14.95 21.68 6.21
CA GLY A 4 15.96 20.63 6.34
C GLY A 4 16.04 19.76 5.11
N SER A 5 16.81 18.68 5.20
CA SER A 5 16.99 17.77 4.08
C SER A 5 17.34 16.36 4.57
N SER A 6 16.40 15.43 4.44
CA SER A 6 16.62 14.06 4.88
C SER A 6 15.85 13.08 3.99
N GLY A 7 16.22 11.81 4.07
CA GLY A 7 15.57 10.79 3.26
C GLY A 7 14.52 10.03 4.04
N GLY A 8 14.00 10.63 5.10
CA GLY A 8 13.00 9.99 5.91
C GLY A 8 11.59 10.23 5.41
N TYR A 9 11.01 9.22 4.77
CA TYR A 9 9.66 9.34 4.22
C TYR A 9 8.61 9.04 5.30
N MET A 10 7.35 9.01 4.90
CA MET A 10 6.26 8.72 5.82
C MET A 10 5.31 7.67 5.24
N ASP A 11 4.71 6.88 6.12
CA ASP A 11 3.78 5.84 5.70
C ASP A 11 2.48 6.45 5.18
N LEU A 12 2.30 7.74 5.41
CA LEU A 12 1.10 8.45 4.97
C LEU A 12 -0.14 7.80 5.56
N MET A 13 0.03 7.07 6.65
CA MET A 13 -1.08 6.40 7.32
C MET A 13 -2.15 7.42 7.74
N PRO A 14 -1.73 8.45 8.49
CA PRO A 14 -2.62 9.50 8.96
C PRO A 14 -3.13 10.39 7.84
N PHE A 15 -2.63 10.16 6.64
CA PHE A 15 -3.02 10.94 5.46
C PHE A 15 -4.06 10.19 4.64
N ILE A 16 -4.34 8.96 5.03
CA ILE A 16 -5.32 8.13 4.32
C ILE A 16 -6.73 8.37 4.88
N ASN A 17 -7.68 8.59 3.97
CA ASN A 17 -9.06 8.83 4.37
C ASN A 17 -9.80 7.51 4.58
N LYS A 18 -9.76 7.00 5.81
CA LYS A 18 -10.42 5.75 6.14
C LYS A 18 -11.92 5.83 5.86
N ALA A 19 -12.43 7.06 5.82
CA ALA A 19 -13.86 7.27 5.55
C ALA A 19 -14.13 7.34 4.05
N GLY A 20 -13.11 7.05 3.26
CA GLY A 20 -13.25 7.09 1.81
C GLY A 20 -12.62 5.90 1.13
N CYS A 21 -12.17 4.93 1.92
CA CYS A 21 -11.54 3.73 1.40
C CYS A 21 -12.59 2.73 0.93
N GLU A 22 -12.22 1.93 -0.07
CA GLU A 22 -13.14 0.93 -0.61
C GLU A 22 -12.41 -0.40 -0.84
N CYS A 23 -13.06 -1.49 -0.43
CA CYS A 23 -12.46 -2.82 -0.58
C CYS A 23 -13.38 -3.72 -1.42
N LEU A 24 -12.77 -4.55 -2.26
CA LEU A 24 -13.52 -5.45 -3.12
C LEU A 24 -13.33 -6.90 -2.68
N ASN A 25 -14.43 -7.65 -2.63
CA ASN A 25 -14.38 -9.05 -2.23
C ASN A 25 -13.81 -9.18 -0.82
N GLU A 26 -14.00 -8.16 0.00
CA GLU A 26 -13.50 -8.18 1.36
C GLU A 26 -14.18 -9.26 2.20
N SER A 27 -13.39 -10.03 2.93
CA SER A 27 -13.92 -11.11 3.76
C SER A 27 -14.95 -10.58 4.74
N ASP A 28 -15.84 -11.45 5.17
CA ASP A 28 -16.89 -11.08 6.12
C ASP A 28 -16.35 -11.09 7.55
N GLU A 29 -15.54 -12.10 7.86
CA GLU A 29 -14.95 -12.23 9.19
C GLU A 29 -13.73 -11.33 9.34
N HIS A 30 -13.00 -11.15 8.25
CA HIS A 30 -11.81 -10.32 8.26
C HIS A 30 -12.06 -9.00 7.53
N GLY A 31 -11.40 -7.94 8.00
CA GLY A 31 -11.58 -6.63 7.39
C GLY A 31 -10.33 -6.17 6.65
N PHE A 32 -10.53 -5.41 5.58
CA PHE A 32 -9.41 -4.91 4.79
C PHE A 32 -8.76 -3.70 5.46
N ASP A 33 -9.34 -3.28 6.58
CA ASP A 33 -8.81 -2.14 7.33
C ASP A 33 -7.89 -2.59 8.44
N ASN A 34 -8.07 -3.83 8.90
CA ASN A 34 -7.25 -4.39 9.96
C ASN A 34 -5.86 -4.74 9.46
N CYS A 35 -5.71 -4.81 8.13
CA CYS A 35 -4.43 -5.13 7.52
C CYS A 35 -3.67 -3.86 7.16
N LEU A 36 -4.08 -2.75 7.77
CA LEU A 36 -3.43 -1.47 7.51
C LEU A 36 -2.42 -1.14 8.62
N ARG A 37 -2.75 -1.52 9.84
CA ARG A 37 -1.86 -1.27 10.97
C ARG A 37 -1.01 -2.50 11.28
N LYS A 38 0.10 -2.28 11.99
CA LYS A 38 1.01 -3.36 12.34
C LYS A 38 0.42 -4.21 13.46
N ASP A 39 -0.44 -3.61 14.27
CA ASP A 39 -1.08 -4.31 15.37
C ASP A 39 -2.57 -4.47 15.13
N THR A 40 -2.95 -5.58 14.49
CA THR A 40 -4.36 -5.84 14.19
C THR A 40 -4.53 -7.19 13.50
N THR A 41 -5.76 -7.56 13.22
CA THR A 41 -6.06 -8.82 12.56
C THR A 41 -5.54 -8.83 11.12
N PHE A 42 -5.71 -9.96 10.45
CA PHE A 42 -5.25 -10.10 9.07
C PHE A 42 -6.44 -10.18 8.12
N LEU A 43 -6.20 -9.83 6.86
CA LEU A 43 -7.25 -9.86 5.84
C LEU A 43 -7.10 -11.07 4.94
N GLU A 44 -8.01 -12.04 5.10
CA GLU A 44 -7.98 -13.26 4.30
C GLU A 44 -9.04 -13.21 3.21
N SER A 45 -8.72 -13.78 2.06
CA SER A 45 -9.64 -13.81 0.92
C SER A 45 -10.57 -15.01 1.01
N ASP A 46 -11.86 -14.77 0.81
CA ASP A 46 -12.86 -15.83 0.87
C ASP A 46 -13.09 -16.42 -0.51
N CYS A 47 -12.19 -16.12 -1.45
CA CYS A 47 -12.30 -16.62 -2.81
C CYS A 47 -10.92 -16.95 -3.38
N ASP A 48 -10.07 -15.93 -3.49
CA ASP A 48 -8.73 -16.11 -4.01
C ASP A 48 -7.96 -14.80 -4.01
N GLU A 49 -6.80 -14.79 -4.65
CA GLU A 49 -5.97 -13.59 -4.72
C GLU A 49 -6.49 -12.63 -5.79
N GLN A 50 -7.75 -12.24 -5.65
CA GLN A 50 -8.37 -11.32 -6.61
C GLN A 50 -9.11 -10.19 -5.89
N LEU A 51 -8.51 -9.72 -4.79
CA LEU A 51 -9.11 -8.64 -4.01
C LEU A 51 -8.50 -7.29 -4.38
N LEU A 52 -9.29 -6.23 -4.28
CA LEU A 52 -8.82 -4.89 -4.60
C LEU A 52 -8.83 -4.00 -3.36
N ILE A 53 -7.96 -3.00 -3.35
CA ILE A 53 -7.86 -2.07 -2.23
C ILE A 53 -7.80 -0.62 -2.72
N THR A 54 -8.82 0.15 -2.35
CA THR A 54 -8.89 1.55 -2.74
C THR A 54 -8.45 2.46 -1.60
N VAL A 55 -7.77 3.57 -1.96
CA VAL A 55 -7.30 4.52 -0.96
C VAL A 55 -7.57 5.95 -1.39
N ALA A 56 -8.15 6.74 -0.49
CA ALA A 56 -8.46 8.13 -0.79
C ALA A 56 -7.63 9.08 0.07
N PHE A 57 -6.73 9.82 -0.57
CA PHE A 57 -5.87 10.76 0.14
C PHE A 57 -6.46 12.17 0.08
N ASN A 58 -6.86 12.69 1.24
CA ASN A 58 -7.43 14.03 1.32
C ASN A 58 -6.52 15.05 0.64
N GLN A 59 -5.22 14.78 0.67
CA GLN A 59 -4.24 15.68 0.07
C GLN A 59 -3.35 14.93 -0.92
N PRO A 60 -2.98 15.60 -2.02
CA PRO A 60 -2.12 15.01 -3.05
C PRO A 60 -0.69 14.81 -2.58
N VAL A 61 -0.30 13.55 -2.40
CA VAL A 61 1.04 13.22 -1.94
C VAL A 61 1.83 12.52 -3.05
N LYS A 62 3.01 12.02 -2.69
CA LYS A 62 3.87 11.33 -3.65
C LYS A 62 4.17 9.92 -3.18
N LEU A 63 3.82 8.94 -3.99
CA LEU A 63 4.05 7.53 -3.67
C LEU A 63 5.45 7.11 -4.08
N TYR A 64 6.41 7.27 -3.19
CA TYR A 64 7.79 6.90 -3.46
C TYR A 64 8.00 5.39 -3.31
N SER A 65 7.28 4.79 -2.36
CA SER A 65 7.38 3.37 -2.11
C SER A 65 6.09 2.82 -1.51
N MET A 66 6.00 1.51 -1.39
CA MET A 66 4.82 0.86 -0.82
C MET A 66 5.20 -0.36 -0.01
N LYS A 67 4.64 -0.47 1.19
CA LYS A 67 4.93 -1.60 2.07
C LYS A 67 3.80 -2.62 2.02
N PHE A 68 3.94 -3.63 1.17
CA PHE A 68 2.94 -4.67 1.03
C PHE A 68 3.48 -6.02 1.49
N GLN A 69 2.82 -6.62 2.47
CA GLN A 69 3.23 -7.91 3.00
C GLN A 69 2.04 -8.70 3.52
N GLY A 70 2.32 -9.80 4.19
CA GLY A 70 1.26 -10.63 4.75
C GLY A 70 1.59 -11.15 6.13
N PRO A 71 0.83 -12.17 6.58
CA PRO A 71 1.04 -12.79 7.90
C PRO A 71 2.33 -13.59 7.98
N ASP A 72 2.51 -14.33 9.06
CA ASP A 72 3.70 -15.14 9.25
C ASP A 72 3.41 -16.60 8.95
N ASN A 73 2.53 -16.85 7.99
CA ASN A 73 2.17 -18.21 7.61
C ASN A 73 2.84 -18.60 6.29
N GLY A 74 3.03 -17.61 5.41
CA GLY A 74 3.65 -17.87 4.13
C GLY A 74 2.75 -17.51 2.96
N GLN A 75 1.81 -16.61 3.21
CA GLN A 75 0.89 -16.17 2.16
C GLN A 75 0.96 -14.67 1.96
N GLY A 76 1.70 -14.25 0.94
CA GLY A 76 1.83 -12.83 0.65
C GLY A 76 1.63 -12.51 -0.82
N PRO A 77 1.19 -11.28 -1.10
CA PRO A 77 0.95 -10.82 -2.47
C PRO A 77 2.24 -10.65 -3.26
N LYS A 78 2.20 -10.98 -4.54
CA LYS A 78 3.36 -10.86 -5.41
C LYS A 78 3.10 -9.86 -6.53
N TYR A 79 2.34 -10.30 -7.53
CA TYR A 79 2.02 -9.44 -8.67
C TYR A 79 0.79 -8.59 -8.38
N VAL A 80 1.03 -7.33 -8.00
CA VAL A 80 -0.06 -6.41 -7.70
C VAL A 80 -0.07 -5.23 -8.66
N LYS A 81 -1.26 -4.89 -9.16
CA LYS A 81 -1.41 -3.78 -10.09
C LYS A 81 -1.77 -2.50 -9.36
N ILE A 82 -0.93 -1.48 -9.48
CA ILE A 82 -1.17 -0.19 -8.84
C ILE A 82 -1.86 0.78 -9.79
N PHE A 83 -2.86 1.49 -9.28
CA PHE A 83 -3.59 2.46 -10.08
C PHE A 83 -3.72 3.79 -9.35
N ILE A 84 -3.67 4.88 -10.10
CA ILE A 84 -3.78 6.22 -9.53
C ILE A 84 -4.54 7.16 -10.45
N ASN A 85 -4.91 8.31 -9.92
CA ASN A 85 -5.65 9.31 -10.71
C ASN A 85 -6.87 8.68 -11.37
N LEU A 86 -7.50 7.74 -10.67
CA LEU A 86 -8.69 7.06 -11.19
C LEU A 86 -9.90 7.99 -11.17
N PRO A 87 -10.87 7.70 -12.05
CA PRO A 87 -12.10 8.49 -12.15
C PRO A 87 -13.00 8.32 -10.94
N ARG A 88 -12.83 7.21 -10.22
CA ARG A 88 -13.62 6.93 -9.04
C ARG A 88 -13.07 5.72 -8.29
N SER A 89 -13.29 4.53 -8.85
CA SER A 89 -12.82 3.29 -8.24
C SER A 89 -12.35 2.31 -9.30
N MET A 90 -11.85 1.16 -8.84
CA MET A 90 -11.36 0.13 -9.75
C MET A 90 -12.09 -1.18 -9.51
N ASP A 91 -12.61 -1.77 -10.59
CA ASP A 91 -13.34 -3.03 -10.50
C ASP A 91 -12.47 -4.19 -11.00
N PHE A 92 -13.09 -5.35 -11.17
CA PHE A 92 -12.39 -6.54 -11.63
C PHE A 92 -12.12 -6.46 -13.14
N GLU A 93 -13.09 -5.91 -13.87
CA GLU A 93 -12.96 -5.78 -15.32
C GLU A 93 -12.13 -4.56 -15.67
N GLU A 94 -12.30 -3.48 -14.92
CA GLU A 94 -11.57 -2.24 -15.16
C GLU A 94 -10.10 -2.40 -14.77
N ALA A 95 -9.83 -3.35 -13.87
CA ALA A 95 -8.47 -3.60 -13.42
C ALA A 95 -7.72 -4.50 -14.39
N GLU A 96 -8.45 -5.08 -15.34
CA GLU A 96 -7.86 -5.97 -16.33
C GLU A 96 -7.69 -5.25 -17.66
N ARG A 97 -8.74 -4.59 -18.11
CA ARG A 97 -8.70 -3.85 -19.38
C ARG A 97 -7.73 -2.68 -19.30
N SER A 98 -7.79 -1.93 -18.20
CA SER A 98 -6.92 -0.79 -18.00
C SER A 98 -5.64 -1.19 -17.28
N GLU A 99 -4.50 -0.86 -17.88
CA GLU A 99 -3.21 -1.20 -17.30
C GLU A 99 -2.88 -0.27 -16.13
N PRO A 100 -2.15 -0.80 -15.15
CA PRO A 100 -1.75 -0.04 -13.95
C PRO A 100 -0.72 1.05 -14.27
N THR A 101 -0.43 1.87 -13.28
CA THR A 101 0.53 2.95 -13.45
C THR A 101 1.96 2.45 -13.27
N GLN A 102 2.11 1.34 -12.56
CA GLN A 102 3.42 0.76 -12.31
C GLN A 102 3.36 -0.77 -12.37
N ALA A 103 2.80 -1.37 -11.33
CA ALA A 103 2.68 -2.82 -11.26
C ALA A 103 4.05 -3.48 -11.19
N LEU A 104 4.31 -4.17 -10.08
CA LEU A 104 5.59 -4.85 -9.88
C LEU A 104 5.38 -6.23 -9.27
N GLU A 105 6.39 -7.09 -9.42
CA GLU A 105 6.30 -8.44 -8.88
C GLU A 105 7.02 -8.53 -7.54
N LEU A 106 6.29 -8.27 -6.47
CA LEU A 106 6.85 -8.32 -5.11
C LEU A 106 7.49 -9.67 -4.85
N THR A 107 8.65 -9.64 -4.18
CA THR A 107 9.37 -10.87 -3.86
C THR A 107 9.32 -11.16 -2.37
N GLU A 108 9.86 -12.31 -1.97
CA GLU A 108 9.88 -12.70 -0.57
C GLU A 108 10.57 -11.65 0.30
N ASP A 109 11.47 -10.89 -0.32
CA ASP A 109 12.20 -9.84 0.38
C ASP A 109 11.39 -8.56 0.44
N ASP A 110 10.34 -8.48 -0.38
CA ASP A 110 9.49 -7.30 -0.42
C ASP A 110 8.24 -7.50 0.46
N ILE A 111 8.02 -8.75 0.87
CA ILE A 111 6.88 -9.07 1.72
C ILE A 111 7.32 -9.69 3.04
N LYS A 112 8.55 -9.38 3.45
CA LYS A 112 9.10 -9.89 4.69
C LYS A 112 8.84 -8.92 5.84
N GLU A 113 9.46 -9.20 6.98
CA GLU A 113 9.30 -8.34 8.16
C GLU A 113 9.56 -6.89 7.81
N ASP A 114 10.52 -6.66 6.92
CA ASP A 114 10.88 -5.31 6.50
C ASP A 114 10.76 -5.16 4.99
N GLY A 115 9.79 -5.86 4.40
CA GLY A 115 9.59 -5.80 2.97
C GLY A 115 9.28 -4.40 2.48
N ILE A 116 9.96 -3.98 1.42
CA ILE A 116 9.76 -2.65 0.86
C ILE A 116 9.64 -2.70 -0.66
N VAL A 117 8.64 -2.00 -1.19
CA VAL A 117 8.43 -1.96 -2.64
C VAL A 117 8.72 -0.58 -3.21
N PRO A 118 9.90 -0.44 -3.83
CA PRO A 118 10.32 0.84 -4.42
C PRO A 118 9.52 1.19 -5.66
N LEU A 119 8.67 2.21 -5.54
CA LEU A 119 7.84 2.66 -6.65
C LEU A 119 8.53 3.76 -7.45
N ARG A 120 7.80 4.34 -8.39
CA ARG A 120 8.34 5.42 -9.21
C ARG A 120 7.58 6.72 -8.99
N TYR A 121 8.11 7.56 -8.11
CA TYR A 121 7.48 8.84 -7.79
C TYR A 121 7.28 9.67 -9.07
N VAL A 122 8.08 9.38 -10.08
CA VAL A 122 8.00 10.11 -11.35
C VAL A 122 6.59 10.01 -11.95
N LYS A 123 5.85 8.98 -11.52
CA LYS A 123 4.49 8.79 -12.01
C LYS A 123 3.47 9.23 -10.97
N PHE A 124 3.83 9.08 -9.70
CA PHE A 124 2.94 9.47 -8.61
C PHE A 124 3.32 10.84 -8.07
N GLN A 125 3.81 11.71 -8.94
CA GLN A 125 4.21 13.05 -8.54
C GLN A 125 3.09 13.75 -7.78
N ASN A 126 1.85 13.45 -8.14
CA ASN A 126 0.70 14.05 -7.50
C ASN A 126 -0.54 13.17 -7.66
N VAL A 127 -0.84 12.38 -6.63
CA VAL A 127 -1.99 11.49 -6.67
C VAL A 127 -2.91 11.74 -5.48
N ASN A 128 -4.21 11.67 -5.73
CA ASN A 128 -5.20 11.90 -4.67
C ASN A 128 -5.97 10.61 -4.36
N SER A 129 -5.85 9.64 -5.25
CA SER A 129 -6.53 8.36 -5.08
C SER A 129 -5.74 7.22 -5.71
N VAL A 130 -5.38 6.24 -4.88
CA VAL A 130 -4.61 5.10 -5.36
C VAL A 130 -5.34 3.78 -5.06
N THR A 131 -5.24 2.83 -5.98
CA THR A 131 -5.88 1.54 -5.81
C THR A 131 -4.92 0.40 -6.13
N ILE A 132 -5.05 -0.70 -5.40
CA ILE A 132 -4.19 -1.86 -5.60
C ILE A 132 -5.02 -3.13 -5.80
N PHE A 133 -4.81 -3.80 -6.92
CA PHE A 133 -5.53 -5.03 -7.23
C PHE A 133 -4.62 -6.25 -7.11
N VAL A 134 -5.02 -7.20 -6.27
CA VAL A 134 -4.24 -8.40 -6.07
C VAL A 134 -4.48 -9.42 -7.19
N GLN A 135 -3.39 -9.86 -7.82
CA GLN A 135 -3.50 -10.82 -8.91
C GLN A 135 -2.94 -12.18 -8.48
N SER A 136 -1.64 -12.23 -8.21
CA SER A 136 -0.99 -13.47 -7.79
C SER A 136 -0.22 -13.27 -6.49
N ASN A 137 0.22 -14.37 -5.90
CA ASN A 137 0.97 -14.32 -4.65
C ASN A 137 2.42 -14.75 -4.86
N GLN A 138 3.15 -14.88 -3.76
CA GLN A 138 4.56 -15.30 -3.83
C GLN A 138 4.68 -16.71 -4.40
N GLY A 139 4.12 -17.68 -3.68
CA GLY A 139 4.17 -19.06 -4.12
C GLY A 139 2.89 -19.50 -4.82
N GLU A 140 2.16 -18.53 -5.37
CA GLU A 140 0.91 -18.82 -6.06
C GLU A 140 -0.12 -19.43 -5.10
N GLU A 141 -0.06 -19.00 -3.84
CA GLU A 141 -0.98 -19.51 -2.83
C GLU A 141 -2.43 -19.39 -3.31
N GLU A 142 -3.30 -20.21 -2.74
CA GLU A 142 -4.72 -20.20 -3.10
C GLU A 142 -5.36 -18.86 -2.74
N THR A 143 -4.76 -18.17 -1.79
CA THR A 143 -5.27 -16.88 -1.34
C THR A 143 -4.17 -16.01 -0.75
N THR A 144 -4.36 -14.70 -0.78
CA THR A 144 -3.38 -13.76 -0.25
C THR A 144 -3.86 -13.13 1.05
N ARG A 145 -3.05 -13.23 2.09
CA ARG A 145 -3.39 -12.68 3.40
C ARG A 145 -2.64 -11.37 3.64
N ILE A 146 -3.40 -10.29 3.85
CA ILE A 146 -2.81 -8.99 4.10
C ILE A 146 -2.68 -8.71 5.60
N SER A 147 -1.53 -8.19 6.00
CA SER A 147 -1.28 -7.88 7.41
C SER A 147 -0.86 -6.42 7.57
N TYR A 148 0.02 -5.96 6.70
CA TYR A 148 0.51 -4.59 6.75
C TYR A 148 0.46 -3.94 5.38
N PHE A 149 -0.26 -2.82 5.27
CA PHE A 149 -0.38 -2.10 4.02
C PHE A 149 -0.30 -0.60 4.23
N THR A 150 0.52 0.07 3.45
CA THR A 150 0.70 1.52 3.56
C THR A 150 1.46 2.08 2.37
N PHE A 151 1.56 3.40 2.30
CA PHE A 151 2.26 4.06 1.20
C PHE A 151 3.39 4.93 1.74
N ILE A 152 4.62 4.61 1.35
CA ILE A 152 5.79 5.37 1.79
C ILE A 152 6.08 6.52 0.84
N GLY A 153 6.26 7.72 1.40
CA GLY A 153 6.55 8.88 0.58
C GLY A 153 6.43 10.17 1.37
N THR A 154 5.89 11.20 0.72
CA THR A 154 5.74 12.50 1.36
C THR A 154 4.76 13.38 0.58
N PRO A 155 4.17 14.38 1.27
CA PRO A 155 3.23 15.30 0.66
C PRO A 155 3.89 16.26 -0.32
N VAL A 156 3.25 16.47 -1.47
CA VAL A 156 3.78 17.37 -2.49
C VAL A 156 4.16 18.72 -1.90
N GLN A 157 3.42 19.13 -0.88
CA GLN A 157 3.68 20.42 -0.23
C GLN A 157 2.95 20.49 1.11
N ALA A 158 3.72 20.54 2.19
CA ALA A 158 3.15 20.62 3.54
C ALA A 158 3.86 21.68 4.36
N THR A 159 5.06 21.37 4.82
CA THR A 159 5.84 22.31 5.63
C THR A 159 7.22 21.74 5.96
N ASN A 160 7.27 20.44 6.24
CA ASN A 160 8.52 19.78 6.57
C ASN A 160 9.12 20.35 7.85
N MET A 161 8.33 20.39 8.91
CA MET A 161 8.78 20.91 10.20
C MET A 161 9.32 19.78 11.08
N ASN A 162 9.81 20.16 12.26
CA ASN A 162 10.36 19.18 13.20
C ASN A 162 10.82 19.86 14.49
N ASP A 163 11.37 19.07 15.40
CA ASP A 163 11.84 19.59 16.68
C ASP A 163 13.21 19.03 17.01
N PHE A 164 13.67 19.27 18.24
CA PHE A 164 14.96 18.79 18.69
C PHE A 164 14.98 18.58 20.20
N LYS A 165 15.96 17.82 20.68
CA LYS A 165 16.08 17.54 22.10
C LYS A 165 17.32 16.71 22.38
N SER A 166 18.20 17.22 23.24
CA SER A 166 19.42 16.52 23.60
C SER A 166 19.79 16.78 25.06
N GLY A 167 20.62 15.89 25.62
CA GLY A 167 21.03 16.04 27.01
C GLY A 167 22.16 15.09 27.37
N PRO A 168 22.80 15.35 28.52
CA PRO A 168 23.91 14.52 29.01
C PRO A 168 23.43 13.14 29.46
N SER A 169 24.37 12.19 29.52
CA SER A 169 24.05 10.84 29.93
C SER A 169 25.29 10.13 30.49
N SER A 170 26.39 10.19 29.74
CA SER A 170 27.63 9.56 30.16
C SER A 170 27.47 8.04 30.27
N GLY A 171 28.56 7.37 30.62
CA GLY A 171 28.51 5.93 30.76
C GLY A 171 28.23 5.22 29.45
N GLY A 1 16.52 23.42 3.23
CA GLY A 1 17.29 22.93 2.11
C GLY A 1 16.41 22.42 0.98
N SER A 2 16.98 21.60 0.11
CA SER A 2 16.25 21.05 -1.03
C SER A 2 16.96 19.82 -1.58
N SER A 3 17.34 18.91 -0.69
CA SER A 3 18.03 17.68 -1.10
C SER A 3 18.02 16.66 0.03
N GLY A 4 17.91 15.39 -0.34
CA GLY A 4 17.89 14.32 0.65
C GLY A 4 19.29 13.95 1.13
N SER A 5 19.58 14.27 2.38
CA SER A 5 20.88 13.96 2.97
C SER A 5 20.81 12.73 3.86
N SER A 6 19.78 12.68 4.69
CA SER A 6 19.59 11.55 5.61
C SER A 6 18.40 10.71 5.20
N GLY A 7 17.41 11.35 4.56
CA GLY A 7 16.22 10.64 4.12
C GLY A 7 15.28 10.33 5.27
N GLY A 8 13.99 10.21 4.96
CA GLY A 8 13.01 9.91 5.98
C GLY A 8 11.59 10.16 5.50
N TYR A 9 11.05 9.22 4.73
CA TYR A 9 9.70 9.34 4.21
C TYR A 9 8.66 9.01 5.28
N MET A 10 7.39 9.01 4.89
CA MET A 10 6.31 8.71 5.82
C MET A 10 5.36 7.69 5.23
N ASP A 11 4.75 6.88 6.09
CA ASP A 11 3.81 5.84 5.66
C ASP A 11 2.51 6.46 5.16
N LEU A 12 2.35 7.77 5.42
CA LEU A 12 1.14 8.48 5.02
C LEU A 12 -0.10 7.84 5.61
N MET A 13 0.08 7.09 6.69
CA MET A 13 -1.03 6.42 7.35
C MET A 13 -2.10 7.43 7.78
N PRO A 14 -1.67 8.46 8.52
CA PRO A 14 -2.57 9.51 9.01
C PRO A 14 -3.07 10.41 7.88
N PHE A 15 -2.56 10.18 6.68
CA PHE A 15 -2.96 10.97 5.52
C PHE A 15 -3.99 10.23 4.69
N ILE A 16 -4.25 8.97 5.05
CA ILE A 16 -5.22 8.15 4.33
C ILE A 16 -6.63 8.36 4.90
N ASN A 17 -7.61 8.38 4.01
CA ASN A 17 -9.00 8.57 4.42
C ASN A 17 -9.75 7.24 4.45
N LYS A 18 -9.77 6.60 5.61
CA LYS A 18 -10.45 5.33 5.77
C LYS A 18 -11.96 5.47 5.53
N ALA A 19 -12.48 6.67 5.76
CA ALA A 19 -13.89 6.94 5.56
C ALA A 19 -14.25 6.95 4.08
N GLY A 20 -13.25 7.17 3.24
CA GLY A 20 -13.48 7.20 1.80
C GLY A 20 -12.86 6.00 1.09
N CYS A 21 -12.21 5.14 1.87
CA CYS A 21 -11.57 3.96 1.31
C CYS A 21 -12.61 2.94 0.84
N GLU A 22 -12.22 2.08 -0.10
CA GLU A 22 -13.12 1.08 -0.64
C GLU A 22 -12.40 -0.26 -0.83
N CYS A 23 -13.07 -1.35 -0.46
CA CYS A 23 -12.49 -2.68 -0.58
C CYS A 23 -13.38 -3.59 -1.41
N LEU A 24 -12.76 -4.42 -2.24
CA LEU A 24 -13.50 -5.34 -3.10
C LEU A 24 -13.30 -6.79 -2.65
N ASN A 25 -14.39 -7.54 -2.59
CA ASN A 25 -14.32 -8.94 -2.18
C ASN A 25 -13.79 -9.07 -0.77
N GLU A 26 -14.14 -8.10 0.08
CA GLU A 26 -13.69 -8.11 1.47
C GLU A 26 -14.42 -9.17 2.28
N SER A 27 -13.67 -9.96 3.05
CA SER A 27 -14.25 -11.01 3.87
C SER A 27 -15.26 -10.44 4.85
N ASP A 28 -16.17 -11.30 5.31
CA ASP A 28 -17.19 -10.89 6.27
C ASP A 28 -16.63 -10.85 7.69
N GLU A 29 -15.82 -11.84 8.03
CA GLU A 29 -15.23 -11.92 9.36
C GLU A 29 -13.99 -11.03 9.45
N HIS A 30 -13.26 -10.93 8.35
CA HIS A 30 -12.05 -10.12 8.31
C HIS A 30 -12.29 -8.84 7.51
N GLY A 31 -11.63 -7.75 7.92
CA GLY A 31 -11.79 -6.49 7.23
C GLY A 31 -10.53 -6.07 6.49
N PHE A 32 -10.71 -5.33 5.40
CA PHE A 32 -9.59 -4.87 4.60
C PHE A 32 -8.91 -3.65 5.24
N ASP A 33 -9.48 -3.19 6.35
CA ASP A 33 -8.95 -2.05 7.06
C ASP A 33 -8.04 -2.49 8.21
N ASN A 34 -8.26 -3.72 8.68
CA ASN A 34 -7.46 -4.26 9.77
C ASN A 34 -6.05 -4.61 9.32
N CYS A 35 -5.87 -4.68 8.00
CA CYS A 35 -4.57 -5.01 7.43
C CYS A 35 -3.78 -3.74 7.11
N LEU A 36 -4.21 -2.62 7.69
CA LEU A 36 -3.56 -1.34 7.46
C LEU A 36 -2.58 -1.02 8.59
N ARG A 37 -2.95 -1.40 9.81
CA ARG A 37 -2.10 -1.16 10.97
C ARG A 37 -1.33 -2.43 11.35
N LYS A 38 -0.15 -2.23 11.95
CA LYS A 38 0.69 -3.35 12.36
C LYS A 38 0.05 -4.11 13.52
N ASP A 39 -0.77 -3.41 14.30
CA ASP A 39 -1.44 -4.01 15.44
C ASP A 39 -2.94 -4.17 15.17
N THR A 40 -3.31 -5.26 14.50
CA THR A 40 -4.69 -5.53 14.18
C THR A 40 -4.86 -6.90 13.54
N THR A 41 -6.11 -7.26 13.23
CA THR A 41 -6.40 -8.55 12.61
C THR A 41 -5.85 -8.61 11.19
N PHE A 42 -6.00 -9.76 10.55
CA PHE A 42 -5.52 -9.94 9.18
C PHE A 42 -6.69 -10.04 8.20
N LEU A 43 -6.42 -9.74 6.94
CA LEU A 43 -7.45 -9.80 5.91
C LEU A 43 -7.30 -11.05 5.05
N GLU A 44 -8.21 -12.01 5.25
CA GLU A 44 -8.17 -13.26 4.50
C GLU A 44 -9.21 -13.25 3.38
N SER A 45 -8.80 -13.66 2.20
CA SER A 45 -9.69 -13.70 1.04
C SER A 45 -10.61 -14.92 1.11
N ASP A 46 -11.90 -14.69 0.85
CA ASP A 46 -12.88 -15.76 0.88
C ASP A 46 -13.15 -16.29 -0.52
N CYS A 47 -12.22 -16.05 -1.43
CA CYS A 47 -12.35 -16.50 -2.81
C CYS A 47 -11.00 -16.87 -3.41
N ASP A 48 -10.12 -15.86 -3.53
CA ASP A 48 -8.79 -16.08 -4.08
C ASP A 48 -8.00 -14.78 -4.10
N GLU A 49 -6.86 -14.80 -4.78
CA GLU A 49 -6.00 -13.63 -4.87
C GLU A 49 -6.52 -12.65 -5.92
N GLN A 50 -7.77 -12.24 -5.77
CA GLN A 50 -8.38 -11.31 -6.70
C GLN A 50 -9.11 -10.19 -5.96
N LEU A 51 -8.51 -9.73 -4.87
CA LEU A 51 -9.09 -8.65 -4.07
C LEU A 51 -8.48 -7.31 -4.43
N LEU A 52 -9.27 -6.25 -4.32
CA LEU A 52 -8.79 -4.90 -4.62
C LEU A 52 -8.78 -4.03 -3.37
N ILE A 53 -7.91 -3.03 -3.36
CA ILE A 53 -7.80 -2.12 -2.24
C ILE A 53 -7.74 -0.67 -2.70
N THR A 54 -8.79 0.08 -2.37
CA THR A 54 -8.86 1.50 -2.75
C THR A 54 -8.39 2.40 -1.61
N VAL A 55 -7.74 3.50 -1.97
CA VAL A 55 -7.24 4.45 -0.98
C VAL A 55 -7.54 5.89 -1.39
N ALA A 56 -8.25 6.61 -0.54
CA ALA A 56 -8.60 7.99 -0.81
C ALA A 56 -7.76 8.95 0.03
N PHE A 57 -6.90 9.72 -0.62
CA PHE A 57 -6.05 10.67 0.07
C PHE A 57 -6.65 12.06 0.03
N ASN A 58 -6.88 12.63 1.21
CA ASN A 58 -7.46 13.97 1.31
C ASN A 58 -6.54 15.01 0.69
N GLN A 59 -5.25 14.69 0.63
CA GLN A 59 -4.26 15.60 0.06
C GLN A 59 -3.36 14.87 -0.93
N PRO A 60 -2.98 15.56 -2.01
CA PRO A 60 -2.10 15.00 -3.05
C PRO A 60 -0.68 14.79 -2.56
N VAL A 61 -0.29 13.53 -2.41
CA VAL A 61 1.05 13.19 -1.95
C VAL A 61 1.85 12.51 -3.05
N LYS A 62 3.03 12.00 -2.69
CA LYS A 62 3.89 11.32 -3.65
C LYS A 62 4.24 9.91 -3.17
N LEU A 63 3.89 8.91 -3.97
CA LEU A 63 4.15 7.52 -3.63
C LEU A 63 5.56 7.13 -4.05
N TYR A 64 6.52 7.27 -3.13
CA TYR A 64 7.90 6.92 -3.41
C TYR A 64 8.15 5.43 -3.20
N SER A 65 7.31 4.82 -2.37
CA SER A 65 7.44 3.39 -2.09
C SER A 65 6.15 2.84 -1.48
N MET A 66 6.05 1.52 -1.40
CA MET A 66 4.87 0.87 -0.85
C MET A 66 5.26 -0.34 0.00
N LYS A 67 4.63 -0.47 1.16
CA LYS A 67 4.91 -1.58 2.06
C LYS A 67 3.78 -2.61 2.03
N PHE A 68 3.94 -3.62 1.19
CA PHE A 68 2.93 -4.67 1.07
C PHE A 68 3.48 -6.01 1.54
N GLN A 69 2.82 -6.59 2.53
CA GLN A 69 3.25 -7.88 3.08
C GLN A 69 2.05 -8.68 3.61
N GLY A 70 2.33 -9.76 4.31
CA GLY A 70 1.27 -10.59 4.86
C GLY A 70 1.63 -11.17 6.21
N PRO A 71 0.88 -12.20 6.63
CA PRO A 71 1.11 -12.88 7.91
C PRO A 71 2.40 -13.68 7.93
N ASP A 72 2.60 -14.47 8.98
CA ASP A 72 3.79 -15.28 9.11
C ASP A 72 3.48 -16.76 8.86
N ASN A 73 2.56 -17.01 7.93
CA ASN A 73 2.17 -18.37 7.59
C ASN A 73 2.76 -18.79 6.25
N GLY A 74 2.89 -17.83 5.34
CA GLY A 74 3.44 -18.11 4.03
C GLY A 74 2.50 -17.71 2.91
N GLN A 75 1.69 -16.69 3.16
CA GLN A 75 0.73 -16.22 2.17
C GLN A 75 0.86 -14.71 1.98
N GLY A 76 1.56 -14.30 0.92
CA GLY A 76 1.75 -12.90 0.65
C GLY A 76 1.55 -12.55 -0.81
N PRO A 77 1.12 -11.31 -1.09
CA PRO A 77 0.89 -10.84 -2.46
C PRO A 77 2.18 -10.67 -3.24
N LYS A 78 2.15 -11.01 -4.52
CA LYS A 78 3.31 -10.90 -5.38
C LYS A 78 3.06 -9.89 -6.51
N TYR A 79 2.31 -10.32 -7.52
CA TYR A 79 1.99 -9.46 -8.65
C TYR A 79 0.77 -8.61 -8.37
N VAL A 80 0.99 -7.35 -8.01
CA VAL A 80 -0.09 -6.43 -7.70
C VAL A 80 -0.10 -5.25 -8.67
N LYS A 81 -1.27 -4.91 -9.17
CA LYS A 81 -1.42 -3.81 -10.12
C LYS A 81 -1.80 -2.52 -9.38
N ILE A 82 -0.95 -1.51 -9.50
CA ILE A 82 -1.19 -0.23 -8.86
C ILE A 82 -1.89 0.75 -9.80
N PHE A 83 -2.89 1.46 -9.29
CA PHE A 83 -3.63 2.42 -10.09
C PHE A 83 -3.75 3.76 -9.36
N ILE A 84 -3.75 4.85 -10.12
CA ILE A 84 -3.87 6.18 -9.55
C ILE A 84 -4.70 7.09 -10.45
N ASN A 85 -5.05 8.26 -9.92
CA ASN A 85 -5.85 9.22 -10.67
C ASN A 85 -7.10 8.57 -11.24
N LEU A 86 -7.67 7.64 -10.48
CA LEU A 86 -8.88 6.94 -10.92
C LEU A 86 -10.08 7.87 -10.91
N PRO A 87 -11.11 7.53 -11.71
CA PRO A 87 -12.33 8.32 -11.80
C PRO A 87 -13.18 8.23 -10.53
N ARG A 88 -12.96 7.19 -9.75
CA ARG A 88 -13.70 6.99 -8.51
C ARG A 88 -13.25 5.72 -7.80
N SER A 89 -12.97 4.67 -8.58
CA SER A 89 -12.53 3.40 -8.02
C SER A 89 -12.14 2.43 -9.14
N MET A 90 -11.65 1.26 -8.74
CA MET A 90 -11.24 0.24 -9.71
C MET A 90 -12.01 -1.06 -9.48
N ASP A 91 -12.54 -1.63 -10.55
CA ASP A 91 -13.29 -2.87 -10.48
C ASP A 91 -12.45 -4.04 -10.97
N PHE A 92 -13.09 -5.19 -11.13
CA PHE A 92 -12.41 -6.39 -11.60
C PHE A 92 -12.16 -6.33 -13.11
N GLU A 93 -13.13 -5.78 -13.84
CA GLU A 93 -13.01 -5.66 -15.28
C GLU A 93 -12.16 -4.45 -15.66
N GLU A 94 -12.31 -3.37 -14.91
CA GLU A 94 -11.55 -2.15 -15.18
C GLU A 94 -10.08 -2.33 -14.81
N ALA A 95 -9.81 -3.27 -13.92
CA ALA A 95 -8.44 -3.55 -13.49
C ALA A 95 -7.75 -4.49 -14.47
N GLU A 96 -8.52 -5.06 -15.39
CA GLU A 96 -7.97 -5.98 -16.38
C GLU A 96 -7.80 -5.29 -17.73
N ARG A 97 -8.83 -4.58 -18.17
CA ARG A 97 -8.81 -3.87 -19.45
C ARG A 97 -7.78 -2.75 -19.42
N SER A 98 -7.78 -1.99 -18.32
CA SER A 98 -6.86 -0.87 -18.17
C SER A 98 -5.59 -1.31 -17.43
N GLU A 99 -4.45 -0.87 -17.94
CA GLU A 99 -3.17 -1.22 -17.32
C GLU A 99 -2.85 -0.29 -16.16
N PRO A 100 -2.13 -0.83 -15.16
CA PRO A 100 -1.75 -0.06 -13.97
C PRO A 100 -0.72 1.01 -14.27
N THR A 101 -0.45 1.86 -13.28
CA THR A 101 0.52 2.93 -13.45
C THR A 101 1.95 2.44 -13.23
N GLN A 102 2.08 1.36 -12.47
CA GLN A 102 3.38 0.77 -12.18
C GLN A 102 3.33 -0.74 -12.27
N ALA A 103 2.76 -1.37 -11.25
CA ALA A 103 2.64 -2.83 -11.20
C ALA A 103 4.02 -3.48 -11.13
N LEU A 104 4.27 -4.16 -10.01
CA LEU A 104 5.56 -4.83 -9.81
C LEU A 104 5.35 -6.21 -9.20
N GLU A 105 6.36 -7.07 -9.33
CA GLU A 105 6.29 -8.43 -8.80
C GLU A 105 6.99 -8.51 -7.45
N LEU A 106 6.23 -8.27 -6.38
CA LEU A 106 6.78 -8.32 -5.02
C LEU A 106 7.44 -9.66 -4.75
N THR A 107 8.57 -9.64 -4.05
CA THR A 107 9.30 -10.85 -3.72
C THR A 107 9.29 -11.11 -2.22
N GLU A 108 9.85 -12.25 -1.81
CA GLU A 108 9.90 -12.61 -0.40
C GLU A 108 10.63 -11.53 0.40
N ASP A 109 11.52 -10.81 -0.25
CA ASP A 109 12.29 -9.75 0.41
C ASP A 109 11.47 -8.46 0.48
N ASP A 110 10.42 -8.39 -0.33
CA ASP A 110 9.56 -7.21 -0.36
C ASP A 110 8.34 -7.40 0.54
N ILE A 111 8.05 -8.65 0.88
CA ILE A 111 6.91 -8.96 1.73
C ILE A 111 7.37 -9.56 3.06
N LYS A 112 8.61 -9.26 3.44
CA LYS A 112 9.17 -9.75 4.69
C LYS A 112 8.82 -8.81 5.85
N GLU A 113 9.45 -9.06 7.00
CA GLU A 113 9.20 -8.23 8.18
C GLU A 113 9.35 -6.75 7.85
N ASP A 114 10.42 -6.42 7.13
CA ASP A 114 10.68 -5.03 6.75
C ASP A 114 10.71 -4.88 5.23
N GLY A 115 9.86 -5.65 4.55
CA GLY A 115 9.80 -5.59 3.10
C GLY A 115 9.42 -4.22 2.58
N ILE A 116 10.02 -3.82 1.47
CA ILE A 116 9.73 -2.51 0.88
C ILE A 116 9.62 -2.60 -0.64
N VAL A 117 8.69 -1.85 -1.20
CA VAL A 117 8.47 -1.84 -2.65
C VAL A 117 8.71 -0.46 -3.23
N PRO A 118 9.91 -0.24 -3.80
CA PRO A 118 10.29 1.03 -4.40
C PRO A 118 9.52 1.31 -5.70
N LEU A 119 8.58 2.24 -5.64
CA LEU A 119 7.78 2.59 -6.80
C LEU A 119 8.44 3.71 -7.60
N ARG A 120 7.71 4.26 -8.56
CA ARG A 120 8.24 5.33 -9.40
C ARG A 120 7.49 6.64 -9.14
N TYR A 121 8.05 7.45 -8.25
CA TYR A 121 7.44 8.74 -7.90
C TYR A 121 7.23 9.59 -9.14
N VAL A 122 8.03 9.33 -10.18
CA VAL A 122 7.92 10.08 -11.42
C VAL A 122 6.51 10.02 -11.98
N LYS A 123 5.76 9.00 -11.60
CA LYS A 123 4.40 8.82 -12.07
C LYS A 123 3.40 9.29 -11.01
N PHE A 124 3.77 9.13 -9.73
CA PHE A 124 2.91 9.54 -8.63
C PHE A 124 3.33 10.89 -8.09
N GLN A 125 3.77 11.78 -8.97
CA GLN A 125 4.20 13.12 -8.58
C GLN A 125 3.09 13.85 -7.84
N ASN A 126 1.85 13.43 -8.07
CA ASN A 126 0.70 14.05 -7.42
C ASN A 126 -0.55 13.18 -7.59
N VAL A 127 -0.81 12.32 -6.62
CA VAL A 127 -1.96 11.43 -6.65
C VAL A 127 -2.89 11.71 -5.48
N ASN A 128 -4.20 11.63 -5.75
CA ASN A 128 -5.20 11.87 -4.71
C ASN A 128 -5.97 10.59 -4.40
N SER A 129 -5.85 9.60 -5.28
CA SER A 129 -6.54 8.33 -5.09
C SER A 129 -5.74 7.19 -5.72
N VAL A 130 -5.33 6.23 -4.89
CA VAL A 130 -4.57 5.09 -5.36
C VAL A 130 -5.28 3.78 -5.03
N THR A 131 -5.22 2.83 -5.97
CA THR A 131 -5.85 1.53 -5.77
C THR A 131 -4.90 0.39 -6.12
N ILE A 132 -4.99 -0.70 -5.38
CA ILE A 132 -4.13 -1.86 -5.61
C ILE A 132 -4.96 -3.13 -5.80
N PHE A 133 -4.78 -3.77 -6.95
CA PHE A 133 -5.52 -5.00 -7.25
C PHE A 133 -4.61 -6.22 -7.14
N VAL A 134 -5.00 -7.17 -6.30
CA VAL A 134 -4.23 -8.39 -6.10
C VAL A 134 -4.48 -9.39 -7.21
N GLN A 135 -3.40 -9.83 -7.87
CA GLN A 135 -3.52 -10.79 -8.96
C GLN A 135 -2.98 -12.15 -8.53
N SER A 136 -1.69 -12.21 -8.24
CA SER A 136 -1.05 -13.45 -7.82
C SER A 136 -0.33 -13.27 -6.50
N ASN A 137 0.17 -14.38 -5.94
CA ASN A 137 0.89 -14.35 -4.68
C ASN A 137 2.33 -14.79 -4.86
N GLN A 138 3.05 -14.92 -3.74
CA GLN A 138 4.45 -15.33 -3.78
C GLN A 138 4.59 -16.75 -4.33
N GLY A 139 3.95 -17.70 -3.65
CA GLY A 139 4.01 -19.09 -4.08
C GLY A 139 2.73 -19.54 -4.75
N GLU A 140 2.08 -18.63 -5.46
CA GLU A 140 0.83 -18.95 -6.15
C GLU A 140 -0.19 -19.52 -5.17
N GLU A 141 -0.15 -19.05 -3.93
CA GLU A 141 -1.07 -19.52 -2.91
C GLU A 141 -2.52 -19.42 -3.38
N GLU A 142 -3.43 -20.02 -2.63
CA GLU A 142 -4.84 -20.01 -2.99
C GLU A 142 -5.48 -18.68 -2.61
N THR A 143 -4.93 -18.02 -1.59
CA THR A 143 -5.44 -16.74 -1.14
C THR A 143 -4.33 -15.87 -0.57
N THR A 144 -4.50 -14.56 -0.67
CA THR A 144 -3.50 -13.62 -0.17
C THR A 144 -3.98 -12.96 1.12
N ARG A 145 -3.23 -13.19 2.21
CA ARG A 145 -3.57 -12.62 3.50
C ARG A 145 -2.81 -11.32 3.75
N ILE A 146 -3.55 -10.23 3.91
CA ILE A 146 -2.94 -8.93 4.15
C ILE A 146 -2.85 -8.63 5.65
N SER A 147 -1.70 -8.10 6.06
CA SER A 147 -1.49 -7.78 7.47
C SER A 147 -1.06 -6.32 7.63
N TYR A 148 -0.12 -5.89 6.79
CA TYR A 148 0.38 -4.52 6.83
C TYR A 148 0.37 -3.89 5.45
N PHE A 149 -0.36 -2.79 5.31
CA PHE A 149 -0.45 -2.08 4.04
C PHE A 149 -0.39 -0.57 4.25
N THR A 150 0.42 0.10 3.44
CA THR A 150 0.58 1.54 3.54
C THR A 150 1.29 2.10 2.31
N PHE A 151 1.64 3.39 2.36
CA PHE A 151 2.32 4.03 1.25
C PHE A 151 3.44 4.93 1.75
N ILE A 152 4.68 4.58 1.40
CA ILE A 152 5.85 5.35 1.81
C ILE A 152 6.11 6.50 0.85
N GLY A 153 6.30 7.70 1.39
CA GLY A 153 6.57 8.86 0.57
C GLY A 153 6.46 10.16 1.34
N THR A 154 5.91 11.18 0.70
CA THR A 154 5.75 12.48 1.34
C THR A 154 4.76 13.36 0.58
N PRO A 155 4.18 14.35 1.27
CA PRO A 155 3.20 15.27 0.67
C PRO A 155 3.85 16.22 -0.32
N VAL A 156 3.13 16.53 -1.40
CA VAL A 156 3.63 17.43 -2.43
C VAL A 156 3.84 18.83 -1.87
N GLN A 157 3.03 19.21 -0.89
CA GLN A 157 3.13 20.52 -0.26
C GLN A 157 3.19 20.40 1.25
N ALA A 158 2.03 20.16 1.86
CA ALA A 158 1.94 20.04 3.31
C ALA A 158 2.37 21.33 4.01
N THR A 159 2.32 21.31 5.34
CA THR A 159 2.71 22.48 6.12
C THR A 159 3.96 22.21 6.94
N ASN A 160 4.32 23.16 7.80
CA ASN A 160 5.50 23.03 8.65
C ASN A 160 5.43 21.76 9.49
N MET A 161 4.58 21.78 10.51
CA MET A 161 4.41 20.64 11.40
C MET A 161 5.75 20.22 12.01
N ASN A 162 6.02 20.74 13.21
CA ASN A 162 7.26 20.42 13.90
C ASN A 162 6.99 19.59 15.15
N ASP A 163 7.95 18.76 15.53
CA ASP A 163 7.82 17.91 16.71
C ASP A 163 9.15 17.25 17.06
N PHE A 164 9.18 16.56 18.19
CA PHE A 164 10.39 15.89 18.65
C PHE A 164 10.07 14.84 19.70
N LYS A 165 11.09 14.08 20.11
CA LYS A 165 10.91 13.04 21.11
C LYS A 165 12.23 12.35 21.41
N SER A 166 12.22 11.42 22.36
CA SER A 166 13.42 10.68 22.74
C SER A 166 13.06 9.30 23.28
N GLY A 167 13.92 8.32 23.02
CA GLY A 167 13.69 6.97 23.48
C GLY A 167 14.68 6.54 24.54
N PRO A 168 14.44 5.36 25.13
CA PRO A 168 15.32 4.80 26.16
C PRO A 168 16.67 4.36 25.61
N SER A 169 16.64 3.72 24.45
CA SER A 169 17.87 3.24 23.81
C SER A 169 18.55 2.19 24.68
N SER A 170 18.34 0.92 24.33
CA SER A 170 18.94 -0.17 25.08
C SER A 170 18.66 -1.51 24.39
N GLY A 171 19.57 -2.47 24.59
CA GLY A 171 19.42 -3.77 23.98
C GLY A 171 20.62 -4.67 24.22
#